data_4P2V
#
_entry.id   4P2V
#
_cell.length_a   78.617
_cell.length_b   105.742
_cell.length_c   170.402
_cell.angle_alpha   90.00
_cell.angle_beta   101.43
_cell.angle_gamma   90.00
#
_symmetry.space_group_name_H-M   'P 1 21 1'
#
loop_
_entity.id
_entity.type
_entity.pdbx_description
1 polymer 'Uncharacterized aldolase LsrF'
2 non-polymer '(3R)-3-hydroxy-2,4-dioxopentyl dihydrogen phosphate'
3 water water
#
_entity_poly.entity_id   1
_entity_poly.type   'polypeptide(L)'
_entity_poly.pdbx_seq_one_letter_code
;GSMADLDDIKDGKDFRTDQPQKNIPFTLKGCGALDWGMQSRLSRIFNPKTGKTVMLAFDHGYFQGPTTGLERIDINIAPL
FEHADVLMCTRGILRSVVPPATNRPVVLRASGANSILAELSNEAVALSMDDAVRLNSCAVAAQVYIGSEYEHQSIKNIIQ
LVDAGMKVGMPTMAVTGVGKDMVRDQRYFSLATRIAAEMGAQIIATYYVEKGFERIVAGCPVPIVIAGGKKLPEREALEM
CWQAIDQGASGVDMGRNIFQSDHPVAMMKAVQAVVHHNETADRAYELYLSEKQ
;
_entity_poly.pdbx_strand_id   A,B,C,D,E,F,G,H,I,K
#
loop_
_chem_comp.id
_chem_comp.type
_chem_comp.name
_chem_comp.formula
26T non-polymer '(3R)-3-hydroxy-2,4-dioxopentyl dihydrogen phosphate' 'C5 H9 O7 P'
#
# COMPACT_ATOMS: atom_id res chain seq x y z
N ASP A 11 40.30 -33.22 -3.08
CA ASP A 11 40.86 -33.70 -1.83
C ASP A 11 41.69 -32.61 -1.19
N GLY A 12 41.26 -31.38 -1.39
CA GLY A 12 41.80 -30.22 -0.72
C GLY A 12 40.78 -30.04 0.38
N LYS A 13 40.11 -31.17 0.59
CA LYS A 13 38.99 -31.37 1.45
C LYS A 13 39.42 -31.47 2.89
N ASP A 14 38.60 -30.92 3.77
CA ASP A 14 38.53 -31.35 5.14
C ASP A 14 37.14 -31.01 5.66
N PHE A 15 36.19 -31.91 5.45
CA PHE A 15 34.80 -31.66 5.80
C PHE A 15 34.41 -32.13 7.19
N ARG A 16 35.34 -32.81 7.87
CA ARG A 16 35.14 -33.35 9.22
C ARG A 16 33.76 -33.98 9.44
N THR A 17 33.42 -34.98 8.62
CA THR A 17 32.13 -35.68 8.68
C THR A 17 31.92 -36.33 10.02
N ASP A 18 33.04 -36.52 10.71
CA ASP A 18 33.08 -37.08 12.04
C ASP A 18 32.30 -36.38 13.11
N GLN A 19 32.16 -35.07 12.96
CA GLN A 19 31.53 -34.26 13.96
C GLN A 19 30.29 -33.66 13.32
N PRO A 20 29.11 -34.27 13.54
CA PRO A 20 27.83 -33.74 13.05
C PRO A 20 27.59 -32.40 13.74
N GLN A 21 26.97 -31.41 13.10
CA GLN A 21 26.66 -30.15 13.81
C GLN A 21 25.37 -30.16 14.62
N LYS A 22 25.43 -29.46 15.75
CA LYS A 22 24.40 -29.44 16.78
C LYS A 22 23.98 -28.02 17.09
N ASN A 23 22.69 -27.81 17.29
CA ASN A 23 22.19 -26.48 17.58
C ASN A 23 22.66 -25.97 18.93
N ILE A 24 23.10 -24.72 18.93
CA ILE A 24 23.52 -24.05 20.15
C ILE A 24 22.32 -23.35 20.77
N PRO A 25 21.91 -23.78 21.96
CA PRO A 25 20.72 -23.24 22.63
C PRO A 25 20.85 -21.76 22.96
N PHE A 26 19.75 -21.04 22.83
CA PHE A 26 19.69 -19.65 23.28
C PHE A 26 19.04 -19.70 24.65
N THR A 27 19.84 -19.43 25.68
CA THR A 27 19.46 -19.74 27.06
C THR A 27 18.82 -18.56 27.74
N LEU A 28 18.82 -17.41 27.06
CA LEU A 28 18.18 -16.22 27.57
C LEU A 28 16.73 -16.58 27.92
N LYS A 29 16.37 -16.32 29.17
CA LYS A 29 15.15 -16.85 29.76
C LYS A 29 13.88 -16.56 28.96
N GLY A 30 13.21 -17.62 28.53
CA GLY A 30 11.95 -17.48 27.80
C GLY A 30 12.08 -16.89 26.41
N CYS A 31 13.28 -16.90 25.85
CA CYS A 31 13.50 -16.31 24.52
C CYS A 31 14.14 -17.27 23.52
N GLY A 32 13.87 -18.55 23.67
CA GLY A 32 14.48 -19.56 22.82
C GLY A 32 13.73 -19.92 21.56
N ALA A 33 12.58 -19.29 21.34
CA ALA A 33 11.78 -19.55 20.16
C ALA A 33 11.51 -18.26 19.40
N LEU A 34 12.56 -17.46 19.26
CA LEU A 34 12.48 -16.20 18.54
C LEU A 34 13.39 -16.26 17.33
N ASP A 35 13.09 -15.42 16.34
CA ASP A 35 13.89 -15.36 15.13
C ASP A 35 15.30 -14.88 15.48
N TRP A 36 16.27 -15.18 14.62
CA TRP A 36 17.68 -14.83 14.87
C TRP A 36 17.83 -13.37 15.27
N GLY A 37 17.20 -12.48 14.51
CA GLY A 37 17.35 -11.05 14.70
C GLY A 37 16.88 -10.50 16.03
N MET A 38 15.75 -11.00 16.53
CA MET A 38 15.26 -10.56 17.83
C MET A 38 16.16 -11.05 18.94
N GLN A 39 16.63 -12.29 18.80
CA GLN A 39 17.57 -12.88 19.74
C GLN A 39 18.89 -12.13 19.66
N SER A 40 19.19 -11.59 18.48
CA SER A 40 20.40 -10.78 18.28
C SER A 40 20.33 -9.49 19.07
N ARG A 41 19.18 -8.82 19.01
CA ARG A 41 18.97 -7.58 19.74
C ARG A 41 18.99 -7.83 21.24
N LEU A 42 18.35 -8.93 21.63
CA LEU A 42 18.30 -9.33 23.03
C LEU A 42 19.67 -9.71 23.57
N SER A 43 20.57 -10.12 22.68
CA SER A 43 21.93 -10.48 23.08
C SER A 43 22.78 -9.23 23.30
N ARG A 44 22.38 -8.12 22.69
CA ARG A 44 23.07 -6.85 22.89
C ARG A 44 22.79 -6.24 24.26
N ILE A 45 21.58 -6.49 24.75
CA ILE A 45 21.12 -5.95 26.02
C ILE A 45 21.58 -6.83 27.17
N PHE A 46 21.15 -8.09 27.12
CA PHE A 46 21.49 -9.09 28.12
C PHE A 46 22.78 -9.79 27.72
N ASN A 47 23.84 -9.60 28.50
CA ASN A 47 25.11 -10.24 28.22
C ASN A 47 24.80 -11.73 28.22
N PRO A 48 25.00 -12.41 27.08
CA PRO A 48 24.47 -13.77 26.94
C PRO A 48 25.11 -14.83 27.83
N LYS A 49 26.29 -14.55 28.36
CA LYS A 49 26.95 -15.45 29.28
C LYS A 49 26.49 -15.22 30.71
N THR A 50 26.11 -13.99 31.00
CA THR A 50 25.67 -13.67 32.34
C THR A 50 24.15 -13.68 32.36
N GLY A 51 23.55 -13.38 31.22
CA GLY A 51 22.11 -13.32 31.09
C GLY A 51 21.52 -12.09 31.75
N LYS A 52 22.36 -11.13 32.10
CA LYS A 52 21.88 -9.94 32.80
C LYS A 52 22.27 -8.64 32.08
N THR A 53 21.71 -7.53 32.54
CA THR A 53 21.99 -6.23 31.94
C THR A 53 22.03 -5.10 32.96
N VAL A 54 22.75 -4.04 32.64
CA VAL A 54 22.66 -2.80 33.40
C VAL A 54 22.20 -1.68 32.48
N MET A 55 20.93 -1.30 32.61
CA MET A 55 20.33 -0.33 31.70
C MET A 55 20.26 1.05 32.33
N LEU A 56 20.79 2.04 31.62
CA LEU A 56 20.80 3.42 32.11
C LEU A 56 19.61 4.21 31.57
N ALA A 57 18.62 4.44 32.42
CA ALA A 57 17.42 5.17 32.00
C ALA A 57 17.56 6.66 32.25
N PHE A 58 17.36 7.44 31.19
CA PHE A 58 17.32 8.89 31.27
C PHE A 58 16.29 9.43 30.29
N ASP A 59 15.12 8.79 30.30
CA ASP A 59 13.99 9.19 29.47
C ASP A 59 12.96 10.03 30.22
N HIS A 60 13.22 10.30 31.49
CA HIS A 60 12.27 10.96 32.39
C HIS A 60 11.70 12.29 31.91
N GLY A 61 12.44 12.98 31.05
CA GLY A 61 12.00 14.27 30.58
C GLY A 61 10.80 14.18 29.65
N TYR A 62 10.40 12.97 29.30
CA TYR A 62 9.32 12.79 28.33
C TYR A 62 7.98 13.17 28.94
N PHE A 63 7.95 13.35 30.26
CA PHE A 63 6.74 13.82 30.93
C PHE A 63 7.03 14.71 32.14
N GLN A 64 8.30 14.81 32.52
CA GLN A 64 8.68 15.63 33.69
C GLN A 64 9.46 16.87 33.33
N GLY A 65 10.01 16.89 32.12
CA GLY A 65 10.93 17.93 31.71
C GLY A 65 12.31 17.71 32.28
N PRO A 66 13.13 18.77 32.35
CA PRO A 66 14.51 18.61 32.81
C PRO A 66 14.58 18.28 34.30
N THR A 67 14.30 17.04 34.69
CA THR A 67 14.36 16.65 36.10
C THR A 67 15.77 16.77 36.70
N THR A 68 15.85 16.79 38.02
CA THR A 68 17.12 16.95 38.72
C THR A 68 18.09 15.80 38.40
N GLY A 69 19.27 16.16 37.91
CA GLY A 69 20.24 15.17 37.50
C GLY A 69 20.17 14.99 35.99
N LEU A 70 19.06 15.43 35.40
CA LEU A 70 18.86 15.30 33.96
C LEU A 70 18.65 16.66 33.28
N GLU A 71 19.08 17.74 33.92
CA GLU A 71 18.94 19.09 33.36
C GLU A 71 19.84 19.25 32.15
N ARG A 72 21.03 18.66 32.26
CA ARG A 72 22.03 18.68 31.20
C ARG A 72 22.54 17.28 30.90
N ILE A 73 21.86 16.58 30.00
CA ILE A 73 22.28 15.24 29.60
C ILE A 73 23.65 15.29 28.94
N ASP A 74 23.90 16.36 28.20
CA ASP A 74 25.15 16.52 27.46
C ASP A 74 26.40 16.60 28.35
N ILE A 75 26.21 16.88 29.63
CA ILE A 75 27.33 17.11 30.56
C ILE A 75 27.48 16.01 31.62
N ASN A 76 26.33 15.64 32.15
CA ASN A 76 26.17 14.81 33.34
C ASN A 76 25.76 13.35 33.21
N ILE A 77 25.25 12.99 32.05
CA ILE A 77 24.89 11.62 31.75
C ILE A 77 25.80 11.05 30.67
N ALA A 78 26.37 11.93 29.86
CA ALA A 78 27.30 11.54 28.82
C ALA A 78 28.54 10.76 29.30
N PRO A 79 29.19 11.18 30.41
CA PRO A 79 30.36 10.40 30.83
C PRO A 79 29.98 9.04 31.40
N LEU A 80 28.68 8.76 31.45
CA LEU A 80 28.18 7.54 32.03
C LEU A 80 27.82 6.52 30.97
N PHE A 81 27.70 6.99 29.73
CA PHE A 81 27.32 6.14 28.62
C PHE A 81 28.28 4.97 28.40
N GLU A 82 29.58 5.28 28.37
CA GLU A 82 30.60 4.29 28.10
C GLU A 82 30.68 3.11 29.09
N HIS A 83 30.33 3.34 30.34
CA HIS A 83 30.39 2.25 31.33
C HIS A 83 29.03 1.62 31.58
N ALA A 84 28.04 1.99 30.77
CA ALA A 84 26.71 1.42 30.93
C ALA A 84 26.54 0.40 29.82
N ASP A 85 25.80 -0.67 30.11
CA ASP A 85 25.59 -1.73 29.13
C ASP A 85 24.68 -1.28 28.00
N VAL A 86 23.57 -0.65 28.37
CA VAL A 86 22.58 -0.22 27.40
C VAL A 86 21.99 1.12 27.85
N LEU A 87 21.77 2.02 26.89
CA LEU A 87 21.16 3.30 27.19
C LEU A 87 19.66 3.22 26.98
N MET A 88 18.89 3.85 27.87
CA MET A 88 17.46 3.97 27.67
C MET A 88 17.02 5.41 27.68
N CYS A 89 16.53 5.87 26.54
CA CYS A 89 16.11 7.25 26.41
C CYS A 89 15.06 7.43 25.32
N THR A 90 14.80 8.68 24.97
CA THR A 90 13.87 9.01 23.90
C THR A 90 14.62 9.34 22.61
N ARG A 91 13.88 9.38 21.50
CA ARG A 91 14.49 9.68 20.21
C ARG A 91 14.93 11.14 20.11
N GLY A 92 14.28 12.02 20.86
CA GLY A 92 14.63 13.42 20.85
C GLY A 92 15.98 13.68 21.47
N ILE A 93 16.22 13.02 22.61
CA ILE A 93 17.48 13.10 23.33
C ILE A 93 18.58 12.32 22.60
N LEU A 94 18.19 11.17 22.05
CA LEU A 94 19.14 10.30 21.35
C LEU A 94 19.79 11.03 20.18
N ARG A 95 18.97 11.59 19.30
CA ARG A 95 19.49 12.29 18.12
C ARG A 95 20.22 13.60 18.45
N SER A 96 19.79 14.28 19.51
CA SER A 96 20.33 15.62 19.81
C SER A 96 21.66 15.60 20.56
N VAL A 97 21.70 14.90 21.69
CA VAL A 97 22.84 15.01 22.60
C VAL A 97 23.54 13.68 22.87
N VAL A 98 22.99 12.59 22.36
CA VAL A 98 23.63 11.29 22.47
C VAL A 98 24.41 11.00 21.19
N PRO A 99 25.75 11.07 21.28
CA PRO A 99 26.61 10.86 20.11
C PRO A 99 26.53 9.43 19.59
N PRO A 100 26.34 9.27 18.28
CA PRO A 100 26.31 7.95 17.63
C PRO A 100 27.56 7.13 17.93
N ALA A 101 28.70 7.81 18.02
CA ALA A 101 29.98 7.16 18.25
C ALA A 101 30.08 6.53 19.63
N THR A 102 29.05 6.76 20.45
CA THR A 102 28.97 6.16 21.77
C THR A 102 29.02 4.64 21.65
N ASN A 103 28.42 4.12 20.59
CA ASN A 103 28.45 2.69 20.28
C ASN A 103 27.96 1.83 21.45
N ARG A 104 26.76 2.11 21.92
CA ARG A 104 26.15 1.29 22.96
C ARG A 104 24.73 0.94 22.55
N PRO A 105 24.25 -0.25 22.96
CA PRO A 105 22.86 -0.63 22.67
C PRO A 105 21.86 0.38 23.24
N VAL A 106 20.82 0.71 22.49
CA VAL A 106 19.81 1.66 22.98
C VAL A 106 18.41 1.07 22.99
N VAL A 107 17.71 1.30 24.10
CA VAL A 107 16.29 0.95 24.22
C VAL A 107 15.45 2.22 24.30
N LEU A 108 14.66 2.45 23.25
CA LEU A 108 13.92 3.70 23.09
C LEU A 108 12.58 3.74 23.81
N ARG A 109 12.29 4.90 24.40
CA ARG A 109 10.95 5.22 24.88
C ARG A 109 9.95 5.36 23.74
N ALA A 110 8.95 4.48 23.73
CA ALA A 110 7.98 4.45 22.66
C ALA A 110 6.57 4.82 23.14
N SER A 111 6.48 5.48 24.28
CA SER A 111 5.18 5.95 24.79
C SER A 111 5.29 7.36 25.35
N GLY A 112 4.17 8.08 25.36
CA GLY A 112 4.15 9.44 25.84
C GLY A 112 2.80 10.11 25.70
N ALA A 113 2.82 11.41 25.44
CA ALA A 113 1.62 12.25 25.35
C ALA A 113 0.94 12.38 26.72
N ASN A 114 1.73 12.19 27.78
CA ASN A 114 1.30 12.51 29.13
C ASN A 114 2.27 13.46 29.79
N SER A 115 1.89 13.96 30.97
CA SER A 115 2.77 14.79 31.77
C SER A 115 2.33 14.78 33.23
N ILE A 116 3.21 15.27 34.09
CA ILE A 116 2.98 15.31 35.52
C ILE A 116 1.88 16.30 35.94
N LEU A 117 1.38 17.07 34.99
CA LEU A 117 0.34 18.07 35.28
C LEU A 117 -1.06 17.52 35.06
N ALA A 118 -1.15 16.37 34.40
CA ALA A 118 -2.43 15.75 34.12
C ALA A 118 -2.39 14.33 34.66
N GLU A 119 -3.31 13.49 34.21
CA GLU A 119 -3.32 12.09 34.62
C GLU A 119 -2.09 11.46 33.95
N LEU A 120 -1.36 10.63 34.70
CA LEU A 120 -0.06 10.13 34.27
C LEU A 120 -0.10 8.81 33.51
N SER A 121 -1.23 8.10 33.59
CA SER A 121 -1.41 6.87 32.84
C SER A 121 -1.92 7.22 31.45
N ASN A 122 -2.18 8.51 31.24
CA ASN A 122 -2.73 8.96 29.97
C ASN A 122 -1.63 9.01 28.93
N GLU A 123 -1.16 7.83 28.55
CA GLU A 123 -0.07 7.70 27.58
C GLU A 123 -0.53 7.17 26.23
N ALA A 124 0.16 7.60 25.19
CA ALA A 124 -0.03 7.05 23.85
C ALA A 124 1.32 6.64 23.28
N VAL A 125 1.30 5.84 22.22
CA VAL A 125 2.53 5.43 21.56
C VAL A 125 3.26 6.65 21.00
N ALA A 126 4.55 6.80 21.34
CA ALA A 126 5.29 8.02 21.06
C ALA A 126 6.30 7.93 19.93
N LEU A 127 6.45 6.74 19.35
CA LEU A 127 7.35 6.59 18.21
C LEU A 127 6.94 5.42 17.32
N SER A 128 7.02 5.63 16.01
CA SER A 128 6.74 4.57 15.05
C SER A 128 7.87 3.56 14.99
N MET A 129 7.53 2.31 14.66
CA MET A 129 8.53 1.26 14.50
C MET A 129 9.47 1.61 13.36
N ASP A 130 8.93 2.34 12.39
CA ASP A 130 9.74 2.89 11.31
C ASP A 130 10.95 3.65 11.83
N ASP A 131 10.71 4.46 12.86
CA ASP A 131 11.77 5.30 13.41
C ASP A 131 12.61 4.55 14.42
N ALA A 132 12.02 3.55 15.07
CA ALA A 132 12.78 2.72 15.99
C ALA A 132 13.83 1.95 15.20
N VAL A 133 13.43 1.45 14.05
CA VAL A 133 14.33 0.77 13.14
C VAL A 133 15.30 1.75 12.51
N ARG A 134 14.78 2.88 12.06
CA ARG A 134 15.60 3.92 11.46
C ARG A 134 16.68 4.37 12.43
N LEU A 135 16.39 4.28 13.72
CA LEU A 135 17.34 4.69 14.77
C LEU A 135 18.19 3.55 15.32
N ASN A 136 18.09 2.37 14.70
CA ASN A 136 18.87 1.20 15.11
C ASN A 136 18.63 0.81 16.57
N SER A 137 17.35 0.75 16.95
CA SER A 137 17.00 0.37 18.32
C SER A 137 17.25 -1.11 18.58
N CYS A 138 17.48 -1.45 19.84
CA CYS A 138 17.58 -2.85 20.25
C CYS A 138 16.25 -3.32 20.82
N ALA A 139 15.44 -2.36 21.24
CA ALA A 139 14.11 -2.62 21.76
C ALA A 139 13.33 -1.32 21.89
N VAL A 140 12.00 -1.43 21.99
CA VAL A 140 11.17 -0.27 22.27
C VAL A 140 10.48 -0.48 23.61
N ALA A 141 10.22 0.62 24.32
CA ALA A 141 9.68 0.51 25.66
C ALA A 141 8.43 1.34 25.84
N ALA A 142 7.49 0.82 26.63
CA ALA A 142 6.26 1.54 26.95
C ALA A 142 5.76 1.21 28.35
N GLN A 143 5.02 2.15 28.92
CA GLN A 143 4.40 1.97 30.23
C GLN A 143 3.06 1.25 30.13
N VAL A 144 2.85 0.29 31.04
CA VAL A 144 1.53 -0.26 31.25
C VAL A 144 1.02 0.17 32.62
N TYR A 145 -0.20 0.70 32.66
CA TYR A 145 -0.74 1.28 33.89
C TYR A 145 -1.98 0.55 34.39
N ILE A 146 -1.80 -0.67 34.88
CA ILE A 146 -2.93 -1.44 35.39
C ILE A 146 -3.50 -0.85 36.67
N GLY A 147 -4.83 -0.69 36.71
CA GLY A 147 -5.51 -0.14 37.86
C GLY A 147 -5.69 1.36 37.76
N SER A 148 -5.12 1.96 36.73
CA SER A 148 -5.22 3.40 36.52
C SER A 148 -6.36 3.66 35.56
N GLU A 149 -6.69 4.93 35.32
CA GLU A 149 -7.81 5.28 34.45
C GLU A 149 -7.65 4.72 33.06
N TYR A 150 -6.47 4.90 32.50
CA TYR A 150 -6.21 4.52 31.12
C TYR A 150 -5.41 3.22 31.05
N GLU A 151 -5.81 2.27 31.89
CA GLU A 151 -5.22 0.93 31.88
C GLU A 151 -5.41 0.26 30.52
N HIS A 152 -6.61 0.44 29.98
CA HIS A 152 -6.98 -0.13 28.70
C HIS A 152 -6.02 0.31 27.59
N GLN A 153 -5.82 1.63 27.51
CA GLN A 153 -4.96 2.24 26.51
C GLN A 153 -3.51 1.75 26.60
N SER A 154 -3.02 1.61 27.83
CA SER A 154 -1.63 1.23 28.07
C SER A 154 -1.32 -0.18 27.56
N ILE A 155 -2.28 -1.08 27.68
CA ILE A 155 -2.13 -2.43 27.16
C ILE A 155 -2.17 -2.43 25.63
N LYS A 156 -3.03 -1.58 25.07
CA LYS A 156 -3.13 -1.43 23.62
C LYS A 156 -1.82 -0.96 23.03
N ASN A 157 -1.14 -0.09 23.77
CA ASN A 157 0.18 0.39 23.37
C ASN A 157 1.15 -0.75 23.22
N ILE A 158 1.13 -1.66 24.19
CA ILE A 158 1.99 -2.83 24.16
C ILE A 158 1.62 -3.72 22.98
N ILE A 159 0.33 -3.99 22.85
CA ILE A 159 -0.19 -4.80 21.75
C ILE A 159 0.25 -4.31 20.37
N GLN A 160 0.12 -3.01 20.12
CA GLN A 160 0.48 -2.44 18.83
C GLN A 160 1.98 -2.48 18.58
N LEU A 161 2.76 -2.14 19.60
CA LEU A 161 4.21 -2.11 19.47
C LEU A 161 4.76 -3.50 19.19
N VAL A 162 4.17 -4.51 19.81
CA VAL A 162 4.59 -5.89 19.59
C VAL A 162 4.20 -6.32 18.18
N ASP A 163 2.99 -5.95 17.76
CA ASP A 163 2.54 -6.25 16.40
C ASP A 163 3.48 -5.65 15.36
N ALA A 164 3.89 -4.41 15.60
CA ALA A 164 4.84 -3.73 14.73
C ALA A 164 6.24 -4.30 14.91
N GLY A 165 6.57 -4.61 16.17
CA GLY A 165 7.88 -5.13 16.50
C GLY A 165 8.12 -6.50 15.90
N MET A 166 7.07 -7.31 15.84
CA MET A 166 7.17 -8.68 15.31
C MET A 166 7.45 -8.71 13.81
N LYS A 167 7.00 -7.67 13.10
CA LYS A 167 7.22 -7.58 11.66
C LYS A 167 8.70 -7.41 11.35
N VAL A 168 9.44 -6.99 12.37
CA VAL A 168 10.77 -6.44 12.15
C VAL A 168 11.82 -7.06 13.09
N GLY A 169 11.36 -7.81 14.09
CA GLY A 169 12.26 -8.45 15.02
C GLY A 169 12.68 -7.49 16.12
N MET A 170 11.80 -6.54 16.43
CA MET A 170 12.09 -5.54 17.45
C MET A 170 11.39 -5.87 18.76
N PRO A 171 12.19 -6.13 19.81
CA PRO A 171 11.62 -6.38 21.13
C PRO A 171 10.86 -5.18 21.71
N THR A 172 9.79 -5.47 22.45
CA THR A 172 9.01 -4.44 23.13
C THR A 172 9.06 -4.66 24.64
N MET A 173 9.41 -3.61 25.38
CA MET A 173 9.42 -3.69 26.84
C MET A 173 8.20 -2.99 27.47
N ALA A 174 7.51 -3.72 28.33
CA ALA A 174 6.40 -3.16 29.10
C ALA A 174 6.84 -2.84 30.52
N VAL A 175 6.62 -1.59 30.94
CA VAL A 175 6.96 -1.16 32.29
C VAL A 175 5.72 -0.89 33.14
N THR A 176 5.70 -1.52 34.32
CA THR A 176 4.55 -1.45 35.24
C THR A 176 4.39 -0.09 35.88
N GLY A 177 3.48 0.71 35.35
CA GLY A 177 3.29 2.06 35.85
C GLY A 177 2.25 2.07 36.95
N VAL A 178 2.70 2.30 38.18
CA VAL A 178 1.78 2.38 39.31
C VAL A 178 1.24 3.80 39.45
N GLY A 179 0.01 3.91 39.98
CA GLY A 179 -0.67 5.17 40.19
C GLY A 179 -0.73 5.69 41.61
N LYS A 180 -1.17 6.94 41.75
CA LYS A 180 -1.08 7.68 43.01
C LYS A 180 -1.93 7.04 44.13
N ASP A 181 -2.99 6.34 43.72
CA ASP A 181 -3.88 5.62 44.65
C ASP A 181 -3.39 4.26 45.12
N MET A 182 -2.57 3.62 44.30
CA MET A 182 -2.38 2.19 44.42
C MET A 182 -1.13 1.73 45.16
N VAL A 183 -1.33 0.88 46.17
CA VAL A 183 -0.24 0.31 46.94
C VAL A 183 0.49 -0.78 46.16
N ARG A 184 1.77 -0.52 45.95
CA ARG A 184 2.65 -1.44 45.26
C ARG A 184 2.86 -2.67 46.17
N ASP A 185 2.16 -3.75 45.83
CA ASP A 185 2.32 -5.00 46.55
C ASP A 185 2.57 -6.04 45.48
N GLN A 186 2.80 -7.27 45.91
CA GLN A 186 3.17 -8.33 44.97
C GLN A 186 2.00 -8.87 44.13
N ARG A 187 0.80 -8.88 44.68
CA ARG A 187 -0.33 -9.39 43.92
C ARG A 187 -0.50 -8.55 42.69
N TYR A 188 -0.12 -7.29 42.83
CA TYR A 188 -0.26 -6.34 41.76
C TYR A 188 0.84 -6.42 40.70
N PHE A 189 2.11 -6.46 41.12
CA PHE A 189 3.18 -6.49 40.13
C PHE A 189 3.25 -7.80 39.38
N SER A 190 2.90 -8.89 40.07
CA SER A 190 2.79 -10.18 39.43
C SER A 190 1.66 -10.12 38.43
N LEU A 191 0.63 -9.36 38.78
CA LEU A 191 -0.49 -9.21 37.87
C LEU A 191 0.01 -8.44 36.67
N ALA A 192 0.67 -7.32 36.96
CA ALA A 192 1.11 -6.38 35.93
C ALA A 192 2.15 -7.01 35.01
N THR A 193 3.17 -7.63 35.59
CA THR A 193 4.20 -8.26 34.78
C THR A 193 3.65 -9.39 33.90
N ARG A 194 2.82 -10.24 34.47
CA ARG A 194 2.28 -11.39 33.75
C ARG A 194 1.38 -11.00 32.56
N ILE A 195 0.43 -10.07 32.77
CA ILE A 195 -0.41 -9.61 31.64
C ILE A 195 0.41 -9.04 30.49
N ALA A 196 1.41 -8.22 30.82
CA ALA A 196 2.25 -7.61 29.79
C ALA A 196 3.03 -8.66 28.99
N ALA A 197 3.66 -9.58 29.70
CA ALA A 197 4.42 -10.66 29.06
C ALA A 197 3.48 -11.58 28.27
N GLU A 198 2.29 -11.80 28.83
CA GLU A 198 1.27 -12.62 28.21
C GLU A 198 0.85 -12.02 26.87
N MET A 199 0.81 -10.69 26.83
CA MET A 199 0.42 -9.98 25.62
C MET A 199 1.48 -10.06 24.54
N GLY A 200 2.71 -10.39 24.93
CA GLY A 200 3.77 -10.64 23.97
C GLY A 200 5.05 -9.90 24.28
N ALA A 201 5.03 -9.08 25.33
CA ALA A 201 6.24 -8.35 25.72
C ALA A 201 7.31 -9.35 26.13
N GLN A 202 8.52 -9.15 25.61
CA GLN A 202 9.61 -10.08 25.89
C GLN A 202 10.55 -9.56 26.97
N ILE A 203 10.41 -8.28 27.33
CA ILE A 203 11.12 -7.76 28.50
C ILE A 203 10.12 -7.06 29.41
N ILE A 204 10.19 -7.36 30.71
CA ILE A 204 9.30 -6.73 31.66
C ILE A 204 10.10 -5.99 32.72
N ALA A 205 9.79 -4.71 32.89
CA ALA A 205 10.42 -3.91 33.94
C ALA A 205 9.43 -3.57 35.02
N THR A 206 9.76 -3.92 36.25
CA THR A 206 8.89 -3.67 37.39
C THR A 206 9.72 -3.28 38.60
N TYR A 207 9.06 -3.05 39.74
CA TYR A 207 9.78 -2.66 40.95
C TYR A 207 9.87 -3.86 41.92
N TYR A 208 10.97 -3.87 42.66
CA TYR A 208 11.33 -4.91 43.62
C TYR A 208 10.57 -4.89 44.95
N VAL A 209 10.20 -6.08 45.43
CA VAL A 209 9.64 -6.25 46.77
C VAL A 209 10.39 -7.40 47.43
N GLU A 210 10.67 -7.32 48.72
CA GLU A 210 11.46 -8.37 49.34
C GLU A 210 10.58 -9.55 49.69
N LYS A 211 9.28 -9.34 49.57
CA LYS A 211 8.33 -10.38 49.87
C LYS A 211 7.67 -10.84 48.59
N GLY A 212 8.05 -12.05 48.18
CA GLY A 212 7.35 -12.73 47.12
C GLY A 212 7.81 -12.25 45.78
N PHE A 213 8.96 -11.57 45.76
CA PHE A 213 9.52 -11.08 44.52
C PHE A 213 9.89 -12.26 43.65
N GLU A 214 10.29 -13.35 44.31
CA GLU A 214 10.58 -14.61 43.63
C GLU A 214 9.34 -15.13 42.91
N ARG A 215 8.18 -14.70 43.37
CA ARG A 215 6.92 -15.15 42.79
C ARG A 215 6.61 -14.26 41.56
N ILE A 216 7.23 -13.08 41.48
CA ILE A 216 7.08 -12.28 40.27
C ILE A 216 7.99 -12.81 39.17
N VAL A 217 9.20 -13.19 39.57
CA VAL A 217 10.18 -13.73 38.64
C VAL A 217 9.76 -15.08 38.12
N ALA A 218 9.35 -15.96 39.03
CA ALA A 218 8.92 -17.30 38.67
C ALA A 218 7.67 -17.22 37.82
N GLY A 219 6.78 -16.30 38.17
CA GLY A 219 5.54 -16.15 37.45
C GLY A 219 5.70 -15.45 36.12
N CYS A 220 6.90 -14.93 35.85
CA CYS A 220 7.15 -14.26 34.60
C CYS A 220 8.01 -15.10 33.65
N PRO A 221 7.44 -15.46 32.49
CA PRO A 221 8.04 -16.33 31.48
C PRO A 221 9.21 -15.68 30.74
N VAL A 222 9.34 -14.37 30.86
CA VAL A 222 10.35 -13.62 30.12
C VAL A 222 11.21 -12.85 31.14
N PRO A 223 12.41 -12.38 30.72
CA PRO A 223 13.28 -11.71 31.68
C PRO A 223 12.63 -10.56 32.42
N ILE A 224 12.93 -10.42 33.71
CA ILE A 224 12.46 -9.28 34.48
C ILE A 224 13.62 -8.43 34.94
N VAL A 225 13.52 -7.15 34.63
CA VAL A 225 14.47 -6.16 35.08
C VAL A 225 13.76 -5.25 36.08
N ILE A 226 14.49 -4.80 37.11
CA ILE A 226 13.88 -3.95 38.12
C ILE A 226 14.10 -2.48 37.77
N ALA A 227 13.08 -1.66 37.97
CA ALA A 227 13.24 -0.22 37.81
C ALA A 227 13.91 0.35 39.05
N GLY A 228 14.79 1.33 38.84
CA GLY A 228 15.62 1.86 39.92
C GLY A 228 14.82 2.58 40.97
N GLY A 229 13.85 3.37 40.54
CA GLY A 229 13.04 4.12 41.47
C GLY A 229 13.72 5.38 41.98
N LYS A 230 13.06 5.99 42.95
CA LYS A 230 13.52 7.20 43.59
C LYS A 230 14.85 7.04 44.30
N LYS A 231 15.53 8.15 44.54
CA LYS A 231 16.89 8.09 45.08
C LYS A 231 16.92 7.53 46.48
N LEU A 232 17.77 6.52 46.66
CA LEU A 232 17.97 5.91 47.95
C LEU A 232 19.44 6.06 48.33
N PRO A 233 19.77 5.88 49.60
CA PRO A 233 21.20 5.79 49.91
C PRO A 233 21.83 4.67 49.09
N GLU A 234 22.95 4.96 48.42
CA GLU A 234 23.58 4.02 47.50
C GLU A 234 23.83 2.66 48.16
N ARG A 235 24.00 2.64 49.48
CA ARG A 235 24.18 1.37 50.16
C ARG A 235 22.89 0.60 50.32
N GLU A 236 21.76 1.28 50.17
CA GLU A 236 20.47 0.62 50.21
C GLU A 236 20.14 0.19 48.81
N ALA A 237 20.51 1.03 47.85
CA ALA A 237 20.23 0.75 46.46
C ALA A 237 21.09 -0.39 45.93
N LEU A 238 22.27 -0.60 46.50
CA LEU A 238 23.02 -1.78 46.12
C LEU A 238 22.58 -3.06 46.88
N GLU A 239 21.88 -2.91 48.01
CA GLU A 239 21.24 -4.08 48.64
C GLU A 239 19.96 -4.37 47.87
N MET A 240 19.32 -3.30 47.37
CA MET A 240 18.17 -3.37 46.47
C MET A 240 18.48 -4.15 45.25
N CYS A 241 19.57 -3.75 44.61
CA CYS A 241 20.03 -4.43 43.41
C CYS A 241 20.44 -5.86 43.75
N TRP A 242 21.15 -6.00 44.86
CA TRP A 242 21.65 -7.30 45.32
C TRP A 242 20.53 -8.29 45.58
N GLN A 243 19.46 -7.82 46.21
CA GLN A 243 18.34 -8.68 46.56
C GLN A 243 17.65 -9.19 45.31
N ALA A 244 17.46 -8.28 44.35
CA ALA A 244 16.82 -8.59 43.08
C ALA A 244 17.55 -9.65 42.27
N ILE A 245 18.84 -9.47 42.07
CA ILE A 245 19.65 -10.41 41.30
C ILE A 245 19.63 -11.79 41.94
N ASP A 246 19.60 -11.83 43.26
CA ASP A 246 19.59 -13.09 44.00
C ASP A 246 18.25 -13.79 43.88
N GLN A 247 17.17 -13.03 43.69
CA GLN A 247 15.87 -13.67 43.61
C GLN A 247 15.39 -13.75 42.17
N GLY A 248 16.33 -13.63 41.23
CA GLY A 248 16.06 -13.99 39.85
C GLY A 248 16.00 -12.88 38.81
N ALA A 249 16.15 -11.63 39.23
CA ALA A 249 16.06 -10.51 38.28
C ALA A 249 17.18 -10.56 37.25
N SER A 250 16.84 -10.25 36.01
CA SER A 250 17.79 -10.34 34.90
C SER A 250 18.48 -9.01 34.60
N GLY A 251 18.44 -8.09 35.55
CA GLY A 251 19.13 -6.82 35.39
C GLY A 251 18.43 -5.61 35.98
N VAL A 252 18.93 -4.43 35.63
CA VAL A 252 18.42 -3.19 36.21
C VAL A 252 18.08 -2.15 35.13
N ASP A 253 17.07 -1.33 35.42
CA ASP A 253 16.74 -0.18 34.58
C ASP A 253 16.75 1.03 35.51
N MET A 254 17.95 1.44 35.88
CA MET A 254 18.18 2.39 36.97
C MET A 254 18.32 3.86 36.59
N GLY A 255 17.29 4.63 36.88
CA GLY A 255 17.34 6.06 36.69
C GLY A 255 17.97 6.79 37.87
N ARG A 256 17.16 7.15 38.87
CA ARG A 256 17.61 8.11 39.89
C ARG A 256 18.68 7.63 40.87
N ASN A 257 18.82 6.32 41.08
CA ASN A 257 19.86 5.84 41.99
C ASN A 257 21.24 5.94 41.38
N ILE A 258 21.30 6.31 40.11
CA ILE A 258 22.56 6.57 39.47
C ILE A 258 22.90 8.04 39.19
N PHE A 259 22.08 8.74 38.41
CA PHE A 259 22.49 10.08 37.98
C PHE A 259 22.29 11.19 39.03
N GLN A 260 21.59 10.86 40.10
CA GLN A 260 21.43 11.77 41.23
C GLN A 260 22.44 11.53 42.37
N SER A 261 23.10 10.38 42.34
CA SER A 261 24.19 10.11 43.27
C SER A 261 25.25 11.19 43.00
N ASP A 262 26.13 11.50 43.95
CA ASP A 262 27.08 12.56 43.65
C ASP A 262 28.41 12.02 43.08
N HIS A 263 28.44 10.70 42.84
CA HIS A 263 29.52 10.06 42.09
C HIS A 263 28.97 8.86 41.27
N PRO A 264 28.15 9.16 40.24
CA PRO A 264 27.39 8.19 39.44
C PRO A 264 28.28 7.17 38.73
N VAL A 265 29.44 7.62 38.25
CA VAL A 265 30.38 6.76 37.56
C VAL A 265 30.74 5.63 38.53
N ALA A 266 30.85 5.97 39.81
CA ALA A 266 31.22 5.01 40.82
C ALA A 266 30.04 4.14 41.21
N MET A 267 28.83 4.66 41.03
CA MET A 267 27.62 3.92 41.35
C MET A 267 27.29 2.77 40.40
N MET A 268 27.45 2.98 39.10
CA MET A 268 27.06 1.94 38.15
C MET A 268 28.07 0.83 38.16
N LYS A 269 29.34 1.21 38.36
CA LYS A 269 30.36 0.20 38.52
C LYS A 269 30.03 -0.65 39.74
N ALA A 270 29.41 -0.06 40.76
CA ALA A 270 29.06 -0.84 41.91
C ALA A 270 27.90 -1.79 41.58
N VAL A 271 26.88 -1.29 40.88
CA VAL A 271 25.82 -2.17 40.41
C VAL A 271 26.40 -3.03 39.29
N GLN A 272 27.34 -2.49 38.51
CA GLN A 272 28.05 -3.27 37.49
C GLN A 272 28.53 -4.55 38.14
N ALA A 273 29.15 -4.41 39.31
CA ALA A 273 29.67 -5.57 40.01
C ALA A 273 28.57 -6.51 40.51
N VAL A 274 27.50 -5.94 41.06
CA VAL A 274 26.39 -6.71 41.66
C VAL A 274 25.60 -7.56 40.67
N VAL A 275 25.30 -6.97 39.53
CA VAL A 275 24.52 -7.61 38.50
C VAL A 275 25.39 -8.66 37.83
N HIS A 276 26.64 -8.27 37.52
CA HIS A 276 27.55 -9.09 36.73
C HIS A 276 28.40 -10.09 37.59
N HIS A 277 29.11 -9.68 38.64
CA HIS A 277 29.98 -10.68 39.30
C HIS A 277 29.29 -11.45 40.43
N ASN A 278 27.96 -11.35 40.49
CA ASN A 278 27.17 -11.93 41.57
C ASN A 278 27.78 -11.42 42.86
N GLU A 279 28.02 -10.11 42.88
CA GLU A 279 28.72 -9.45 43.96
C GLU A 279 27.85 -9.03 45.15
N THR A 280 28.34 -9.29 46.36
CA THR A 280 27.64 -8.86 47.59
C THR A 280 27.67 -7.35 47.67
N ALA A 281 26.63 -6.76 48.24
CA ALA A 281 26.59 -5.32 48.40
C ALA A 281 27.76 -4.71 49.17
N ASP A 282 28.27 -5.40 50.20
CA ASP A 282 29.15 -4.69 51.15
C ASP A 282 30.63 -4.57 50.81
N ARG A 283 31.04 -5.12 49.67
CA ARG A 283 32.35 -4.86 49.12
C ARG A 283 32.13 -4.05 47.85
N ALA A 284 30.87 -3.84 47.50
CA ALA A 284 30.54 -3.09 46.29
C ALA A 284 30.85 -1.60 46.46
N TYR A 285 30.76 -1.08 47.68
CA TYR A 285 31.07 0.32 47.97
C TYR A 285 32.56 0.55 47.96
N GLU A 286 33.33 -0.52 48.04
CA GLU A 286 34.77 -0.35 47.97
C GLU A 286 35.11 -0.06 46.50
N LEU A 287 34.10 -0.04 45.66
CA LEU A 287 34.24 0.48 44.31
C LEU A 287 33.52 1.83 44.17
N TYR A 288 32.80 2.24 45.21
CA TYR A 288 32.21 3.58 45.32
C TYR A 288 33.18 4.59 45.96
N LEU A 289 33.92 4.12 46.95
CA LEU A 289 34.84 4.94 47.74
C LEU A 289 36.23 5.04 47.14
N SER A 290 36.71 3.92 46.59
CA SER A 290 37.98 3.88 45.92
C SER A 290 37.83 4.59 44.59
N GLU A 291 36.62 4.99 44.27
CA GLU A 291 36.34 5.75 43.06
C GLU A 291 35.23 6.80 43.18
N ASP B 11 15.07 24.87 -43.72
CA ASP B 11 14.70 26.13 -43.10
C ASP B 11 13.43 26.67 -43.77
N GLY B 12 12.37 25.87 -43.74
CA GLY B 12 11.05 26.36 -44.13
C GLY B 12 10.21 26.58 -42.89
N LYS B 13 10.86 26.35 -41.75
CA LYS B 13 10.26 26.46 -40.42
C LYS B 13 10.40 27.87 -39.83
N ASP B 14 9.41 28.28 -39.01
CA ASP B 14 9.46 29.61 -38.40
C ASP B 14 9.28 29.59 -36.88
N PHE B 15 10.38 29.66 -36.14
CA PHE B 15 10.35 29.56 -34.68
C PHE B 15 10.07 30.93 -34.08
N ARG B 16 9.95 31.91 -34.96
CA ARG B 16 9.71 33.30 -34.58
C ARG B 16 10.65 33.70 -33.45
N THR B 17 11.94 33.54 -33.71
CA THR B 17 13.01 33.83 -32.77
C THR B 17 13.00 35.28 -32.30
N ASP B 18 12.44 36.14 -33.14
CA ASP B 18 12.27 37.55 -32.81
C ASP B 18 11.29 37.76 -31.66
N GLN B 19 10.40 36.78 -31.46
CA GLN B 19 9.31 36.91 -30.49
C GLN B 19 9.43 35.92 -29.32
N PRO B 20 9.94 36.41 -28.18
CA PRO B 20 10.11 35.62 -26.95
C PRO B 20 8.79 35.07 -26.40
N GLN B 21 8.84 33.88 -25.80
CA GLN B 21 7.67 33.29 -25.16
C GLN B 21 7.31 34.03 -23.86
N LYS B 22 6.01 34.17 -23.61
CA LYS B 22 5.51 34.90 -22.45
C LYS B 22 4.41 34.10 -21.74
N ASN B 23 4.46 34.03 -20.41
CA ASN B 23 3.43 33.33 -19.65
C ASN B 23 2.11 34.08 -19.64
N ILE B 24 1.02 33.34 -19.81
CA ILE B 24 -0.32 33.93 -19.72
C ILE B 24 -0.77 33.85 -18.28
N PRO B 25 -0.94 35.02 -17.63
CA PRO B 25 -1.31 35.07 -16.22
C PRO B 25 -2.68 34.47 -15.92
N PHE B 26 -2.78 33.77 -14.79
CA PHE B 26 -4.05 33.25 -14.30
C PHE B 26 -4.57 34.20 -13.22
N THR B 27 -5.67 34.88 -13.51
CA THR B 27 -6.10 36.02 -12.70
C THR B 27 -7.10 35.69 -11.59
N LEU B 28 -7.61 34.46 -11.59
CA LEU B 28 -8.55 34.02 -10.57
C LEU B 28 -7.97 34.24 -9.18
N LYS B 29 -8.70 34.99 -8.35
CA LYS B 29 -8.19 35.51 -7.08
C LYS B 29 -7.66 34.43 -6.15
N GLY B 30 -6.39 34.56 -5.78
CA GLY B 30 -5.75 33.62 -4.87
C GLY B 30 -5.53 32.24 -5.44
N CYS B 31 -5.63 32.12 -6.76
CA CYS B 31 -5.46 30.84 -7.42
C CYS B 31 -4.43 30.88 -8.55
N GLY B 32 -3.44 31.77 -8.41
CA GLY B 32 -2.43 31.96 -9.44
C GLY B 32 -1.18 31.11 -9.24
N ALA B 33 -1.15 30.35 -8.17
CA ALA B 33 -0.01 29.48 -7.87
C ALA B 33 -0.49 28.06 -7.66
N LEU B 34 -1.38 27.60 -8.53
CA LEU B 34 -1.91 26.25 -8.44
C LEU B 34 -1.48 25.48 -9.67
N ASP B 35 -1.42 24.15 -9.54
CA ASP B 35 -0.99 23.32 -10.65
C ASP B 35 -2.01 23.40 -11.77
N TRP B 36 -1.60 23.08 -13.00
CA TRP B 36 -2.46 23.24 -14.17
C TRP B 36 -3.85 22.63 -14.02
N GLY B 37 -3.91 21.39 -13.56
CA GLY B 37 -5.17 20.66 -13.48
C GLY B 37 -6.16 21.29 -12.53
N MET B 38 -5.66 21.79 -11.41
CA MET B 38 -6.51 22.49 -10.45
C MET B 38 -7.00 23.81 -11.04
N GLN B 39 -6.10 24.50 -11.73
CA GLN B 39 -6.46 25.75 -12.39
C GLN B 39 -7.46 25.47 -13.51
N SER B 40 -7.35 24.28 -14.10
CA SER B 40 -8.29 23.84 -15.13
C SER B 40 -9.69 23.64 -14.55
N ARG B 41 -9.75 22.96 -13.41
CA ARG B 41 -11.03 22.67 -12.77
C ARG B 41 -11.71 23.94 -12.27
N LEU B 42 -10.91 24.87 -11.73
CA LEU B 42 -11.42 26.14 -11.24
C LEU B 42 -12.00 27.02 -12.35
N SER B 43 -11.51 26.83 -13.58
CA SER B 43 -11.99 27.61 -14.72
C SER B 43 -13.35 27.12 -15.21
N ARG B 44 -13.67 25.87 -14.91
CA ARG B 44 -14.98 25.31 -15.23
C ARG B 44 -16.05 25.88 -14.31
N ILE B 45 -15.64 26.20 -13.07
CA ILE B 45 -16.56 26.77 -12.10
C ILE B 45 -16.69 28.26 -12.36
N PHE B 46 -15.57 28.97 -12.29
CA PHE B 46 -15.55 30.40 -12.56
C PHE B 46 -15.22 30.67 -14.02
N ASN B 47 -16.22 31.19 -14.76
CA ASN B 47 -16.07 31.50 -16.18
C ASN B 47 -14.91 32.46 -16.39
N PRO B 48 -13.96 32.09 -17.26
CA PRO B 48 -12.70 32.82 -17.38
C PRO B 48 -12.77 34.27 -17.86
N LYS B 49 -13.89 34.68 -18.47
CA LYS B 49 -14.02 36.07 -18.91
C LYS B 49 -14.53 37.02 -17.83
N THR B 50 -15.43 36.53 -16.98
CA THR B 50 -15.98 37.36 -15.92
C THR B 50 -15.35 37.01 -14.58
N GLY B 51 -14.86 35.78 -14.42
CA GLY B 51 -14.26 35.36 -13.17
C GLY B 51 -15.26 35.10 -12.06
N LYS B 52 -16.53 34.97 -12.44
CA LYS B 52 -17.60 34.80 -11.48
C LYS B 52 -18.36 33.52 -11.82
N THR B 53 -19.27 33.11 -10.95
CA THR B 53 -20.00 31.88 -11.20
C THR B 53 -21.45 31.98 -10.75
N VAL B 54 -22.31 31.21 -11.40
CA VAL B 54 -23.67 31.05 -10.93
C VAL B 54 -23.86 29.57 -10.64
N MET B 55 -23.82 29.24 -9.35
CA MET B 55 -23.84 27.86 -8.93
C MET B 55 -25.24 27.53 -8.42
N LEU B 56 -25.84 26.49 -9.01
CA LEU B 56 -27.18 26.07 -8.62
C LEU B 56 -27.11 24.91 -7.65
N ALA B 57 -27.39 25.19 -6.38
CA ALA B 57 -27.33 24.17 -5.34
C ALA B 57 -28.67 23.46 -5.18
N PHE B 58 -28.64 22.14 -5.29
CA PHE B 58 -29.80 21.29 -5.09
C PHE B 58 -29.38 20.02 -4.38
N ASP B 59 -28.52 20.18 -3.38
CA ASP B 59 -28.03 19.09 -2.54
C ASP B 59 -28.74 18.98 -1.20
N HIS B 60 -29.74 19.84 -0.98
CA HIS B 60 -30.39 20.01 0.32
C HIS B 60 -30.89 18.74 0.99
N GLY B 61 -31.22 17.74 0.18
CA GLY B 61 -31.79 16.51 0.71
C GLY B 61 -30.83 15.65 1.50
N TYR B 62 -29.55 16.03 1.55
CA TYR B 62 -28.55 15.19 2.22
C TYR B 62 -28.75 15.23 3.73
N PHE B 63 -29.58 16.16 4.19
CA PHE B 63 -29.96 16.22 5.60
C PHE B 63 -31.39 16.71 5.80
N GLN B 64 -32.04 17.12 4.71
CA GLN B 64 -33.41 17.63 4.79
C GLN B 64 -34.46 16.74 4.12
N GLY B 65 -34.04 15.85 3.24
CA GLY B 65 -34.99 15.06 2.47
C GLY B 65 -35.62 15.89 1.37
N PRO B 66 -36.82 15.50 0.92
CA PRO B 66 -37.51 16.18 -0.19
C PRO B 66 -37.94 17.59 0.16
N THR B 67 -36.99 18.53 0.16
CA THR B 67 -37.29 19.93 0.45
C THR B 67 -38.26 20.47 -0.60
N THR B 68 -38.96 21.55 -0.30
CA THR B 68 -39.93 22.10 -1.23
C THR B 68 -39.22 22.55 -2.50
N GLY B 69 -39.67 22.02 -3.64
CA GLY B 69 -39.03 22.32 -4.91
C GLY B 69 -38.06 21.23 -5.33
N LEU B 70 -37.70 20.36 -4.38
CA LEU B 70 -36.71 19.33 -4.65
C LEU B 70 -37.21 17.89 -4.51
N GLU B 71 -38.53 17.70 -4.55
CA GLU B 71 -39.08 16.35 -4.49
C GLU B 71 -38.81 15.57 -5.78
N ARG B 72 -38.81 16.27 -6.91
CA ARG B 72 -38.52 15.64 -8.20
C ARG B 72 -37.44 16.41 -8.96
N ILE B 73 -36.18 16.05 -8.72
CA ILE B 73 -35.07 16.68 -9.42
C ILE B 73 -35.14 16.41 -10.92
N ASP B 74 -35.56 15.19 -11.26
CA ASP B 74 -35.65 14.72 -12.63
C ASP B 74 -36.65 15.49 -13.47
N ILE B 75 -37.57 16.17 -12.80
CA ILE B 75 -38.66 16.78 -13.52
C ILE B 75 -38.61 18.31 -13.53
N ASN B 76 -38.42 18.95 -12.39
CA ASN B 76 -38.54 20.38 -12.43
C ASN B 76 -37.17 21.07 -12.13
N ILE B 77 -36.12 20.28 -11.89
CA ILE B 77 -34.77 20.83 -11.74
C ILE B 77 -33.96 20.50 -13.00
N ALA B 78 -34.38 19.46 -13.69
CA ALA B 78 -33.80 19.09 -14.98
C ALA B 78 -33.84 20.26 -15.99
N PRO B 79 -34.97 20.99 -16.07
CA PRO B 79 -34.93 22.13 -17.01
C PRO B 79 -34.03 23.28 -16.55
N LEU B 80 -33.40 23.15 -15.39
CA LEU B 80 -32.59 24.23 -14.85
C LEU B 80 -31.09 24.02 -15.08
N PHE B 81 -30.71 22.81 -15.46
CA PHE B 81 -29.30 22.49 -15.60
C PHE B 81 -28.54 23.34 -16.62
N GLU B 82 -29.08 23.42 -17.84
CA GLU B 82 -28.46 24.16 -18.93
C GLU B 82 -28.27 25.66 -18.63
N HIS B 83 -29.10 26.20 -17.73
CA HIS B 83 -29.04 27.63 -17.45
C HIS B 83 -28.12 27.91 -16.27
N ALA B 84 -27.44 26.87 -15.80
CA ALA B 84 -26.49 27.03 -14.70
C ALA B 84 -25.06 26.88 -15.23
N ASP B 85 -24.14 27.61 -14.62
CA ASP B 85 -22.73 27.48 -14.98
C ASP B 85 -22.16 26.19 -14.43
N VAL B 86 -22.47 25.93 -13.16
CA VAL B 86 -21.97 24.77 -12.45
C VAL B 86 -23.07 24.22 -11.54
N LEU B 87 -23.19 22.90 -11.48
CA LEU B 87 -24.17 22.24 -10.63
C LEU B 87 -23.58 21.81 -9.29
N MET B 88 -24.35 21.96 -8.22
CA MET B 88 -23.95 21.40 -6.94
C MET B 88 -25.01 20.47 -6.36
N CYS B 89 -24.62 19.22 -6.19
CA CYS B 89 -25.53 18.20 -5.68
C CYS B 89 -24.73 17.11 -5.00
N THR B 90 -25.39 16.01 -4.69
CA THR B 90 -24.71 14.85 -4.13
C THR B 90 -24.48 13.82 -5.23
N ARG B 91 -23.62 12.85 -4.93
CA ARG B 91 -23.32 11.77 -5.88
C ARG B 91 -24.53 10.86 -6.07
N GLY B 92 -25.39 10.81 -5.06
CA GLY B 92 -26.58 9.99 -5.13
C GLY B 92 -27.56 10.57 -6.15
N ILE B 93 -27.71 11.89 -6.11
CA ILE B 93 -28.56 12.61 -7.06
C ILE B 93 -27.87 12.70 -8.42
N LEU B 94 -26.56 12.90 -8.41
CA LEU B 94 -25.79 13.02 -9.63
C LEU B 94 -25.89 11.77 -10.49
N ARG B 95 -25.59 10.61 -9.91
CA ARG B 95 -25.62 9.35 -10.65
C ARG B 95 -27.01 8.89 -11.06
N SER B 96 -28.01 9.19 -10.24
CA SER B 96 -29.34 8.65 -10.47
C SER B 96 -30.13 9.46 -11.51
N VAL B 97 -30.21 10.77 -11.31
CA VAL B 97 -31.16 11.57 -12.08
C VAL B 97 -30.58 12.73 -12.89
N VAL B 98 -29.28 12.99 -12.72
CA VAL B 98 -28.62 13.99 -13.53
C VAL B 98 -27.91 13.34 -14.71
N PRO B 99 -28.46 13.51 -15.92
CA PRO B 99 -27.86 12.90 -17.13
C PRO B 99 -26.48 13.45 -17.44
N PRO B 100 -25.51 12.55 -17.68
CA PRO B 100 -24.13 12.94 -18.05
C PRO B 100 -24.06 13.90 -19.25
N ALA B 101 -24.98 13.74 -20.21
CA ALA B 101 -24.97 14.56 -21.41
C ALA B 101 -25.33 16.01 -21.13
N THR B 102 -25.75 16.30 -19.90
CA THR B 102 -26.01 17.66 -19.45
C THR B 102 -24.74 18.49 -19.61
N ASN B 103 -23.61 17.82 -19.40
CA ASN B 103 -22.29 18.40 -19.63
C ASN B 103 -22.03 19.70 -18.85
N ARG B 104 -22.16 19.63 -17.53
CA ARG B 104 -21.83 20.75 -16.66
C ARG B 104 -20.91 20.34 -15.53
N PRO B 105 -20.04 21.27 -15.10
CA PRO B 105 -19.16 21.05 -13.96
C PRO B 105 -19.99 20.74 -12.72
N VAL B 106 -19.57 19.78 -11.91
CA VAL B 106 -20.33 19.46 -10.71
C VAL B 106 -19.47 19.64 -9.47
N VAL B 107 -20.07 20.25 -8.45
CA VAL B 107 -19.42 20.35 -7.15
C VAL B 107 -20.21 19.44 -6.23
N LEU B 108 -19.59 18.36 -5.81
CA LEU B 108 -20.26 17.33 -5.05
C LEU B 108 -20.31 17.65 -3.56
N ARG B 109 -21.45 17.41 -2.93
CA ARG B 109 -21.52 17.44 -1.49
C ARG B 109 -20.74 16.28 -0.89
N ALA B 110 -19.69 16.62 -0.16
CA ALA B 110 -18.79 15.62 0.38
C ALA B 110 -18.83 15.60 1.90
N SER B 111 -19.92 16.12 2.47
CA SER B 111 -20.11 16.07 3.92
C SER B 111 -21.57 15.71 4.21
N GLY B 112 -21.81 15.12 5.37
CA GLY B 112 -23.14 14.69 5.73
C GLY B 112 -23.15 13.93 7.04
N ALA B 113 -24.03 12.94 7.12
CA ALA B 113 -24.26 12.14 8.33
C ALA B 113 -24.86 12.99 9.44
N ASN B 114 -25.54 14.06 9.03
CA ASN B 114 -26.39 14.82 9.93
C ASN B 114 -27.79 14.84 9.37
N SER B 115 -28.73 15.34 10.16
CA SER B 115 -30.11 15.49 9.71
C SER B 115 -30.79 16.54 10.57
N ILE B 116 -31.96 16.98 10.14
CA ILE B 116 -32.71 18.00 10.86
C ILE B 116 -33.25 17.48 12.19
N LEU B 117 -33.08 16.20 12.46
CA LEU B 117 -33.56 15.62 13.71
C LEU B 117 -32.48 15.59 14.79
N ALA B 118 -31.24 15.85 14.41
CA ALA B 118 -30.15 15.90 15.37
C ALA B 118 -29.42 17.23 15.20
N GLU B 119 -28.21 17.34 15.76
CA GLU B 119 -27.42 18.54 15.57
C GLU B 119 -26.93 18.68 14.13
N LEU B 120 -26.99 19.90 13.63
CA LEU B 120 -26.80 20.18 12.23
C LEU B 120 -25.32 20.32 11.90
N SER B 121 -24.52 20.53 12.94
CA SER B 121 -23.08 20.59 12.78
C SER B 121 -22.47 19.20 12.86
N ASN B 122 -23.29 18.21 13.21
CA ASN B 122 -22.80 16.86 13.39
C ASN B 122 -22.60 16.18 12.04
N GLU B 123 -21.62 16.66 11.31
CA GLU B 123 -21.30 16.15 9.98
C GLU B 123 -19.99 15.38 9.90
N ALA B 124 -19.95 14.42 8.97
CA ALA B 124 -18.72 13.72 8.63
C ALA B 124 -18.53 13.79 7.11
N VAL B 125 -17.32 13.50 6.64
CA VAL B 125 -17.06 13.49 5.20
C VAL B 125 -17.92 12.45 4.50
N ALA B 126 -18.61 12.85 3.43
CA ALA B 126 -19.63 12.00 2.83
C ALA B 126 -19.24 11.32 1.52
N LEU B 127 -18.06 11.64 0.99
CA LEU B 127 -17.57 10.90 -0.17
C LEU B 127 -16.06 10.95 -0.25
N SER B 128 -15.48 9.83 -0.65
CA SER B 128 -14.04 9.73 -0.82
C SER B 128 -13.57 10.50 -2.04
N MET B 129 -12.33 10.97 -2.00
CA MET B 129 -11.74 11.69 -3.12
C MET B 129 -11.64 10.78 -4.35
N ASP B 130 -11.50 9.47 -4.08
CA ASP B 130 -11.51 8.45 -5.12
C ASP B 130 -12.74 8.56 -6.03
N ASP B 131 -13.89 8.78 -5.40
CA ASP B 131 -15.16 8.83 -6.13
C ASP B 131 -15.41 10.20 -6.72
N ALA B 132 -14.82 11.23 -6.11
CA ALA B 132 -14.91 12.58 -6.64
C ALA B 132 -14.20 12.61 -7.98
N VAL B 133 -13.07 11.91 -8.05
CA VAL B 133 -12.33 11.75 -9.29
C VAL B 133 -13.09 10.90 -10.30
N ARG B 134 -13.62 9.78 -9.82
CA ARG B 134 -14.38 8.86 -10.66
C ARG B 134 -15.56 9.55 -11.34
N LEU B 135 -16.13 10.54 -10.66
CA LEU B 135 -17.30 11.24 -11.17
C LEU B 135 -16.95 12.53 -11.92
N ASN B 136 -15.66 12.76 -12.16
CA ASN B 136 -15.19 13.94 -12.89
C ASN B 136 -15.64 15.25 -12.22
N SER B 137 -15.46 15.33 -10.91
CA SER B 137 -15.82 16.55 -10.19
C SER B 137 -14.86 17.69 -10.51
N CYS B 138 -15.35 18.93 -10.39
CA CYS B 138 -14.51 20.11 -10.52
C CYS B 138 -14.09 20.63 -9.16
N ALA B 139 -14.81 20.19 -8.12
CA ALA B 139 -14.49 20.56 -6.75
C ALA B 139 -15.26 19.67 -5.79
N VAL B 140 -14.82 19.67 -4.53
CA VAL B 140 -15.55 18.99 -3.47
C VAL B 140 -16.02 20.04 -2.47
N ALA B 141 -17.17 19.81 -1.85
CA ALA B 141 -17.74 20.82 -0.98
C ALA B 141 -18.07 20.26 0.40
N ALA B 142 -17.88 21.09 1.42
CA ALA B 142 -18.21 20.71 2.78
C ALA B 142 -18.66 21.90 3.62
N GLN B 143 -19.44 21.63 4.65
CA GLN B 143 -19.89 22.67 5.58
C GLN B 143 -18.83 22.88 6.65
N VAL B 144 -18.55 24.14 6.99
CA VAL B 144 -17.75 24.41 8.18
C VAL B 144 -18.64 25.08 9.24
N TYR B 145 -18.58 24.59 10.46
CA TYR B 145 -19.50 25.04 11.51
C TYR B 145 -18.83 25.79 12.65
N ILE B 146 -18.36 26.99 12.37
CA ILE B 146 -17.71 27.80 13.38
C ILE B 146 -18.73 28.23 14.43
N GLY B 147 -18.40 28.00 15.70
CA GLY B 147 -19.28 28.36 16.79
C GLY B 147 -20.24 27.27 17.21
N SER B 148 -20.25 26.16 16.47
CA SER B 148 -21.17 25.07 16.75
C SER B 148 -20.59 23.93 17.60
N GLU B 149 -21.44 22.98 17.94
CA GLU B 149 -21.09 21.84 18.77
C GLU B 149 -19.94 21.04 18.20
N TYR B 150 -20.04 20.73 16.91
CA TYR B 150 -19.07 19.91 16.23
C TYR B 150 -18.20 20.76 15.31
N GLU B 151 -17.81 21.93 15.80
CA GLU B 151 -16.95 22.83 15.04
C GLU B 151 -15.60 22.23 14.72
N HIS B 152 -15.00 21.56 15.69
CA HIS B 152 -13.72 20.93 15.52
C HIS B 152 -13.75 19.93 14.38
N GLN B 153 -14.73 19.03 14.43
CA GLN B 153 -14.90 17.99 13.42
C GLN B 153 -15.12 18.59 12.04
N SER B 154 -15.89 19.68 11.98
CA SER B 154 -16.23 20.30 10.71
C SER B 154 -15.00 20.87 10.02
N ILE B 155 -14.08 21.41 10.79
CA ILE B 155 -12.84 21.94 10.25
C ILE B 155 -11.89 20.83 9.80
N LYS B 156 -11.85 19.74 10.57
CA LYS B 156 -11.02 18.59 10.20
C LYS B 156 -11.50 18.02 8.87
N ASN B 157 -12.82 18.09 8.65
CA ASN B 157 -13.40 17.68 7.37
C ASN B 157 -12.78 18.46 6.22
N ILE B 158 -12.64 19.77 6.43
CA ILE B 158 -12.01 20.65 5.44
C ILE B 158 -10.55 20.26 5.27
N ILE B 159 -9.86 20.10 6.39
CA ILE B 159 -8.46 19.70 6.40
C ILE B 159 -8.22 18.43 5.60
N GLN B 160 -9.05 17.41 5.82
CA GLN B 160 -8.90 16.13 5.15
C GLN B 160 -9.17 16.22 3.64
N LEU B 161 -10.21 16.96 3.27
CA LEU B 161 -10.57 17.09 1.87
C LEU B 161 -9.50 17.82 1.07
N VAL B 162 -8.86 18.80 1.68
CA VAL B 162 -7.79 19.53 0.99
C VAL B 162 -6.59 18.61 0.80
N ASP B 163 -6.26 17.85 1.84
CA ASP B 163 -5.17 16.88 1.78
C ASP B 163 -5.37 15.86 0.68
N ALA B 164 -6.59 15.35 0.56
CA ALA B 164 -6.91 14.40 -0.48
C ALA B 164 -6.98 15.10 -1.83
N GLY B 165 -7.55 16.30 -1.82
CA GLY B 165 -7.71 17.10 -3.02
C GLY B 165 -6.39 17.54 -3.62
N MET B 166 -5.42 17.83 -2.75
CA MET B 166 -4.12 18.28 -3.21
C MET B 166 -3.33 17.20 -3.95
N LYS B 167 -3.57 15.95 -3.59
CA LYS B 167 -2.89 14.85 -4.25
C LYS B 167 -3.35 14.73 -5.71
N VAL B 168 -4.50 15.33 -6.01
CA VAL B 168 -5.20 15.01 -7.26
C VAL B 168 -5.62 16.25 -8.03
N GLY B 169 -5.44 17.43 -7.43
CA GLY B 169 -5.78 18.66 -8.13
C GLY B 169 -7.25 18.98 -8.04
N MET B 170 -7.90 18.53 -6.97
CA MET B 170 -9.31 18.75 -6.78
C MET B 170 -9.53 19.88 -5.78
N PRO B 171 -10.12 20.99 -6.24
CA PRO B 171 -10.46 22.15 -5.41
C PRO B 171 -11.44 21.80 -4.30
N THR B 172 -11.31 22.48 -3.17
CA THR B 172 -12.22 22.29 -2.04
C THR B 172 -13.03 23.55 -1.78
N MET B 173 -14.35 23.40 -1.70
CA MET B 173 -15.21 24.53 -1.33
C MET B 173 -15.69 24.41 0.11
N ALA B 174 -15.48 25.46 0.88
CA ALA B 174 -15.96 25.50 2.26
C ALA B 174 -17.22 26.35 2.41
N VAL B 175 -18.26 25.76 3.00
CA VAL B 175 -19.50 26.46 3.27
C VAL B 175 -19.67 26.70 4.77
N THR B 176 -19.88 27.95 5.13
CA THR B 176 -20.03 28.35 6.53
C THR B 176 -21.35 27.87 7.11
N GLY B 177 -21.29 26.90 8.03
CA GLY B 177 -22.51 26.37 8.58
C GLY B 177 -22.92 27.17 9.80
N VAL B 178 -23.97 27.97 9.61
CA VAL B 178 -24.55 28.78 10.67
C VAL B 178 -25.67 27.97 11.36
N GLY B 179 -25.95 28.30 12.62
CA GLY B 179 -27.00 27.67 13.39
C GLY B 179 -28.22 28.56 13.55
N LYS B 180 -29.29 28.01 14.12
CA LYS B 180 -30.52 28.77 14.40
C LYS B 180 -30.32 30.13 15.08
N ASP B 181 -30.21 30.15 16.42
CA ASP B 181 -30.08 31.42 17.15
C ASP B 181 -28.69 32.12 17.20
N MET B 182 -27.84 31.96 16.19
CA MET B 182 -26.55 32.67 16.18
C MET B 182 -26.59 33.87 15.21
N VAL B 183 -25.97 34.97 15.62
CA VAL B 183 -25.97 36.22 14.85
C VAL B 183 -25.06 36.25 13.62
N ARG B 184 -25.71 36.37 12.46
CA ARG B 184 -25.05 36.56 11.18
C ARG B 184 -24.55 37.99 10.98
N ASP B 185 -23.29 38.27 11.30
CA ASP B 185 -22.73 39.60 11.05
C ASP B 185 -21.36 39.44 10.39
N GLN B 186 -20.66 40.54 10.10
CA GLN B 186 -19.38 40.44 9.40
C GLN B 186 -18.25 39.84 10.24
N ARG B 187 -18.23 40.18 11.52
CA ARG B 187 -17.16 39.75 12.41
C ARG B 187 -17.17 38.25 12.59
N TYR B 188 -18.35 37.64 12.46
CA TYR B 188 -18.46 36.20 12.53
C TYR B 188 -18.02 35.56 11.22
N PHE B 189 -18.53 36.08 10.11
CA PHE B 189 -18.20 35.52 8.80
C PHE B 189 -16.76 35.79 8.39
N SER B 190 -16.19 36.88 8.89
CA SER B 190 -14.77 37.12 8.67
C SER B 190 -13.95 36.04 9.37
N LEU B 191 -14.40 35.62 10.55
CA LEU B 191 -13.72 34.55 11.29
C LEU B 191 -13.88 33.20 10.60
N ALA B 192 -15.09 32.88 10.18
CA ALA B 192 -15.39 31.59 9.58
C ALA B 192 -14.71 31.40 8.22
N THR B 193 -14.89 32.38 7.35
CA THR B 193 -14.32 32.33 6.00
C THR B 193 -12.79 32.29 6.00
N ARG B 194 -12.17 33.14 6.81
CA ARG B 194 -10.71 33.22 6.88
C ARG B 194 -10.09 31.90 7.34
N ILE B 195 -10.65 31.29 8.38
CA ILE B 195 -10.13 30.02 8.89
C ILE B 195 -10.13 28.91 7.83
N ALA B 196 -11.23 28.78 7.10
CA ALA B 196 -11.34 27.78 6.05
C ALA B 196 -10.33 28.05 4.93
N ALA B 197 -10.26 29.31 4.50
CA ALA B 197 -9.32 29.71 3.46
C ALA B 197 -7.89 29.55 3.95
N GLU B 198 -7.66 29.87 5.21
CA GLU B 198 -6.36 29.74 5.84
C GLU B 198 -5.91 28.28 5.84
N MET B 199 -6.86 27.38 6.08
CA MET B 199 -6.56 25.95 6.13
C MET B 199 -6.24 25.37 4.75
N GLY B 200 -6.65 26.06 3.69
CA GLY B 200 -6.27 25.67 2.36
C GLY B 200 -7.40 25.57 1.34
N ALA B 201 -8.63 25.77 1.80
CA ALA B 201 -9.80 25.72 0.93
C ALA B 201 -9.72 26.85 -0.11
N GLN B 202 -10.01 26.52 -1.37
CA GLN B 202 -9.91 27.50 -2.45
C GLN B 202 -11.22 28.17 -2.82
N ILE B 203 -12.34 27.64 -2.34
CA ILE B 203 -13.61 28.32 -2.54
C ILE B 203 -14.34 28.46 -1.21
N ILE B 204 -14.85 29.65 -0.95
CA ILE B 204 -15.60 29.89 0.28
C ILE B 204 -17.01 30.37 -0.05
N ALA B 205 -18.01 29.68 0.50
CA ALA B 205 -19.38 30.12 0.34
C ALA B 205 -19.89 30.67 1.66
N THR B 206 -20.37 31.91 1.62
CA THR B 206 -20.85 32.56 2.83
C THR B 206 -22.11 33.35 2.50
N TYR B 207 -22.67 34.01 3.50
CA TYR B 207 -23.89 34.79 3.34
C TYR B 207 -23.65 36.29 3.28
N TYR B 208 -24.52 36.98 2.57
CA TYR B 208 -24.44 38.43 2.49
C TYR B 208 -24.96 39.10 3.76
N VAL B 209 -24.24 40.13 4.19
CA VAL B 209 -24.65 40.95 5.32
C VAL B 209 -24.70 42.40 4.83
N GLU B 210 -25.67 43.16 5.32
CA GLU B 210 -25.92 44.49 4.79
C GLU B 210 -24.88 45.51 5.28
N LYS B 211 -24.11 45.12 6.29
CA LYS B 211 -23.01 45.93 6.78
C LYS B 211 -21.67 45.20 6.85
N GLY B 212 -20.72 45.62 6.02
CA GLY B 212 -19.36 45.14 6.12
C GLY B 212 -19.05 43.88 5.35
N PHE B 213 -19.87 43.56 4.36
CA PHE B 213 -19.61 42.40 3.53
C PHE B 213 -18.38 42.59 2.63
N GLU B 214 -18.11 43.84 2.25
CA GLU B 214 -16.93 44.16 1.45
C GLU B 214 -15.65 43.78 2.19
N ARG B 215 -15.73 43.77 3.51
CA ARG B 215 -14.59 43.47 4.37
C ARG B 215 -14.42 41.96 4.55
N ILE B 216 -15.49 41.23 4.27
CA ILE B 216 -15.43 39.78 4.29
C ILE B 216 -14.75 39.32 3.01
N VAL B 217 -15.02 40.04 1.92
CA VAL B 217 -14.40 39.76 0.64
C VAL B 217 -12.89 40.07 0.69
N ALA B 218 -12.53 41.23 1.26
CA ALA B 218 -11.12 41.64 1.34
C ALA B 218 -10.27 40.74 2.23
N GLY B 219 -10.83 40.34 3.36
CA GLY B 219 -10.09 39.54 4.33
C GLY B 219 -9.95 38.09 3.90
N CYS B 220 -10.64 37.72 2.83
CA CYS B 220 -10.59 36.35 2.34
C CYS B 220 -9.73 36.25 1.09
N PRO B 221 -8.66 35.45 1.16
CA PRO B 221 -7.66 35.32 0.10
C PRO B 221 -8.17 34.57 -1.13
N VAL B 222 -9.30 33.89 -1.02
CA VAL B 222 -9.81 33.06 -2.09
C VAL B 222 -11.23 33.47 -2.48
N PRO B 223 -11.72 33.03 -3.66
CA PRO B 223 -13.05 33.46 -4.11
C PRO B 223 -14.18 33.20 -3.11
N ILE B 224 -15.10 34.16 -3.03
CA ILE B 224 -16.29 34.03 -2.21
C ILE B 224 -17.55 34.06 -3.07
N VAL B 225 -18.38 33.03 -2.93
CA VAL B 225 -19.69 33.03 -3.57
C VAL B 225 -20.73 33.05 -2.46
N ILE B 226 -21.86 33.69 -2.71
CA ILE B 226 -22.86 33.77 -1.65
C ILE B 226 -23.89 32.65 -1.76
N ALA B 227 -24.26 32.07 -0.63
CA ALA B 227 -25.36 31.13 -0.61
C ALA B 227 -26.64 31.94 -0.60
N GLY B 228 -27.66 31.45 -1.30
CA GLY B 228 -28.89 32.20 -1.49
C GLY B 228 -29.65 32.45 -0.21
N GLY B 229 -29.68 31.44 0.66
CA GLY B 229 -30.43 31.53 1.89
C GLY B 229 -31.90 31.25 1.67
N LYS B 230 -32.70 31.46 2.70
CA LYS B 230 -34.14 31.20 2.64
C LYS B 230 -34.83 32.08 1.60
N LYS B 231 -35.98 31.61 1.12
CA LYS B 231 -36.63 32.17 -0.06
C LYS B 231 -37.13 33.59 0.15
N LEU B 232 -36.77 34.46 -0.78
CA LEU B 232 -37.18 35.86 -0.77
C LEU B 232 -37.99 36.14 -2.01
N PRO B 233 -38.71 37.27 -2.02
CA PRO B 233 -39.29 37.74 -3.28
C PRO B 233 -38.17 37.87 -4.32
N GLU B 234 -38.37 37.35 -5.53
CA GLU B 234 -37.31 37.31 -6.54
C GLU B 234 -36.65 38.65 -6.82
N ARG B 235 -37.39 39.74 -6.59
CA ARG B 235 -36.86 41.09 -6.74
C ARG B 235 -36.00 41.53 -5.57
N GLU B 236 -36.19 40.85 -4.45
CA GLU B 236 -35.44 41.15 -3.25
C GLU B 236 -34.16 40.33 -3.28
N ALA B 237 -34.24 39.12 -3.85
CA ALA B 237 -33.07 38.26 -3.96
C ALA B 237 -32.07 38.74 -5.01
N LEU B 238 -32.53 39.50 -6.00
CA LEU B 238 -31.62 40.11 -6.97
C LEU B 238 -30.95 41.37 -6.43
N GLU B 239 -31.53 41.91 -5.36
CA GLU B 239 -30.93 43.02 -4.63
C GLU B 239 -29.82 42.49 -3.74
N MET B 240 -30.03 41.28 -3.22
CA MET B 240 -29.00 40.58 -2.47
C MET B 240 -27.78 40.28 -3.34
N CYS B 241 -28.04 39.72 -4.52
CA CYS B 241 -27.01 39.39 -5.50
C CYS B 241 -26.20 40.57 -6.01
N TRP B 242 -26.88 41.64 -6.40
CA TRP B 242 -26.21 42.80 -6.98
C TRP B 242 -25.25 43.40 -5.97
N GLN B 243 -25.70 43.51 -4.73
CA GLN B 243 -24.91 44.09 -3.66
C GLN B 243 -23.70 43.21 -3.36
N ALA B 244 -23.91 41.90 -3.32
CA ALA B 244 -22.81 40.96 -3.09
C ALA B 244 -21.75 41.10 -4.18
N ILE B 245 -22.19 40.99 -5.43
CA ILE B 245 -21.29 41.12 -6.58
C ILE B 245 -20.64 42.49 -6.67
N ASP B 246 -21.36 43.54 -6.30
CA ASP B 246 -20.83 44.90 -6.37
C ASP B 246 -19.76 45.11 -5.31
N GLN B 247 -19.81 44.34 -4.24
CA GLN B 247 -18.82 44.47 -3.17
C GLN B 247 -17.78 43.35 -3.21
N GLY B 248 -17.65 42.71 -4.37
CA GLY B 248 -16.51 41.85 -4.63
C GLY B 248 -16.76 40.35 -4.71
N ALA B 249 -18.00 39.93 -4.49
CA ALA B 249 -18.31 38.49 -4.50
C ALA B 249 -18.06 37.89 -5.87
N SER B 250 -17.56 36.65 -5.87
CA SER B 250 -17.21 35.97 -7.10
C SER B 250 -18.35 35.10 -7.61
N GLY B 251 -19.56 35.33 -7.09
CA GLY B 251 -20.70 34.58 -7.57
C GLY B 251 -21.72 34.21 -6.52
N VAL B 252 -22.61 33.30 -6.89
CA VAL B 252 -23.72 32.88 -6.06
C VAL B 252 -23.77 31.36 -5.96
N ASP B 253 -24.24 30.87 -4.82
CA ASP B 253 -24.51 29.44 -4.67
C ASP B 253 -25.96 29.35 -4.25
N MET B 254 -26.84 29.60 -5.23
CA MET B 254 -28.26 29.85 -5.01
C MET B 254 -29.16 28.64 -5.15
N GLY B 255 -29.59 28.10 -4.02
CA GLY B 255 -30.56 27.04 -4.00
C GLY B 255 -31.97 27.59 -4.06
N ARG B 256 -32.53 27.91 -2.90
CA ARG B 256 -33.97 28.15 -2.78
C ARG B 256 -34.51 29.42 -3.43
N ASN B 257 -33.66 30.42 -3.65
CA ASN B 257 -34.15 31.60 -4.37
C ASN B 257 -34.29 31.31 -5.86
N ILE B 258 -33.85 30.14 -6.29
CA ILE B 258 -34.10 29.69 -7.64
C ILE B 258 -35.15 28.58 -7.75
N PHE B 259 -34.92 27.42 -7.13
CA PHE B 259 -35.83 26.31 -7.39
C PHE B 259 -37.14 26.40 -6.60
N GLN B 260 -37.25 27.34 -5.68
CA GLN B 260 -38.51 27.57 -4.99
C GLN B 260 -39.33 28.70 -5.67
N SER B 261 -38.66 29.48 -6.52
CA SER B 261 -39.37 30.49 -7.31
C SER B 261 -40.37 29.77 -8.20
N ASP B 262 -41.41 30.45 -8.65
CA ASP B 262 -42.42 29.79 -9.48
C ASP B 262 -42.15 29.97 -10.98
N HIS B 263 -41.03 30.60 -11.29
CA HIS B 263 -40.50 30.72 -12.65
C HIS B 263 -38.98 30.59 -12.60
N PRO B 264 -38.49 29.39 -12.27
CA PRO B 264 -37.08 29.15 -11.97
C PRO B 264 -36.13 29.47 -13.13
N VAL B 265 -36.51 29.10 -14.35
CA VAL B 265 -35.66 29.35 -15.52
C VAL B 265 -35.46 30.85 -15.73
N ALA B 266 -36.52 31.62 -15.52
CA ALA B 266 -36.47 33.07 -15.71
C ALA B 266 -35.71 33.73 -14.57
N MET B 267 -35.65 33.04 -13.44
CA MET B 267 -34.84 33.51 -12.33
C MET B 267 -33.35 33.37 -12.58
N MET B 268 -32.92 32.26 -13.18
CA MET B 268 -31.49 32.06 -13.41
C MET B 268 -30.98 32.96 -14.52
N LYS B 269 -31.84 33.24 -15.49
CA LYS B 269 -31.49 34.24 -16.50
C LYS B 269 -31.36 35.58 -15.81
N ALA B 270 -32.16 35.78 -14.77
CA ALA B 270 -32.11 37.01 -13.98
C ALA B 270 -30.87 37.07 -13.12
N VAL B 271 -30.51 35.93 -12.52
CA VAL B 271 -29.30 35.86 -11.71
C VAL B 271 -28.01 35.98 -12.54
N GLN B 272 -27.98 35.30 -13.67
CA GLN B 272 -26.84 35.42 -14.58
C GLN B 272 -26.59 36.86 -15.02
N ALA B 273 -27.66 37.60 -15.30
CA ALA B 273 -27.51 38.96 -15.81
C ALA B 273 -26.80 39.84 -14.79
N VAL B 274 -27.18 39.71 -13.53
CA VAL B 274 -26.51 40.46 -12.47
C VAL B 274 -25.08 39.98 -12.26
N VAL B 275 -24.89 38.66 -12.25
CA VAL B 275 -23.60 38.09 -11.91
C VAL B 275 -22.59 38.22 -13.04
N HIS B 276 -22.99 37.79 -14.23
CA HIS B 276 -22.09 37.76 -15.37
C HIS B 276 -22.20 39.00 -16.24
N HIS B 277 -23.43 39.44 -16.47
CA HIS B 277 -23.70 40.45 -17.48
C HIS B 277 -23.70 41.85 -16.89
N ASN B 278 -23.30 41.94 -15.62
CA ASN B 278 -23.22 43.21 -14.89
C ASN B 278 -24.51 44.03 -15.06
N GLU B 279 -25.65 43.36 -14.88
CA GLU B 279 -26.94 44.01 -15.06
C GLU B 279 -27.38 44.69 -13.76
N THR B 280 -28.06 45.84 -13.87
CA THR B 280 -28.63 46.50 -12.69
C THR B 280 -29.72 45.64 -12.05
N ALA B 281 -29.91 45.79 -10.75
CA ALA B 281 -30.90 45.02 -10.01
C ALA B 281 -32.33 45.14 -10.54
N ASP B 282 -32.71 46.29 -11.07
CA ASP B 282 -34.10 46.50 -11.52
C ASP B 282 -34.18 46.35 -13.05
N ARG B 283 -33.06 46.03 -13.69
CA ARG B 283 -33.12 45.71 -15.12
C ARG B 283 -32.96 44.20 -15.24
N ALA B 284 -32.50 43.58 -14.16
CA ALA B 284 -32.45 42.13 -14.07
C ALA B 284 -33.84 41.61 -13.72
N TYR B 285 -34.57 42.42 -12.94
CA TYR B 285 -35.93 42.08 -12.52
C TYR B 285 -37.00 42.25 -13.59
N GLU B 286 -36.75 43.14 -14.52
CA GLU B 286 -37.67 43.37 -15.63
C GLU B 286 -37.28 42.42 -16.77
N LEU B 287 -36.26 41.62 -16.49
CA LEU B 287 -35.86 40.55 -17.36
C LEU B 287 -36.46 39.23 -16.88
N TYR B 288 -36.76 39.19 -15.59
CA TYR B 288 -37.50 38.10 -14.96
C TYR B 288 -38.99 38.13 -15.30
N LEU B 289 -39.54 39.33 -15.45
CA LEU B 289 -40.96 39.45 -15.75
C LEU B 289 -41.19 39.32 -17.24
N SER B 290 -40.11 39.11 -17.98
CA SER B 290 -40.24 38.88 -19.40
C SER B 290 -40.72 37.46 -19.62
N GLU B 291 -40.64 36.63 -18.59
CA GLU B 291 -41.02 35.24 -18.72
C GLU B 291 -41.85 34.86 -17.50
N ASP C 11 -14.60 -10.60 -48.94
CA ASP C 11 -15.68 -10.61 -49.93
C ASP C 11 -16.89 -11.34 -49.35
N GLY C 12 -16.64 -12.14 -48.31
CA GLY C 12 -17.71 -12.82 -47.60
C GLY C 12 -18.19 -12.23 -46.28
N LYS C 13 -17.77 -11.01 -45.95
CA LYS C 13 -18.17 -10.37 -44.70
C LYS C 13 -19.46 -9.58 -44.87
N ASP C 14 -20.26 -9.52 -43.81
CA ASP C 14 -21.46 -8.72 -43.84
C ASP C 14 -21.55 -7.83 -42.59
N PHE C 15 -21.15 -6.58 -42.74
CA PHE C 15 -21.12 -5.66 -41.61
C PHE C 15 -22.44 -4.91 -41.45
N ARG C 16 -23.35 -5.15 -42.39
CA ARG C 16 -24.67 -4.53 -42.42
C ARG C 16 -24.62 -3.06 -42.07
N THR C 17 -23.86 -2.32 -42.88
CA THR C 17 -23.66 -0.88 -42.75
C THR C 17 -24.96 -0.09 -42.81
N ASP C 18 -25.98 -0.68 -43.41
CA ASP C 18 -27.30 -0.08 -43.47
C ASP C 18 -27.95 0.07 -42.09
N GLN C 19 -27.52 -0.75 -41.13
CA GLN C 19 -28.17 -0.73 -39.82
C GLN C 19 -27.20 -0.29 -38.73
N PRO C 20 -27.31 0.99 -38.32
CA PRO C 20 -26.48 1.61 -37.28
C PRO C 20 -26.60 0.91 -35.92
N GLN C 21 -25.51 0.93 -35.16
CA GLN C 21 -25.51 0.42 -33.80
C GLN C 21 -26.34 1.35 -32.94
N LYS C 22 -27.14 0.77 -32.05
CA LYS C 22 -28.01 1.59 -31.22
C LYS C 22 -27.89 1.08 -29.79
N ASN C 23 -27.65 1.97 -28.84
CA ASN C 23 -27.52 1.54 -27.45
C ASN C 23 -28.86 1.12 -26.86
N ILE C 24 -28.88 -0.02 -26.19
CA ILE C 24 -30.09 -0.49 -25.52
C ILE C 24 -30.12 0.04 -24.09
N PRO C 25 -31.13 0.86 -23.78
CA PRO C 25 -31.29 1.55 -22.49
C PRO C 25 -31.43 0.64 -21.28
N PHE C 26 -30.84 1.08 -20.17
CA PHE C 26 -31.01 0.41 -18.89
C PHE C 26 -32.10 1.18 -18.16
N THR C 27 -33.26 0.56 -18.00
CA THR C 27 -34.46 1.30 -17.61
C THR C 27 -34.68 1.31 -16.10
N LEU C 28 -33.91 0.49 -15.38
CA LEU C 28 -34.01 0.44 -13.93
C LEU C 28 -33.84 1.83 -13.34
N LYS C 29 -34.84 2.22 -12.55
CA LYS C 29 -35.01 3.60 -12.08
C LYS C 29 -33.78 4.17 -11.38
N GLY C 30 -33.25 5.28 -11.90
CA GLY C 30 -32.11 5.96 -11.30
C GLY C 30 -30.81 5.18 -11.39
N CYS C 31 -30.77 4.20 -12.29
CA CYS C 31 -29.59 3.36 -12.44
C CYS C 31 -29.13 3.39 -13.89
N GLY C 32 -29.39 4.50 -14.57
CA GLY C 32 -29.07 4.63 -15.98
C GLY C 32 -27.70 5.21 -16.23
N ALA C 33 -26.98 5.53 -15.15
CA ALA C 33 -25.64 6.09 -15.28
C ALA C 33 -24.64 5.28 -14.47
N LEU C 34 -24.74 3.97 -14.54
CA LEU C 34 -23.84 3.10 -13.81
C LEU C 34 -23.01 2.22 -14.73
N ASP C 35 -21.87 1.78 -14.22
CA ASP C 35 -20.97 0.91 -14.95
C ASP C 35 -21.65 -0.43 -15.23
N TRP C 36 -21.18 -1.13 -16.25
CA TRP C 36 -21.76 -2.41 -16.66
C TRP C 36 -21.88 -3.38 -15.48
N GLY C 37 -20.80 -3.51 -14.73
CA GLY C 37 -20.72 -4.47 -13.64
C GLY C 37 -21.71 -4.20 -12.52
N MET C 38 -21.88 -2.93 -12.18
CA MET C 38 -22.86 -2.56 -11.15
C MET C 38 -24.27 -2.77 -11.69
N GLN C 39 -24.48 -2.42 -12.95
CA GLN C 39 -25.76 -2.65 -13.62
C GLN C 39 -26.01 -4.14 -13.78
N SER C 40 -24.91 -4.89 -13.90
CA SER C 40 -24.98 -6.34 -14.03
C SER C 40 -25.49 -6.95 -12.74
N ARG C 41 -24.96 -6.48 -11.63
CA ARG C 41 -25.33 -6.98 -10.31
C ARG C 41 -26.77 -6.66 -9.96
N LEU C 42 -27.23 -5.46 -10.33
CA LEU C 42 -28.61 -5.08 -10.06
C LEU C 42 -29.64 -5.92 -10.81
N SER C 43 -29.25 -6.46 -11.96
CA SER C 43 -30.15 -7.25 -12.80
C SER C 43 -30.36 -8.68 -12.32
N ARG C 44 -29.44 -9.20 -11.51
CA ARG C 44 -29.66 -10.53 -10.91
C ARG C 44 -30.77 -10.38 -9.88
N ILE C 45 -30.81 -9.20 -9.27
CA ILE C 45 -31.79 -8.88 -8.24
C ILE C 45 -33.11 -8.44 -8.87
N PHE C 46 -33.06 -7.38 -9.66
CA PHE C 46 -34.24 -6.86 -10.34
C PHE C 46 -34.39 -7.50 -11.72
N ASN C 47 -35.44 -8.30 -11.88
CA ASN C 47 -35.71 -8.96 -13.16
C ASN C 47 -35.85 -7.87 -14.22
N PRO C 48 -35.04 -7.95 -15.29
CA PRO C 48 -34.97 -6.84 -16.26
C PRO C 48 -36.26 -6.60 -17.02
N LYS C 49 -37.16 -7.60 -17.02
CA LYS C 49 -38.43 -7.47 -17.70
C LYS C 49 -39.53 -6.82 -16.84
N THR C 50 -39.52 -7.10 -15.54
CA THR C 50 -40.50 -6.51 -14.64
C THR C 50 -39.90 -5.36 -13.83
N GLY C 51 -38.58 -5.39 -13.62
CA GLY C 51 -37.92 -4.36 -12.84
C GLY C 51 -38.17 -4.48 -11.34
N LYS C 52 -38.61 -5.65 -10.91
CA LYS C 52 -38.99 -5.83 -9.51
C LYS C 52 -38.23 -6.97 -8.85
N THR C 53 -38.37 -7.08 -7.53
CA THR C 53 -37.69 -8.14 -6.80
C THR C 53 -38.55 -8.67 -5.64
N VAL C 54 -38.35 -9.93 -5.31
CA VAL C 54 -38.91 -10.51 -4.10
C VAL C 54 -37.77 -11.05 -3.26
N MET C 55 -37.46 -10.33 -2.18
CA MET C 55 -36.28 -10.64 -1.38
C MET C 55 -36.62 -11.44 -0.13
N LEU C 56 -35.92 -12.55 0.04
CA LEU C 56 -36.13 -13.38 1.22
C LEU C 56 -35.11 -13.01 2.28
N ALA C 57 -35.59 -12.28 3.30
CA ALA C 57 -34.71 -11.83 4.35
C ALA C 57 -34.70 -12.86 5.48
N PHE C 58 -33.50 -13.33 5.80
CA PHE C 58 -33.28 -14.23 6.93
C PHE C 58 -31.96 -13.84 7.56
N ASP C 59 -31.80 -12.53 7.69
CA ASP C 59 -30.66 -11.94 8.36
C ASP C 59 -31.06 -11.56 9.79
N HIS C 60 -32.31 -11.85 10.16
CA HIS C 60 -32.90 -11.42 11.43
C HIS C 60 -32.06 -11.77 12.66
N GLY C 61 -31.31 -12.87 12.58
CA GLY C 61 -30.51 -13.33 13.70
C GLY C 61 -29.27 -12.52 14.02
N TYR C 62 -28.95 -11.54 13.19
CA TYR C 62 -27.67 -10.84 13.34
C TYR C 62 -27.64 -9.96 14.59
N PHE C 63 -28.79 -9.76 15.22
CA PHE C 63 -28.86 -9.06 16.49
C PHE C 63 -29.98 -9.62 17.37
N GLN C 64 -30.75 -10.56 16.83
CA GLN C 64 -31.87 -11.14 17.56
C GLN C 64 -31.63 -12.60 17.96
N GLY C 65 -30.67 -13.26 17.34
CA GLY C 65 -30.45 -14.68 17.56
C GLY C 65 -31.48 -15.55 16.86
N PRO C 66 -31.70 -16.77 17.38
CA PRO C 66 -32.63 -17.73 16.77
C PRO C 66 -34.06 -17.24 16.87
N THR C 67 -34.43 -16.29 16.02
CA THR C 67 -35.78 -15.75 16.00
C THR C 67 -36.75 -16.88 15.66
N THR C 68 -38.03 -16.74 16.01
CA THR C 68 -39.00 -17.78 15.71
C THR C 68 -39.06 -17.87 14.20
N GLY C 69 -38.83 -19.08 13.67
CA GLY C 69 -38.75 -19.27 12.24
C GLY C 69 -37.33 -19.38 11.70
N LEU C 70 -36.34 -18.96 12.50
CA LEU C 70 -34.94 -19.04 12.08
C LEU C 70 -34.07 -19.91 12.98
N GLU C 71 -34.69 -20.80 13.76
CA GLU C 71 -33.92 -21.71 14.60
C GLU C 71 -33.20 -22.70 13.71
N ARG C 72 -33.88 -23.09 12.62
CA ARG C 72 -33.29 -23.99 11.65
C ARG C 72 -33.38 -23.42 10.23
N ILE C 73 -32.43 -22.56 9.87
CA ILE C 73 -32.26 -22.09 8.48
C ILE C 73 -31.86 -23.25 7.60
N ASP C 74 -31.10 -24.14 8.20
CA ASP C 74 -30.60 -25.33 7.52
C ASP C 74 -31.74 -26.20 7.01
N ILE C 75 -32.90 -26.02 7.61
CA ILE C 75 -34.06 -26.91 7.46
C ILE C 75 -35.40 -26.42 6.89
N ASN C 76 -35.90 -25.31 7.42
CA ASN C 76 -37.28 -24.94 7.17
C ASN C 76 -37.39 -23.76 6.24
N ILE C 77 -36.29 -23.04 6.10
CA ILE C 77 -36.30 -21.87 5.26
C ILE C 77 -35.44 -22.19 4.04
N ALA C 78 -34.52 -23.12 4.21
CA ALA C 78 -33.70 -23.60 3.10
C ALA C 78 -34.47 -24.14 1.86
N PRO C 79 -35.54 -24.95 2.05
CA PRO C 79 -36.25 -25.44 0.86
C PRO C 79 -37.00 -24.34 0.10
N LEU C 80 -36.91 -23.13 0.62
CA LEU C 80 -37.63 -21.99 0.08
C LEU C 80 -36.75 -21.09 -0.79
N PHE C 81 -35.44 -21.34 -0.76
CA PHE C 81 -34.47 -20.55 -1.52
C PHE C 81 -34.78 -20.45 -3.01
N GLU C 82 -35.13 -21.58 -3.60
CA GLU C 82 -35.43 -21.63 -5.03
C GLU C 82 -36.54 -20.68 -5.47
N HIS C 83 -37.46 -20.40 -4.56
CA HIS C 83 -38.67 -19.67 -4.92
C HIS C 83 -38.55 -18.17 -4.66
N ALA C 84 -37.35 -17.74 -4.29
CA ALA C 84 -37.09 -16.34 -4.04
C ALA C 84 -36.25 -15.78 -5.18
N ASP C 85 -36.45 -14.50 -5.49
CA ASP C 85 -35.64 -13.87 -6.52
C ASP C 85 -34.22 -13.68 -6.02
N VAL C 86 -34.09 -13.16 -4.81
CA VAL C 86 -32.79 -12.90 -4.22
C VAL C 86 -32.83 -13.23 -2.72
N LEU C 87 -31.76 -13.83 -2.21
CA LEU C 87 -31.67 -14.14 -0.79
C LEU C 87 -30.95 -13.03 -0.04
N MET C 88 -31.42 -12.72 1.16
CA MET C 88 -30.71 -11.77 2.01
C MET C 88 -30.33 -12.35 3.37
N CYS C 89 -29.03 -12.42 3.63
CA CYS C 89 -28.53 -13.00 4.87
C CYS C 89 -27.17 -12.44 5.26
N THR C 90 -26.55 -13.07 6.26
CA THR C 90 -25.21 -12.70 6.70
C THR C 90 -24.18 -13.65 6.12
N ARG C 91 -22.91 -13.25 6.17
CA ARG C 91 -21.84 -14.12 5.67
C ARG C 91 -21.65 -15.31 6.58
N GLY C 92 -22.01 -15.15 7.85
CA GLY C 92 -21.89 -16.22 8.82
C GLY C 92 -22.88 -17.32 8.53
N ILE C 93 -24.11 -16.93 8.20
CA ILE C 93 -25.15 -17.88 7.81
C ILE C 93 -24.94 -18.42 6.41
N LEU C 94 -24.51 -17.55 5.49
CA LEU C 94 -24.33 -17.92 4.09
C LEU C 94 -23.34 -19.07 3.90
N ARG C 95 -22.14 -18.93 4.44
CA ARG C 95 -21.10 -19.93 4.29
C ARG C 95 -21.45 -21.21 5.04
N SER C 96 -22.21 -21.09 6.12
CA SER C 96 -22.46 -22.24 6.99
C SER C 96 -23.54 -23.16 6.46
N VAL C 97 -24.70 -22.58 6.15
CA VAL C 97 -25.87 -23.42 5.86
C VAL C 97 -26.50 -23.18 4.48
N VAL C 98 -26.05 -22.17 3.76
CA VAL C 98 -26.54 -21.95 2.40
C VAL C 98 -25.58 -22.49 1.33
N PRO C 99 -25.98 -23.59 0.67
CA PRO C 99 -25.17 -24.21 -0.38
C PRO C 99 -25.03 -23.32 -1.62
N PRO C 100 -23.81 -23.18 -2.15
CA PRO C 100 -23.51 -22.42 -3.37
C PRO C 100 -24.39 -22.83 -4.55
N ALA C 101 -24.74 -24.12 -4.61
CA ALA C 101 -25.53 -24.66 -5.70
C ALA C 101 -26.96 -24.10 -5.74
N THR C 102 -27.31 -23.34 -4.71
CA THR C 102 -28.60 -22.66 -4.65
C THR C 102 -28.76 -21.74 -5.86
N ASN C 103 -27.65 -21.15 -6.28
CA ASN C 103 -27.57 -20.31 -7.48
C ASN C 103 -28.61 -19.19 -7.48
N ARG C 104 -28.58 -18.40 -6.42
CA ARG C 104 -29.43 -17.22 -6.30
C ARG C 104 -28.59 -16.01 -5.91
N PRO C 105 -29.01 -14.83 -6.38
CA PRO C 105 -28.35 -13.57 -6.01
C PRO C 105 -28.38 -13.41 -4.50
N VAL C 106 -27.30 -12.92 -3.91
CA VAL C 106 -27.27 -12.75 -2.46
C VAL C 106 -27.06 -11.30 -2.08
N VAL C 107 -27.83 -10.85 -1.09
CA VAL C 107 -27.64 -9.53 -0.51
C VAL C 107 -27.14 -9.75 0.91
N LEU C 108 -25.88 -9.39 1.15
CA LEU C 108 -25.29 -9.67 2.44
C LEU C 108 -25.64 -8.61 3.47
N ARG C 109 -25.97 -9.04 4.67
CA ARG C 109 -26.04 -8.12 5.79
C ARG C 109 -24.63 -7.63 6.09
N ALA C 110 -24.42 -6.33 5.88
CA ALA C 110 -23.11 -5.72 6.02
C ALA C 110 -23.08 -4.75 7.19
N SER C 111 -24.01 -4.91 8.12
CA SER C 111 -24.05 -4.10 9.32
C SER C 111 -24.35 -4.97 10.55
N GLY C 112 -23.94 -4.50 11.72
CA GLY C 112 -24.15 -5.26 12.94
C GLY C 112 -23.55 -4.60 14.16
N ALA C 113 -23.07 -5.43 15.09
CA ALA C 113 -22.53 -4.98 16.38
C ALA C 113 -23.61 -4.35 17.25
N ASN C 114 -24.86 -4.76 17.03
CA ASN C 114 -25.96 -4.40 17.91
C ASN C 114 -26.67 -5.66 18.43
N SER C 115 -27.57 -5.48 19.39
CA SER C 115 -28.33 -6.61 19.92
C SER C 115 -29.64 -6.19 20.61
N ILE C 116 -30.48 -7.18 20.87
CA ILE C 116 -31.77 -6.95 21.53
C ILE C 116 -31.63 -6.60 23.01
N LEU C 117 -30.42 -6.70 23.56
CA LEU C 117 -30.19 -6.39 24.97
C LEU C 117 -29.66 -4.98 25.22
N ALA C 118 -29.22 -4.31 24.16
CA ALA C 118 -28.67 -2.97 24.29
C ALA C 118 -29.34 -1.99 23.35
N GLU C 119 -28.67 -0.88 23.09
CA GLU C 119 -29.17 0.08 22.13
C GLU C 119 -29.11 -0.54 20.74
N LEU C 120 -30.21 -0.41 20.00
CA LEU C 120 -30.38 -1.16 18.76
C LEU C 120 -29.92 -0.40 17.51
N SER C 121 -29.76 0.91 17.63
CA SER C 121 -29.27 1.72 16.50
C SER C 121 -27.75 1.77 16.46
N ASN C 122 -27.11 1.22 17.48
CA ASN C 122 -25.65 1.25 17.58
C ASN C 122 -25.00 0.21 16.67
N GLU C 123 -25.03 0.46 15.37
CA GLU C 123 -24.47 -0.46 14.40
C GLU C 123 -23.17 0.04 13.78
N ALA C 124 -22.30 -0.92 13.42
CA ALA C 124 -21.09 -0.62 12.67
C ALA C 124 -21.04 -1.54 11.45
N VAL C 125 -20.19 -1.23 10.47
CA VAL C 125 -20.04 -2.08 9.30
C VAL C 125 -19.55 -3.46 9.75
N ALA C 126 -20.23 -4.51 9.30
CA ALA C 126 -19.99 -5.85 9.85
C ALA C 126 -19.18 -6.76 8.94
N LEU C 127 -18.91 -6.31 7.72
CA LEU C 127 -18.02 -7.06 6.83
C LEU C 127 -17.39 -6.15 5.79
N SER C 128 -16.13 -6.43 5.48
CA SER C 128 -15.39 -5.68 4.48
C SER C 128 -15.87 -5.97 3.06
N MET C 129 -15.65 -4.98 2.19
CA MET C 129 -15.96 -5.08 0.77
C MET C 129 -15.17 -6.22 0.16
N ASP C 130 -13.97 -6.42 0.71
CA ASP C 130 -13.10 -7.54 0.37
C ASP C 130 -13.81 -8.88 0.43
N ASP C 131 -14.60 -9.06 1.48
CA ASP C 131 -15.28 -10.33 1.69
C ASP C 131 -16.59 -10.45 0.91
N ALA C 132 -17.22 -9.32 0.64
CA ALA C 132 -18.44 -9.30 -0.16
C ALA C 132 -18.15 -9.74 -1.59
N VAL C 133 -17.01 -9.29 -2.11
CA VAL C 133 -16.53 -9.67 -3.43
C VAL C 133 -16.16 -11.14 -3.45
N ARG C 134 -15.41 -11.55 -2.42
CA ARG C 134 -14.99 -12.93 -2.26
C ARG C 134 -16.20 -13.85 -2.26
N LEU C 135 -17.34 -13.35 -1.77
CA LEU C 135 -18.56 -14.13 -1.73
C LEU C 135 -19.48 -13.86 -2.93
N ASN C 136 -19.01 -13.04 -3.87
CA ASN C 136 -19.78 -12.72 -5.08
C ASN C 136 -21.15 -12.15 -4.73
N SER C 137 -21.18 -11.18 -3.83
CA SER C 137 -22.45 -10.57 -3.43
C SER C 137 -23.03 -9.78 -4.61
N CYS C 138 -24.34 -9.62 -4.60
CA CYS C 138 -24.99 -8.77 -5.61
C CYS C 138 -25.24 -7.38 -5.03
N ALA C 139 -25.24 -7.28 -3.71
CA ALA C 139 -25.38 -6.01 -3.02
C ALA C 139 -25.05 -6.17 -1.54
N VAL C 140 -24.73 -5.06 -0.88
CA VAL C 140 -24.54 -5.06 0.56
C VAL C 140 -25.58 -4.15 1.20
N ALA C 141 -25.98 -4.49 2.41
CA ALA C 141 -27.05 -3.77 3.07
C ALA C 141 -26.66 -3.29 4.45
N ALA C 142 -27.16 -2.13 4.82
CA ALA C 142 -26.93 -1.60 6.16
C ALA C 142 -28.15 -0.82 6.62
N GLN C 143 -28.33 -0.75 7.94
CA GLN C 143 -29.44 -0.03 8.52
C GLN C 143 -29.09 1.44 8.66
N VAL C 144 -30.03 2.32 8.29
CA VAL C 144 -29.90 3.74 8.63
C VAL C 144 -30.96 4.10 9.67
N TYR C 145 -30.54 4.76 10.74
CA TYR C 145 -31.42 5.04 11.86
C TYR C 145 -31.66 6.53 12.05
N ILE C 146 -32.41 7.12 11.12
CA ILE C 146 -32.68 8.55 11.20
C ILE C 146 -33.56 8.86 12.41
N GLY C 147 -33.12 9.82 13.19
CA GLY C 147 -33.82 10.23 14.39
C GLY C 147 -33.36 9.47 15.62
N SER C 148 -32.47 8.49 15.42
CA SER C 148 -32.01 7.68 16.54
C SER C 148 -30.72 8.23 17.12
N GLU C 149 -30.29 7.65 18.23
CA GLU C 149 -29.10 8.10 18.92
C GLU C 149 -27.87 7.99 18.04
N TYR C 150 -27.74 6.84 17.38
CA TYR C 150 -26.58 6.56 16.55
C TYR C 150 -26.94 6.71 15.08
N GLU C 151 -27.73 7.75 14.79
CA GLU C 151 -28.11 8.10 13.43
C GLU C 151 -26.89 8.48 12.61
N HIS C 152 -26.02 9.26 13.23
CA HIS C 152 -24.80 9.76 12.60
C HIS C 152 -23.93 8.61 12.09
N GLN C 153 -23.63 7.68 12.99
CA GLN C 153 -22.81 6.52 12.66
C GLN C 153 -23.46 5.66 11.58
N SER C 154 -24.79 5.53 11.65
CA SER C 154 -25.52 4.68 10.71
C SER C 154 -25.36 5.17 9.27
N ILE C 155 -25.33 6.50 9.11
CA ILE C 155 -25.07 7.10 7.81
C ILE C 155 -23.61 6.94 7.43
N LYS C 156 -22.74 7.05 8.41
CA LYS C 156 -21.30 6.92 8.18
C LYS C 156 -20.95 5.53 7.65
N ASN C 157 -21.64 4.52 8.16
CA ASN C 157 -21.52 3.16 7.65
C ASN C 157 -21.96 3.09 6.18
N ILE C 158 -23.05 3.77 5.87
CA ILE C 158 -23.56 3.83 4.50
C ILE C 158 -22.54 4.48 3.58
N ILE C 159 -22.05 5.63 4.00
CA ILE C 159 -21.01 6.35 3.26
C ILE C 159 -19.82 5.46 2.99
N GLN C 160 -19.42 4.73 4.04
CA GLN C 160 -18.26 3.85 3.97
C GLN C 160 -18.49 2.71 2.98
N LEU C 161 -19.70 2.15 2.98
CA LEU C 161 -20.04 1.07 2.06
C LEU C 161 -20.07 1.52 0.59
N VAL C 162 -20.55 2.75 0.37
CA VAL C 162 -20.60 3.32 -0.97
C VAL C 162 -19.18 3.59 -1.47
N ASP C 163 -18.33 4.11 -0.61
CA ASP C 163 -16.93 4.36 -0.93
C ASP C 163 -16.21 3.08 -1.36
N ALA C 164 -16.45 1.99 -0.64
CA ALA C 164 -15.85 0.71 -0.96
C ALA C 164 -16.49 0.09 -2.19
N GLY C 165 -17.81 0.22 -2.30
CA GLY C 165 -18.55 -0.36 -3.39
C GLY C 165 -18.27 0.21 -4.76
N MET C 166 -18.01 1.52 -4.81
CA MET C 166 -17.77 2.20 -6.09
C MET C 166 -16.47 1.78 -6.75
N LYS C 167 -15.51 1.36 -5.93
CA LYS C 167 -14.22 0.90 -6.43
C LYS C 167 -14.37 -0.41 -7.17
N VAL C 168 -15.47 -1.10 -6.94
CA VAL C 168 -15.60 -2.49 -7.31
C VAL C 168 -16.92 -2.72 -8.07
N GLY C 169 -17.77 -1.71 -8.08
CA GLY C 169 -19.02 -1.81 -8.82
C GLY C 169 -20.09 -2.56 -8.06
N MET C 170 -20.05 -2.50 -6.73
CA MET C 170 -21.02 -3.19 -5.88
C MET C 170 -22.07 -2.25 -5.29
N PRO C 171 -23.35 -2.49 -5.60
CA PRO C 171 -24.49 -1.73 -5.05
C PRO C 171 -24.61 -1.83 -3.53
N THR C 172 -25.10 -0.77 -2.90
CA THR C 172 -25.37 -0.73 -1.47
C THR C 172 -26.86 -0.55 -1.21
N MET C 173 -27.44 -1.39 -0.37
CA MET C 173 -28.84 -1.21 0.01
C MET C 173 -28.96 -0.59 1.39
N ALA C 174 -29.73 0.48 1.49
CA ALA C 174 -29.99 1.12 2.76
C ALA C 174 -31.36 0.73 3.28
N VAL C 175 -31.40 0.23 4.51
CA VAL C 175 -32.63 -0.16 5.17
C VAL C 175 -32.96 0.81 6.31
N THR C 176 -34.16 1.38 6.28
CA THR C 176 -34.57 2.38 7.28
C THR C 176 -34.77 1.77 8.66
N GLY C 177 -34.02 2.27 9.63
CA GLY C 177 -34.07 1.76 10.99
C GLY C 177 -35.01 2.52 11.88
N VAL C 178 -36.11 1.86 12.28
CA VAL C 178 -37.09 2.48 13.18
C VAL C 178 -36.76 2.29 14.67
N GLY C 179 -37.19 3.24 15.49
CA GLY C 179 -37.03 3.18 16.93
C GLY C 179 -38.31 2.93 17.73
N LYS C 180 -38.15 2.61 19.01
CA LYS C 180 -39.24 2.75 19.97
C LYS C 180 -39.34 4.20 20.43
N ASP C 181 -39.84 5.05 19.54
CA ASP C 181 -39.93 6.47 19.86
C ASP C 181 -40.58 7.24 18.73
N MET C 182 -40.51 6.64 17.55
CA MET C 182 -40.81 7.29 16.27
C MET C 182 -42.14 7.08 15.59
N VAL C 183 -42.75 8.20 15.24
CA VAL C 183 -43.94 8.19 14.45
C VAL C 183 -43.62 7.83 13.00
N ARG C 184 -44.10 6.65 12.56
CA ARG C 184 -43.95 6.22 11.18
C ARG C 184 -44.93 6.88 10.22
N ASP C 185 -44.52 7.95 9.54
CA ASP C 185 -45.40 8.52 8.53
C ASP C 185 -44.65 8.80 7.23
N GLN C 186 -45.36 9.36 6.27
CA GLN C 186 -44.83 9.63 4.94
C GLN C 186 -43.76 10.70 4.99
N ARG C 187 -43.98 11.68 5.84
CA ARG C 187 -43.08 12.81 5.94
C ARG C 187 -41.75 12.36 6.56
N TYR C 188 -41.81 11.31 7.39
CA TYR C 188 -40.60 10.76 7.99
C TYR C 188 -39.81 9.83 7.08
N PHE C 189 -40.48 8.88 6.44
CA PHE C 189 -39.78 7.93 5.58
C PHE C 189 -39.21 8.65 4.38
N SER C 190 -39.84 9.76 4.01
CA SER C 190 -39.28 10.62 2.99
C SER C 190 -37.96 11.19 3.47
N LEU C 191 -37.88 11.50 4.76
CA LEU C 191 -36.64 11.98 5.35
C LEU C 191 -35.60 10.87 5.39
N ALA C 192 -36.00 9.68 5.83
CA ALA C 192 -35.08 8.56 5.96
C ALA C 192 -34.57 8.04 4.61
N THR C 193 -35.49 7.74 3.70
CA THR C 193 -35.14 7.19 2.38
C THR C 193 -34.32 8.13 1.50
N ARG C 194 -34.74 9.39 1.45
CA ARG C 194 -34.10 10.38 0.57
C ARG C 194 -32.63 10.59 0.91
N ILE C 195 -32.33 10.76 2.19
CA ILE C 195 -30.95 10.95 2.65
C ILE C 195 -30.04 9.81 2.24
N ALA C 196 -30.52 8.57 2.42
CA ALA C 196 -29.76 7.39 2.05
C ALA C 196 -29.51 7.38 0.55
N ALA C 197 -30.56 7.66 -0.21
CA ALA C 197 -30.46 7.74 -1.66
C ALA C 197 -29.55 8.91 -2.03
N GLU C 198 -29.68 9.99 -1.28
CA GLU C 198 -28.84 11.18 -1.48
C GLU C 198 -27.38 10.83 -1.21
N MET C 199 -27.15 10.00 -0.19
CA MET C 199 -25.80 9.58 0.18
C MET C 199 -25.17 8.64 -0.85
N GLY C 200 -25.98 8.02 -1.68
CA GLY C 200 -25.45 7.22 -2.78
C GLY C 200 -26.02 5.83 -2.91
N ALA C 201 -26.90 5.44 -2.00
CA ALA C 201 -27.51 4.11 -2.04
C ALA C 201 -28.35 3.92 -3.31
N GLN C 202 -28.17 2.77 -3.96
CA GLN C 202 -28.87 2.48 -5.20
C GLN C 202 -30.11 1.64 -4.95
N ILE C 203 -30.20 1.06 -3.76
CA ILE C 203 -31.40 0.38 -3.32
C ILE C 203 -31.80 0.88 -1.95
N ILE C 204 -33.08 1.17 -1.77
CA ILE C 204 -33.60 1.63 -0.48
C ILE C 204 -34.68 0.68 0.02
N ALA C 205 -34.53 0.21 1.25
CA ALA C 205 -35.56 -0.62 1.86
C ALA C 205 -36.31 0.13 2.95
N THR C 206 -37.63 0.20 2.81
CA THR C 206 -38.46 0.93 3.76
C THR C 206 -39.78 0.20 4.01
N TYR C 207 -40.62 0.81 4.84
CA TYR C 207 -41.94 0.26 5.20
C TYR C 207 -43.11 0.93 4.49
N TYR C 208 -44.16 0.14 4.29
CA TYR C 208 -45.38 0.63 3.67
C TYR C 208 -46.16 1.49 4.66
N VAL C 209 -46.72 2.59 4.16
CA VAL C 209 -47.61 3.41 4.96
C VAL C 209 -48.93 3.50 4.20
N GLU C 210 -50.03 3.46 4.94
CA GLU C 210 -51.34 3.40 4.32
C GLU C 210 -51.80 4.75 3.79
N LYS C 211 -51.09 5.81 4.16
CA LYS C 211 -51.37 7.13 3.60
C LYS C 211 -50.09 7.78 3.08
N GLY C 212 -50.00 7.99 1.77
CA GLY C 212 -48.92 8.79 1.21
C GLY C 212 -47.64 8.06 0.85
N PHE C 213 -47.74 6.74 0.66
CA PHE C 213 -46.60 5.94 0.27
C PHE C 213 -46.15 6.30 -1.16
N GLU C 214 -47.09 6.77 -1.97
CA GLU C 214 -46.78 7.24 -3.32
C GLU C 214 -45.78 8.39 -3.28
N ARG C 215 -45.76 9.15 -2.17
CA ARG C 215 -44.84 10.27 -2.08
C ARG C 215 -43.46 9.83 -1.63
N ILE C 216 -43.39 8.67 -1.01
CA ILE C 216 -42.11 8.13 -0.57
C ILE C 216 -41.39 7.54 -1.77
N VAL C 217 -42.17 6.93 -2.65
CA VAL C 217 -41.65 6.35 -3.89
C VAL C 217 -41.16 7.46 -4.83
N ALA C 218 -41.98 8.50 -4.98
CA ALA C 218 -41.66 9.60 -5.88
C ALA C 218 -40.42 10.37 -5.44
N GLY C 219 -40.29 10.58 -4.13
CA GLY C 219 -39.19 11.37 -3.61
C GLY C 219 -37.86 10.65 -3.59
N CYS C 220 -37.87 9.36 -3.89
CA CYS C 220 -36.63 8.58 -3.91
C CYS C 220 -36.22 8.28 -5.35
N PRO C 221 -35.01 8.76 -5.74
CA PRO C 221 -34.50 8.67 -7.12
C PRO C 221 -34.15 7.25 -7.54
N VAL C 222 -34.08 6.35 -6.57
CA VAL C 222 -33.66 4.97 -6.80
C VAL C 222 -34.75 4.01 -6.32
N PRO C 223 -34.70 2.73 -6.75
CA PRO C 223 -35.75 1.76 -6.40
C PRO C 223 -36.03 1.63 -4.90
N ILE C 224 -37.31 1.45 -4.58
CA ILE C 224 -37.76 1.23 -3.21
C ILE C 224 -38.34 -0.17 -3.06
N VAL C 225 -37.83 -0.91 -2.07
CA VAL C 225 -38.36 -2.23 -1.73
C VAL C 225 -39.01 -2.17 -0.35
N ILE C 226 -39.99 -3.04 -0.13
CA ILE C 226 -40.75 -3.01 1.11
C ILE C 226 -40.15 -3.92 2.16
N ALA C 227 -40.06 -3.44 3.39
CA ALA C 227 -39.72 -4.30 4.51
C ALA C 227 -40.99 -5.04 4.93
N GLY C 228 -40.84 -6.28 5.38
CA GLY C 228 -41.99 -7.13 5.63
C GLY C 228 -42.97 -6.61 6.68
N GLY C 229 -42.45 -6.04 7.76
CA GLY C 229 -43.29 -5.56 8.84
C GLY C 229 -43.71 -6.72 9.71
N LYS C 230 -44.55 -6.46 10.71
CA LYS C 230 -44.97 -7.49 11.65
C LYS C 230 -45.67 -8.65 10.96
N LYS C 231 -45.66 -9.82 11.57
CA LYS C 231 -46.18 -11.00 10.88
C LYS C 231 -47.70 -10.79 10.77
N LEU C 232 -48.24 -10.97 9.58
CA LEU C 232 -49.66 -10.72 9.36
C LEU C 232 -50.40 -12.00 8.89
N PRO C 233 -51.75 -12.00 8.95
CA PRO C 233 -52.37 -13.10 8.23
C PRO C 233 -52.00 -13.00 6.76
N GLU C 234 -51.65 -14.11 6.12
CA GLU C 234 -51.15 -13.99 4.76
C GLU C 234 -52.08 -13.17 3.87
N ARG C 235 -53.39 -13.15 4.11
CA ARG C 235 -54.26 -12.35 3.22
C ARG C 235 -54.13 -10.86 3.47
N GLU C 236 -53.52 -10.49 4.58
CA GLU C 236 -53.27 -9.09 4.91
C GLU C 236 -51.97 -8.65 4.25
N ALA C 237 -50.99 -9.55 4.23
CA ALA C 237 -49.70 -9.24 3.65
C ALA C 237 -49.67 -9.18 2.12
N LEU C 238 -50.59 -9.86 1.42
CA LEU C 238 -50.69 -9.69 -0.05
C LEU C 238 -51.39 -8.40 -0.42
N GLU C 239 -52.16 -7.87 0.53
CA GLU C 239 -52.77 -6.57 0.35
C GLU C 239 -51.77 -5.46 0.60
N MET C 240 -50.88 -5.71 1.57
CA MET C 240 -49.75 -4.81 1.81
C MET C 240 -48.89 -4.78 0.56
N CYS C 241 -48.60 -5.96 0.04
CA CYS C 241 -47.84 -6.09 -1.19
C CYS C 241 -48.52 -5.47 -2.41
N TRP C 242 -49.82 -5.72 -2.63
CA TRP C 242 -50.44 -5.20 -3.85
C TRP C 242 -50.47 -3.68 -3.96
N GLN C 243 -50.86 -2.97 -2.90
CA GLN C 243 -50.94 -1.50 -3.00
C GLN C 243 -49.61 -0.77 -3.06
N ALA C 244 -48.62 -1.20 -2.30
CA ALA C 244 -47.32 -0.61 -2.41
C ALA C 244 -46.79 -0.71 -3.86
N ILE C 245 -46.84 -1.90 -4.45
CA ILE C 245 -46.46 -2.06 -5.84
C ILE C 245 -47.40 -1.24 -6.72
N ASP C 246 -48.64 -1.12 -6.27
CA ASP C 246 -49.60 -0.31 -6.98
C ASP C 246 -49.20 1.16 -6.88
N GLN C 247 -48.48 1.52 -5.82
CA GLN C 247 -48.06 2.91 -5.69
C GLN C 247 -46.57 3.09 -6.01
N GLY C 248 -45.98 2.15 -6.73
CA GLY C 248 -44.67 2.38 -7.31
C GLY C 248 -43.49 1.59 -6.75
N ALA C 249 -43.73 0.73 -5.76
CA ALA C 249 -42.65 -0.02 -5.14
C ALA C 249 -41.98 -0.99 -6.12
N SER C 250 -40.65 -1.13 -6.01
CA SER C 250 -39.90 -1.98 -6.92
C SER C 250 -39.72 -3.38 -6.37
N GLY C 251 -40.49 -3.73 -5.36
CA GLY C 251 -40.41 -5.07 -4.81
C GLY C 251 -40.55 -5.13 -3.31
N VAL C 252 -40.19 -6.28 -2.74
CA VAL C 252 -40.35 -6.52 -1.32
C VAL C 252 -39.04 -7.02 -0.73
N ASP C 253 -38.83 -6.70 0.54
CA ASP C 253 -37.74 -7.27 1.31
C ASP C 253 -38.43 -7.94 2.49
N MET C 254 -39.10 -9.03 2.18
CA MET C 254 -40.01 -9.69 3.12
C MET C 254 -39.30 -10.79 3.88
N GLY C 255 -39.79 -11.07 5.09
CA GLY C 255 -39.28 -12.15 5.90
C GLY C 255 -40.40 -12.89 6.58
N ARG C 256 -40.82 -12.38 7.74
CA ARG C 256 -41.66 -13.13 8.67
C ARG C 256 -43.05 -13.42 8.13
N ASN C 257 -43.49 -12.66 7.13
CA ASN C 257 -44.77 -12.96 6.52
C ASN C 257 -44.63 -14.16 5.60
N ILE C 258 -43.39 -14.60 5.40
CA ILE C 258 -43.11 -15.82 4.66
C ILE C 258 -42.63 -16.97 5.54
N PHE C 259 -41.52 -16.79 6.26
CA PHE C 259 -40.98 -17.94 7.01
C PHE C 259 -41.68 -18.20 8.34
N GLN C 260 -42.51 -17.27 8.81
CA GLN C 260 -43.32 -17.53 10.01
C GLN C 260 -44.68 -18.03 9.58
N SER C 261 -44.97 -17.86 8.30
CA SER C 261 -46.18 -18.41 7.75
C SER C 261 -46.08 -19.90 7.97
N ASP C 262 -47.21 -20.58 8.07
CA ASP C 262 -47.16 -22.01 8.30
C ASP C 262 -47.22 -22.72 6.95
N HIS C 263 -47.14 -21.93 5.88
CA HIS C 263 -47.07 -22.43 4.50
C HIS C 263 -46.11 -21.59 3.64
N PRO C 264 -44.79 -21.68 3.94
CA PRO C 264 -43.82 -20.72 3.39
C PRO C 264 -43.67 -20.73 1.87
N VAL C 265 -43.57 -21.90 1.24
CA VAL C 265 -43.40 -21.96 -0.21
C VAL C 265 -44.61 -21.42 -0.96
N ALA C 266 -45.80 -21.71 -0.45
CA ALA C 266 -47.05 -21.32 -1.09
C ALA C 266 -47.26 -19.83 -0.89
N MET C 267 -46.62 -19.30 0.14
CA MET C 267 -46.65 -17.88 0.41
C MET C 267 -45.83 -17.06 -0.57
N MET C 268 -44.64 -17.52 -0.96
CA MET C 268 -43.88 -16.70 -1.91
C MET C 268 -44.38 -16.69 -3.32
N LYS C 269 -44.92 -17.80 -3.78
CA LYS C 269 -45.51 -17.82 -5.12
C LYS C 269 -46.66 -16.83 -5.15
N ALA C 270 -47.33 -16.68 -4.01
CA ALA C 270 -48.40 -15.70 -3.90
C ALA C 270 -47.78 -14.30 -3.96
N VAL C 271 -46.63 -14.14 -3.29
CA VAL C 271 -45.91 -12.88 -3.33
C VAL C 271 -45.31 -12.57 -4.71
N GLN C 272 -44.74 -13.56 -5.40
CA GLN C 272 -44.27 -13.31 -6.78
C GLN C 272 -45.37 -12.80 -7.70
N ALA C 273 -46.54 -13.42 -7.61
CA ALA C 273 -47.64 -13.10 -8.51
C ALA C 273 -48.13 -11.68 -8.30
N VAL C 274 -48.22 -11.26 -7.05
CA VAL C 274 -48.66 -9.89 -6.78
C VAL C 274 -47.63 -8.87 -7.30
N VAL C 275 -46.35 -9.19 -7.18
CA VAL C 275 -45.27 -8.28 -7.53
C VAL C 275 -45.02 -8.12 -9.00
N HIS C 276 -44.85 -9.27 -9.62
CA HIS C 276 -44.38 -9.46 -10.97
C HIS C 276 -45.44 -9.53 -12.03
N HIS C 277 -46.48 -10.29 -11.71
CA HIS C 277 -47.49 -10.65 -12.67
C HIS C 277 -48.69 -9.72 -12.56
N ASN C 278 -48.53 -8.65 -11.77
CA ASN C 278 -49.57 -7.68 -11.51
C ASN C 278 -50.88 -8.40 -11.12
N GLU C 279 -50.78 -9.34 -10.19
CA GLU C 279 -51.95 -10.10 -9.77
C GLU C 279 -52.65 -9.25 -8.70
N THR C 280 -53.97 -9.14 -8.72
CA THR C 280 -54.67 -8.48 -7.61
C THR C 280 -54.50 -9.39 -6.39
N ALA C 281 -54.47 -8.81 -5.20
CA ALA C 281 -54.28 -9.56 -3.96
C ALA C 281 -55.26 -10.71 -3.75
N ASP C 282 -56.52 -10.56 -4.16
CA ASP C 282 -57.49 -11.63 -3.90
C ASP C 282 -57.70 -12.55 -5.10
N ARG C 283 -56.95 -12.31 -6.16
CA ARG C 283 -56.85 -13.30 -7.24
C ARG C 283 -55.44 -13.87 -7.13
N ALA C 284 -54.63 -13.27 -6.28
CA ALA C 284 -53.32 -13.82 -5.96
C ALA C 284 -53.54 -14.99 -5.00
N TYR C 285 -54.59 -14.86 -4.18
CA TYR C 285 -54.93 -15.89 -3.21
C TYR C 285 -55.54 -17.10 -3.90
N GLU C 286 -56.07 -16.90 -5.11
CA GLU C 286 -56.63 -17.99 -5.92
C GLU C 286 -55.91 -19.30 -5.72
N LEU C 287 -54.76 -19.41 -6.35
CA LEU C 287 -53.87 -20.53 -6.16
C LEU C 287 -52.68 -20.24 -5.24
N TYR C 288 -53.01 -19.64 -4.09
CA TYR C 288 -52.12 -19.60 -2.94
C TYR C 288 -52.08 -21.01 -2.36
N LEU C 289 -53.25 -21.66 -2.36
CA LEU C 289 -53.41 -23.08 -1.95
C LEU C 289 -53.36 -23.96 -3.18
N SER C 290 -52.17 -24.10 -3.74
CA SER C 290 -51.95 -24.98 -4.91
C SER C 290 -51.59 -26.41 -4.56
N GLU C 291 -50.28 -26.68 -4.61
CA GLU C 291 -49.63 -27.92 -4.24
C GLU C 291 -50.25 -28.81 -3.14
N ASP D 11 1.07 -46.93 -23.41
CA ASP D 11 -0.17 -47.34 -24.05
C ASP D 11 -0.82 -48.39 -23.14
N GLY D 12 -0.02 -48.98 -22.25
CA GLY D 12 -0.53 -49.90 -21.25
C GLY D 12 -0.77 -49.26 -19.89
N LYS D 13 -0.71 -47.94 -19.87
CA LYS D 13 -0.94 -47.14 -18.68
C LYS D 13 -2.43 -46.86 -18.49
N ASP D 14 -2.80 -46.64 -17.23
CA ASP D 14 -4.18 -46.77 -16.79
C ASP D 14 -4.78 -45.49 -16.22
N PHE D 15 -5.58 -44.81 -17.04
CA PHE D 15 -6.21 -43.56 -16.64
C PHE D 15 -7.57 -43.83 -16.00
N ARG D 16 -7.90 -45.12 -15.88
CA ARG D 16 -9.16 -45.58 -15.29
C ARG D 16 -10.40 -44.87 -15.83
N THR D 17 -10.61 -44.94 -17.13
CA THR D 17 -11.78 -44.30 -17.76
C THR D 17 -13.09 -44.85 -17.22
N ASP D 18 -13.05 -46.09 -16.76
CA ASP D 18 -14.18 -46.76 -16.12
C ASP D 18 -14.62 -46.17 -14.79
N GLN D 19 -13.75 -45.43 -14.13
CA GLN D 19 -14.02 -44.97 -12.78
C GLN D 19 -14.28 -43.46 -12.72
N PRO D 20 -15.56 -43.07 -12.56
CA PRO D 20 -15.99 -41.68 -12.51
C PRO D 20 -15.34 -40.92 -11.37
N GLN D 21 -15.03 -39.65 -11.57
CA GLN D 21 -14.54 -38.88 -10.44
C GLN D 21 -15.69 -38.47 -9.53
N LYS D 22 -15.48 -38.59 -8.23
CA LYS D 22 -16.52 -38.18 -7.29
C LYS D 22 -15.85 -37.40 -6.15
N ASN D 23 -16.43 -36.24 -5.80
CA ASN D 23 -15.89 -35.41 -4.74
C ASN D 23 -16.10 -36.00 -3.34
N ILE D 24 -15.05 -35.96 -2.52
CA ILE D 24 -15.12 -36.45 -1.15
C ILE D 24 -15.57 -35.33 -0.20
N PRO D 25 -16.75 -35.52 0.43
CA PRO D 25 -17.42 -34.54 1.30
C PRO D 25 -16.68 -34.15 2.58
N PHE D 26 -16.75 -32.85 2.91
CA PHE D 26 -16.28 -32.31 4.19
C PHE D 26 -17.46 -32.08 5.14
N THR D 27 -17.56 -32.90 6.18
CA THR D 27 -18.77 -32.95 7.01
C THR D 27 -18.76 -32.12 8.31
N LEU D 28 -17.63 -31.50 8.68
CA LEU D 28 -17.62 -30.62 9.85
C LEU D 28 -18.73 -29.58 9.72
N LYS D 29 -19.60 -29.53 10.72
CA LYS D 29 -20.87 -28.81 10.69
C LYS D 29 -20.75 -27.35 10.25
N GLY D 30 -21.45 -26.99 9.17
CA GLY D 30 -21.46 -25.61 8.71
C GLY D 30 -20.15 -25.12 8.12
N CYS D 31 -19.28 -26.05 7.74
CA CYS D 31 -17.99 -25.69 7.17
C CYS D 31 -17.77 -26.37 5.81
N GLY D 32 -18.85 -26.60 5.09
CA GLY D 32 -18.76 -27.30 3.82
C GLY D 32 -18.59 -26.39 2.61
N ALA D 33 -18.55 -25.08 2.85
CA ALA D 33 -18.38 -24.11 1.77
C ALA D 33 -17.22 -23.16 2.05
N LEU D 34 -16.11 -23.71 2.53
CA LEU D 34 -14.92 -22.94 2.82
C LEU D 34 -13.74 -23.37 1.96
N ASP D 35 -12.77 -22.49 1.80
CA ASP D 35 -11.57 -22.80 1.02
C ASP D 35 -10.82 -23.94 1.69
N TRP D 36 -10.00 -24.64 0.91
CA TRP D 36 -9.24 -25.80 1.38
C TRP D 36 -8.47 -25.52 2.66
N GLY D 37 -7.73 -24.40 2.66
CA GLY D 37 -6.87 -24.05 3.77
C GLY D 37 -7.57 -23.79 5.09
N MET D 38 -8.72 -23.11 5.03
CA MET D 38 -9.50 -22.86 6.22
C MET D 38 -10.08 -24.17 6.75
N GLN D 39 -10.54 -25.01 5.84
CA GLN D 39 -11.03 -26.34 6.18
C GLN D 39 -9.88 -27.22 6.66
N SER D 40 -8.67 -26.95 6.16
CA SER D 40 -7.47 -27.67 6.58
C SER D 40 -7.10 -27.40 8.03
N ARG D 41 -7.12 -26.12 8.43
CA ARG D 41 -6.80 -25.72 9.79
C ARG D 41 -7.82 -26.26 10.77
N LEU D 42 -9.08 -26.27 10.34
CA LEU D 42 -10.19 -26.79 11.14
C LEU D 42 -10.05 -28.28 11.40
N SER D 43 -9.33 -28.97 10.53
CA SER D 43 -9.11 -30.41 10.68
C SER D 43 -8.05 -30.69 11.75
N ARG D 44 -7.20 -29.70 11.99
CA ARG D 44 -6.19 -29.80 13.04
C ARG D 44 -6.82 -29.69 14.42
N ILE D 45 -7.89 -28.90 14.51
CA ILE D 45 -8.60 -28.71 15.77
C ILE D 45 -9.60 -29.83 15.96
N PHE D 46 -10.51 -29.93 15.01
CA PHE D 46 -11.54 -30.96 15.00
C PHE D 46 -11.07 -32.20 14.28
N ASN D 47 -10.90 -33.25 15.06
CA ASN D 47 -10.45 -34.53 14.58
C ASN D 47 -11.37 -35.06 13.48
N PRO D 48 -10.81 -35.37 12.30
CA PRO D 48 -11.59 -35.69 11.10
C PRO D 48 -12.44 -36.97 11.20
N LYS D 49 -12.10 -37.78 12.16
CA LYS D 49 -12.79 -39.02 12.47
C LYS D 49 -13.94 -38.75 13.39
N THR D 50 -13.70 -37.76 14.23
CA THR D 50 -14.60 -37.45 15.32
C THR D 50 -15.51 -36.23 15.15
N GLY D 51 -15.03 -35.21 14.45
CA GLY D 51 -15.78 -33.95 14.31
C GLY D 51 -15.81 -33.15 15.60
N LYS D 52 -15.05 -33.62 16.60
CA LYS D 52 -14.98 -32.96 17.90
C LYS D 52 -13.51 -32.73 18.32
N THR D 53 -13.32 -31.97 19.40
CA THR D 53 -11.97 -31.64 19.88
C THR D 53 -11.91 -31.59 21.40
N VAL D 54 -10.72 -31.81 21.94
CA VAL D 54 -10.47 -31.55 23.35
C VAL D 54 -9.41 -30.46 23.38
N MET D 55 -9.82 -29.24 23.69
CA MET D 55 -8.93 -28.10 23.64
C MET D 55 -8.42 -27.73 25.02
N LEU D 56 -7.11 -27.62 25.15
CA LEU D 56 -6.49 -27.26 26.42
C LEU D 56 -6.23 -25.78 26.51
N ALA D 57 -7.08 -25.08 27.27
CA ALA D 57 -6.94 -23.64 27.40
C ALA D 57 -6.05 -23.32 28.58
N PHE D 58 -5.05 -22.49 28.36
CA PHE D 58 -4.21 -21.96 29.42
C PHE D 58 -3.93 -20.51 29.03
N ASP D 59 -5.02 -19.86 28.63
CA ASP D 59 -5.00 -18.48 28.22
C ASP D 59 -5.44 -17.50 29.30
N HIS D 60 -5.84 -17.97 30.48
CA HIS D 60 -6.55 -17.05 31.37
C HIS D 60 -5.66 -15.92 31.92
N GLY D 61 -4.35 -16.06 31.80
CA GLY D 61 -3.47 -15.03 32.29
C GLY D 61 -3.51 -13.73 31.48
N TYR D 62 -4.24 -13.70 30.38
CA TYR D 62 -4.26 -12.51 29.53
C TYR D 62 -5.02 -11.35 30.19
N PHE D 63 -5.74 -11.66 31.28
CA PHE D 63 -6.42 -10.63 32.06
C PHE D 63 -6.44 -10.96 33.56
N GLN D 64 -5.99 -12.16 33.91
CA GLN D 64 -6.00 -12.61 35.31
C GLN D 64 -4.64 -12.72 35.99
N GLY D 65 -3.57 -12.77 35.20
CA GLY D 65 -2.26 -13.00 35.77
C GLY D 65 -2.04 -14.45 36.18
N PRO D 66 -1.11 -14.67 37.11
CA PRO D 66 -0.74 -16.03 37.56
C PRO D 66 -1.87 -16.73 38.31
N THR D 67 -2.83 -17.24 37.55
CA THR D 67 -3.95 -17.99 38.11
C THR D 67 -3.36 -19.22 38.80
N THR D 68 -4.08 -19.80 39.75
CA THR D 68 -3.60 -20.95 40.50
C THR D 68 -3.35 -22.01 39.48
N GLY D 69 -2.15 -22.59 39.39
CA GLY D 69 -1.87 -23.60 38.38
C GLY D 69 -1.23 -23.12 37.07
N LEU D 70 -1.35 -21.84 36.74
CA LEU D 70 -0.72 -21.23 35.56
C LEU D 70 0.30 -20.27 36.10
N GLU D 71 0.69 -20.43 37.36
CA GLU D 71 1.75 -19.57 37.86
C GLU D 71 3.05 -20.02 37.16
N ARG D 72 3.16 -21.33 36.91
CA ARG D 72 4.32 -21.88 36.22
C ARG D 72 3.93 -22.76 35.04
N ILE D 73 3.78 -22.17 33.86
CA ILE D 73 3.38 -22.91 32.65
C ILE D 73 4.36 -23.99 32.20
N ASP D 74 5.65 -23.68 32.29
CA ASP D 74 6.70 -24.59 31.83
C ASP D 74 6.85 -25.88 32.62
N ILE D 75 6.37 -25.92 33.86
CA ILE D 75 6.63 -27.09 34.70
C ILE D 75 5.36 -27.90 34.88
N ASN D 76 4.24 -27.22 35.07
CA ASN D 76 2.99 -27.92 35.33
C ASN D 76 2.04 -28.00 34.13
N ILE D 77 2.31 -27.22 33.08
CA ILE D 77 1.46 -27.29 31.90
C ILE D 77 2.18 -27.90 30.71
N ALA D 78 3.50 -27.75 30.70
CA ALA D 78 4.34 -28.33 29.65
C ALA D 78 4.19 -29.85 29.53
N PRO D 79 4.16 -30.60 30.65
CA PRO D 79 4.00 -32.05 30.44
C PRO D 79 2.60 -32.48 29.97
N LEU D 80 1.69 -31.51 29.81
CA LEU D 80 0.31 -31.83 29.45
C LEU D 80 0.00 -31.58 27.96
N PHE D 81 0.90 -30.88 27.29
CA PHE D 81 0.72 -30.49 25.90
C PHE D 81 0.52 -31.68 24.96
N GLU D 82 1.38 -32.69 25.10
CA GLU D 82 1.35 -33.89 24.28
C GLU D 82 0.01 -34.57 24.29
N HIS D 83 -0.72 -34.36 25.37
CA HIS D 83 -1.95 -35.08 25.57
C HIS D 83 -3.16 -34.24 25.13
N ALA D 84 -2.91 -33.09 24.52
CA ALA D 84 -4.01 -32.25 24.06
C ALA D 84 -4.18 -32.34 22.55
N ASP D 85 -5.41 -32.20 22.07
CA ASP D 85 -5.66 -32.18 20.64
C ASP D 85 -5.15 -30.86 20.11
N VAL D 86 -5.50 -29.80 20.84
CA VAL D 86 -5.12 -28.45 20.46
C VAL D 86 -4.80 -27.63 21.72
N LEU D 87 -3.74 -26.83 21.63
CA LEU D 87 -3.37 -25.95 22.73
C LEU D 87 -3.98 -24.57 22.53
N MET D 88 -4.42 -23.96 23.62
CA MET D 88 -4.91 -22.59 23.55
C MET D 88 -4.20 -21.68 24.54
N CYS D 89 -3.47 -20.71 24.02
CA CYS D 89 -2.70 -19.79 24.85
C CYS D 89 -2.48 -18.46 24.16
N THR D 90 -1.61 -17.64 24.74
CA THR D 90 -1.26 -16.36 24.13
C THR D 90 0.07 -16.49 23.39
N ARG D 91 0.36 -15.53 22.53
CA ARG D 91 1.61 -15.57 21.77
C ARG D 91 2.82 -15.35 22.70
N GLY D 92 2.59 -14.64 23.79
CA GLY D 92 3.63 -14.40 24.78
C GLY D 92 3.97 -15.70 25.48
N ILE D 93 2.93 -16.46 25.84
CA ILE D 93 3.12 -17.77 26.47
C ILE D 93 3.64 -18.75 25.44
N LEU D 94 3.12 -18.65 24.23
CA LEU D 94 3.52 -19.54 23.14
C LEU D 94 5.00 -19.47 22.83
N ARG D 95 5.48 -18.26 22.55
CA ARG D 95 6.89 -18.06 22.21
C ARG D 95 7.84 -18.27 23.38
N SER D 96 7.38 -18.00 24.60
CA SER D 96 8.25 -18.06 25.77
C SER D 96 8.43 -19.47 26.33
N VAL D 97 7.33 -20.16 26.61
CA VAL D 97 7.41 -21.41 27.37
C VAL D 97 6.85 -22.62 26.64
N VAL D 98 6.21 -22.40 25.50
CA VAL D 98 5.70 -23.50 24.68
C VAL D 98 6.66 -23.83 23.52
N PRO D 99 7.34 -24.98 23.62
CA PRO D 99 8.30 -25.41 22.58
C PRO D 99 7.62 -25.69 21.25
N PRO D 100 8.17 -25.15 20.15
CA PRO D 100 7.66 -25.41 18.80
C PRO D 100 7.60 -26.90 18.48
N ALA D 101 8.58 -27.65 18.97
CA ALA D 101 8.70 -29.08 18.69
C ALA D 101 7.60 -29.92 19.34
N THR D 102 6.80 -29.27 20.17
CA THR D 102 5.63 -29.90 20.80
C THR D 102 4.68 -30.43 19.72
N ASN D 103 4.61 -29.75 18.58
CA ASN D 103 3.85 -30.21 17.42
C ASN D 103 2.36 -30.47 17.65
N ARG D 104 1.64 -29.45 18.15
CA ARG D 104 0.19 -29.52 18.28
C ARG D 104 -0.44 -28.27 17.68
N PRO D 105 -1.67 -28.39 17.18
CA PRO D 105 -2.45 -27.23 16.71
C PRO D 105 -2.60 -26.20 17.83
N VAL D 106 -2.47 -24.92 17.50
CA VAL D 106 -2.59 -23.86 18.51
C VAL D 106 -3.71 -22.87 18.16
N VAL D 107 -4.50 -22.51 19.16
CA VAL D 107 -5.52 -21.47 19.01
C VAL D 107 -5.13 -20.23 19.83
N LEU D 108 -4.84 -19.13 19.14
CA LEU D 108 -4.31 -17.92 19.77
C LEU D 108 -5.37 -17.01 20.38
N ARG D 109 -5.11 -16.54 21.60
CA ARG D 109 -5.90 -15.45 22.18
C ARG D 109 -5.49 -14.15 21.47
N ALA D 110 -6.41 -13.54 20.72
CA ALA D 110 -6.08 -12.34 19.95
C ALA D 110 -6.84 -11.15 20.50
N SER D 111 -7.25 -11.26 21.76
CA SER D 111 -7.95 -10.16 22.42
C SER D 111 -7.42 -9.96 23.84
N GLY D 112 -7.60 -8.75 24.35
CA GLY D 112 -7.11 -8.39 25.67
C GLY D 112 -7.36 -6.93 26.00
N ALA D 113 -6.45 -6.31 26.74
CA ALA D 113 -6.57 -4.93 27.21
C ALA D 113 -7.70 -4.80 28.26
N ASN D 114 -7.98 -5.90 28.94
CA ASN D 114 -8.87 -5.89 30.10
C ASN D 114 -8.17 -6.48 31.33
N SER D 115 -8.80 -6.35 32.50
CA SER D 115 -8.29 -6.97 33.72
C SER D 115 -9.40 -7.13 34.77
N ILE D 116 -9.12 -7.95 35.78
CA ILE D 116 -10.08 -8.22 36.84
C ILE D 116 -10.28 -7.05 37.80
N LEU D 117 -9.45 -6.01 37.68
CA LEU D 117 -9.57 -4.84 38.54
C LEU D 117 -10.34 -3.70 37.91
N ALA D 118 -10.56 -3.80 36.61
CA ALA D 118 -11.33 -2.80 35.88
C ALA D 118 -12.46 -3.58 35.18
N GLU D 119 -13.12 -2.97 34.20
CA GLU D 119 -14.20 -3.65 33.46
C GLU D 119 -13.67 -4.73 32.54
N LEU D 120 -14.41 -5.83 32.56
CA LEU D 120 -14.00 -7.15 32.12
C LEU D 120 -14.23 -7.32 30.63
N SER D 121 -15.23 -6.62 30.14
CA SER D 121 -15.61 -6.63 28.74
C SER D 121 -14.86 -5.63 27.87
N ASN D 122 -14.05 -4.78 28.50
CA ASN D 122 -13.34 -3.77 27.75
C ASN D 122 -12.15 -4.40 27.08
N GLU D 123 -12.44 -5.17 26.03
CA GLU D 123 -11.41 -5.88 25.30
C GLU D 123 -11.12 -5.28 23.94
N ALA D 124 -9.87 -5.39 23.51
CA ALA D 124 -9.45 -5.02 22.16
C ALA D 124 -8.64 -6.14 21.52
N VAL D 125 -8.47 -6.07 20.20
CA VAL D 125 -7.65 -7.05 19.49
C VAL D 125 -6.21 -7.03 20.01
N ALA D 126 -5.68 -8.19 20.38
CA ALA D 126 -4.40 -8.24 21.07
C ALA D 126 -3.26 -8.70 20.17
N LEU D 127 -3.59 -9.15 18.97
CA LEU D 127 -2.57 -9.47 17.97
C LEU D 127 -3.16 -9.41 16.56
N SER D 128 -2.34 -8.92 15.64
CA SER D 128 -2.71 -8.84 14.24
C SER D 128 -2.74 -10.20 13.57
N MET D 129 -3.53 -10.31 12.51
CA MET D 129 -3.59 -11.54 11.70
C MET D 129 -2.22 -11.83 11.10
N ASP D 130 -1.46 -10.76 10.84
CA ASP D 130 -0.08 -10.85 10.40
C ASP D 130 0.74 -11.74 11.34
N ASP D 131 0.58 -11.54 12.64
CA ASP D 131 1.34 -12.30 13.62
C ASP D 131 0.71 -13.65 13.94
N ALA D 132 -0.61 -13.73 13.78
CA ALA D 132 -1.30 -15.00 13.94
C ALA D 132 -0.83 -15.99 12.88
N VAL D 133 -0.63 -15.47 11.67
CA VAL D 133 -0.09 -16.26 10.57
C VAL D 133 1.38 -16.64 10.77
N ARG D 134 2.20 -15.68 11.19
CA ARG D 134 3.63 -15.92 11.40
C ARG D 134 3.89 -17.06 12.38
N LEU D 135 2.97 -17.25 13.32
CA LEU D 135 3.11 -18.31 14.32
C LEU D 135 2.39 -19.58 13.89
N ASN D 136 1.87 -19.57 12.66
CA ASN D 136 1.19 -20.73 12.08
C ASN D 136 0.02 -21.20 12.94
N SER D 137 -0.81 -20.25 13.35
CA SER D 137 -1.99 -20.56 14.16
C SER D 137 -3.01 -21.35 13.36
N CYS D 138 -3.85 -22.11 14.07
CA CYS D 138 -4.96 -22.81 13.42
C CYS D 138 -6.23 -21.98 13.53
N ALA D 139 -6.24 -21.06 14.49
CA ALA D 139 -7.37 -20.16 14.69
C ALA D 139 -7.02 -19.03 15.66
N VAL D 140 -7.82 -17.98 15.65
CA VAL D 140 -7.70 -16.91 16.62
C VAL D 140 -8.99 -16.87 17.42
N ALA D 141 -8.91 -16.47 18.67
CA ALA D 141 -10.07 -16.47 19.55
C ALA D 141 -10.28 -15.11 20.20
N ALA D 142 -11.53 -14.71 20.37
CA ALA D 142 -11.86 -13.45 21.01
C ALA D 142 -13.16 -13.56 21.78
N GLN D 143 -13.32 -12.72 22.79
CA GLN D 143 -14.55 -12.68 23.58
C GLN D 143 -15.61 -11.83 22.91
N VAL D 144 -16.84 -12.34 22.93
CA VAL D 144 -17.98 -11.52 22.60
C VAL D 144 -18.78 -11.29 23.89
N TYR D 145 -19.12 -10.04 24.17
CA TYR D 145 -19.75 -9.68 25.44
C TYR D 145 -21.14 -9.11 25.30
N ILE D 146 -22.10 -9.88 24.80
CA ILE D 146 -23.44 -9.34 24.60
C ILE D 146 -24.15 -9.13 25.95
N GLY D 147 -24.70 -7.93 26.13
CA GLY D 147 -25.38 -7.51 27.34
C GLY D 147 -24.51 -6.77 28.35
N SER D 148 -23.20 -6.68 28.08
CA SER D 148 -22.28 -5.97 28.97
C SER D 148 -22.01 -4.56 28.46
N GLU D 149 -21.26 -3.78 29.25
CA GLU D 149 -20.95 -2.39 28.91
C GLU D 149 -20.26 -2.19 27.56
N TYR D 150 -19.22 -2.97 27.26
CA TYR D 150 -18.50 -2.78 26.00
C TYR D 150 -18.82 -3.87 25.00
N GLU D 151 -20.09 -4.24 24.92
CA GLU D 151 -20.59 -5.22 23.97
C GLU D 151 -20.39 -4.84 22.52
N HIS D 152 -20.63 -3.57 22.19
CA HIS D 152 -20.49 -3.08 20.83
C HIS D 152 -19.09 -3.37 20.33
N GLN D 153 -18.10 -2.98 21.13
CA GLN D 153 -16.69 -3.20 20.82
C GLN D 153 -16.37 -4.69 20.67
N SER D 154 -16.95 -5.52 21.54
CA SER D 154 -16.67 -6.95 21.56
C SER D 154 -17.12 -7.64 20.28
N ILE D 155 -18.25 -7.20 19.75
CA ILE D 155 -18.74 -7.74 18.50
C ILE D 155 -17.85 -7.24 17.37
N LYS D 156 -17.41 -5.98 17.47
CA LYS D 156 -16.51 -5.42 16.47
C LYS D 156 -15.16 -6.13 16.40
N ASN D 157 -14.62 -6.56 17.54
CA ASN D 157 -13.38 -7.33 17.53
C ASN D 157 -13.48 -8.60 16.68
N ILE D 158 -14.60 -9.30 16.77
CA ILE D 158 -14.81 -10.49 15.98
C ILE D 158 -14.79 -10.19 14.48
N ILE D 159 -15.55 -9.18 14.09
CA ILE D 159 -15.62 -8.73 12.70
C ILE D 159 -14.25 -8.46 12.09
N GLN D 160 -13.39 -7.75 12.83
CA GLN D 160 -12.07 -7.41 12.32
C GLN D 160 -11.25 -8.67 12.14
N LEU D 161 -11.33 -9.60 13.09
CA LEU D 161 -10.61 -10.85 12.98
C LEU D 161 -11.15 -11.67 11.81
N VAL D 162 -12.46 -11.65 11.64
CA VAL D 162 -13.10 -12.37 10.54
C VAL D 162 -12.79 -11.72 9.20
N ASP D 163 -12.84 -10.39 9.15
CA ASP D 163 -12.48 -9.65 7.94
C ASP D 163 -11.04 -9.97 7.54
N ALA D 164 -10.16 -9.98 8.53
CA ALA D 164 -8.75 -10.29 8.32
C ALA D 164 -8.54 -11.77 8.05
N GLY D 165 -9.30 -12.61 8.74
CA GLY D 165 -9.16 -14.05 8.63
C GLY D 165 -9.46 -14.62 7.26
N MET D 166 -10.41 -14.01 6.55
CA MET D 166 -10.80 -14.48 5.23
C MET D 166 -9.72 -14.23 4.18
N LYS D 167 -8.89 -13.20 4.37
CA LYS D 167 -7.81 -12.94 3.42
C LYS D 167 -6.74 -14.01 3.42
N VAL D 168 -6.68 -14.80 4.51
CA VAL D 168 -5.54 -15.66 4.76
C VAL D 168 -5.96 -17.08 5.08
N GLY D 169 -7.26 -17.28 5.25
CA GLY D 169 -7.79 -18.61 5.50
C GLY D 169 -7.66 -19.03 6.95
N MET D 170 -7.66 -18.05 7.85
CA MET D 170 -7.48 -18.31 9.26
C MET D 170 -8.83 -18.25 9.99
N PRO D 171 -9.26 -19.38 10.55
CA PRO D 171 -10.51 -19.49 11.32
C PRO D 171 -10.52 -18.59 12.56
N THR D 172 -11.71 -18.11 12.92
CA THR D 172 -11.89 -17.29 14.12
C THR D 172 -12.79 -18.00 15.13
N MET D 173 -12.35 -18.07 16.38
CA MET D 173 -13.21 -18.62 17.41
C MET D 173 -13.82 -17.51 18.24
N ALA D 174 -15.14 -17.52 18.34
CA ALA D 174 -15.82 -16.58 19.20
C ALA D 174 -16.23 -17.30 20.47
N VAL D 175 -15.79 -16.79 21.60
CA VAL D 175 -16.20 -17.35 22.87
C VAL D 175 -17.12 -16.38 23.58
N THR D 176 -18.32 -16.86 23.87
CA THR D 176 -19.30 -16.04 24.53
C THR D 176 -19.03 -15.83 26.02
N GLY D 177 -18.47 -14.68 26.35
CA GLY D 177 -18.03 -14.41 27.70
C GLY D 177 -19.00 -13.78 28.68
N VAL D 178 -19.36 -14.58 29.69
CA VAL D 178 -20.18 -14.06 30.77
C VAL D 178 -19.27 -13.42 31.81
N GLY D 179 -19.81 -12.41 32.47
CA GLY D 179 -19.07 -11.72 33.51
C GLY D 179 -19.58 -11.89 34.92
N LYS D 180 -19.75 -10.70 35.51
CA LYS D 180 -20.19 -10.44 36.87
C LYS D 180 -21.42 -11.24 37.27
N ASP D 181 -22.54 -10.54 37.34
CA ASP D 181 -23.80 -11.14 37.70
C ASP D 181 -24.69 -11.15 36.48
N MET D 182 -24.71 -12.28 35.79
CA MET D 182 -25.49 -12.40 34.55
C MET D 182 -26.09 -13.77 34.56
N VAL D 183 -27.39 -13.85 34.31
CA VAL D 183 -28.03 -15.14 34.32
C VAL D 183 -27.65 -16.00 33.11
N ARG D 184 -26.92 -17.06 33.41
CA ARG D 184 -26.58 -18.08 32.45
C ARG D 184 -27.76 -18.99 32.11
N ASP D 185 -28.48 -18.69 31.04
CA ASP D 185 -29.51 -19.64 30.63
C ASP D 185 -29.40 -19.86 29.12
N GLN D 186 -30.26 -20.72 28.61
CA GLN D 186 -30.20 -21.11 27.22
C GLN D 186 -30.62 -20.00 26.27
N ARG D 187 -31.61 -19.21 26.66
CA ARG D 187 -32.07 -18.14 25.79
C ARG D 187 -31.03 -17.06 25.61
N TYR D 188 -30.16 -16.88 26.60
CA TYR D 188 -29.11 -15.89 26.43
C TYR D 188 -28.00 -16.41 25.54
N PHE D 189 -27.52 -17.62 25.82
CA PHE D 189 -26.41 -18.17 25.05
C PHE D 189 -26.86 -18.49 23.63
N SER D 190 -28.14 -18.77 23.45
CA SER D 190 -28.67 -18.92 22.10
C SER D 190 -28.58 -17.59 21.37
N LEU D 191 -28.84 -16.50 22.09
CA LEU D 191 -28.71 -15.16 21.55
C LEU D 191 -27.26 -14.86 21.26
N ALA D 192 -26.46 -15.19 22.26
CA ALA D 192 -25.04 -14.91 22.26
C ALA D 192 -24.22 -15.71 21.24
N THR D 193 -24.37 -17.04 21.24
CA THR D 193 -23.64 -17.90 20.29
C THR D 193 -24.04 -17.64 18.84
N ARG D 194 -25.34 -17.52 18.61
CA ARG D 194 -25.87 -17.30 17.26
C ARG D 194 -25.37 -16.00 16.64
N ILE D 195 -25.39 -14.92 17.41
CA ILE D 195 -24.91 -13.64 16.91
C ILE D 195 -23.45 -13.74 16.46
N ALA D 196 -22.63 -14.43 17.27
CA ALA D 196 -21.23 -14.63 16.92
C ALA D 196 -21.10 -15.44 15.62
N ALA D 197 -21.85 -16.54 15.55
CA ALA D 197 -21.86 -17.38 14.35
C ALA D 197 -22.48 -16.63 13.17
N GLU D 198 -23.52 -15.86 13.43
CA GLU D 198 -24.20 -15.09 12.40
C GLU D 198 -23.25 -14.07 11.79
N MET D 199 -22.42 -13.46 12.63
CA MET D 199 -21.45 -12.47 12.17
C MET D 199 -20.31 -13.12 11.39
N GLY D 200 -20.11 -14.42 11.55
CA GLY D 200 -19.14 -15.13 10.74
C GLY D 200 -18.15 -16.04 11.42
N ALA D 201 -18.17 -16.09 12.76
CA ALA D 201 -17.25 -16.95 13.51
C ALA D 201 -17.45 -18.44 13.18
N GLN D 202 -16.37 -19.17 12.96
CA GLN D 202 -16.49 -20.58 12.58
C GLN D 202 -16.30 -21.60 13.70
N ILE D 203 -15.78 -21.20 14.85
CA ILE D 203 -15.90 -22.06 16.02
C ILE D 203 -16.42 -21.26 17.21
N ILE D 204 -17.36 -21.85 17.94
CA ILE D 204 -18.00 -21.20 19.08
C ILE D 204 -17.70 -21.93 20.38
N ALA D 205 -17.25 -21.17 21.36
CA ALA D 205 -17.01 -21.69 22.70
C ALA D 205 -18.09 -21.16 23.60
N THR D 206 -18.76 -22.04 24.32
CA THR D 206 -19.88 -21.66 25.16
C THR D 206 -19.89 -22.39 26.49
N TYR D 207 -20.91 -22.10 27.29
CA TYR D 207 -21.09 -22.69 28.60
C TYR D 207 -22.18 -23.75 28.51
N TYR D 208 -22.07 -24.81 29.29
CA TYR D 208 -23.13 -25.81 29.29
C TYR D 208 -24.29 -25.27 30.12
N VAL D 209 -25.51 -25.49 29.66
CA VAL D 209 -26.67 -25.11 30.45
C VAL D 209 -27.52 -26.37 30.65
N GLU D 210 -28.11 -26.50 31.83
CA GLU D 210 -28.78 -27.75 32.19
C GLU D 210 -30.15 -27.86 31.52
N LYS D 211 -30.64 -26.75 31.01
CA LYS D 211 -31.86 -26.72 30.20
C LYS D 211 -31.64 -25.99 28.89
N GLY D 212 -31.77 -26.71 27.79
CA GLY D 212 -31.77 -26.10 26.47
C GLY D 212 -30.40 -25.96 25.84
N PHE D 213 -29.44 -26.74 26.31
CA PHE D 213 -28.13 -26.71 25.64
C PHE D 213 -28.32 -27.29 24.26
N GLU D 214 -29.30 -28.18 24.17
CA GLU D 214 -29.71 -28.79 22.93
C GLU D 214 -30.17 -27.69 21.97
N ARG D 215 -30.64 -26.59 22.55
CA ARG D 215 -31.18 -25.48 21.77
C ARG D 215 -30.15 -24.45 21.32
N ILE D 216 -29.03 -24.31 22.03
CA ILE D 216 -28.03 -23.35 21.62
C ILE D 216 -27.15 -23.95 20.51
N VAL D 217 -26.94 -25.26 20.58
CA VAL D 217 -26.18 -25.98 19.57
C VAL D 217 -26.92 -26.00 18.24
N ALA D 218 -28.21 -26.30 18.30
CA ALA D 218 -29.05 -26.40 17.11
C ALA D 218 -29.17 -25.07 16.39
N GLY D 219 -29.27 -23.99 17.14
CA GLY D 219 -29.40 -22.67 16.55
C GLY D 219 -28.06 -22.16 16.06
N CYS D 220 -27.00 -22.88 16.39
CA CYS D 220 -25.66 -22.49 15.96
C CYS D 220 -25.20 -23.40 14.81
N PRO D 221 -24.98 -22.80 13.64
CA PRO D 221 -24.66 -23.47 12.37
C PRO D 221 -23.25 -24.05 12.31
N VAL D 222 -22.42 -23.71 13.28
CA VAL D 222 -21.00 -24.05 13.21
C VAL D 222 -20.63 -24.85 14.48
N PRO D 223 -19.47 -25.55 14.49
CA PRO D 223 -19.15 -26.37 15.67
C PRO D 223 -19.20 -25.57 16.98
N ILE D 224 -19.71 -26.23 18.02
CA ILE D 224 -19.81 -25.62 19.34
C ILE D 224 -18.95 -26.36 20.38
N VAL D 225 -18.13 -25.60 21.09
CA VAL D 225 -17.27 -26.14 22.14
C VAL D 225 -17.68 -25.66 23.55
N ILE D 226 -17.44 -26.50 24.57
CA ILE D 226 -17.81 -26.18 25.94
C ILE D 226 -16.68 -25.52 26.72
N ALA D 227 -17.04 -24.50 27.49
CA ALA D 227 -16.14 -23.91 28.47
C ALA D 227 -16.22 -24.70 29.78
N GLY D 228 -15.08 -24.86 30.45
CA GLY D 228 -15.01 -25.67 31.66
C GLY D 228 -15.69 -25.14 32.90
N GLY D 229 -15.54 -23.84 33.13
CA GLY D 229 -16.05 -23.22 34.35
C GLY D 229 -15.04 -23.46 35.46
N LYS D 230 -15.40 -23.10 36.69
CA LYS D 230 -14.49 -23.31 37.81
C LYS D 230 -14.21 -24.82 38.04
N LYS D 231 -13.04 -25.12 38.61
CA LYS D 231 -12.59 -26.51 38.79
C LYS D 231 -13.47 -27.18 39.81
N LEU D 232 -13.91 -28.38 39.52
CA LEU D 232 -14.84 -29.08 40.36
C LEU D 232 -13.89 -30.23 40.82
N PRO D 233 -14.19 -31.03 41.89
CA PRO D 233 -13.33 -32.20 42.17
C PRO D 233 -13.06 -33.07 40.96
N GLU D 234 -11.86 -33.61 40.84
CA GLU D 234 -11.47 -34.16 39.54
C GLU D 234 -12.30 -35.16 38.70
N ARG D 235 -13.09 -36.06 39.25
CA ARG D 235 -14.12 -36.52 38.34
C ARG D 235 -15.37 -35.87 38.77
N GLU D 236 -15.59 -34.71 38.20
CA GLU D 236 -16.88 -34.12 38.33
C GLU D 236 -17.66 -34.23 37.08
N ALA D 237 -18.16 -33.06 36.71
CA ALA D 237 -19.09 -32.90 35.63
C ALA D 237 -18.43 -33.23 34.32
N LEU D 238 -17.99 -34.48 34.27
CA LEU D 238 -17.60 -35.11 33.05
C LEU D 238 -18.96 -35.53 32.51
N GLU D 239 -19.95 -35.41 33.41
CA GLU D 239 -21.35 -35.50 33.05
C GLU D 239 -21.68 -34.22 32.29
N MET D 240 -21.08 -33.09 32.67
CA MET D 240 -21.19 -31.86 31.88
C MET D 240 -20.62 -32.06 30.49
N CYS D 241 -19.41 -32.60 30.43
CA CYS D 241 -18.79 -32.92 29.15
C CYS D 241 -19.60 -33.96 28.41
N TRP D 242 -20.00 -35.00 29.12
CA TRP D 242 -20.81 -36.07 28.53
C TRP D 242 -22.11 -35.52 28.08
N GLN D 243 -22.72 -34.66 28.89
CA GLN D 243 -23.98 -34.10 28.48
C GLN D 243 -23.72 -33.23 27.26
N ALA D 244 -22.68 -32.41 27.30
CA ALA D 244 -22.36 -31.50 26.19
C ALA D 244 -22.18 -32.27 24.89
N ILE D 245 -21.32 -33.28 24.92
CA ILE D 245 -21.10 -34.12 23.75
C ILE D 245 -22.38 -34.84 23.30
N ASP D 246 -23.24 -35.21 24.25
CA ASP D 246 -24.44 -35.97 23.90
C ASP D 246 -25.54 -35.20 23.15
N GLN D 247 -25.67 -33.90 23.45
CA GLN D 247 -26.61 -33.01 22.76
C GLN D 247 -25.95 -32.01 21.79
N GLY D 248 -24.79 -32.37 21.25
CA GLY D 248 -24.26 -31.66 20.09
C GLY D 248 -23.00 -30.82 20.21
N ALA D 249 -22.41 -30.73 21.40
CA ALA D 249 -21.19 -29.96 21.53
C ALA D 249 -20.11 -30.66 20.71
N SER D 250 -19.32 -29.87 19.98
CA SER D 250 -18.26 -30.41 19.13
C SER D 250 -16.96 -30.66 19.87
N GLY D 251 -16.97 -30.45 21.18
CA GLY D 251 -15.79 -30.66 21.98
C GLY D 251 -15.77 -29.82 23.25
N VAL D 252 -14.60 -29.75 23.87
CA VAL D 252 -14.44 -28.98 25.10
C VAL D 252 -13.14 -28.20 25.09
N ASP D 253 -13.21 -26.95 25.53
CA ASP D 253 -12.05 -26.08 25.59
C ASP D 253 -11.78 -25.90 27.08
N MET D 254 -11.68 -27.01 27.79
CA MET D 254 -11.46 -27.04 29.23
C MET D 254 -10.29 -26.17 29.72
N GLY D 255 -10.51 -25.53 30.86
CA GLY D 255 -9.50 -24.67 31.45
C GLY D 255 -9.00 -25.22 32.77
N ARG D 256 -9.01 -24.38 33.80
CA ARG D 256 -8.56 -24.77 35.13
C ARG D 256 -8.99 -26.18 35.53
N ASN D 257 -10.08 -26.65 34.95
CA ASN D 257 -10.58 -27.98 35.28
C ASN D 257 -9.54 -29.05 34.96
N ILE D 258 -8.48 -28.66 34.26
CA ILE D 258 -7.43 -29.61 33.91
C ILE D 258 -6.11 -29.30 34.59
N PHE D 259 -5.66 -28.05 34.50
CA PHE D 259 -4.39 -27.68 35.13
C PHE D 259 -4.46 -27.57 36.65
N GLN D 260 -5.67 -27.41 37.19
CA GLN D 260 -5.84 -27.32 38.62
C GLN D 260 -6.20 -28.66 39.18
N SER D 261 -6.73 -29.64 38.31
CA SER D 261 -6.90 -31.00 38.71
C SER D 261 -5.53 -31.36 39.25
N ASP D 262 -5.55 -32.28 40.20
CA ASP D 262 -4.37 -32.72 40.88
C ASP D 262 -3.88 -33.99 40.23
N HIS D 263 -4.55 -34.34 39.13
CA HIS D 263 -4.17 -35.45 38.27
C HIS D 263 -4.28 -35.05 36.78
N PRO D 264 -3.45 -34.06 36.36
CA PRO D 264 -3.50 -33.41 35.03
C PRO D 264 -3.23 -34.26 33.78
N VAL D 265 -2.29 -35.21 33.77
CA VAL D 265 -2.21 -36.00 32.55
C VAL D 265 -3.38 -36.97 32.60
N ALA D 266 -3.68 -37.52 33.77
CA ALA D 266 -4.75 -38.53 33.92
C ALA D 266 -6.15 -37.95 33.83
N MET D 267 -6.28 -36.65 34.02
CA MET D 267 -7.58 -36.00 33.86
C MET D 267 -8.20 -35.97 32.46
N MET D 268 -7.37 -35.79 31.45
CA MET D 268 -7.71 -35.59 30.05
C MET D 268 -7.88 -36.92 29.28
N LYS D 269 -7.15 -37.93 29.76
CA LYS D 269 -7.31 -39.32 29.32
C LYS D 269 -8.75 -39.67 29.65
N ALA D 270 -9.28 -39.06 30.71
CA ALA D 270 -10.69 -39.20 31.07
C ALA D 270 -11.59 -38.39 30.13
N VAL D 271 -11.17 -37.16 29.86
CA VAL D 271 -11.91 -36.25 28.98
C VAL D 271 -11.94 -36.70 27.52
N GLN D 272 -10.85 -37.31 27.04
CA GLN D 272 -10.86 -37.88 25.69
C GLN D 272 -12.01 -38.85 25.51
N ALA D 273 -12.18 -39.72 26.50
CA ALA D 273 -13.12 -40.82 26.44
C ALA D 273 -14.55 -40.39 26.29
N VAL D 274 -14.91 -39.36 27.03
CA VAL D 274 -16.27 -38.87 27.01
C VAL D 274 -16.56 -38.31 25.62
N VAL D 275 -15.63 -37.53 25.07
CA VAL D 275 -15.93 -36.90 23.79
C VAL D 275 -15.77 -37.87 22.60
N HIS D 276 -14.60 -38.51 22.43
CA HIS D 276 -14.36 -39.28 21.18
C HIS D 276 -14.80 -40.73 21.30
N HIS D 277 -14.62 -41.26 22.49
CA HIS D 277 -14.79 -42.65 22.81
C HIS D 277 -16.24 -42.90 23.22
N ASN D 278 -17.07 -41.84 23.10
CA ASN D 278 -18.50 -41.87 23.44
C ASN D 278 -18.76 -42.62 24.72
N GLU D 279 -17.92 -42.31 25.69
CA GLU D 279 -17.89 -42.99 26.97
C GLU D 279 -18.88 -42.46 27.95
N THR D 280 -19.42 -43.35 28.77
CA THR D 280 -20.30 -42.94 29.84
C THR D 280 -19.49 -42.05 30.76
N ALA D 281 -20.17 -41.04 31.31
CA ALA D 281 -19.56 -40.10 32.23
C ALA D 281 -19.00 -40.77 33.48
N ASP D 282 -19.61 -41.87 33.89
CA ASP D 282 -19.24 -42.49 35.15
C ASP D 282 -18.21 -43.62 34.87
N ARG D 283 -17.82 -43.79 33.61
CA ARG D 283 -16.71 -44.69 33.38
C ARG D 283 -15.51 -43.81 33.03
N ALA D 284 -15.67 -42.51 33.22
CA ALA D 284 -14.59 -41.56 33.03
C ALA D 284 -13.67 -41.67 34.25
N TYR D 285 -14.29 -42.07 35.35
CA TYR D 285 -13.65 -42.31 36.64
C TYR D 285 -12.90 -43.63 36.56
N GLU D 286 -13.20 -44.41 35.52
CA GLU D 286 -12.53 -45.68 35.32
C GLU D 286 -11.12 -45.47 34.78
N LEU D 287 -10.76 -44.21 34.55
CA LEU D 287 -9.36 -43.93 34.29
C LEU D 287 -8.76 -43.41 35.58
N TYR D 288 -9.59 -43.46 36.62
CA TYR D 288 -9.27 -43.33 38.06
C TYR D 288 -8.20 -42.36 38.50
N LEU D 289 -8.38 -41.82 39.69
CA LEU D 289 -7.36 -40.93 40.22
C LEU D 289 -6.41 -41.64 41.21
N SER D 290 -6.41 -42.97 41.18
CA SER D 290 -5.48 -43.78 41.98
C SER D 290 -4.08 -43.72 41.37
N GLU D 291 -4.01 -43.02 40.23
CA GLU D 291 -2.79 -42.73 39.50
C GLU D 291 -1.59 -42.39 40.39
N ASP E 11 47.82 11.51 -15.06
CA ASP E 11 49.15 11.75 -14.51
C ASP E 11 49.36 13.23 -14.21
N GLY E 12 48.48 14.06 -14.76
CA GLY E 12 48.46 15.47 -14.44
C GLY E 12 47.43 15.62 -13.33
N LYS E 13 47.08 14.46 -12.77
CA LYS E 13 46.10 14.35 -11.71
C LYS E 13 46.75 14.64 -10.36
N ASP E 14 46.00 15.30 -9.48
CA ASP E 14 46.49 15.58 -8.14
C ASP E 14 45.42 15.15 -7.15
N PHE E 15 45.60 13.99 -6.53
CA PHE E 15 44.59 13.45 -5.63
C PHE E 15 44.86 13.98 -4.22
N ARG E 16 45.93 14.78 -4.10
CA ARG E 16 46.37 15.29 -2.82
C ARG E 16 46.41 14.22 -1.74
N THR E 17 47.19 13.20 -2.01
CA THR E 17 47.38 12.09 -1.08
C THR E 17 47.93 12.62 0.24
N ASP E 18 48.61 13.76 0.15
CA ASP E 18 49.08 14.48 1.32
C ASP E 18 47.94 15.06 2.17
N GLN E 19 46.76 15.26 1.58
CA GLN E 19 45.68 15.94 2.30
C GLN E 19 44.50 15.03 2.62
N PRO E 20 44.47 14.52 3.86
CA PRO E 20 43.35 13.66 4.27
C PRO E 20 42.02 14.43 4.28
N GLN E 21 40.94 13.74 3.94
CA GLN E 21 39.61 14.31 4.03
C GLN E 21 39.18 14.42 5.49
N LYS E 22 38.52 15.52 5.83
CA LYS E 22 38.09 15.76 7.20
C LYS E 22 36.64 16.22 7.22
N ASN E 23 35.84 15.62 8.09
CA ASN E 23 34.43 15.98 8.19
C ASN E 23 34.23 17.37 8.76
N ILE E 24 33.37 18.16 8.12
CA ILE E 24 33.03 19.48 8.62
C ILE E 24 31.84 19.40 9.55
N PRO E 25 32.05 19.74 10.82
CA PRO E 25 31.01 19.65 11.86
C PRO E 25 29.82 20.57 11.58
N PHE E 26 28.64 20.06 11.89
CA PHE E 26 27.40 20.81 11.83
C PHE E 26 27.12 21.29 13.24
N THR E 27 27.21 22.61 13.46
CA THR E 27 27.28 23.16 14.82
C THR E 27 25.93 23.58 15.37
N LEU E 28 24.89 23.57 14.54
CA LEU E 28 23.54 23.89 15.00
C LEU E 28 23.16 23.01 16.20
N LYS E 29 22.80 23.66 17.30
CA LYS E 29 22.65 23.00 18.60
C LYS E 29 21.68 21.83 18.58
N GLY E 30 22.15 20.66 18.96
CA GLY E 30 21.31 19.47 19.01
C GLY E 30 20.88 18.99 17.64
N CYS E 31 21.55 19.45 16.60
CA CYS E 31 21.20 19.06 15.24
C CYS E 31 22.38 18.49 14.48
N GLY E 32 23.33 17.91 15.21
CA GLY E 32 24.53 17.38 14.60
C GLY E 32 24.49 15.91 14.23
N ALA E 33 23.37 15.24 14.52
CA ALA E 33 23.23 13.83 14.20
C ALA E 33 21.96 13.58 13.39
N LEU E 34 21.74 14.45 12.41
CA LEU E 34 20.59 14.35 11.53
C LEU E 34 21.06 14.13 10.09
N ASP E 35 20.18 13.57 9.27
CA ASP E 35 20.52 13.33 7.86
C ASP E 35 20.79 14.63 7.13
N TRP E 36 21.52 14.52 6.01
CA TRP E 36 21.90 15.68 5.21
C TRP E 36 20.70 16.56 4.88
N GLY E 37 19.63 15.93 4.42
CA GLY E 37 18.45 16.65 3.97
C GLY E 37 17.76 17.44 5.05
N MET E 38 17.65 16.85 6.24
CA MET E 38 17.07 17.54 7.38
C MET E 38 18.01 18.66 7.84
N GLN E 39 19.31 18.37 7.82
CA GLN E 39 20.31 19.36 8.17
C GLN E 39 20.32 20.50 7.17
N SER E 40 20.00 20.18 5.92
CA SER E 40 19.93 21.18 4.86
C SER E 40 18.76 22.14 5.08
N ARG E 41 17.61 21.58 5.43
CA ARG E 41 16.40 22.38 5.64
C ARG E 41 16.52 23.34 6.82
N LEU E 42 17.09 22.85 7.93
CA LEU E 42 17.29 23.68 9.11
C LEU E 42 18.32 24.78 8.83
N SER E 43 19.16 24.55 7.82
CA SER E 43 20.18 25.52 7.47
C SER E 43 19.55 26.69 6.71
N ARG E 44 18.39 26.45 6.11
CA ARG E 44 17.66 27.53 5.46
C ARG E 44 17.00 28.46 6.48
N ILE E 45 16.62 27.88 7.62
CA ILE E 45 15.95 28.62 8.68
C ILE E 45 16.98 29.35 9.54
N PHE E 46 17.88 28.56 10.12
CA PHE E 46 18.96 29.04 10.96
C PHE E 46 20.22 29.32 10.14
N ASN E 47 20.61 30.59 10.04
CA ASN E 47 21.80 30.98 9.28
C ASN E 47 23.03 30.28 9.82
N PRO E 48 23.74 29.56 8.94
CA PRO E 48 24.84 28.67 9.35
C PRO E 48 26.04 29.37 9.97
N LYS E 49 26.18 30.67 9.74
CA LYS E 49 27.27 31.45 10.34
C LYS E 49 26.91 32.05 11.70
N THR E 50 25.65 32.45 11.88
CA THR E 50 25.23 33.06 13.14
C THR E 50 24.48 32.04 13.98
N GLY E 51 23.89 31.06 13.31
CA GLY E 51 23.11 30.03 14.00
C GLY E 51 21.78 30.53 14.51
N LYS E 52 21.34 31.69 14.04
CA LYS E 52 20.11 32.28 14.54
C LYS E 52 19.14 32.57 13.40
N THR E 53 17.90 32.93 13.76
CA THR E 53 16.90 33.19 12.74
C THR E 53 15.98 34.35 13.13
N VAL E 54 15.44 34.99 12.11
CA VAL E 54 14.36 35.95 12.31
C VAL E 54 13.16 35.44 11.52
N MET E 55 12.20 34.86 12.24
CA MET E 55 11.07 34.21 11.58
C MET E 55 9.85 35.11 11.62
N LEU E 56 9.26 35.35 10.45
CA LEU E 56 8.09 36.21 10.36
C LEU E 56 6.81 35.37 10.37
N ALA E 57 6.13 35.37 11.50
CA ALA E 57 4.91 34.58 11.68
C ALA E 57 3.66 35.36 11.30
N PHE E 58 2.87 34.80 10.41
CA PHE E 58 1.57 35.36 10.03
C PHE E 58 0.56 34.24 9.76
N ASP E 59 0.56 33.24 10.65
CA ASP E 59 -0.36 32.13 10.58
C ASP E 59 -1.56 32.32 11.50
N HIS E 60 -1.59 33.47 12.17
CA HIS E 60 -2.52 33.76 13.26
C HIS E 60 -4.00 33.52 12.93
N GLY E 61 -4.35 33.64 11.65
CA GLY E 61 -5.73 33.49 11.22
C GLY E 61 -6.24 32.07 11.29
N TYR E 62 -5.36 31.12 11.61
CA TYR E 62 -5.72 29.70 11.60
C TYR E 62 -6.67 29.38 12.75
N PHE E 63 -6.79 30.32 13.69
CA PHE E 63 -7.73 30.18 14.80
C PHE E 63 -8.32 31.53 15.23
N GLN E 64 -7.79 32.62 14.70
CA GLN E 64 -8.26 33.95 15.07
C GLN E 64 -8.98 34.69 13.95
N GLY E 65 -8.78 34.25 12.72
CA GLY E 65 -9.26 34.96 11.55
C GLY E 65 -8.39 36.18 11.26
N PRO E 66 -8.93 37.15 10.50
CA PRO E 66 -8.14 38.33 10.14
C PRO E 66 -7.89 39.29 11.29
N THR E 67 -7.04 38.93 12.24
CA THR E 67 -6.71 39.83 13.34
C THR E 67 -5.98 41.08 12.83
N THR E 68 -5.89 42.09 13.69
CA THR E 68 -5.37 43.38 13.30
C THR E 68 -3.95 43.33 12.74
N GLY E 69 -3.81 43.85 11.53
CA GLY E 69 -2.54 43.82 10.83
C GLY E 69 -2.52 42.67 9.84
N LEU E 70 -3.45 41.73 10.02
CA LEU E 70 -3.49 40.54 9.17
C LEU E 70 -4.77 40.44 8.37
N GLU E 71 -5.47 41.57 8.22
CA GLU E 71 -6.67 41.61 7.40
C GLU E 71 -6.30 41.46 5.94
N ARG E 72 -5.17 42.05 5.57
CA ARG E 72 -4.69 42.01 4.19
C ARG E 72 -3.24 41.56 4.08
N ILE E 73 -3.05 40.25 3.94
CA ILE E 73 -1.72 39.68 3.78
C ILE E 73 -1.01 40.17 2.50
N ASP E 74 -1.76 40.27 1.40
CA ASP E 74 -1.17 40.68 0.12
C ASP E 74 -0.63 42.11 0.10
N ILE E 75 -1.07 42.95 1.03
CA ILE E 75 -0.71 44.37 1.01
C ILE E 75 0.22 44.78 2.16
N ASN E 76 -0.07 44.30 3.37
CA ASN E 76 0.67 44.78 4.55
C ASN E 76 1.77 43.84 5.07
N ILE E 77 1.80 42.59 4.61
CA ILE E 77 2.87 41.67 5.05
C ILE E 77 3.80 41.39 3.88
N ALA E 78 3.28 41.55 2.66
CA ALA E 78 4.06 41.32 1.44
C ALA E 78 5.37 42.12 1.40
N PRO E 79 5.34 43.41 1.80
CA PRO E 79 6.64 44.12 1.77
C PRO E 79 7.63 43.65 2.83
N LEU E 80 7.26 42.68 3.66
CA LEU E 80 8.14 42.27 4.75
C LEU E 80 8.90 40.99 4.43
N PHE E 81 8.46 40.27 3.40
CA PHE E 81 9.06 38.98 3.06
C PHE E 81 10.55 39.02 2.72
N GLU E 82 10.96 39.96 1.89
CA GLU E 82 12.37 40.07 1.52
C GLU E 82 13.28 40.27 2.74
N HIS E 83 12.72 40.84 3.79
CA HIS E 83 13.51 41.20 4.95
C HIS E 83 13.45 40.13 6.03
N ALA E 84 12.80 39.02 5.72
CA ALA E 84 12.68 37.94 6.69
C ALA E 84 13.58 36.78 6.31
N ASP E 85 14.11 36.09 7.32
CA ASP E 85 14.94 34.93 7.06
C ASP E 85 14.07 33.76 6.62
N VAL E 86 12.99 33.55 7.35
CA VAL E 86 12.08 32.45 7.10
C VAL E 86 10.64 32.89 7.35
N LEU E 87 9.73 32.43 6.50
CA LEU E 87 8.31 32.74 6.64
C LEU E 87 7.54 31.67 7.41
N MET E 88 6.59 32.10 8.24
CA MET E 88 5.68 31.18 8.89
C MET E 88 4.22 31.52 8.64
N CYS E 89 3.52 30.62 7.96
CA CYS E 89 2.13 30.84 7.63
C CYS E 89 1.43 29.50 7.44
N THR E 90 0.21 29.56 6.92
CA THR E 90 -0.54 28.36 6.58
C THR E 90 -0.43 28.10 5.09
N ARG E 91 -0.77 26.90 4.66
CA ARG E 91 -0.71 26.56 3.24
C ARG E 91 -1.79 27.31 2.46
N GLY E 92 -2.87 27.67 3.13
CA GLY E 92 -3.96 28.39 2.51
C GLY E 92 -3.53 29.79 2.14
N ILE E 93 -2.82 30.43 3.06
CA ILE E 93 -2.30 31.76 2.81
C ILE E 93 -1.12 31.70 1.85
N LEU E 94 -0.29 30.68 2.00
CA LEU E 94 0.91 30.51 1.20
C LEU E 94 0.62 30.40 -0.30
N ARG E 95 -0.29 29.51 -0.67
CA ARG E 95 -0.64 29.31 -2.08
C ARG E 95 -1.38 30.49 -2.67
N SER E 96 -2.15 31.18 -1.85
CA SER E 96 -3.04 32.23 -2.32
C SER E 96 -2.34 33.57 -2.55
N VAL E 97 -1.63 34.06 -1.54
CA VAL E 97 -1.12 35.42 -1.58
C VAL E 97 0.39 35.51 -1.41
N VAL E 98 1.03 34.39 -1.11
CA VAL E 98 2.49 34.36 -1.02
C VAL E 98 3.10 33.86 -2.33
N PRO E 99 3.70 34.77 -3.11
CA PRO E 99 4.29 34.44 -4.40
C PRO E 99 5.48 33.50 -4.28
N PRO E 100 5.50 32.43 -5.10
CA PRO E 100 6.63 31.51 -5.14
C PRO E 100 7.95 32.23 -5.40
N ALA E 101 7.89 33.29 -6.22
CA ALA E 101 9.08 34.02 -6.62
C ALA E 101 9.74 34.81 -5.48
N THR E 102 9.08 34.85 -4.33
CA THR E 102 9.63 35.47 -3.13
C THR E 102 10.95 34.80 -2.73
N ASN E 103 11.01 33.49 -2.97
CA ASN E 103 12.22 32.68 -2.74
C ASN E 103 12.76 32.80 -1.31
N ARG E 104 11.91 32.49 -0.34
CA ARG E 104 12.28 32.48 1.06
C ARG E 104 11.84 31.16 1.70
N PRO E 105 12.62 30.66 2.68
CA PRO E 105 12.25 29.45 3.42
C PRO E 105 10.90 29.58 4.11
N VAL E 106 10.09 28.53 4.07
CA VAL E 106 8.78 28.56 4.70
C VAL E 106 8.61 27.47 5.77
N VAL E 107 8.05 27.86 6.90
CA VAL E 107 7.66 26.94 7.96
C VAL E 107 6.15 26.92 8.04
N LEU E 108 5.56 25.79 7.69
CA LEU E 108 4.11 25.70 7.59
C LEU E 108 3.42 25.41 8.92
N ARG E 109 2.33 26.12 9.18
CA ARG E 109 1.42 25.77 10.26
C ARG E 109 0.70 24.47 9.90
N ALA E 110 0.94 23.43 10.69
CA ALA E 110 0.37 22.12 10.41
C ALA E 110 -0.62 21.65 11.47
N SER E 111 -1.14 22.59 12.26
CA SER E 111 -2.16 22.23 13.25
C SER E 111 -3.26 23.28 13.26
N GLY E 112 -4.45 22.88 13.68
CA GLY E 112 -5.59 23.78 13.68
C GLY E 112 -6.87 23.10 14.12
N ALA E 113 -7.98 23.50 13.51
CA ALA E 113 -9.33 23.03 13.84
C ALA E 113 -9.78 23.51 15.22
N ASN E 114 -9.20 24.63 15.65
CA ASN E 114 -9.69 25.36 16.82
C ASN E 114 -10.03 26.78 16.40
N SER E 115 -10.66 27.54 17.30
CA SER E 115 -11.00 28.94 17.01
C SER E 115 -11.21 29.75 18.29
N ILE E 116 -11.30 31.07 18.12
CA ILE E 116 -11.50 31.97 19.24
C ILE E 116 -12.90 31.80 19.84
N LEU E 117 -13.75 31.02 19.19
CA LEU E 117 -15.10 30.79 19.70
C LEU E 117 -15.20 29.50 20.53
N ALA E 118 -14.16 28.66 20.49
CA ALA E 118 -14.16 27.42 21.24
C ALA E 118 -12.91 27.25 22.10
N GLU E 119 -12.66 26.02 22.52
CA GLU E 119 -11.45 25.68 23.26
C GLU E 119 -10.21 25.82 22.38
N LEU E 120 -9.17 26.42 22.94
CA LEU E 120 -8.00 26.80 22.16
C LEU E 120 -6.98 25.68 22.10
N SER E 121 -7.11 24.72 23.00
CA SER E 121 -6.23 23.55 22.96
C SER E 121 -6.79 22.47 22.04
N ASN E 122 -8.01 22.68 21.55
CA ASN E 122 -8.65 21.67 20.72
C ASN E 122 -8.10 21.75 19.30
N GLU E 123 -6.85 21.36 19.14
CA GLU E 123 -6.20 21.37 17.84
C GLU E 123 -5.98 19.97 17.32
N ALA E 124 -6.04 19.83 16.00
CA ALA E 124 -5.65 18.60 15.33
C ALA E 124 -4.66 18.95 14.24
N VAL E 125 -3.94 17.95 13.73
CA VAL E 125 -3.00 18.18 12.64
C VAL E 125 -3.74 18.71 11.41
N ALA E 126 -3.25 19.80 10.85
CA ALA E 126 -3.99 20.52 9.81
C ALA E 126 -3.45 20.32 8.40
N LEU E 127 -2.33 19.63 8.25
CA LEU E 127 -1.83 19.29 6.92
C LEU E 127 -0.95 18.05 6.91
N SER E 128 -1.09 17.25 5.86
CA SER E 128 -0.28 16.05 5.65
C SER E 128 1.15 16.36 5.25
N MET E 129 2.07 15.44 5.58
CA MET E 129 3.46 15.54 5.16
C MET E 129 3.57 15.45 3.64
N ASP E 130 2.65 14.71 3.03
CA ASP E 130 2.57 14.62 1.58
C ASP E 130 2.52 16.01 0.95
N ASP E 131 1.70 16.87 1.54
CA ASP E 131 1.51 18.24 1.04
C ASP E 131 2.58 19.19 1.58
N ALA E 132 3.13 18.89 2.74
CA ALA E 132 4.21 19.68 3.32
C ALA E 132 5.42 19.62 2.42
N VAL E 133 5.69 18.43 1.88
CA VAL E 133 6.74 18.24 0.90
C VAL E 133 6.39 18.93 -0.41
N ARG E 134 5.15 18.73 -0.85
CA ARG E 134 4.64 19.31 -2.08
C ARG E 134 4.81 20.82 -2.10
N LEU E 135 4.78 21.45 -0.94
CA LEU E 135 4.93 22.90 -0.87
C LEU E 135 6.38 23.33 -0.61
N ASN E 136 7.30 22.36 -0.65
CA ASN E 136 8.72 22.63 -0.46
C ASN E 136 9.02 23.30 0.88
N SER E 137 8.41 22.77 1.95
CA SER E 137 8.61 23.31 3.29
C SER E 137 10.01 23.04 3.82
N CYS E 138 10.44 23.90 4.74
CA CYS E 138 11.69 23.68 5.47
C CYS E 138 11.39 23.04 6.82
N ALA E 139 10.15 23.18 7.26
CA ALA E 139 9.68 22.59 8.51
C ALA E 139 8.16 22.67 8.62
N VAL E 140 7.60 21.87 9.52
CA VAL E 140 6.18 21.94 9.85
C VAL E 140 6.04 22.32 11.31
N ALA E 141 4.96 23.03 11.65
CA ALA E 141 4.82 23.55 13.01
C ALA E 141 3.48 23.15 13.65
N ALA E 142 3.52 22.92 14.96
CA ALA E 142 2.31 22.60 15.70
C ALA E 142 2.37 23.11 17.14
N GLN E 143 1.20 23.35 17.73
CA GLN E 143 1.09 23.79 19.11
C GLN E 143 1.12 22.61 20.07
N VAL E 144 1.86 22.76 21.17
CA VAL E 144 1.74 21.84 22.28
C VAL E 144 1.12 22.58 23.46
N TYR E 145 0.08 21.99 24.06
CA TYR E 145 -0.65 22.65 25.13
C TYR E 145 -0.53 21.92 26.45
N ILE E 146 0.66 21.89 27.03
CA ILE E 146 0.83 21.20 28.31
C ILE E 146 0.10 21.98 29.40
N GLY E 147 -0.70 21.26 30.19
CA GLY E 147 -1.48 21.88 31.23
C GLY E 147 -2.87 22.24 30.77
N SER E 148 -3.15 22.05 29.48
CA SER E 148 -4.46 22.37 28.95
C SER E 148 -5.37 21.14 28.91
N GLU E 149 -6.64 21.36 28.58
CA GLU E 149 -7.62 20.28 28.54
C GLU E 149 -7.22 19.21 27.53
N TYR E 150 -6.81 19.67 26.35
CA TYR E 150 -6.45 18.78 25.25
C TYR E 150 -4.95 18.69 25.08
N GLU E 151 -4.24 18.62 26.20
CA GLU E 151 -2.80 18.45 26.20
C GLU E 151 -2.36 17.15 25.55
N HIS E 152 -3.08 16.08 25.85
CA HIS E 152 -2.77 14.75 25.33
C HIS E 152 -2.72 14.75 23.80
N GLN E 153 -3.80 15.20 23.19
CA GLN E 153 -3.89 15.27 21.74
C GLN E 153 -2.84 16.20 21.16
N SER E 154 -2.58 17.30 21.85
CA SER E 154 -1.63 18.29 21.37
C SER E 154 -0.23 17.70 21.30
N ILE E 155 0.10 16.84 22.26
CA ILE E 155 1.38 16.15 22.23
C ILE E 155 1.37 15.08 21.13
N LYS E 156 0.23 14.43 20.97
CA LYS E 156 0.09 13.41 19.93
C LYS E 156 0.24 14.03 18.54
N ASN E 157 -0.21 15.28 18.38
CA ASN E 157 0.00 16.00 17.13
C ASN E 157 1.48 16.10 16.79
N ILE E 158 2.29 16.40 17.79
CA ILE E 158 3.73 16.50 17.61
C ILE E 158 4.33 15.16 17.22
N ILE E 159 3.98 14.11 17.95
CA ILE E 159 4.45 12.75 17.68
C ILE E 159 4.21 12.35 16.23
N GLN E 160 3.01 12.62 15.73
CA GLN E 160 2.65 12.23 14.37
C GLN E 160 3.44 12.98 13.30
N LEU E 161 3.61 14.29 13.48
CA LEU E 161 4.36 15.08 12.50
C LEU E 161 5.81 14.65 12.48
N VAL E 162 6.35 14.33 13.64
CA VAL E 162 7.72 13.85 13.75
C VAL E 162 7.86 12.46 13.13
N ASP E 163 6.88 11.60 13.41
CA ASP E 163 6.85 10.28 12.80
C ASP E 163 6.84 10.37 11.28
N ALA E 164 6.01 11.29 10.77
CA ALA E 164 5.93 11.52 9.33
C ALA E 164 7.15 12.27 8.81
N GLY E 165 7.62 13.24 9.58
CA GLY E 165 8.74 14.08 9.20
C GLY E 165 10.04 13.32 9.03
N MET E 166 10.24 12.29 9.86
CA MET E 166 11.46 11.50 9.84
C MET E 166 11.60 10.66 8.57
N LYS E 167 10.46 10.29 8.01
CA LYS E 167 10.42 9.49 6.79
C LYS E 167 10.94 10.29 5.60
N VAL E 168 10.96 11.60 5.77
CA VAL E 168 11.09 12.51 4.64
C VAL E 168 12.18 13.57 4.89
N GLY E 169 12.63 13.66 6.13
CA GLY E 169 13.68 14.60 6.47
C GLY E 169 13.11 15.99 6.70
N MET E 170 11.86 16.03 7.14
CA MET E 170 11.17 17.29 7.41
C MET E 170 11.15 17.58 8.90
N PRO E 171 11.82 18.68 9.30
CA PRO E 171 11.86 19.14 10.69
C PRO E 171 10.49 19.49 11.21
N THR E 172 10.28 19.29 12.51
CA THR E 172 9.04 19.66 13.16
C THR E 172 9.31 20.74 14.19
N MET E 173 8.53 21.82 14.13
CA MET E 173 8.64 22.85 15.16
C MET E 173 7.47 22.70 16.12
N ALA E 174 7.78 22.59 17.40
CA ALA E 174 6.77 22.55 18.44
C ALA E 174 6.69 23.89 19.13
N VAL E 175 5.49 24.45 19.19
CA VAL E 175 5.31 25.71 19.89
C VAL E 175 4.54 25.47 21.18
N THR E 176 5.14 25.87 22.29
CA THR E 176 4.52 25.69 23.59
C THR E 176 3.37 26.68 23.70
N GLY E 177 2.18 26.18 23.43
CA GLY E 177 1.00 27.00 23.37
C GLY E 177 0.35 27.11 24.72
N VAL E 178 0.38 28.33 25.25
CA VAL E 178 -0.24 28.60 26.51
C VAL E 178 -1.71 28.85 26.17
N GLY E 179 -2.61 28.48 27.08
CA GLY E 179 -4.03 28.66 26.84
C GLY E 179 -4.59 29.83 27.62
N LYS E 180 -5.81 29.66 28.09
CA LYS E 180 -6.43 30.58 29.04
C LYS E 180 -5.52 31.01 30.19
N ASP E 181 -4.81 32.12 30.00
CA ASP E 181 -4.01 32.77 31.04
C ASP E 181 -3.40 31.87 32.12
N MET E 182 -2.46 30.98 31.84
CA MET E 182 -2.13 30.09 32.96
C MET E 182 -0.87 30.53 33.64
N VAL E 183 -0.24 29.58 34.30
CA VAL E 183 1.05 29.81 34.82
C VAL E 183 2.03 29.72 33.65
N ARG E 184 2.69 30.85 33.36
CA ARG E 184 3.76 30.84 32.40
C ARG E 184 4.96 31.57 33.00
N ASP E 185 5.80 30.73 33.59
CA ASP E 185 7.07 31.10 34.18
C ASP E 185 8.04 30.06 33.65
N GLN E 186 9.29 30.12 34.09
CA GLN E 186 10.31 29.23 33.57
C GLN E 186 10.12 27.76 33.93
N ARG E 187 9.56 27.46 35.09
CA ARG E 187 9.39 26.06 35.49
C ARG E 187 8.37 25.38 34.59
N TYR E 188 7.42 26.15 34.09
CA TYR E 188 6.42 25.61 33.18
C TYR E 188 7.01 25.45 31.80
N PHE E 189 7.68 26.49 31.33
CA PHE E 189 8.29 26.47 30.01
C PHE E 189 9.46 25.50 29.94
N SER E 190 10.14 25.28 31.05
CA SER E 190 11.17 24.25 31.08
C SER E 190 10.51 22.89 30.88
N LEU E 191 9.33 22.73 31.47
CA LEU E 191 8.55 21.49 31.36
C LEU E 191 8.01 21.28 29.95
N ALA E 192 7.42 22.32 29.39
CA ALA E 192 6.78 22.24 28.08
C ALA E 192 7.80 22.01 26.96
N THR E 193 8.85 22.80 26.94
CA THR E 193 9.89 22.70 25.92
C THR E 193 10.59 21.34 25.94
N ARG E 194 10.99 20.90 27.12
CA ARG E 194 11.72 19.64 27.26
C ARG E 194 10.87 18.47 26.78
N ILE E 195 9.61 18.46 27.17
CA ILE E 195 8.68 17.41 26.73
C ILE E 195 8.65 17.35 25.20
N ALA E 196 8.56 18.52 24.59
CA ALA E 196 8.54 18.63 23.13
C ALA E 196 9.84 18.14 22.48
N ALA E 197 10.98 18.59 22.99
CA ALA E 197 12.27 18.17 22.45
C ALA E 197 12.48 16.68 22.64
N GLU E 198 12.02 16.18 23.78
CA GLU E 198 12.13 14.76 24.11
C GLU E 198 11.35 13.89 23.13
N MET E 199 10.16 14.36 22.74
CA MET E 199 9.32 13.61 21.81
C MET E 199 9.88 13.61 20.39
N GLY E 200 10.76 14.56 20.08
CA GLY E 200 11.47 14.55 18.81
C GLY E 200 11.52 15.84 18.00
N ALA E 201 10.82 16.88 18.47
CA ALA E 201 10.83 18.16 17.75
C ALA E 201 12.24 18.77 17.75
N GLN E 202 12.66 19.26 16.58
CA GLN E 202 13.99 19.83 16.40
C GLN E 202 14.03 21.35 16.50
N ILE E 203 12.88 21.99 16.47
CA ILE E 203 12.79 23.41 16.76
C ILE E 203 11.75 23.64 17.82
N ILE E 204 12.10 24.43 18.84
CA ILE E 204 11.15 24.73 19.90
C ILE E 204 10.94 26.24 19.98
N ALA E 205 9.68 26.66 19.89
CA ALA E 205 9.31 28.06 20.02
C ALA E 205 8.56 28.33 21.34
N THR E 206 9.03 29.29 22.11
CA THR E 206 8.41 29.59 23.40
C THR E 206 8.42 31.12 23.62
N TYR E 207 7.85 31.57 24.73
CA TYR E 207 7.78 32.99 25.09
C TYR E 207 8.87 33.32 26.09
N TYR E 208 9.35 34.55 26.06
CA TYR E 208 10.39 34.98 26.99
C TYR E 208 9.85 35.25 28.39
N VAL E 209 10.64 34.85 29.38
CA VAL E 209 10.34 35.16 30.77
C VAL E 209 11.54 35.92 31.30
N GLU E 210 11.31 36.96 32.10
CA GLU E 210 12.39 37.85 32.50
C GLU E 210 13.28 37.33 33.62
N LYS E 211 12.85 36.27 34.28
CA LYS E 211 13.66 35.59 35.30
C LYS E 211 13.77 34.12 34.96
N GLY E 212 14.99 33.68 34.65
CA GLY E 212 15.27 32.27 34.46
C GLY E 212 15.09 31.75 33.05
N PHE E 213 15.11 32.64 32.06
CA PHE E 213 15.00 32.22 30.66
C PHE E 213 16.20 31.42 30.18
N GLU E 214 17.36 31.78 30.74
CA GLU E 214 18.61 31.09 30.51
C GLU E 214 18.52 29.64 30.93
N ARG E 215 17.59 29.37 31.83
CA ARG E 215 17.36 28.02 32.35
C ARG E 215 16.44 27.22 31.42
N ILE E 216 15.68 27.93 30.57
CA ILE E 216 14.84 27.27 29.57
C ILE E 216 15.64 26.84 28.34
N VAL E 217 16.59 27.69 27.93
CA VAL E 217 17.45 27.39 26.79
C VAL E 217 18.39 26.25 27.13
N ALA E 218 19.00 26.33 28.30
CA ALA E 218 19.96 25.32 28.75
C ALA E 218 19.30 23.96 28.93
N GLY E 219 18.08 23.95 29.45
CA GLY E 219 17.36 22.72 29.70
C GLY E 219 16.76 22.12 28.44
N CYS E 220 16.85 22.87 27.34
CA CYS E 220 16.33 22.41 26.06
C CYS E 220 17.47 22.02 25.13
N PRO E 221 17.52 20.73 24.73
CA PRO E 221 18.61 20.17 23.94
C PRO E 221 18.66 20.68 22.49
N VAL E 222 17.60 21.33 22.05
CA VAL E 222 17.49 21.80 20.67
C VAL E 222 17.24 23.32 20.66
N PRO E 223 17.46 24.00 19.51
CA PRO E 223 17.33 25.46 19.46
C PRO E 223 15.99 25.99 19.96
N ILE E 224 16.03 27.12 20.66
CA ILE E 224 14.82 27.80 21.07
C ILE E 224 14.72 29.17 20.42
N VAL E 225 13.61 29.42 19.74
CA VAL E 225 13.34 30.74 19.18
C VAL E 225 12.16 31.33 19.92
N ILE E 226 12.15 32.64 20.14
CA ILE E 226 11.06 33.22 20.89
C ILE E 226 9.99 33.82 19.99
N ALA E 227 8.74 33.54 20.34
CA ALA E 227 7.60 34.21 19.73
C ALA E 227 7.46 35.56 20.40
N GLY E 228 7.05 36.56 19.64
CA GLY E 228 7.02 37.92 20.14
C GLY E 228 6.05 38.14 21.28
N GLY E 229 4.89 37.50 21.24
CA GLY E 229 3.89 37.75 22.27
C GLY E 229 3.11 38.99 21.91
N LYS E 230 2.33 39.51 22.86
CA LYS E 230 1.50 40.69 22.61
C LYS E 230 2.33 41.91 22.22
N LYS E 231 1.69 42.84 21.52
CA LYS E 231 2.41 43.98 20.93
C LYS E 231 2.94 44.94 21.99
N LEU E 232 4.23 45.24 21.89
CA LEU E 232 4.88 46.15 22.83
C LEU E 232 5.49 47.35 22.10
N PRO E 233 5.81 48.41 22.85
CA PRO E 233 6.66 49.44 22.24
C PRO E 233 7.98 48.82 21.79
N GLU E 234 8.42 49.15 20.58
CA GLU E 234 9.59 48.52 19.98
C GLU E 234 10.85 48.52 20.85
N ARG E 235 10.95 49.44 21.80
CA ARG E 235 12.10 49.45 22.72
C ARG E 235 12.01 48.34 23.78
N GLU E 236 10.80 47.89 24.08
CA GLU E 236 10.59 46.77 24.99
C GLU E 236 10.70 45.49 24.20
N ALA E 237 10.22 45.52 22.97
CA ALA E 237 10.33 44.34 22.14
C ALA E 237 11.77 44.08 21.66
N LEU E 238 12.58 45.11 21.51
CA LEU E 238 13.99 44.89 21.15
C LEU E 238 14.91 44.52 22.31
N GLU E 239 14.52 44.85 23.53
CA GLU E 239 15.28 44.42 24.68
C GLU E 239 14.93 42.98 24.97
N MET E 240 13.67 42.64 24.71
CA MET E 240 13.22 41.26 24.79
C MET E 240 14.03 40.41 23.86
N CYS E 241 14.18 40.87 22.64
CA CYS E 241 14.99 40.20 21.64
C CYS E 241 16.44 40.12 22.09
N TRP E 242 16.97 41.23 22.57
CA TRP E 242 18.37 41.27 22.98
C TRP E 242 18.63 40.35 24.15
N GLN E 243 17.74 40.39 25.15
CA GLN E 243 17.89 39.59 26.35
C GLN E 243 17.74 38.10 26.06
N ALA E 244 16.74 37.76 25.26
CA ALA E 244 16.51 36.35 24.87
C ALA E 244 17.74 35.79 24.17
N ILE E 245 18.21 36.50 23.14
CA ILE E 245 19.39 36.10 22.39
C ILE E 245 20.62 36.03 23.28
N ASP E 246 20.69 36.93 24.26
CA ASP E 246 21.83 37.01 25.18
C ASP E 246 21.87 35.84 26.17
N GLN E 247 20.71 35.25 26.43
CA GLN E 247 20.60 34.14 27.36
C GLN E 247 20.44 32.81 26.64
N GLY E 248 20.83 32.77 25.37
CA GLY E 248 21.00 31.52 24.66
C GLY E 248 20.01 31.21 23.55
N ALA E 249 19.04 32.10 23.31
CA ALA E 249 18.05 31.85 22.27
C ALA E 249 18.68 31.82 20.87
N SER E 250 18.21 30.90 20.04
CA SER E 250 18.76 30.70 18.70
C SER E 250 17.97 31.47 17.65
N GLY E 251 17.20 32.47 18.10
CA GLY E 251 16.47 33.32 17.18
C GLY E 251 15.10 33.75 17.66
N VAL E 252 14.33 34.33 16.74
CA VAL E 252 13.02 34.88 17.08
C VAL E 252 11.97 34.40 16.08
N ASP E 253 10.74 34.24 16.55
CA ASP E 253 9.60 33.93 15.68
C ASP E 253 8.51 34.97 15.92
N MET E 254 8.74 36.18 15.44
CA MET E 254 7.91 37.32 15.82
C MET E 254 6.77 37.67 14.86
N GLY E 255 5.56 37.70 15.39
CA GLY E 255 4.39 38.19 14.67
C GLY E 255 4.10 39.67 14.90
N ARG E 256 3.34 39.93 15.96
CA ARG E 256 2.67 41.22 16.20
C ARG E 256 3.56 42.40 16.51
N ASN E 257 4.76 42.16 17.03
CA ASN E 257 5.67 43.26 17.30
C ASN E 257 6.31 43.75 16.02
N ILE E 258 6.07 43.03 14.93
CA ILE E 258 6.51 43.47 13.62
C ILE E 258 5.36 43.99 12.77
N PHE E 259 4.33 43.17 12.48
CA PHE E 259 3.34 43.63 11.52
C PHE E 259 2.33 44.63 12.10
N GLN E 260 2.35 44.85 13.42
CA GLN E 260 1.51 45.91 13.99
C GLN E 260 2.25 47.24 14.16
N SER E 261 3.58 47.21 14.14
CA SER E 261 4.39 48.43 14.18
C SER E 261 4.09 49.28 12.95
N ASP E 262 4.38 50.58 13.00
CA ASP E 262 4.12 51.44 11.84
C ASP E 262 5.32 51.63 10.91
N HIS E 263 6.41 50.94 11.21
CA HIS E 263 7.55 50.85 10.30
C HIS E 263 8.07 49.43 10.44
N PRO E 264 7.25 48.44 10.02
CA PRO E 264 7.55 47.04 10.28
C PRO E 264 8.88 46.65 9.66
N VAL E 265 9.13 47.16 8.46
CA VAL E 265 10.38 46.87 7.77
C VAL E 265 11.53 47.36 8.62
N ALA E 266 11.35 48.53 9.23
CA ALA E 266 12.40 49.14 10.04
C ALA E 266 12.53 48.42 11.36
N MET E 267 11.47 47.73 11.76
CA MET E 267 11.51 46.88 12.94
C MET E 267 12.34 45.64 12.67
N MET E 268 12.23 45.08 11.47
CA MET E 268 12.97 43.88 11.15
C MET E 268 14.44 44.24 10.98
N LYS E 269 14.70 45.48 10.54
CA LYS E 269 16.07 45.96 10.48
C LYS E 269 16.67 45.98 11.88
N ALA E 270 15.82 46.34 12.83
CA ALA E 270 16.20 46.38 14.23
C ALA E 270 16.36 44.98 14.81
N VAL E 271 15.46 44.09 14.44
CA VAL E 271 15.53 42.70 14.88
C VAL E 271 16.72 41.97 14.28
N GLN E 272 16.99 42.21 12.99
CA GLN E 272 18.15 41.61 12.33
C GLN E 272 19.43 41.94 13.08
N ALA E 273 19.56 43.20 13.48
CA ALA E 273 20.79 43.66 14.12
C ALA E 273 21.00 42.98 15.47
N VAL E 274 19.93 42.89 16.26
CA VAL E 274 20.00 42.25 17.56
C VAL E 274 20.30 40.77 17.45
N VAL E 275 19.62 40.12 16.51
CA VAL E 275 19.71 38.67 16.40
C VAL E 275 21.03 38.23 15.75
N HIS E 276 21.36 38.78 14.59
CA HIS E 276 22.52 38.28 13.86
C HIS E 276 23.85 39.00 14.12
N HIS E 277 23.82 40.33 14.15
CA HIS E 277 25.04 41.14 14.22
C HIS E 277 25.52 41.57 15.62
N ASN E 278 25.03 40.89 16.65
CA ASN E 278 25.37 41.18 18.04
C ASN E 278 25.16 42.65 18.40
N GLU E 279 24.03 43.21 18.00
CA GLU E 279 23.77 44.62 18.23
C GLU E 279 23.18 44.84 19.60
N THR E 280 23.56 45.93 20.27
CA THR E 280 22.93 46.30 21.52
C THR E 280 21.48 46.72 21.25
N ALA E 281 20.60 46.48 22.22
CA ALA E 281 19.17 46.85 22.14
C ALA E 281 19.00 48.36 21.93
N ASP E 282 19.99 49.10 22.41
CA ASP E 282 19.98 50.53 22.38
C ASP E 282 20.42 51.10 21.03
N ARG E 283 21.16 50.30 20.28
CA ARG E 283 21.71 50.75 19.02
C ARG E 283 20.95 50.16 17.83
N ALA E 284 20.16 49.11 18.08
CA ALA E 284 19.28 48.52 17.07
C ALA E 284 18.06 49.40 16.95
N TYR E 285 17.71 50.01 18.07
CA TYR E 285 16.60 50.94 18.19
C TYR E 285 17.00 52.26 17.56
N GLU E 286 18.31 52.47 17.48
CA GLU E 286 18.89 53.64 16.87
C GLU E 286 19.14 53.40 15.37
N LEU E 287 18.87 52.18 14.92
CA LEU E 287 18.80 51.89 13.48
C LEU E 287 17.34 51.70 13.06
N TYR E 288 16.46 51.71 14.06
CA TYR E 288 15.01 51.69 13.86
C TYR E 288 14.52 53.06 13.42
N LEU E 289 15.19 54.09 13.93
CA LEU E 289 14.80 55.45 13.66
C LEU E 289 15.41 56.05 12.42
N SER E 290 16.29 55.30 11.76
CA SER E 290 16.82 55.74 10.48
C SER E 290 15.82 55.40 9.37
N GLU E 291 14.79 54.62 9.71
CA GLU E 291 13.73 54.32 8.77
C GLU E 291 12.37 54.41 9.49
N GLY F 12 -11.80 48.09 14.79
CA GLY F 12 -10.63 48.94 14.61
C GLY F 12 -9.75 48.40 13.50
N LYS F 13 -10.30 47.47 12.74
CA LYS F 13 -9.59 46.80 11.66
C LYS F 13 -9.63 47.56 10.32
N ASP F 14 -8.59 47.35 9.52
CA ASP F 14 -8.43 48.03 8.22
C ASP F 14 -8.26 47.05 7.05
N PHE F 15 -9.34 46.83 6.30
CA PHE F 15 -9.35 45.87 5.21
C PHE F 15 -8.97 46.45 3.85
N ARG F 16 -8.76 47.75 3.78
CA ARG F 16 -8.43 48.43 2.53
C ARG F 16 -9.35 47.98 1.39
N THR F 17 -10.65 48.19 1.59
CA THR F 17 -11.69 47.82 0.63
C THR F 17 -11.50 48.49 -0.72
N ASP F 18 -10.85 49.65 -0.69
CA ASP F 18 -10.50 50.37 -1.90
C ASP F 18 -9.51 49.63 -2.78
N GLN F 19 -8.72 48.74 -2.17
CA GLN F 19 -7.63 48.11 -2.90
C GLN F 19 -7.75 46.58 -3.03
N PRO F 20 -8.24 46.10 -4.19
CA PRO F 20 -8.43 44.68 -4.52
C PRO F 20 -7.15 43.85 -4.52
N GLN F 21 -7.30 42.57 -4.21
CA GLN F 21 -6.19 41.62 -4.27
C GLN F 21 -5.80 41.34 -5.71
N LYS F 22 -4.51 41.23 -5.95
CA LYS F 22 -4.02 41.01 -7.31
C LYS F 22 -3.00 39.88 -7.29
N ASN F 23 -3.18 38.91 -8.18
CA ASN F 23 -2.26 37.79 -8.27
C ASN F 23 -0.93 38.23 -8.87
N ILE F 24 0.17 37.79 -8.27
CA ILE F 24 1.49 38.12 -8.79
C ILE F 24 1.92 37.06 -9.80
N PRO F 25 2.10 37.47 -11.07
CA PRO F 25 2.43 36.53 -12.15
C PRO F 25 3.78 35.85 -11.96
N PHE F 26 3.84 34.56 -12.31
CA PHE F 26 5.08 33.81 -12.31
C PHE F 26 5.63 33.76 -13.74
N THR F 27 6.73 34.46 -14.00
CA THR F 27 7.15 34.72 -15.37
C THR F 27 8.16 33.72 -15.92
N LEU F 28 8.69 32.86 -15.07
CA LEU F 28 9.63 31.84 -15.54
C LEU F 28 8.99 31.06 -16.68
N LYS F 29 9.68 31.05 -17.82
CA LYS F 29 9.13 30.59 -19.08
C LYS F 29 8.59 29.15 -18.98
N GLY F 30 7.30 29.00 -19.29
CA GLY F 30 6.64 27.70 -19.25
C GLY F 30 6.44 27.10 -17.87
N CYS F 31 6.56 27.91 -16.83
CA CYS F 31 6.39 27.40 -15.47
C CYS F 31 5.35 28.17 -14.67
N GLY F 32 4.39 28.75 -15.37
CA GLY F 32 3.35 29.55 -14.74
C GLY F 32 2.09 28.80 -14.38
N ALA F 33 2.06 27.51 -14.70
CA ALA F 33 0.88 26.70 -14.42
C ALA F 33 1.28 25.48 -13.58
N LEU F 34 2.11 25.74 -12.59
CA LEU F 34 2.59 24.71 -11.67
C LEU F 34 2.14 25.02 -10.26
N ASP F 35 2.09 24.00 -9.41
CA ASP F 35 1.69 24.19 -8.02
C ASP F 35 2.74 25.05 -7.32
N TRP F 36 2.34 25.69 -6.22
CA TRP F 36 3.22 26.60 -5.47
C TRP F 36 4.57 25.97 -5.16
N GLY F 37 4.54 24.75 -4.65
CA GLY F 37 5.75 24.08 -4.21
C GLY F 37 6.74 23.78 -5.31
N MET F 38 6.24 23.38 -6.48
CA MET F 38 7.11 23.15 -7.62
C MET F 38 7.69 24.47 -8.10
N GLN F 39 6.85 25.51 -8.10
CA GLN F 39 7.27 26.85 -8.47
C GLN F 39 8.25 27.41 -7.44
N SER F 40 8.12 26.96 -6.20
CA SER F 40 9.02 27.36 -5.14
C SER F 40 10.43 26.85 -5.43
N ARG F 41 10.51 25.59 -5.84
CA ARG F 41 11.79 24.97 -6.14
C ARG F 41 12.49 25.60 -7.33
N LEU F 42 11.73 25.91 -8.37
CA LEU F 42 12.26 26.54 -9.57
C LEU F 42 12.78 27.94 -9.29
N SER F 43 12.27 28.56 -8.23
CA SER F 43 12.67 29.91 -7.86
C SER F 43 14.03 29.93 -7.14
N ARG F 44 14.40 28.81 -6.53
CA ARG F 44 15.71 28.68 -5.93
C ARG F 44 16.81 28.51 -6.97
N ILE F 45 16.44 27.91 -8.10
CA ILE F 45 17.39 27.66 -9.17
C ILE F 45 17.56 28.92 -10.00
N PHE F 46 16.46 29.38 -10.57
CA PHE F 46 16.45 30.58 -11.39
C PHE F 46 16.16 31.79 -10.52
N ASN F 47 17.12 32.70 -10.40
CA ASN F 47 16.92 33.90 -9.60
C ASN F 47 15.69 34.60 -10.15
N PRO F 48 14.68 34.80 -9.30
CA PRO F 48 13.39 35.29 -9.79
C PRO F 48 13.48 36.69 -10.35
N LYS F 49 14.55 37.39 -10.00
CA LYS F 49 14.75 38.75 -10.47
C LYS F 49 15.44 38.81 -11.85
N THR F 50 16.33 37.85 -12.11
CA THR F 50 17.04 37.82 -13.38
C THR F 50 16.43 36.76 -14.30
N GLY F 51 15.80 35.76 -13.70
CA GLY F 51 15.22 34.66 -14.45
C GLY F 51 16.29 33.71 -14.94
N LYS F 52 17.50 33.84 -14.40
CA LYS F 52 18.62 33.04 -14.85
C LYS F 52 19.32 32.29 -13.73
N THR F 53 20.21 31.38 -14.08
CA THR F 53 20.91 30.58 -13.08
C THR F 53 22.35 30.29 -13.47
N VAL F 54 23.21 30.12 -12.46
CA VAL F 54 24.56 29.61 -12.68
C VAL F 54 24.73 28.33 -11.88
N MET F 55 24.68 27.20 -12.59
CA MET F 55 24.66 25.90 -11.96
C MET F 55 26.03 25.22 -12.02
N LEU F 56 26.53 24.78 -10.88
CA LEU F 56 27.85 24.14 -10.82
C LEU F 56 27.78 22.64 -10.90
N ALA F 57 28.17 22.09 -12.05
CA ALA F 57 28.10 20.65 -12.26
C ALA F 57 29.39 19.93 -11.84
N PHE F 58 29.23 18.98 -10.93
CA PHE F 58 30.31 18.09 -10.50
C PHE F 58 29.75 16.71 -10.21
N ASP F 59 28.89 16.24 -11.10
CA ASP F 59 28.29 14.91 -11.01
C ASP F 59 29.07 13.92 -11.85
N HIS F 60 30.12 14.42 -12.48
CA HIS F 60 30.86 13.68 -13.50
C HIS F 60 31.34 12.30 -13.07
N GLY F 61 31.55 12.12 -11.77
CA GLY F 61 32.09 10.87 -11.27
C GLY F 61 31.13 9.69 -11.32
N TYR F 62 29.87 9.94 -11.70
CA TYR F 62 28.86 8.88 -11.66
C TYR F 62 29.08 7.85 -12.75
N PHE F 63 29.94 8.19 -13.71
CA PHE F 63 30.31 7.26 -14.78
C PHE F 63 31.76 7.44 -15.23
N GLN F 64 32.45 8.44 -14.72
CA GLN F 64 33.82 8.70 -15.16
C GLN F 64 34.84 8.35 -14.08
N GLY F 65 34.38 8.24 -12.85
CA GLY F 65 35.28 8.05 -11.72
C GLY F 65 35.98 9.34 -11.38
N PRO F 66 37.12 9.27 -10.68
CA PRO F 66 37.81 10.51 -10.30
C PRO F 66 38.41 11.21 -11.52
N THR F 67 37.57 11.81 -12.35
CA THR F 67 38.04 12.53 -13.53
C THR F 67 38.86 13.75 -13.10
N THR F 68 39.66 14.26 -14.03
CA THR F 68 40.56 15.37 -13.76
C THR F 68 39.82 16.63 -13.32
N GLY F 69 40.22 17.16 -12.17
CA GLY F 69 39.57 18.34 -11.60
C GLY F 69 38.59 17.99 -10.50
N LEU F 70 38.19 16.72 -10.46
CA LEU F 70 37.21 16.25 -9.47
C LEU F 70 37.77 15.15 -8.57
N GLU F 71 39.09 15.05 -8.46
CA GLU F 71 39.66 14.02 -7.59
C GLU F 71 39.37 14.32 -6.12
N ARG F 72 39.35 15.59 -5.77
CA ARG F 72 39.04 15.98 -4.40
C ARG F 72 37.94 17.03 -4.36
N ILE F 73 36.69 16.58 -4.29
CA ILE F 73 35.54 17.49 -4.24
C ILE F 73 35.60 18.33 -2.98
N ASP F 74 36.02 17.71 -1.89
CA ASP F 74 36.11 18.38 -0.59
C ASP F 74 37.19 19.46 -0.56
N ILE F 75 38.11 19.42 -1.51
CA ILE F 75 39.26 20.34 -1.47
C ILE F 75 39.23 21.40 -2.57
N ASN F 76 38.93 21.01 -3.80
CA ASN F 76 39.00 21.96 -4.91
C ASN F 76 37.64 22.46 -5.39
N ILE F 77 36.56 21.82 -4.97
CA ILE F 77 35.23 22.26 -5.38
C ILE F 77 34.46 22.86 -4.21
N ALA F 78 34.81 22.44 -3.00
CA ALA F 78 34.18 22.97 -1.80
C ALA F 78 34.27 24.50 -1.71
N PRO F 79 35.44 25.09 -2.02
CA PRO F 79 35.45 26.57 -1.98
C PRO F 79 34.66 27.23 -3.12
N LEU F 80 34.06 26.45 -4.01
CA LEU F 80 33.35 27.02 -5.16
C LEU F 80 31.84 27.04 -4.95
N PHE F 81 31.36 26.33 -3.93
CA PHE F 81 29.93 26.18 -3.70
C PHE F 81 29.17 27.50 -3.53
N GLU F 82 29.70 28.39 -2.70
CA GLU F 82 29.09 29.69 -2.46
C GLU F 82 28.94 30.54 -3.72
N HIS F 83 29.77 30.28 -4.73
CA HIS F 83 29.81 31.12 -5.92
C HIS F 83 28.90 30.62 -7.04
N ALA F 84 28.16 29.56 -6.76
CA ALA F 84 27.20 29.02 -7.71
C ALA F 84 25.80 29.27 -7.18
N ASP F 85 24.84 29.47 -8.08
CA ASP F 85 23.46 29.64 -7.66
C ASP F 85 22.90 28.31 -7.16
N VAL F 86 23.19 27.26 -7.90
CA VAL F 86 22.67 25.94 -7.58
C VAL F 86 23.74 24.89 -7.81
N LEU F 87 23.79 23.90 -6.93
CA LEU F 87 24.75 22.82 -7.06
C LEU F 87 24.20 21.63 -7.85
N MET F 88 25.10 21.04 -8.64
CA MET F 88 24.84 19.86 -9.45
C MET F 88 25.75 18.71 -9.05
N CYS F 89 25.18 17.68 -8.44
CA CYS F 89 26.00 16.55 -8.04
C CYS F 89 25.19 15.29 -7.90
N THR F 90 25.82 14.26 -7.33
CA THR F 90 25.15 13.02 -7.02
C THR F 90 24.83 12.97 -5.52
N ARG F 91 23.95 12.05 -5.13
CA ARG F 91 23.59 11.92 -3.72
C ARG F 91 24.74 11.36 -2.88
N GLY F 92 25.60 10.58 -3.52
CA GLY F 92 26.74 10.01 -2.82
C GLY F 92 27.76 11.06 -2.43
N ILE F 93 28.04 11.96 -3.36
CA ILE F 93 28.97 13.05 -3.12
C ILE F 93 28.35 14.08 -2.19
N LEU F 94 27.06 14.32 -2.37
CA LEU F 94 26.34 15.31 -1.57
C LEU F 94 26.41 15.00 -0.08
N ARG F 95 26.04 13.77 0.28
CA ARG F 95 26.04 13.37 1.68
C ARG F 95 27.45 13.28 2.27
N SER F 96 28.42 12.92 1.43
CA SER F 96 29.76 12.65 1.91
C SER F 96 30.61 13.90 2.11
N VAL F 97 30.72 14.73 1.08
CA VAL F 97 31.71 15.81 1.12
C VAL F 97 31.13 17.21 0.96
N VAL F 98 29.84 17.30 0.65
CA VAL F 98 29.17 18.58 0.56
C VAL F 98 28.44 18.91 1.86
N PRO F 99 28.97 19.88 2.64
CA PRO F 99 28.36 20.23 3.92
C PRO F 99 26.96 20.82 3.75
N PRO F 100 25.99 20.32 4.53
CA PRO F 100 24.62 20.84 4.51
C PRO F 100 24.56 22.34 4.77
N ALA F 101 25.47 22.83 5.61
CA ALA F 101 25.50 24.24 5.99
C ALA F 101 25.89 25.17 4.84
N THR F 102 26.27 24.58 3.71
CA THR F 102 26.57 25.35 2.50
C THR F 102 25.34 26.17 2.06
N ASN F 103 24.16 25.60 2.28
CA ASN F 103 22.88 26.27 2.03
C ASN F 103 22.74 26.83 0.62
N ARG F 104 22.88 25.97 -0.37
CA ARG F 104 22.63 26.33 -1.76
C ARG F 104 21.71 25.29 -2.35
N PRO F 105 20.87 25.70 -3.31
CA PRO F 105 19.96 24.78 -4.00
C PRO F 105 20.72 23.63 -4.62
N VAL F 106 20.18 22.42 -4.49
CA VAL F 106 20.84 21.24 -5.01
C VAL F 106 19.93 20.56 -6.02
N VAL F 107 20.48 20.24 -7.19
CA VAL F 107 19.73 19.45 -8.16
C VAL F 107 20.50 18.14 -8.35
N LEU F 108 19.88 17.03 -7.95
CA LEU F 108 20.56 15.73 -7.93
C LEU F 108 20.59 14.95 -9.25
N ARG F 109 21.72 14.31 -9.49
CA ARG F 109 21.83 13.29 -10.53
C ARG F 109 20.99 12.08 -10.16
N ALA F 110 19.96 11.81 -10.97
CA ALA F 110 19.02 10.73 -10.71
C ALA F 110 19.11 9.66 -11.78
N SER F 111 20.24 9.62 -12.48
CA SER F 111 20.49 8.60 -13.49
C SER F 111 21.91 8.07 -13.38
N GLY F 112 22.12 6.85 -13.85
CA GLY F 112 23.43 6.22 -13.77
C GLY F 112 23.44 4.79 -14.26
N ALA F 113 24.28 3.96 -13.64
CA ALA F 113 24.49 2.56 -14.04
C ALA F 113 25.14 2.46 -15.42
N ASN F 114 25.89 3.51 -15.77
CA ASN F 114 26.75 3.48 -16.96
C ASN F 114 28.19 3.76 -16.57
N SER F 115 29.10 3.58 -17.52
CA SER F 115 30.50 3.92 -17.30
C SER F 115 31.21 4.10 -18.64
N ILE F 116 32.39 4.70 -18.59
CA ILE F 116 33.17 4.97 -19.79
C ILE F 116 33.75 3.71 -20.44
N LEU F 117 33.56 2.56 -19.78
CA LEU F 117 34.08 1.30 -20.31
C LEU F 117 33.06 0.51 -21.14
N ALA F 118 31.79 0.89 -21.05
CA ALA F 118 30.73 0.19 -21.78
C ALA F 118 29.89 1.18 -22.58
N GLU F 119 28.70 0.77 -22.98
CA GLU F 119 27.79 1.69 -23.65
C GLU F 119 27.29 2.75 -22.68
N LEU F 120 27.35 4.02 -23.08
CA LEU F 120 27.06 5.13 -22.17
C LEU F 120 25.61 5.60 -22.23
N SER F 121 24.86 5.15 -23.23
CA SER F 121 23.45 5.51 -23.27
C SER F 121 22.68 4.56 -22.36
N ASN F 122 23.39 3.55 -21.87
CA ASN F 122 22.80 2.54 -21.01
C ASN F 122 22.68 3.06 -19.58
N GLU F 123 21.79 4.03 -19.38
CA GLU F 123 21.56 4.60 -18.06
C GLU F 123 20.22 4.17 -17.50
N ALA F 124 20.15 4.08 -16.19
CA ALA F 124 18.90 3.84 -15.51
C ALA F 124 18.72 4.89 -14.43
N VAL F 125 17.52 5.01 -13.90
CA VAL F 125 17.26 5.95 -12.81
C VAL F 125 18.11 5.53 -11.61
N ALA F 126 18.86 6.48 -11.05
CA ALA F 126 19.88 6.16 -10.06
C ALA F 126 19.48 6.53 -8.63
N LEU F 127 18.32 7.15 -8.46
CA LEU F 127 17.81 7.43 -7.12
C LEU F 127 16.30 7.55 -7.13
N SER F 128 15.67 7.05 -6.07
CA SER F 128 14.22 7.16 -5.91
C SER F 128 13.81 8.59 -5.56
N MET F 129 12.59 8.97 -5.93
CA MET F 129 12.03 10.27 -5.57
C MET F 129 11.91 10.38 -4.05
N ASP F 130 11.70 9.24 -3.40
CA ASP F 130 11.70 9.17 -1.94
C ASP F 130 12.93 9.81 -1.34
N ASP F 131 14.08 9.53 -1.96
CA ASP F 131 15.36 9.99 -1.48
C ASP F 131 15.68 11.41 -1.95
N ALA F 132 15.13 11.80 -3.10
CA ALA F 132 15.28 13.16 -3.61
C ALA F 132 14.58 14.14 -2.69
N VAL F 133 13.43 13.73 -2.19
CA VAL F 133 12.69 14.51 -1.20
C VAL F 133 13.45 14.56 0.13
N ARG F 134 13.95 13.40 0.55
CA ARG F 134 14.71 13.27 1.78
C ARG F 134 15.92 14.21 1.86
N LEU F 135 16.51 14.53 0.71
CA LEU F 135 17.69 15.37 0.67
C LEU F 135 17.38 16.85 0.40
N ASN F 136 16.10 17.22 0.40
CA ASN F 136 15.68 18.60 0.14
C ASN F 136 16.18 19.09 -1.23
N SER F 137 15.97 18.26 -2.25
CA SER F 137 16.36 18.60 -3.62
C SER F 137 15.50 19.70 -4.24
N CYS F 138 16.08 20.40 -5.21
CA CYS F 138 15.33 21.40 -5.96
C CYS F 138 14.83 20.82 -7.27
N ALA F 139 15.49 19.76 -7.72
CA ALA F 139 15.12 19.06 -8.94
C ALA F 139 15.95 17.79 -9.06
N VAL F 140 15.53 16.91 -9.96
CA VAL F 140 16.32 15.74 -10.30
C VAL F 140 16.73 15.84 -11.75
N ALA F 141 17.88 15.25 -12.09
CA ALA F 141 18.40 15.36 -13.44
C ALA F 141 18.67 13.99 -14.02
N ALA F 142 18.42 13.83 -15.31
CA ALA F 142 18.67 12.57 -15.98
C ALA F 142 19.08 12.82 -17.43
N GLN F 143 19.84 11.89 -18.00
CA GLN F 143 20.27 12.01 -19.37
C GLN F 143 19.18 11.48 -20.31
N VAL F 144 18.94 12.19 -21.40
CA VAL F 144 18.14 11.63 -22.48
C VAL F 144 19.07 11.37 -23.66
N TYR F 145 19.02 10.16 -24.23
CA TYR F 145 19.97 9.81 -25.29
C TYR F 145 19.28 9.58 -26.63
N ILE F 146 18.76 10.65 -27.21
CA ILE F 146 18.05 10.54 -28.49
C ILE F 146 19.01 10.16 -29.60
N GLY F 147 18.62 9.14 -30.37
CA GLY F 147 19.43 8.67 -31.47
C GLY F 147 20.41 7.59 -31.05
N SER F 148 20.45 7.32 -29.75
CA SER F 148 21.38 6.32 -29.22
C SER F 148 20.69 4.97 -29.08
N GLU F 149 21.46 3.93 -28.78
CA GLU F 149 20.89 2.59 -28.66
C GLU F 149 19.83 2.51 -27.58
N TYR F 150 20.15 3.09 -26.42
CA TYR F 150 19.27 3.01 -25.28
C TYR F 150 18.51 4.30 -25.14
N GLU F 151 18.10 4.82 -26.29
CA GLU F 151 17.28 6.00 -26.38
C GLU F 151 15.92 5.78 -25.73
N HIS F 152 15.34 4.61 -25.98
CA HIS F 152 14.03 4.26 -25.44
C HIS F 152 14.01 4.32 -23.92
N GLN F 153 14.95 3.62 -23.29
CA GLN F 153 15.05 3.59 -21.83
C GLN F 153 15.31 4.98 -21.25
N SER F 154 16.16 5.74 -21.92
CA SER F 154 16.54 7.07 -21.42
C SER F 154 15.37 8.06 -21.39
N ILE F 155 14.48 7.98 -22.37
CA ILE F 155 13.29 8.84 -22.38
C ILE F 155 12.31 8.38 -21.30
N LYS F 156 12.22 7.06 -21.15
CA LYS F 156 11.38 6.44 -20.15
C LYS F 156 11.83 6.81 -18.75
N ASN F 157 13.15 6.93 -18.57
CA ASN F 157 13.69 7.40 -17.30
C ASN F 157 13.15 8.77 -16.97
N ILE F 158 13.10 9.64 -17.97
CA ILE F 158 12.54 10.97 -17.80
C ILE F 158 11.06 10.85 -17.43
N ILE F 159 10.34 10.02 -18.18
CA ILE F 159 8.93 9.76 -17.92
C ILE F 159 8.64 9.36 -16.47
N GLN F 160 9.44 8.43 -15.93
CA GLN F 160 9.23 7.96 -14.57
C GLN F 160 9.48 9.04 -13.53
N LEU F 161 10.56 9.79 -13.71
CA LEU F 161 10.94 10.85 -12.79
C LEU F 161 9.85 11.92 -12.78
N VAL F 162 9.27 12.18 -13.95
CA VAL F 162 8.19 13.15 -14.05
C VAL F 162 6.94 12.66 -13.33
N ASP F 163 6.59 11.39 -13.50
CA ASP F 163 5.45 10.82 -12.77
C ASP F 163 5.61 10.91 -11.26
N ALA F 164 6.79 10.56 -10.78
CA ALA F 164 7.07 10.61 -9.35
C ALA F 164 7.21 12.05 -8.87
N GLY F 165 7.82 12.88 -9.70
CA GLY F 165 8.06 14.28 -9.34
C GLY F 165 6.78 15.06 -9.16
N MET F 166 5.77 14.72 -9.94
CA MET F 166 4.49 15.42 -9.89
C MET F 166 3.74 15.14 -8.59
N LYS F 167 4.00 14.00 -7.97
CA LYS F 167 3.36 13.66 -6.70
C LYS F 167 3.84 14.59 -5.58
N VAL F 168 4.98 15.22 -5.78
CA VAL F 168 5.70 15.86 -4.69
C VAL F 168 6.15 17.29 -5.02
N GLY F 169 5.98 17.70 -6.26
CA GLY F 169 6.34 19.06 -6.64
C GLY F 169 7.83 19.18 -6.95
N MET F 170 8.40 18.08 -7.43
CA MET F 170 9.82 18.03 -7.74
C MET F 170 10.04 18.17 -9.24
N PRO F 171 10.67 19.27 -9.67
CA PRO F 171 11.01 19.45 -11.08
C PRO F 171 11.99 18.40 -11.58
N THR F 172 11.88 18.03 -12.85
CA THR F 172 12.80 17.09 -13.46
C THR F 172 13.57 17.79 -14.58
N MET F 173 14.85 17.72 -14.56
CA MET F 173 15.66 18.25 -15.65
C MET F 173 16.21 17.14 -16.52
N ALA F 174 15.96 17.26 -17.82
CA ALA F 174 16.52 16.34 -18.80
C ALA F 174 17.71 17.00 -19.48
N VAL F 175 18.79 16.24 -19.61
CA VAL F 175 19.99 16.75 -20.28
C VAL F 175 20.29 15.89 -21.50
N THR F 176 20.47 16.56 -22.64
CA THR F 176 20.62 15.90 -23.93
C THR F 176 21.93 15.13 -24.03
N GLY F 177 21.84 13.82 -24.15
CA GLY F 177 23.01 12.97 -24.19
C GLY F 177 23.59 12.75 -25.58
N VAL F 178 24.70 13.43 -25.85
CA VAL F 178 25.45 13.21 -27.08
C VAL F 178 26.48 12.11 -26.84
N GLY F 179 26.82 11.36 -27.88
CA GLY F 179 27.74 10.24 -27.74
C GLY F 179 29.20 10.58 -27.97
N LYS F 180 29.86 11.08 -26.92
CA LYS F 180 31.32 11.33 -26.89
C LYS F 180 31.90 12.03 -28.12
N ASP F 181 31.60 11.47 -29.29
CA ASP F 181 32.33 11.72 -30.53
C ASP F 181 31.78 12.87 -31.37
N MET F 182 30.49 13.14 -31.23
CA MET F 182 29.79 13.94 -32.22
C MET F 182 29.44 15.37 -31.80
N VAL F 183 30.00 16.32 -32.68
CA VAL F 183 29.55 17.72 -32.51
C VAL F 183 28.28 17.85 -33.33
N ARG F 184 27.15 17.53 -32.72
CA ARG F 184 25.90 17.57 -33.45
C ARG F 184 25.42 18.99 -33.79
N ASP F 185 24.19 19.07 -34.33
CA ASP F 185 23.64 20.32 -34.84
C ASP F 185 22.27 20.70 -34.29
N GLN F 186 21.74 21.81 -34.80
CA GLN F 186 20.52 22.39 -34.26
C GLN F 186 19.30 21.49 -34.48
N ARG F 187 19.28 20.80 -35.61
CA ARG F 187 18.16 19.91 -35.91
C ARG F 187 18.12 18.75 -34.94
N TYR F 188 19.30 18.39 -34.44
CA TYR F 188 19.40 17.30 -33.49
C TYR F 188 18.97 17.73 -32.09
N PHE F 189 19.53 18.85 -31.63
CA PHE F 189 19.25 19.32 -30.29
C PHE F 189 17.82 19.86 -30.19
N SER F 190 17.29 20.40 -31.28
CA SER F 190 15.89 20.82 -31.32
C SER F 190 14.96 19.63 -31.18
N LEU F 191 15.34 18.51 -31.81
CA LEU F 191 14.55 17.31 -31.74
C LEU F 191 14.57 16.71 -30.33
N ALA F 192 15.77 16.62 -29.75
CA ALA F 192 15.95 16.03 -28.44
C ALA F 192 15.33 16.85 -27.32
N THR F 193 15.63 18.15 -27.30
CA THR F 193 15.12 19.03 -26.26
C THR F 193 13.59 19.12 -26.30
N ARG F 194 13.02 19.26 -27.49
CA ARG F 194 11.56 19.34 -27.63
C ARG F 194 10.91 18.06 -27.14
N ILE F 195 11.44 16.92 -27.53
CA ILE F 195 10.94 15.63 -27.06
C ILE F 195 10.97 15.55 -25.53
N ALA F 196 12.07 16.00 -24.95
CA ALA F 196 12.24 15.99 -23.50
C ALA F 196 11.21 16.87 -22.78
N ALA F 197 11.03 18.09 -23.26
CA ALA F 197 10.07 19.03 -22.68
C ALA F 197 8.65 18.51 -22.85
N GLU F 198 8.40 17.89 -24.00
CA GLU F 198 7.11 17.32 -24.34
C GLU F 198 6.73 16.19 -23.37
N MET F 199 7.73 15.40 -22.97
CA MET F 199 7.51 14.31 -22.01
C MET F 199 7.26 14.82 -20.59
N GLY F 200 7.65 16.06 -20.30
CA GLY F 200 7.31 16.67 -19.03
C GLY F 200 8.40 17.36 -18.23
N ALA F 201 9.64 17.28 -18.69
CA ALA F 201 10.76 17.94 -18.00
C ALA F 201 10.59 19.45 -18.00
N GLN F 202 10.82 20.08 -16.85
CA GLN F 202 10.63 21.53 -16.70
C GLN F 202 11.91 22.35 -16.85
N ILE F 203 13.06 21.67 -16.83
CA ILE F 203 14.31 22.32 -17.15
C ILE F 203 15.02 21.48 -18.21
N ILE F 204 15.57 22.13 -19.22
CA ILE F 204 16.27 21.42 -20.28
C ILE F 204 17.72 21.84 -20.36
N ALA F 205 18.63 20.87 -20.31
CA ALA F 205 20.04 21.15 -20.47
C ALA F 205 20.56 20.64 -21.82
N THR F 206 21.18 21.53 -22.58
CA THR F 206 21.70 21.20 -23.91
C THR F 206 23.03 21.90 -24.16
N TYR F 207 23.59 21.69 -25.34
CA TYR F 207 24.86 22.30 -25.73
C TYR F 207 24.68 23.48 -26.67
N TYR F 208 25.57 24.46 -26.61
CA TYR F 208 25.52 25.58 -27.54
C TYR F 208 26.06 25.17 -28.90
N VAL F 209 25.40 25.62 -29.95
CA VAL F 209 25.84 25.36 -31.32
C VAL F 209 26.00 26.65 -32.12
N GLU F 210 26.93 26.64 -33.06
CA GLU F 210 27.27 27.84 -33.82
C GLU F 210 26.19 28.23 -34.83
N LYS F 211 25.29 27.31 -35.12
CA LYS F 211 24.19 27.60 -36.04
C LYS F 211 22.81 27.21 -35.50
N GLY F 212 21.95 28.19 -35.26
CA GLY F 212 20.56 27.91 -34.94
C GLY F 212 20.20 27.67 -33.48
N PHE F 213 21.03 28.14 -32.56
CA PHE F 213 20.73 27.95 -31.16
C PHE F 213 19.46 28.72 -30.75
N GLU F 214 19.18 29.82 -31.42
CA GLU F 214 17.94 30.56 -31.19
C GLU F 214 16.68 29.76 -31.46
N ARG F 215 16.78 28.78 -32.35
CA ARG F 215 15.61 27.98 -32.73
C ARG F 215 15.41 26.86 -31.70
N ILE F 216 16.47 26.54 -30.96
CA ILE F 216 16.36 25.52 -29.92
C ILE F 216 15.69 26.09 -28.67
N VAL F 217 16.01 27.34 -28.33
CA VAL F 217 15.39 28.01 -27.21
C VAL F 217 13.93 28.33 -27.47
N ALA F 218 13.65 28.90 -28.64
CA ALA F 218 12.30 29.30 -29.02
C ALA F 218 11.34 28.13 -29.13
N GLY F 219 11.82 27.02 -29.68
CA GLY F 219 11.01 25.84 -29.88
C GLY F 219 10.81 25.04 -28.60
N CYS F 220 11.50 25.45 -27.54
CA CYS F 220 11.40 24.77 -26.25
C CYS F 220 10.55 25.57 -25.26
N PRO F 221 9.46 24.97 -24.78
CA PRO F 221 8.47 25.63 -23.92
C PRO F 221 8.96 25.93 -22.50
N VAL F 222 10.07 25.33 -22.11
CA VAL F 222 10.58 25.45 -20.75
C VAL F 222 12.02 25.98 -20.79
N PRO F 223 12.54 26.49 -19.66
CA PRO F 223 13.89 27.07 -19.67
C PRO F 223 14.97 26.15 -20.23
N ILE F 224 15.90 26.73 -20.98
CA ILE F 224 17.05 25.98 -21.48
C ILE F 224 18.34 26.52 -20.88
N VAL F 225 19.09 25.63 -20.26
CA VAL F 225 20.39 25.93 -19.71
C VAL F 225 21.44 25.17 -20.51
N ILE F 226 22.61 25.77 -20.74
CA ILE F 226 23.63 25.09 -21.55
C ILE F 226 24.67 24.37 -20.71
N ALA F 227 25.02 23.17 -21.15
CA ALA F 227 26.13 22.41 -20.58
C ALA F 227 27.46 22.89 -21.15
N GLY F 228 28.49 22.88 -20.30
CA GLY F 228 29.78 23.44 -20.65
C GLY F 228 30.56 22.77 -21.77
N GLY F 229 30.55 21.44 -21.81
CA GLY F 229 31.33 20.76 -22.82
C GLY F 229 32.79 20.66 -22.41
N LYS F 230 33.66 20.30 -23.34
CA LYS F 230 35.08 20.16 -23.03
C LYS F 230 35.63 21.49 -22.58
N LYS F 231 36.77 21.45 -21.89
CA LYS F 231 37.36 22.67 -21.36
C LYS F 231 37.79 23.52 -22.55
N LEU F 232 37.39 24.78 -22.54
CA LEU F 232 37.75 25.69 -23.61
C LEU F 232 38.61 26.76 -22.97
N PRO F 233 39.38 27.50 -23.78
CA PRO F 233 40.00 28.70 -23.23
C PRO F 233 38.93 29.61 -22.65
N GLU F 234 39.16 30.13 -21.45
CA GLU F 234 38.15 30.89 -20.73
C GLU F 234 37.53 32.06 -21.53
N ARG F 235 38.26 32.60 -22.49
CA ARG F 235 37.70 33.67 -23.31
C ARG F 235 36.75 33.11 -24.38
N GLU F 236 36.85 31.82 -24.65
CA GLU F 236 35.97 31.18 -25.61
C GLU F 236 34.72 30.74 -24.87
N ALA F 237 34.91 30.26 -23.65
CA ALA F 237 33.80 29.80 -22.84
C ALA F 237 32.94 30.96 -22.37
N LEU F 238 33.51 32.15 -22.28
CA LEU F 238 32.72 33.34 -21.96
C LEU F 238 32.01 33.87 -23.20
N GLU F 239 32.50 33.47 -24.38
CA GLU F 239 31.80 33.76 -25.62
C GLU F 239 30.66 32.78 -25.86
N MET F 240 30.87 31.53 -25.47
CA MET F 240 29.81 30.53 -25.54
C MET F 240 28.64 30.91 -24.65
N CYS F 241 28.94 31.29 -23.41
CA CYS F 241 27.93 31.73 -22.47
C CYS F 241 27.18 32.97 -22.95
N TRP F 242 27.93 33.94 -23.45
CA TRP F 242 27.33 35.19 -23.92
C TRP F 242 26.39 34.91 -25.09
N GLN F 243 26.82 34.04 -25.99
CA GLN F 243 26.03 33.71 -27.17
C GLN F 243 24.75 33.00 -26.74
N ALA F 244 24.88 32.07 -25.80
CA ALA F 244 23.72 31.32 -25.29
C ALA F 244 22.67 32.21 -24.65
N ILE F 245 23.08 33.04 -23.70
CA ILE F 245 22.16 33.95 -23.00
C ILE F 245 21.51 34.94 -23.96
N ASP F 246 22.28 35.40 -24.93
CA ASP F 246 21.81 36.39 -25.89
C ASP F 246 20.75 35.79 -26.79
N GLN F 247 20.80 34.48 -26.95
CA GLN F 247 19.83 33.80 -27.79
C GLN F 247 18.79 33.01 -26.99
N GLY F 248 18.62 33.36 -25.73
CA GLY F 248 17.46 32.89 -24.98
C GLY F 248 17.72 31.89 -23.86
N ALA F 249 18.97 31.49 -23.67
CA ALA F 249 19.28 30.51 -22.63
C ALA F 249 18.97 31.09 -21.24
N SER F 250 18.42 30.27 -20.37
CA SER F 250 18.00 30.72 -19.04
C SER F 250 19.11 30.49 -18.01
N GLY F 251 20.33 30.27 -18.49
CA GLY F 251 21.46 30.09 -17.61
C GLY F 251 22.48 29.09 -18.14
N VAL F 252 23.40 28.70 -17.28
CA VAL F 252 24.50 27.85 -17.67
C VAL F 252 24.62 26.66 -16.71
N ASP F 253 25.12 25.53 -17.22
CA ASP F 253 25.38 24.37 -16.38
C ASP F 253 26.86 24.02 -16.52
N MET F 254 27.69 24.80 -15.84
CA MET F 254 29.13 24.85 -16.01
C MET F 254 29.93 23.88 -15.15
N GLY F 255 30.33 22.77 -15.74
CA GLY F 255 31.23 21.86 -15.07
C GLY F 255 32.69 22.22 -15.34
N ARG F 256 33.24 21.66 -16.41
CA ARG F 256 34.70 21.65 -16.63
C ARG F 256 35.34 22.98 -16.98
N ASN F 257 34.57 23.92 -17.52
CA ASN F 257 35.12 25.25 -17.79
C ASN F 257 35.26 26.09 -16.53
N ILE F 258 34.80 25.54 -15.41
CA ILE F 258 35.05 26.18 -14.13
C ILE F 258 36.14 25.46 -13.34
N PHE F 259 35.95 24.18 -13.01
CA PHE F 259 36.91 23.53 -12.12
C PHE F 259 38.21 23.03 -12.76
N GLN F 260 38.32 23.06 -14.07
CA GLN F 260 39.59 22.70 -14.71
C GLN F 260 40.47 23.92 -15.00
N SER F 261 39.87 25.11 -14.91
CA SER F 261 40.57 26.39 -15.08
C SER F 261 41.66 26.61 -14.03
N ASP F 262 42.56 27.56 -14.27
CA ASP F 262 43.63 27.83 -13.30
C ASP F 262 43.20 28.91 -12.32
N HIS F 263 42.00 29.44 -12.55
CA HIS F 263 41.36 30.41 -11.65
C HIS F 263 39.84 30.22 -11.62
N PRO F 264 39.39 29.08 -11.07
CA PRO F 264 37.97 28.69 -11.11
C PRO F 264 37.05 29.68 -10.40
N VAL F 265 37.46 30.16 -9.23
CA VAL F 265 36.65 31.09 -8.45
C VAL F 265 36.43 32.36 -9.28
N ALA F 266 37.47 32.75 -10.01
CA ALA F 266 37.44 33.94 -10.85
C ALA F 266 36.64 33.74 -12.12
N MET F 267 36.51 32.49 -12.51
CA MET F 267 35.70 32.13 -13.66
C MET F 267 34.22 32.28 -13.33
N MET F 268 33.84 31.92 -12.10
CA MET F 268 32.44 31.98 -11.73
C MET F 268 31.96 33.42 -11.58
N LYS F 269 32.86 34.32 -11.17
CA LYS F 269 32.52 35.74 -11.15
C LYS F 269 32.22 36.25 -12.54
N ALA F 270 32.95 35.72 -13.51
CA ALA F 270 32.80 36.08 -14.90
C ALA F 270 31.52 35.51 -15.50
N VAL F 271 31.21 34.27 -15.15
CA VAL F 271 29.98 33.64 -15.61
C VAL F 271 28.75 34.27 -14.99
N GLN F 272 28.83 34.64 -13.71
CA GLN F 272 27.74 35.35 -13.04
C GLN F 272 27.40 36.59 -13.84
N ALA F 273 28.46 37.27 -14.28
CA ALA F 273 28.35 38.53 -14.98
C ALA F 273 27.65 38.41 -16.33
N VAL F 274 28.03 37.39 -17.12
CA VAL F 274 27.39 37.16 -18.40
C VAL F 274 25.95 36.72 -18.20
N VAL F 275 25.76 35.83 -17.23
CA VAL F 275 24.45 35.23 -17.00
C VAL F 275 23.49 36.20 -16.35
N HIS F 276 23.88 36.80 -15.22
CA HIS F 276 22.94 37.62 -14.47
C HIS F 276 22.97 39.11 -14.81
N HIS F 277 24.17 39.66 -14.92
CA HIS F 277 24.39 41.10 -14.97
C HIS F 277 24.51 41.71 -16.37
N ASN F 278 24.15 40.93 -17.39
CA ASN F 278 24.24 41.34 -18.78
C ASN F 278 25.59 41.93 -19.18
N GLU F 279 26.66 41.23 -18.80
CA GLU F 279 28.02 41.69 -19.05
C GLU F 279 28.43 41.30 -20.46
N THR F 280 29.14 42.17 -21.16
CA THR F 280 29.66 41.86 -22.49
C THR F 280 30.74 40.78 -22.46
N ALA F 281 30.84 40.04 -23.55
CA ALA F 281 31.82 38.95 -23.67
C ALA F 281 33.27 39.37 -23.44
N ASP F 282 33.65 40.59 -23.83
CA ASP F 282 35.05 40.99 -23.69
C ASP F 282 35.26 41.79 -22.40
N ARG F 283 34.19 41.95 -21.64
CA ARG F 283 34.25 42.56 -20.32
C ARG F 283 34.08 41.51 -19.24
N ALA F 284 33.54 40.37 -19.64
CA ALA F 284 33.43 39.25 -18.73
C ALA F 284 34.78 38.58 -18.60
N TYR F 285 35.55 38.61 -19.68
CA TYR F 285 36.88 38.05 -19.71
C TYR F 285 37.87 38.96 -18.99
N GLU F 286 37.51 40.23 -18.91
CA GLU F 286 38.33 41.24 -18.24
C GLU F 286 37.98 41.31 -16.75
N LEU F 287 37.02 40.49 -16.34
CA LEU F 287 36.72 40.26 -14.92
C LEU F 287 37.33 38.95 -14.44
N TYR F 288 37.66 38.09 -15.40
CA TYR F 288 38.44 36.91 -15.13
C TYR F 288 39.89 37.31 -14.90
N LEU F 289 40.32 38.36 -15.58
CA LEU F 289 41.70 38.80 -15.49
C LEU F 289 41.95 39.75 -14.33
N SER F 290 40.90 40.12 -13.61
CA SER F 290 41.06 40.90 -12.38
C SER F 290 41.32 39.98 -11.19
N GLU F 291 41.22 38.67 -11.41
CA GLU F 291 41.40 37.72 -10.31
C GLU F 291 42.32 36.57 -10.71
N ASP G 11 -0.86 -17.86 48.97
CA ASP G 11 -2.19 -18.23 48.48
C ASP G 11 -2.31 -19.75 48.35
N GLY G 12 -2.95 -20.17 47.26
CA GLY G 12 -3.05 -21.53 46.77
C GLY G 12 -2.06 -21.60 45.61
N LYS G 13 -1.17 -20.61 45.58
CA LYS G 13 -0.16 -20.48 44.54
C LYS G 13 1.08 -21.32 44.77
N ASP G 14 1.64 -21.85 43.69
CA ASP G 14 2.90 -22.58 43.79
C ASP G 14 3.83 -22.08 42.67
N PHE G 15 4.74 -21.16 42.99
CA PHE G 15 5.62 -20.60 41.96
C PHE G 15 6.92 -21.35 41.80
N ARG G 16 7.16 -22.34 42.65
CA ARG G 16 8.39 -23.11 42.63
C ARG G 16 9.63 -22.23 42.48
N THR G 17 9.82 -21.28 43.42
CA THR G 17 10.96 -20.37 43.34
C THR G 17 12.33 -21.06 43.34
N ASP G 18 12.39 -22.24 43.93
CA ASP G 18 13.61 -23.04 43.88
C ASP G 18 13.95 -23.54 42.49
N GLN G 19 12.96 -23.60 41.61
CA GLN G 19 13.17 -24.23 40.31
C GLN G 19 13.10 -23.24 39.14
N PRO G 20 14.27 -22.80 38.64
CA PRO G 20 14.36 -21.87 37.53
C PRO G 20 13.77 -22.43 36.23
N GLN G 21 13.23 -21.52 35.42
CA GLN G 21 12.74 -21.82 34.08
C GLN G 21 13.89 -22.12 33.12
N LYS G 22 13.72 -23.10 32.24
CA LYS G 22 14.80 -23.42 31.33
C LYS G 22 14.24 -23.54 29.93
N ASN G 23 14.91 -22.89 28.98
CA ASN G 23 14.48 -22.94 27.59
C ASN G 23 14.71 -24.33 27.02
N ILE G 24 13.73 -24.82 26.27
CA ILE G 24 13.87 -26.14 25.64
C ILE G 24 14.55 -25.96 24.29
N PRO G 25 15.77 -26.50 24.13
CA PRO G 25 16.50 -26.38 22.87
C PRO G 25 15.76 -27.02 21.70
N PHE G 26 15.79 -26.35 20.56
CA PHE G 26 15.18 -26.84 19.33
C PHE G 26 16.27 -27.49 18.49
N THR G 27 16.17 -28.80 18.31
CA THR G 27 17.31 -29.59 17.84
C THR G 27 17.40 -29.79 16.32
N LEU G 28 16.37 -29.41 15.59
CA LEU G 28 16.41 -29.50 14.13
C LEU G 28 17.61 -28.77 13.55
N LYS G 29 18.36 -29.47 12.70
CA LYS G 29 19.66 -29.03 12.21
C LYS G 29 19.64 -27.63 11.59
N GLY G 30 20.46 -26.73 12.15
CA GLY G 30 20.57 -25.39 11.61
C GLY G 30 19.34 -24.53 11.78
N CYS G 31 18.46 -24.92 12.71
CA CYS G 31 17.21 -24.21 12.92
C CYS G 31 17.04 -23.72 14.35
N GLY G 32 18.17 -23.43 15.00
CA GLY G 32 18.15 -23.01 16.39
C GLY G 32 18.02 -21.50 16.55
N ALA G 33 17.94 -20.80 15.43
CA ALA G 33 17.80 -19.35 15.47
C ALA G 33 16.59 -18.88 14.65
N LEU G 34 15.47 -19.58 14.80
CA LEU G 34 14.27 -19.22 14.07
C LEU G 34 13.10 -18.87 14.96
N ASP G 35 12.15 -18.12 14.42
CA ASP G 35 10.94 -17.72 15.12
C ASP G 35 10.11 -18.96 15.44
N TRP G 36 9.26 -18.87 16.46
CA TRP G 36 8.43 -20.01 16.86
C TRP G 36 7.63 -20.59 15.70
N GLY G 37 6.97 -19.72 14.94
CA GLY G 37 6.09 -20.15 13.88
C GLY G 37 6.82 -20.89 12.79
N MET G 38 8.00 -20.41 12.44
CA MET G 38 8.83 -21.07 11.45
C MET G 38 9.34 -22.40 12.01
N GLN G 39 9.75 -22.39 13.27
CA GLN G 39 10.18 -23.62 13.94
C GLN G 39 9.02 -24.60 14.12
N SER G 40 7.82 -24.05 14.27
CA SER G 40 6.60 -24.85 14.40
C SER G 40 6.27 -25.62 13.13
N ARG G 41 6.37 -24.95 11.99
CA ARG G 41 6.06 -25.57 10.71
C ARG G 41 7.04 -26.68 10.38
N LEU G 42 8.31 -26.47 10.72
CA LEU G 42 9.33 -27.49 10.51
C LEU G 42 9.10 -28.74 11.36
N SER G 43 8.32 -28.60 12.44
CA SER G 43 8.02 -29.74 13.30
C SER G 43 6.94 -30.64 12.68
N ARG G 44 6.10 -30.07 11.81
CA ARG G 44 5.13 -30.88 11.09
C ARG G 44 5.82 -31.70 10.01
N ILE G 45 6.89 -31.15 9.46
CA ILE G 45 7.64 -31.84 8.41
C ILE G 45 8.72 -32.75 9.04
N PHE G 46 9.66 -32.21 9.80
CA PHE G 46 10.62 -33.09 10.46
C PHE G 46 10.13 -33.49 11.83
N ASN G 47 9.89 -34.78 11.96
CA ASN G 47 9.40 -35.39 13.18
C ASN G 47 10.33 -35.09 14.37
N PRO G 48 9.78 -34.51 15.44
CA PRO G 48 10.58 -34.10 16.61
C PRO G 48 11.24 -35.26 17.33
N LYS G 49 10.85 -36.50 17.03
CA LYS G 49 11.44 -37.63 17.71
C LYS G 49 12.82 -37.93 17.14
N THR G 50 12.85 -37.96 15.81
CA THR G 50 14.03 -38.34 15.05
C THR G 50 14.76 -37.21 14.32
N GLY G 51 14.05 -36.12 14.02
CA GLY G 51 14.62 -35.07 13.22
C GLY G 51 14.58 -35.46 11.75
N LYS G 52 13.73 -36.44 11.45
CA LYS G 52 13.63 -36.96 10.09
C LYS G 52 12.21 -36.88 9.52
N THR G 53 12.09 -37.10 8.22
CA THR G 53 10.80 -37.04 7.53
C THR G 53 10.70 -38.05 6.38
N VAL G 54 9.48 -38.47 6.07
CA VAL G 54 9.22 -39.21 4.85
C VAL G 54 8.18 -38.44 4.03
N MET G 55 8.64 -37.78 2.96
CA MET G 55 7.80 -36.88 2.18
C MET G 55 7.28 -37.53 0.90
N LEU G 56 5.96 -37.46 0.70
CA LEU G 56 5.34 -38.03 -0.49
C LEU G 56 5.14 -36.96 -1.57
N ALA G 57 6.01 -36.99 -2.58
CA ALA G 57 5.97 -36.01 -3.66
C ALA G 57 5.14 -36.51 -4.85
N PHE G 58 4.16 -35.73 -5.29
CA PHE G 58 3.42 -36.08 -6.49
C PHE G 58 3.08 -34.83 -7.29
N ASP G 59 4.04 -33.92 -7.38
CA ASP G 59 3.88 -32.69 -8.14
C ASP G 59 4.46 -32.84 -9.54
N HIS G 60 4.93 -34.04 -9.87
CA HIS G 60 5.68 -34.29 -11.10
C HIS G 60 4.96 -33.78 -12.34
N GLY G 61 3.63 -33.76 -12.27
CA GLY G 61 2.81 -33.36 -13.40
C GLY G 61 2.84 -31.88 -13.72
N TYR G 62 3.51 -31.08 -12.90
CA TYR G 62 3.51 -29.63 -13.06
C TYR G 62 4.30 -29.22 -14.29
N PHE G 63 5.03 -30.18 -14.86
CA PHE G 63 5.77 -29.96 -16.09
C PHE G 63 5.81 -31.22 -16.97
N GLN G 64 5.29 -32.32 -16.47
CA GLN G 64 5.31 -33.58 -17.22
C GLN G 64 3.92 -34.00 -17.69
N GLY G 65 2.88 -33.45 -17.08
CA GLY G 65 1.53 -33.93 -17.37
C GLY G 65 1.36 -35.25 -16.66
N PRO G 66 0.42 -36.09 -17.15
CA PRO G 66 0.09 -37.37 -16.54
C PRO G 66 1.16 -38.46 -16.67
N THR G 67 2.26 -38.37 -15.93
CA THR G 67 3.26 -39.44 -15.91
C THR G 67 2.62 -40.67 -15.24
N THR G 68 3.25 -41.83 -15.42
CA THR G 68 2.70 -43.10 -14.94
C THR G 68 2.54 -43.14 -13.41
N GLY G 69 1.33 -43.45 -12.95
CA GLY G 69 1.04 -43.47 -11.53
C GLY G 69 0.36 -42.20 -11.05
N LEU G 70 0.43 -41.16 -11.87
CA LEU G 70 -0.15 -39.85 -11.55
C LEU G 70 -1.25 -39.42 -12.50
N GLU G 71 -1.83 -40.36 -13.22
CA GLU G 71 -2.94 -40.01 -14.09
C GLU G 71 -4.17 -39.65 -13.27
N ARG G 72 -4.37 -40.39 -12.18
CA ARG G 72 -5.49 -40.15 -11.27
C ARG G 72 -5.03 -40.11 -9.82
N ILE G 73 -4.71 -38.92 -9.33
CA ILE G 73 -4.21 -38.71 -7.98
C ILE G 73 -5.18 -39.20 -6.90
N ASP G 74 -6.46 -38.99 -7.15
CA ASP G 74 -7.52 -39.36 -6.21
C ASP G 74 -7.67 -40.86 -5.93
N ILE G 75 -7.10 -41.70 -6.78
CA ILE G 75 -7.32 -43.15 -6.66
C ILE G 75 -6.08 -43.94 -6.24
N ASN G 76 -4.93 -43.65 -6.84
CA ASN G 76 -3.72 -44.41 -6.56
C ASN G 76 -2.74 -43.68 -5.66
N ILE G 77 -2.99 -42.39 -5.41
CA ILE G 77 -2.14 -41.64 -4.50
C ILE G 77 -2.91 -41.31 -3.21
N ALA G 78 -4.23 -41.24 -3.31
CA ALA G 78 -5.06 -41.00 -2.12
C ALA G 78 -4.88 -42.02 -0.99
N PRO G 79 -4.81 -43.33 -1.30
CA PRO G 79 -4.61 -44.22 -0.14
C PRO G 79 -3.20 -44.17 0.47
N LEU G 80 -2.30 -43.34 -0.04
CA LEU G 80 -0.92 -43.29 0.49
C LEU G 80 -0.73 -42.15 1.44
N PHE G 81 -1.72 -41.26 1.47
CA PHE G 81 -1.64 -40.10 2.32
C PHE G 81 -1.41 -40.65 3.70
N GLU G 82 -2.09 -41.73 4.06
CA GLU G 82 -1.87 -42.30 5.37
C GLU G 82 -0.40 -42.55 5.77
N HIS G 83 0.51 -42.77 4.81
CA HIS G 83 1.87 -43.25 5.14
C HIS G 83 3.15 -42.35 5.08
N ALA G 84 3.01 -41.07 4.76
CA ALA G 84 4.15 -40.13 4.68
C ALA G 84 4.10 -39.12 5.82
N ASP G 85 5.21 -38.51 6.17
CA ASP G 85 5.13 -37.41 7.15
C ASP G 85 4.53 -36.16 6.53
N VAL G 86 4.95 -35.87 5.31
CA VAL G 86 4.55 -34.67 4.60
C VAL G 86 4.24 -34.91 3.14
N LEU G 87 3.22 -34.22 2.64
CA LEU G 87 2.85 -34.30 1.24
C LEU G 87 3.53 -33.19 0.46
N MET G 88 3.99 -33.51 -0.75
CA MET G 88 4.49 -32.45 -1.62
C MET G 88 3.77 -32.44 -2.94
N CYS G 89 3.09 -31.34 -3.20
CA CYS G 89 2.31 -31.22 -4.42
C CYS G 89 2.09 -29.77 -4.83
N THR G 90 1.20 -29.59 -5.80
CA THR G 90 0.80 -28.27 -6.29
C THR G 90 -0.55 -27.81 -5.73
N ARG G 91 -0.85 -26.53 -5.89
CA ARG G 91 -2.12 -25.98 -5.41
C ARG G 91 -3.30 -26.50 -6.23
N GLY G 92 -3.04 -26.80 -7.50
CA GLY G 92 -4.08 -27.28 -8.39
C GLY G 92 -4.55 -28.65 -7.99
N ILE G 93 -3.60 -29.51 -7.63
CA ILE G 93 -3.92 -30.85 -7.20
C ILE G 93 -4.55 -30.84 -5.81
N LEU G 94 -4.02 -29.99 -4.94
CA LEU G 94 -4.47 -29.89 -3.55
C LEU G 94 -5.93 -29.52 -3.34
N ARG G 95 -6.36 -28.41 -3.94
CA ARG G 95 -7.73 -27.94 -3.78
C ARG G 95 -8.72 -28.90 -4.44
N SER G 96 -8.26 -29.55 -5.50
CA SER G 96 -9.14 -30.39 -6.31
C SER G 96 -9.33 -31.80 -5.75
N VAL G 97 -8.24 -32.50 -5.47
CA VAL G 97 -8.36 -33.93 -5.16
C VAL G 97 -7.79 -34.33 -3.79
N VAL G 98 -7.12 -33.40 -3.11
CA VAL G 98 -6.64 -33.67 -1.76
C VAL G 98 -7.60 -33.11 -0.72
N PRO G 99 -8.34 -34.00 -0.03
CA PRO G 99 -9.32 -33.62 0.99
C PRO G 99 -8.69 -32.94 2.19
N PRO G 100 -9.25 -31.81 2.65
CA PRO G 100 -8.76 -31.13 3.86
C PRO G 100 -8.71 -32.08 5.05
N ALA G 101 -9.66 -33.01 5.09
CA ALA G 101 -9.79 -33.96 6.20
C ALA G 101 -8.62 -34.94 6.23
N THR G 102 -7.75 -34.88 5.22
CA THR G 102 -6.54 -35.68 5.20
C THR G 102 -5.70 -35.34 6.43
N ASN G 103 -5.76 -34.07 6.82
CA ASN G 103 -5.08 -33.58 8.02
C ASN G 103 -3.61 -33.90 7.98
N ARG G 104 -2.97 -33.41 6.94
CA ARG G 104 -1.56 -33.67 6.76
C ARG G 104 -0.73 -32.45 6.44
N PRO G 105 0.51 -32.43 6.93
CA PRO G 105 1.40 -31.34 6.54
C PRO G 105 1.60 -31.34 5.02
N VAL G 106 1.53 -30.15 4.41
CA VAL G 106 1.66 -30.04 2.96
C VAL G 106 2.83 -29.15 2.56
N VAL G 107 3.60 -29.60 1.57
CA VAL G 107 4.65 -28.78 0.98
C VAL G 107 4.26 -28.44 -0.45
N LEU G 108 3.97 -27.17 -0.70
CA LEU G 108 3.46 -26.76 -2.02
C LEU G 108 4.58 -26.54 -3.02
N ARG G 109 4.33 -27.00 -4.25
CA ARG G 109 5.21 -26.67 -5.35
C ARG G 109 5.05 -25.19 -5.68
N ALA G 110 6.14 -24.43 -5.52
CA ALA G 110 6.06 -22.98 -5.70
C ALA G 110 6.84 -22.54 -6.93
N SER G 111 7.09 -23.49 -7.84
CA SER G 111 7.72 -23.20 -9.12
C SER G 111 7.06 -23.96 -10.26
N GLY G 112 7.18 -23.44 -11.46
CA GLY G 112 6.55 -24.03 -12.63
C GLY G 112 6.81 -23.17 -13.85
N ALA G 113 5.84 -23.12 -14.76
CA ALA G 113 5.95 -22.39 -16.03
C ALA G 113 6.98 -23.04 -16.95
N ASN G 114 7.21 -24.33 -16.75
CA ASN G 114 7.98 -25.14 -17.69
C ASN G 114 7.21 -26.36 -18.16
N SER G 115 7.75 -27.07 -19.15
CA SER G 115 7.13 -28.31 -19.62
C SER G 115 8.16 -29.19 -20.31
N ILE G 116 7.81 -30.46 -20.48
CA ILE G 116 8.70 -31.43 -21.11
C ILE G 116 8.91 -31.20 -22.60
N LEU G 117 8.19 -30.25 -23.18
CA LEU G 117 8.35 -29.92 -24.59
C LEU G 117 9.32 -28.77 -24.80
N ALA G 118 9.68 -28.09 -23.72
CA ALA G 118 10.59 -26.95 -23.79
C ALA G 118 11.76 -27.11 -22.83
N GLU G 119 12.43 -25.99 -22.54
CA GLU G 119 13.54 -25.99 -21.59
C GLU G 119 13.01 -26.30 -20.19
N LEU G 120 13.71 -27.17 -19.48
CA LEU G 120 13.19 -27.70 -18.22
C LEU G 120 13.62 -26.85 -17.02
N SER G 121 14.65 -26.05 -17.22
CA SER G 121 15.11 -25.13 -16.18
C SER G 121 14.35 -23.82 -16.25
N ASN G 122 13.54 -23.67 -17.29
CA ASN G 122 12.82 -22.42 -17.50
C ASN G 122 11.61 -22.35 -16.58
N GLU G 123 11.89 -22.18 -15.29
CA GLU G 123 10.85 -22.13 -14.27
C GLU G 123 10.65 -20.72 -13.70
N ALA G 124 9.42 -20.44 -13.29
CA ALA G 124 9.11 -19.21 -12.59
C ALA G 124 8.36 -19.53 -11.29
N VAL G 125 8.29 -18.56 -10.38
CA VAL G 125 7.55 -18.74 -9.15
C VAL G 125 6.09 -18.99 -9.52
N ALA G 126 5.52 -20.07 -8.99
CA ALA G 126 4.22 -20.53 -9.45
C ALA G 126 3.08 -20.23 -8.48
N LEU G 127 3.38 -19.68 -7.32
CA LEU G 127 2.34 -19.30 -6.39
C LEU G 127 2.72 -18.15 -5.48
N SER G 128 1.73 -17.32 -5.15
CA SER G 128 1.94 -16.24 -4.21
C SER G 128 2.11 -16.81 -2.81
N MET G 129 2.93 -16.15 -2.00
CA MET G 129 3.08 -16.57 -0.61
C MET G 129 1.74 -16.38 0.09
N ASP G 130 0.99 -15.41 -0.41
CA ASP G 130 -0.38 -15.14 0.00
C ASP G 130 -1.25 -16.40 -0.05
N ASP G 131 -1.09 -17.16 -1.13
CA ASP G 131 -1.92 -18.32 -1.36
C ASP G 131 -1.44 -19.57 -0.63
N ALA G 132 -0.13 -19.66 -0.41
CA ALA G 132 0.44 -20.74 0.38
C ALA G 132 -0.04 -20.63 1.81
N VAL G 133 -0.10 -19.39 2.30
CA VAL G 133 -0.63 -19.11 3.62
C VAL G 133 -2.11 -19.43 3.67
N ARG G 134 -2.83 -18.96 2.65
CA ARG G 134 -4.25 -19.25 2.51
C ARG G 134 -4.48 -20.76 2.46
N LEU G 135 -3.50 -21.50 1.95
CA LEU G 135 -3.63 -22.95 1.85
C LEU G 135 -3.01 -23.68 3.03
N ASN G 136 -2.54 -22.92 4.02
CA ASN G 136 -1.94 -23.47 5.23
C ASN G 136 -0.77 -24.39 4.94
N SER G 137 0.13 -23.95 4.06
CA SER G 137 1.31 -24.74 3.74
C SER G 137 2.24 -24.81 4.94
N CYS G 138 3.04 -25.85 5.01
CA CYS G 138 4.06 -25.94 6.04
C CYS G 138 5.36 -25.41 5.46
N ALA G 139 5.44 -25.43 4.13
CA ALA G 139 6.59 -24.90 3.40
C ALA G 139 6.26 -24.80 1.92
N VAL G 140 7.05 -24.00 1.20
CA VAL G 140 6.96 -23.94 -0.25
C VAL G 140 8.27 -24.39 -0.87
N ALA G 141 8.19 -25.01 -2.04
CA ALA G 141 9.37 -25.57 -2.68
C ALA G 141 9.53 -25.09 -4.11
N ALA G 142 10.78 -24.92 -4.52
CA ALA G 142 11.09 -24.50 -5.87
C ALA G 142 12.37 -25.16 -6.34
N GLN G 143 12.51 -25.30 -7.65
CA GLN G 143 13.70 -25.90 -8.24
C GLN G 143 14.82 -24.90 -8.41
N VAL G 144 16.05 -25.32 -8.08
CA VAL G 144 17.23 -24.55 -8.43
C VAL G 144 18.00 -25.33 -9.50
N TYR G 145 18.38 -24.64 -10.57
CA TYR G 145 19.02 -25.29 -11.70
C TYR G 145 20.44 -24.79 -11.93
N ILE G 146 21.34 -25.08 -11.00
CA ILE G 146 22.73 -24.63 -11.11
C ILE G 146 23.47 -25.30 -12.25
N GLY G 147 24.15 -24.49 -13.06
CA GLY G 147 24.88 -25.01 -14.20
C GLY G 147 24.05 -25.03 -15.46
N SER G 148 22.76 -24.71 -15.34
CA SER G 148 21.90 -24.74 -16.52
C SER G 148 21.79 -23.33 -17.11
N GLU G 149 21.19 -23.24 -18.29
CA GLU G 149 21.06 -21.96 -18.99
C GLU G 149 20.24 -20.96 -18.15
N TYR G 150 19.16 -21.42 -17.53
CA TYR G 150 18.33 -20.50 -16.72
C TYR G 150 18.59 -20.69 -15.23
N GLU G 151 19.86 -20.88 -14.86
CA GLU G 151 20.23 -21.00 -13.44
C GLU G 151 19.96 -19.72 -12.65
N HIS G 152 20.20 -18.56 -13.28
CA HIS G 152 20.05 -17.27 -12.62
C HIS G 152 18.65 -17.08 -12.05
N GLN G 153 17.64 -17.26 -12.89
CA GLN G 153 16.25 -17.12 -12.48
C GLN G 153 15.85 -18.10 -11.37
N SER G 154 16.36 -19.32 -11.47
CA SER G 154 16.01 -20.37 -10.52
C SER G 154 16.45 -20.00 -9.11
N ILE G 155 17.61 -19.34 -9.00
CA ILE G 155 18.09 -18.87 -7.72
C ILE G 155 17.25 -17.68 -7.24
N LYS G 156 16.89 -16.79 -8.17
CA LYS G 156 16.05 -15.64 -7.83
C LYS G 156 14.69 -16.10 -7.34
N ASN G 157 14.20 -17.18 -7.92
CA ASN G 157 12.95 -17.78 -7.47
C ASN G 157 13.07 -18.14 -6.00
N ILE G 158 14.20 -18.72 -5.64
CA ILE G 158 14.49 -19.07 -4.25
C ILE G 158 14.62 -17.82 -3.37
N ILE G 159 15.40 -16.85 -3.83
CA ILE G 159 15.59 -15.58 -3.12
C ILE G 159 14.27 -14.91 -2.77
N GLN G 160 13.37 -14.85 -3.75
CA GLN G 160 12.06 -14.25 -3.60
C GLN G 160 11.15 -15.01 -2.63
N LEU G 161 11.15 -16.34 -2.71
CA LEU G 161 10.29 -17.14 -1.83
C LEU G 161 10.69 -17.01 -0.37
N VAL G 162 11.99 -16.93 -0.12
CA VAL G 162 12.47 -16.76 1.24
C VAL G 162 12.09 -15.37 1.74
N ASP G 163 12.25 -14.37 0.89
CA ASP G 163 11.85 -13.00 1.20
C ASP G 163 10.36 -12.92 1.55
N ALA G 164 9.54 -13.62 0.78
CA ALA G 164 8.11 -13.64 1.05
C ALA G 164 7.84 -14.48 2.29
N GLY G 165 8.57 -15.59 2.41
CA GLY G 165 8.42 -16.51 3.52
C GLY G 165 8.85 -15.98 4.87
N MET G 166 9.91 -15.18 4.89
CA MET G 166 10.46 -14.65 6.15
C MET G 166 9.49 -13.66 6.79
N LYS G 167 8.69 -13.01 5.95
CA LYS G 167 7.69 -12.07 6.41
C LYS G 167 6.57 -12.80 7.14
N VAL G 168 6.49 -14.10 6.93
CA VAL G 168 5.31 -14.89 7.27
C VAL G 168 5.63 -16.17 8.06
N GLY G 169 6.91 -16.51 8.14
CA GLY G 169 7.31 -17.68 8.91
C GLY G 169 7.10 -18.94 8.10
N MET G 170 7.17 -18.81 6.77
CA MET G 170 6.96 -19.93 5.87
C MET G 170 8.30 -20.43 5.32
N PRO G 171 8.65 -21.68 5.65
CA PRO G 171 9.88 -22.30 5.15
C PRO G 171 9.92 -22.44 3.62
N THR G 172 11.12 -22.34 3.06
CA THR G 172 11.36 -22.53 1.64
C THR G 172 12.26 -23.74 1.40
N MET G 173 11.83 -24.65 0.54
CA MET G 173 12.66 -25.78 0.16
C MET G 173 13.27 -25.60 -1.23
N ALA G 174 14.57 -25.77 -1.32
CA ALA G 174 15.25 -25.72 -2.61
C ALA G 174 15.56 -27.12 -3.11
N VAL G 175 15.12 -27.40 -4.33
CA VAL G 175 15.37 -28.68 -4.98
C VAL G 175 16.36 -28.54 -6.15
N THR G 176 17.42 -29.33 -6.10
CA THR G 176 18.52 -29.30 -7.07
C THR G 176 18.18 -29.85 -8.46
N GLY G 177 18.02 -28.97 -9.44
CA GLY G 177 17.65 -29.39 -10.79
C GLY G 177 18.83 -29.65 -11.72
N VAL G 178 19.04 -30.92 -12.01
CA VAL G 178 20.10 -31.39 -12.92
C VAL G 178 19.79 -31.55 -14.41
N GLY G 179 20.84 -31.42 -15.23
CA GLY G 179 20.82 -31.65 -16.67
C GLY G 179 21.56 -32.94 -17.02
N LYS G 180 21.50 -33.35 -18.29
CA LYS G 180 22.34 -34.45 -18.80
C LYS G 180 23.58 -33.90 -19.54
N ASP G 181 23.91 -32.67 -19.21
CA ASP G 181 25.14 -31.94 -19.53
C ASP G 181 26.22 -32.48 -18.62
N MET G 182 25.76 -32.59 -17.39
CA MET G 182 26.49 -32.81 -16.18
C MET G 182 26.62 -34.28 -15.88
N VAL G 183 27.82 -34.84 -15.77
CA VAL G 183 27.82 -36.12 -15.09
C VAL G 183 27.86 -35.72 -13.61
N ARG G 184 26.71 -35.96 -12.99
CA ARG G 184 26.36 -35.58 -11.63
C ARG G 184 27.10 -36.33 -10.52
N ASP G 185 27.98 -35.58 -9.85
CA ASP G 185 28.75 -36.09 -8.73
C ASP G 185 28.60 -35.19 -7.52
N GLN G 186 29.34 -35.57 -6.49
CA GLN G 186 29.33 -35.01 -5.16
C GLN G 186 29.80 -33.55 -5.12
N ARG G 187 30.80 -33.23 -5.95
CA ARG G 187 31.35 -31.88 -5.95
C ARG G 187 30.33 -30.92 -6.46
N TYR G 188 29.50 -31.40 -7.37
CA TYR G 188 28.47 -30.56 -7.92
C TYR G 188 27.25 -30.38 -7.02
N PHE G 189 26.69 -31.46 -6.47
CA PHE G 189 25.50 -31.30 -5.63
C PHE G 189 25.87 -30.52 -4.38
N SER G 190 27.16 -30.57 -4.04
CA SER G 190 27.69 -29.75 -2.97
C SER G 190 27.53 -28.28 -3.34
N LEU G 191 27.71 -27.94 -4.61
CA LEU G 191 27.51 -26.57 -5.08
C LEU G 191 26.04 -26.19 -5.03
N ALA G 192 25.19 -27.07 -5.52
CA ALA G 192 23.76 -26.78 -5.62
C ALA G 192 23.11 -26.59 -4.26
N THR G 193 23.35 -27.55 -3.36
CA THR G 193 22.77 -27.50 -2.02
C THR G 193 23.23 -26.30 -1.21
N ARG G 194 24.53 -26.04 -1.23
CA ARG G 194 25.11 -24.96 -0.44
C ARG G 194 24.63 -23.56 -0.83
N ILE G 195 24.62 -23.26 -2.13
CA ILE G 195 24.21 -21.93 -2.62
C ILE G 195 22.81 -21.59 -2.12
N ALA G 196 21.91 -22.55 -2.26
CA ALA G 196 20.52 -22.41 -1.87
C ALA G 196 20.36 -22.18 -0.38
N ALA G 197 21.03 -22.99 0.42
CA ALA G 197 20.99 -22.84 1.87
C ALA G 197 21.62 -21.50 2.22
N GLU G 198 22.66 -21.17 1.46
CA GLU G 198 23.37 -19.90 1.62
C GLU G 198 22.42 -18.76 1.33
N MET G 199 21.59 -18.93 0.30
CA MET G 199 20.61 -17.92 -0.10
C MET G 199 19.43 -17.82 0.86
N GLY G 200 19.19 -18.88 1.63
CA GLY G 200 18.18 -18.80 2.67
C GLY G 200 17.17 -19.93 2.77
N ALA G 201 17.20 -20.88 1.83
CA ALA G 201 16.30 -22.01 1.91
C ALA G 201 16.65 -22.86 3.12
N GLN G 202 15.64 -23.25 3.92
CA GLN G 202 15.85 -24.00 5.16
C GLN G 202 15.68 -25.51 5.00
N ILE G 203 15.12 -25.95 3.88
CA ILE G 203 15.11 -27.36 3.56
C ILE G 203 15.74 -27.59 2.19
N ILE G 204 16.58 -28.62 2.11
CA ILE G 204 17.31 -28.94 0.89
C ILE G 204 16.98 -30.33 0.36
N ALA G 205 16.63 -30.42 -0.90
CA ALA G 205 16.38 -31.70 -1.57
C ALA G 205 17.49 -32.02 -2.55
N THR G 206 18.09 -33.21 -2.43
CA THR G 206 19.20 -33.58 -3.30
C THR G 206 19.12 -35.04 -3.75
N TYR G 207 20.06 -35.46 -4.59
CA TYR G 207 20.16 -36.82 -5.08
C TYR G 207 21.33 -37.53 -4.40
N TYR G 208 21.21 -38.83 -4.18
CA TYR G 208 22.31 -39.57 -3.58
C TYR G 208 23.39 -39.85 -4.62
N VAL G 209 24.63 -39.76 -4.17
CA VAL G 209 25.78 -40.12 -5.00
C VAL G 209 26.49 -41.21 -4.21
N GLU G 210 26.97 -42.24 -4.89
CA GLU G 210 27.49 -43.41 -4.19
C GLU G 210 28.89 -43.17 -3.65
N LYS G 211 29.49 -42.05 -4.06
CA LYS G 211 30.78 -41.66 -3.52
C LYS G 211 30.75 -40.23 -2.99
N GLY G 212 30.87 -40.08 -1.66
CA GLY G 212 31.02 -38.77 -1.06
C GLY G 212 29.76 -38.02 -0.65
N PHE G 213 28.66 -38.75 -0.45
CA PHE G 213 27.40 -38.12 -0.02
C PHE G 213 27.58 -37.46 1.35
N GLU G 214 28.53 -37.99 2.12
CA GLU G 214 28.89 -37.45 3.42
C GLU G 214 29.33 -35.99 3.38
N ARG G 215 29.87 -35.57 2.25
CA ARG G 215 30.40 -34.22 2.13
C ARG G 215 29.31 -33.22 1.73
N ILE G 216 28.21 -33.72 1.19
CA ILE G 216 27.10 -32.85 0.85
C ILE G 216 26.28 -32.48 2.09
N VAL G 217 26.05 -33.46 2.96
CA VAL G 217 25.28 -33.22 4.19
C VAL G 217 26.07 -32.37 5.20
N ALA G 218 27.35 -32.69 5.39
CA ALA G 218 28.19 -31.97 6.34
C ALA G 218 28.36 -30.53 5.89
N GLY G 219 28.50 -30.36 4.58
CA GLY G 219 28.69 -29.05 3.98
C GLY G 219 27.40 -28.25 3.89
N CYS G 220 26.27 -28.89 4.19
CA CYS G 220 24.99 -28.22 4.15
C CYS G 220 24.49 -27.93 5.57
N PRO G 221 24.34 -26.65 5.92
CA PRO G 221 23.99 -26.19 7.27
C PRO G 221 22.54 -26.46 7.67
N VAL G 222 21.70 -26.80 6.70
CA VAL G 222 20.28 -27.01 7.00
C VAL G 222 19.90 -28.41 6.52
N PRO G 223 18.75 -28.93 7.01
CA PRO G 223 18.39 -30.32 6.68
C PRO G 223 18.33 -30.68 5.21
N ILE G 224 18.81 -31.88 4.90
CA ILE G 224 18.75 -32.43 3.55
C ILE G 224 17.89 -33.70 3.44
N VAL G 225 16.95 -33.69 2.50
CA VAL G 225 16.19 -34.89 2.17
C VAL G 225 16.58 -35.30 0.76
N ILE G 226 16.60 -36.60 0.49
CA ILE G 226 16.99 -37.05 -0.84
C ILE G 226 15.76 -37.27 -1.71
N ALA G 227 15.85 -36.82 -2.96
CA ALA G 227 14.82 -37.11 -3.94
C ALA G 227 15.02 -38.52 -4.46
N GLY G 228 13.91 -39.21 -4.73
CA GLY G 228 13.95 -40.61 -5.09
C GLY G 228 14.70 -40.82 -6.38
N GLY G 229 14.49 -39.91 -7.34
CA GLY G 229 15.10 -40.05 -8.66
C GLY G 229 14.28 -41.03 -9.48
N LYS G 230 14.79 -41.38 -10.66
CA LYS G 230 14.09 -42.33 -11.52
C LYS G 230 14.00 -43.71 -10.89
N LYS G 231 13.08 -44.52 -11.42
CA LYS G 231 12.70 -45.80 -10.84
C LYS G 231 13.82 -46.86 -10.86
N LEU G 232 14.12 -47.40 -9.68
CA LEU G 232 15.13 -48.44 -9.47
C LEU G 232 14.42 -49.58 -8.70
N PRO G 233 15.00 -50.79 -8.66
CA PRO G 233 14.49 -51.84 -7.76
C PRO G 233 14.44 -51.45 -6.27
N GLU G 234 13.30 -51.76 -5.64
CA GLU G 234 13.04 -51.37 -4.26
C GLU G 234 14.07 -51.82 -3.23
N ARG G 235 14.78 -52.92 -3.47
CA ARG G 235 15.72 -53.41 -2.46
C ARG G 235 16.98 -52.57 -2.38
N GLU G 236 17.47 -52.11 -3.54
CA GLU G 236 18.60 -51.19 -3.56
C GLU G 236 18.12 -49.75 -3.45
N ALA G 237 16.85 -49.51 -3.76
CA ALA G 237 16.33 -48.15 -3.59
C ALA G 237 16.14 -47.87 -2.11
N LEU G 238 15.94 -48.95 -1.34
CA LEU G 238 15.92 -48.88 0.12
C LEU G 238 17.34 -48.89 0.67
N GLU G 239 18.27 -49.28 -0.19
CA GLU G 239 19.69 -49.18 0.12
C GLU G 239 20.09 -47.73 -0.04
N MET G 240 19.46 -47.06 -1.00
CA MET G 240 19.63 -45.63 -1.17
C MET G 240 19.13 -44.90 0.07
N CYS G 241 17.94 -45.28 0.52
CA CYS G 241 17.35 -44.70 1.72
C CYS G 241 18.21 -44.96 2.94
N TRP G 242 18.66 -46.22 3.10
CA TRP G 242 19.52 -46.54 4.24
C TRP G 242 20.85 -45.81 4.17
N GLN G 243 21.48 -45.80 3.00
CA GLN G 243 22.81 -45.20 2.87
C GLN G 243 22.77 -43.70 3.08
N ALA G 244 21.78 -43.05 2.48
CA ALA G 244 21.63 -41.61 2.66
C ALA G 244 21.35 -41.25 4.12
N ILE G 245 20.33 -41.86 4.71
CA ILE G 245 19.95 -41.60 6.10
C ILE G 245 21.06 -41.94 7.08
N ASP G 246 21.80 -43.01 6.79
CA ASP G 246 22.86 -43.46 7.70
C ASP G 246 24.06 -42.52 7.64
N GLN G 247 24.19 -41.80 6.53
CA GLN G 247 25.32 -40.91 6.31
C GLN G 247 24.92 -39.44 6.51
N GLY G 248 23.79 -39.24 7.20
CA GLY G 248 23.43 -37.92 7.71
C GLY G 248 22.23 -37.25 7.06
N ALA G 249 21.66 -37.85 6.02
CA ALA G 249 20.51 -37.26 5.35
C ALA G 249 19.33 -37.24 6.32
N SER G 250 18.54 -36.17 6.28
CA SER G 250 17.46 -35.98 7.23
C SER G 250 16.08 -36.47 6.76
N GLY G 251 16.04 -37.31 5.74
CA GLY G 251 14.76 -37.83 5.29
C GLY G 251 14.65 -37.99 3.79
N VAL G 252 13.44 -38.19 3.30
CA VAL G 252 13.22 -38.43 1.88
C VAL G 252 12.18 -37.49 1.32
N ASP G 253 12.35 -37.15 0.05
CA ASP G 253 11.35 -36.42 -0.73
C ASP G 253 11.09 -37.35 -1.90
N MET G 254 10.38 -38.43 -1.59
CA MET G 254 10.25 -39.59 -2.46
C MET G 254 9.05 -39.56 -3.38
N GLY G 255 9.30 -39.21 -4.64
CA GLY G 255 8.26 -39.26 -5.65
C GLY G 255 8.11 -40.61 -6.33
N ARG G 256 8.83 -40.86 -7.42
CA ARG G 256 8.48 -41.99 -8.30
C ARG G 256 8.76 -43.40 -7.79
N ASN G 257 9.66 -43.56 -6.85
CA ASN G 257 9.95 -44.90 -6.35
C ASN G 257 8.90 -45.55 -5.46
N ILE G 258 7.81 -44.84 -5.15
CA ILE G 258 6.74 -45.50 -4.44
C ILE G 258 5.61 -45.83 -5.40
N PHE G 259 5.12 -44.83 -6.11
CA PHE G 259 3.99 -45.06 -7.01
C PHE G 259 4.50 -45.77 -8.26
N GLN G 260 5.66 -46.42 -8.12
CA GLN G 260 6.22 -47.32 -9.11
C GLN G 260 5.81 -48.74 -8.77
N SER G 261 5.74 -49.03 -7.48
CA SER G 261 5.42 -50.35 -6.99
C SER G 261 4.01 -50.83 -7.24
N ASP G 262 3.89 -52.15 -7.23
CA ASP G 262 2.65 -52.87 -7.33
C ASP G 262 2.30 -53.09 -5.86
N HIS G 263 3.15 -52.54 -5.00
CA HIS G 263 2.92 -52.58 -3.57
C HIS G 263 3.25 -51.20 -3.05
N PRO G 264 2.58 -50.16 -3.56
CA PRO G 264 3.03 -48.83 -3.13
C PRO G 264 2.82 -48.62 -1.63
N VAL G 265 1.64 -49.03 -1.19
CA VAL G 265 1.18 -48.85 0.18
C VAL G 265 2.05 -49.59 1.18
N ALA G 266 2.39 -50.82 0.82
CA ALA G 266 3.21 -51.70 1.64
C ALA G 266 4.70 -51.36 1.50
N MET G 267 5.06 -50.70 0.41
CA MET G 267 6.44 -50.25 0.24
C MET G 267 6.88 -49.08 1.13
N MET G 268 6.00 -48.11 1.35
CA MET G 268 6.43 -46.93 2.11
C MET G 268 6.70 -47.27 3.55
N LYS G 269 6.01 -48.30 4.06
CA LYS G 269 6.33 -48.84 5.36
C LYS G 269 7.77 -49.31 5.38
N ALA G 270 8.29 -49.75 4.23
CA ALA G 270 9.69 -50.13 4.18
C ALA G 270 10.57 -48.88 4.26
N VAL G 271 10.14 -47.83 3.56
CA VAL G 271 10.81 -46.53 3.58
C VAL G 271 10.63 -45.88 4.95
N GLN G 272 9.43 -46.06 5.49
CA GLN G 272 9.06 -45.56 6.82
C GLN G 272 10.02 -45.93 7.90
N ALA G 273 10.26 -47.23 7.94
CA ALA G 273 11.03 -47.88 8.95
C ALA G 273 12.52 -47.54 8.86
N VAL G 274 13.05 -47.50 7.64
CA VAL G 274 14.46 -47.16 7.39
C VAL G 274 14.73 -45.75 7.82
N VAL G 275 13.87 -44.81 7.44
CA VAL G 275 14.17 -43.44 7.84
C VAL G 275 14.05 -43.18 9.34
N HIS G 276 12.90 -43.57 9.90
CA HIS G 276 12.65 -43.40 11.34
C HIS G 276 13.36 -44.31 12.34
N HIS G 277 13.40 -45.60 12.01
CA HIS G 277 14.00 -46.61 12.90
C HIS G 277 15.41 -47.09 12.54
N ASN G 278 16.00 -46.51 11.51
CA ASN G 278 17.33 -46.95 11.11
C ASN G 278 17.26 -48.44 10.79
N GLU G 279 16.12 -48.83 10.22
CA GLU G 279 15.87 -50.22 9.86
C GLU G 279 16.82 -50.68 8.77
N THR G 280 17.23 -51.95 8.84
CA THR G 280 18.13 -52.50 7.85
C THR G 280 17.42 -52.49 6.51
N ALA G 281 18.16 -52.18 5.45
CA ALA G 281 17.58 -52.12 4.11
C ALA G 281 16.82 -53.39 3.74
N ASP G 282 17.36 -54.55 4.11
CA ASP G 282 16.69 -55.81 3.79
C ASP G 282 16.23 -56.68 4.99
N ARG G 283 15.85 -56.03 6.09
CA ARG G 283 14.73 -56.53 6.89
C ARG G 283 13.57 -55.79 6.24
N ALA G 284 13.92 -54.94 5.28
CA ALA G 284 12.98 -54.01 4.67
C ALA G 284 12.47 -54.43 3.28
N TYR G 285 13.18 -55.26 2.52
CA TYR G 285 12.70 -55.62 1.16
C TYR G 285 11.37 -56.35 1.27
N GLU G 286 11.25 -57.11 2.34
CA GLU G 286 10.04 -57.86 2.63
C GLU G 286 9.26 -57.16 3.73
N LEU G 287 8.86 -55.92 3.50
CA LEU G 287 7.72 -55.44 4.27
C LEU G 287 6.52 -55.43 3.33
N TYR G 288 6.68 -56.22 2.25
CA TYR G 288 5.60 -56.92 1.53
C TYR G 288 4.45 -57.27 2.50
N LEU G 289 4.77 -58.10 3.49
CA LEU G 289 4.03 -59.34 3.73
C LEU G 289 2.51 -59.39 3.65
N SER G 290 2.10 -60.65 3.81
CA SER G 290 0.96 -61.31 3.21
C SER G 290 0.15 -60.63 2.08
N GLU G 291 0.28 -59.32 1.85
CA GLU G 291 -0.32 -58.72 0.66
C GLU G 291 0.58 -57.71 -0.05
N ASP H 11 -40.05 -20.38 23.64
CA ASP H 11 -41.17 -21.16 24.17
C ASP H 11 -41.90 -21.95 23.05
N GLY H 12 -42.25 -21.26 21.97
CA GLY H 12 -42.88 -21.88 20.81
C GLY H 12 -41.92 -22.17 19.69
N LYS H 13 -40.64 -22.13 20.02
CA LYS H 13 -39.59 -22.31 19.03
C LYS H 13 -39.34 -23.79 18.79
N ASP H 14 -38.97 -24.15 17.56
CA ASP H 14 -38.74 -25.54 17.22
C ASP H 14 -37.34 -25.67 16.62
N PHE H 15 -36.42 -26.19 17.43
CA PHE H 15 -35.03 -26.28 17.02
C PHE H 15 -34.81 -27.61 16.29
N ARG H 16 -35.87 -28.41 16.22
CA ARG H 16 -35.89 -29.74 15.60
C ARG H 16 -34.64 -30.52 16.06
N THR H 17 -34.49 -30.65 17.39
CA THR H 17 -33.34 -31.33 18.02
C THR H 17 -33.22 -32.79 17.59
N ASP H 18 -34.33 -33.35 17.14
CA ASP H 18 -34.35 -34.67 16.57
C ASP H 18 -33.49 -34.74 15.31
N GLN H 19 -33.17 -33.56 14.79
CA GLN H 19 -32.51 -33.43 13.50
C GLN H 19 -31.14 -32.78 13.45
N PRO H 20 -30.08 -33.60 13.43
CA PRO H 20 -28.71 -33.08 13.34
C PRO H 20 -28.54 -32.32 12.02
N GLN H 21 -27.76 -31.25 12.06
CA GLN H 21 -27.41 -30.46 10.88
C GLN H 21 -26.43 -31.22 10.01
N LYS H 22 -26.61 -31.10 8.71
CA LYS H 22 -25.81 -31.85 7.75
C LYS H 22 -25.27 -30.97 6.63
N ASN H 23 -23.97 -31.08 6.35
CA ASN H 23 -23.37 -30.34 5.25
C ASN H 23 -23.78 -30.92 3.89
N ILE H 24 -24.16 -30.04 2.98
CA ILE H 24 -24.53 -30.46 1.62
C ILE H 24 -23.33 -30.44 0.67
N PRO H 25 -22.97 -31.61 0.13
CA PRO H 25 -21.79 -31.76 -0.73
C PRO H 25 -21.89 -30.96 -2.02
N PHE H 26 -20.76 -30.39 -2.45
CA PHE H 26 -20.65 -29.69 -3.72
C PHE H 26 -20.02 -30.69 -4.71
N THR H 27 -20.78 -31.13 -5.70
CA THR H 27 -20.38 -32.30 -6.49
C THR H 27 -19.58 -31.99 -7.74
N LEU H 28 -19.51 -30.71 -8.09
CA LEU H 28 -18.73 -30.27 -9.24
C LEU H 28 -17.26 -30.73 -9.12
N LYS H 29 -16.81 -31.44 -10.15
CA LYS H 29 -15.54 -32.16 -10.13
C LYS H 29 -14.32 -31.31 -9.76
N GLY H 30 -13.62 -31.72 -8.70
CA GLY H 30 -12.41 -31.03 -8.27
C GLY H 30 -12.63 -29.65 -7.70
N CYS H 31 -13.88 -29.35 -7.36
CA CYS H 31 -14.23 -28.03 -6.83
C CYS H 31 -14.94 -28.13 -5.50
N GLY H 32 -14.66 -29.18 -4.73
CA GLY H 32 -15.34 -29.40 -3.47
C GLY H 32 -14.67 -28.78 -2.25
N ALA H 33 -13.53 -28.14 -2.46
CA ALA H 33 -12.80 -27.50 -1.37
C ALA H 33 -12.47 -26.04 -1.66
N LEU H 34 -13.46 -25.32 -2.21
CA LEU H 34 -13.30 -23.91 -2.53
C LEU H 34 -14.28 -23.07 -1.71
N ASP H 35 -13.96 -21.80 -1.53
CA ASP H 35 -14.79 -20.89 -0.73
C ASP H 35 -16.16 -20.72 -1.36
N TRP H 36 -17.14 -20.32 -0.55
CA TRP H 36 -18.53 -20.19 -1.00
C TRP H 36 -18.67 -19.38 -2.28
N GLY H 37 -18.02 -18.23 -2.32
CA GLY H 37 -18.14 -17.31 -3.45
C GLY H 37 -17.61 -17.86 -4.75
N MET H 38 -16.47 -18.56 -4.68
CA MET H 38 -15.90 -19.19 -5.86
C MET H 38 -16.77 -20.33 -6.35
N GLN H 39 -17.30 -21.12 -5.40
CA GLN H 39 -18.23 -22.19 -5.71
C GLN H 39 -19.53 -21.60 -6.25
N SER H 40 -19.85 -20.41 -5.78
CA SER H 40 -21.04 -19.69 -6.24
C SER H 40 -20.88 -19.28 -7.70
N ARG H 41 -19.71 -18.74 -8.02
CA ARG H 41 -19.41 -18.27 -9.38
C ARG H 41 -19.38 -19.44 -10.36
N LEU H 42 -18.85 -20.57 -9.92
CA LEU H 42 -18.82 -21.78 -10.72
C LEU H 42 -20.22 -22.33 -10.96
N SER H 43 -21.14 -22.00 -10.06
CA SER H 43 -22.53 -22.47 -10.15
C SER H 43 -23.37 -21.72 -11.19
N ARG H 44 -22.97 -20.50 -11.51
CA ARG H 44 -23.66 -19.75 -12.55
C ARG H 44 -23.33 -20.33 -13.91
N ILE H 45 -22.10 -20.81 -14.02
CA ILE H 45 -21.57 -21.40 -15.24
C ILE H 45 -21.91 -22.87 -15.36
N PHE H 46 -21.46 -23.65 -14.38
CA PHE H 46 -21.72 -25.09 -14.33
C PHE H 46 -23.03 -25.32 -13.61
N ASN H 47 -24.01 -25.83 -14.35
CA ASN H 47 -25.35 -26.07 -13.81
C ASN H 47 -25.31 -26.98 -12.59
N PRO H 48 -25.84 -26.48 -11.47
CA PRO H 48 -25.65 -27.26 -10.22
C PRO H 48 -26.34 -28.64 -10.18
N LYS H 49 -27.28 -28.93 -11.08
CA LYS H 49 -27.98 -30.23 -11.11
C LYS H 49 -27.55 -31.15 -12.30
N THR H 50 -27.03 -30.58 -13.40
CA THR H 50 -26.43 -31.41 -14.47
C THR H 50 -24.88 -31.35 -14.38
N GLY H 51 -24.31 -30.29 -13.81
CA GLY H 51 -22.86 -30.13 -13.72
C GLY H 51 -22.14 -29.73 -15.00
N LYS H 52 -22.89 -29.24 -15.98
CA LYS H 52 -22.33 -28.87 -17.28
C LYS H 52 -22.66 -27.44 -17.71
N THR H 53 -22.04 -27.00 -18.82
CA THR H 53 -22.23 -25.62 -19.31
C THR H 53 -22.29 -25.53 -20.82
N VAL H 54 -23.05 -24.58 -21.33
CA VAL H 54 -22.98 -24.23 -22.75
C VAL H 54 -22.49 -22.80 -22.79
N MET H 55 -21.21 -22.65 -23.11
CA MET H 55 -20.54 -21.37 -23.02
C MET H 55 -20.42 -20.76 -24.42
N LEU H 56 -20.91 -19.53 -24.58
CA LEU H 56 -20.89 -18.86 -25.88
C LEU H 56 -19.68 -17.97 -26.04
N ALA H 57 -18.70 -18.45 -26.81
CA ALA H 57 -17.48 -17.69 -27.02
C ALA H 57 -17.58 -16.81 -28.25
N PHE H 58 -17.34 -15.53 -28.06
CA PHE H 58 -17.26 -14.58 -29.16
C PHE H 58 -16.21 -13.52 -28.85
N ASP H 59 -15.08 -14.00 -28.32
CA ASP H 59 -13.95 -13.13 -27.99
C ASP H 59 -12.90 -13.17 -29.10
N HIS H 60 -13.20 -13.92 -30.17
CA HIS H 60 -12.24 -14.20 -31.23
C HIS H 60 -11.58 -12.94 -31.81
N GLY H 61 -12.31 -11.82 -31.73
CA GLY H 61 -11.84 -10.57 -32.28
C GLY H 61 -10.70 -9.92 -31.52
N TYR H 62 -10.33 -10.51 -30.39
CA TYR H 62 -9.32 -9.90 -29.53
C TYR H 62 -7.93 -10.01 -30.16
N PHE H 63 -7.80 -10.84 -31.20
CA PHE H 63 -6.56 -10.95 -31.95
C PHE H 63 -6.79 -11.21 -33.44
N GLN H 64 -8.05 -11.42 -33.82
CA GLN H 64 -8.38 -11.72 -35.21
C GLN H 64 -9.11 -10.57 -35.89
N GLY H 65 -9.63 -9.64 -35.09
CA GLY H 65 -10.48 -8.59 -35.61
C GLY H 65 -11.87 -9.12 -35.90
N PRO H 66 -12.59 -8.45 -36.79
CA PRO H 66 -13.99 -8.79 -37.11
C PRO H 66 -14.11 -10.14 -37.83
N THR H 67 -14.04 -11.22 -37.06
CA THR H 67 -14.18 -12.57 -37.60
C THR H 67 -15.56 -12.72 -38.24
N THR H 68 -15.69 -13.64 -39.21
CA THR H 68 -16.95 -13.86 -39.93
C THR H 68 -18.04 -14.36 -38.99
N GLY H 69 -19.17 -13.66 -38.97
CA GLY H 69 -20.25 -14.00 -38.05
C GLY H 69 -20.18 -13.07 -36.85
N LEU H 70 -19.03 -12.42 -36.73
CA LEU H 70 -18.74 -11.53 -35.60
C LEU H 70 -18.49 -10.09 -36.04
N GLU H 71 -18.94 -9.71 -37.23
CA GLU H 71 -18.73 -8.34 -37.69
C GLU H 71 -19.58 -7.35 -36.89
N ARG H 72 -20.80 -7.78 -36.56
CA ARG H 72 -21.74 -6.97 -35.81
C ARG H 72 -22.30 -7.74 -34.62
N ILE H 73 -21.64 -7.63 -33.48
CA ILE H 73 -22.07 -8.33 -32.27
C ILE H 73 -23.46 -7.88 -31.84
N ASP H 74 -23.75 -6.59 -32.01
CA ASP H 74 -25.03 -6.03 -31.62
C ASP H 74 -26.25 -6.54 -32.41
N ILE H 75 -26.04 -7.16 -33.56
CA ILE H 75 -27.15 -7.52 -34.45
C ILE H 75 -27.39 -9.04 -34.59
N ASN H 76 -26.28 -9.76 -34.73
CA ASN H 76 -26.16 -11.19 -35.02
C ASN H 76 -25.81 -12.11 -33.85
N ILE H 77 -25.31 -11.50 -32.79
CA ILE H 77 -24.95 -12.20 -31.58
C ILE H 77 -25.88 -11.78 -30.42
N ALA H 78 -26.45 -10.59 -30.51
CA ALA H 78 -27.36 -10.10 -29.48
C ALA H 78 -28.54 -11.05 -29.21
N PRO H 79 -29.18 -11.60 -30.28
CA PRO H 79 -30.26 -12.53 -29.96
C PRO H 79 -29.80 -13.89 -29.40
N LEU H 80 -28.50 -14.11 -29.29
CA LEU H 80 -28.00 -15.41 -28.81
C LEU H 80 -27.58 -15.36 -27.35
N PHE H 81 -27.42 -14.15 -26.81
CA PHE H 81 -27.01 -13.99 -25.43
C PHE H 81 -28.06 -14.70 -24.61
N GLU H 82 -29.29 -14.37 -24.97
CA GLU H 82 -30.46 -14.90 -24.32
C GLU H 82 -30.54 -16.43 -24.36
N HIS H 83 -30.03 -17.15 -25.37
CA HIS H 83 -30.20 -18.60 -25.21
C HIS H 83 -28.88 -19.25 -24.75
N ALA H 84 -27.95 -18.49 -24.19
CA ALA H 84 -26.68 -19.08 -23.73
C ALA H 84 -26.61 -19.20 -22.21
N ASP H 85 -25.88 -20.22 -21.73
CA ASP H 85 -25.66 -20.41 -20.30
C ASP H 85 -24.72 -19.31 -19.81
N VAL H 86 -23.67 -19.09 -20.57
CA VAL H 86 -22.63 -18.11 -20.23
C VAL H 86 -22.17 -17.37 -21.47
N LEU H 87 -21.92 -16.06 -21.33
CA LEU H 87 -21.36 -15.30 -22.44
C LEU H 87 -19.85 -15.25 -22.26
N MET H 88 -19.11 -15.38 -23.36
CA MET H 88 -17.67 -15.23 -23.30
C MET H 88 -17.17 -14.19 -24.27
N CYS H 89 -16.62 -13.11 -23.73
CA CYS H 89 -16.13 -12.01 -24.53
C CYS H 89 -15.06 -11.25 -23.78
N THR H 90 -14.69 -10.10 -24.32
CA THR H 90 -13.73 -9.22 -23.68
C THR H 90 -14.48 -8.13 -22.94
N ARG H 91 -13.75 -7.39 -22.09
CA ARG H 91 -14.35 -6.30 -21.36
C ARG H 91 -14.75 -5.19 -22.34
N GLY H 92 -14.05 -5.14 -23.47
CA GLY H 92 -14.33 -4.16 -24.50
C GLY H 92 -15.67 -4.43 -25.17
N ILE H 93 -15.91 -5.71 -25.49
CA ILE H 93 -17.18 -6.12 -26.07
C ILE H 93 -18.27 -6.14 -25.00
N LEU H 94 -17.91 -6.57 -23.80
CA LEU H 94 -18.87 -6.66 -22.70
C LEU H 94 -19.48 -5.30 -22.41
N ARG H 95 -18.62 -4.30 -22.21
CA ARG H 95 -19.07 -2.95 -21.91
C ARG H 95 -19.78 -2.21 -23.05
N SER H 96 -19.38 -2.48 -24.28
CA SER H 96 -19.88 -1.69 -25.40
C SER H 96 -21.26 -2.14 -25.91
N VAL H 97 -21.40 -3.42 -26.24
CA VAL H 97 -22.58 -3.90 -26.97
C VAL H 97 -23.36 -4.99 -26.26
N VAL H 98 -22.84 -5.48 -25.14
CA VAL H 98 -23.59 -6.46 -24.37
C VAL H 98 -24.36 -5.76 -23.26
N PRO H 99 -25.69 -5.66 -23.42
CA PRO H 99 -26.51 -4.98 -22.41
C PRO H 99 -26.47 -5.74 -21.09
N PRO H 100 -26.22 -5.02 -19.98
CA PRO H 100 -26.20 -5.60 -18.63
C PRO H 100 -27.46 -6.38 -18.31
N ALA H 101 -28.58 -5.91 -18.84
CA ALA H 101 -29.89 -6.50 -18.59
C ALA H 101 -30.02 -7.90 -19.20
N THR H 102 -29.00 -8.31 -19.96
CA THR H 102 -28.97 -9.66 -20.50
C THR H 102 -29.02 -10.67 -19.36
N ASN H 103 -28.38 -10.32 -18.26
CA ASN H 103 -28.37 -11.10 -17.03
C ASN H 103 -27.92 -12.54 -17.27
N ARG H 104 -26.74 -12.68 -17.86
CA ARG H 104 -26.12 -13.98 -18.04
C ARG H 104 -24.71 -13.93 -17.48
N PRO H 105 -24.24 -15.07 -16.95
CA PRO H 105 -22.87 -15.17 -16.45
C PRO H 105 -21.88 -14.80 -17.54
N VAL H 106 -20.83 -14.07 -17.18
CA VAL H 106 -19.83 -13.69 -18.18
C VAL H 106 -18.47 -14.22 -17.76
N VAL H 107 -17.75 -14.78 -18.72
CA VAL H 107 -16.37 -15.18 -18.52
C VAL H 107 -15.51 -14.25 -19.36
N LEU H 108 -14.72 -13.41 -18.69
CA LEU H 108 -13.97 -12.39 -19.40
C LEU H 108 -12.69 -12.91 -20.01
N ARG H 109 -12.46 -12.51 -21.26
CA ARG H 109 -11.15 -12.67 -21.89
C ARG H 109 -10.15 -11.74 -21.24
N ALA H 110 -9.16 -12.33 -20.58
CA ALA H 110 -8.16 -11.58 -19.82
C ALA H 110 -6.77 -11.75 -20.42
N SER H 111 -6.71 -12.12 -21.69
CA SER H 111 -5.41 -12.26 -22.36
C SER H 111 -5.42 -11.64 -23.75
N GLY H 112 -4.24 -11.26 -24.23
CA GLY H 112 -4.11 -10.63 -25.52
C GLY H 112 -2.71 -10.16 -25.85
N ALA H 113 -2.64 -9.03 -26.56
CA ALA H 113 -1.39 -8.43 -27.08
C ALA H 113 -0.73 -9.29 -28.16
N ASN H 114 -1.53 -10.12 -28.81
CA ASN H 114 -1.09 -10.79 -30.03
C ASN H 114 -2.10 -10.52 -31.13
N SER H 115 -1.76 -10.91 -32.36
CA SER H 115 -2.68 -10.79 -33.48
C SER H 115 -2.30 -11.75 -34.58
N ILE H 116 -3.22 -11.99 -35.51
CA ILE H 116 -3.01 -12.96 -36.59
C ILE H 116 -1.89 -12.56 -37.54
N LEU H 117 -1.32 -11.38 -37.33
CA LEU H 117 -0.22 -10.88 -38.14
C LEU H 117 1.14 -11.22 -37.56
N ALA H 118 1.16 -11.67 -36.31
CA ALA H 118 2.42 -11.98 -35.65
C ALA H 118 2.44 -13.39 -35.07
N GLU H 119 3.37 -13.64 -34.16
CA GLU H 119 3.42 -14.93 -33.48
C GLU H 119 2.18 -14.95 -32.57
N LEU H 120 1.46 -16.08 -32.56
CA LEU H 120 0.14 -16.13 -31.94
C LEU H 120 0.13 -16.56 -30.47
N SER H 121 1.23 -17.15 -30.02
CA SER H 121 1.36 -17.54 -28.62
C SER H 121 1.84 -16.36 -27.78
N ASN H 122 2.14 -15.25 -28.44
CA ASN H 122 2.66 -14.06 -27.77
C ASN H 122 1.56 -13.32 -27.02
N GLU H 123 1.07 -13.93 -25.94
CA GLU H 123 0.01 -13.32 -25.15
C GLU H 123 0.44 -12.82 -23.78
N ALA H 124 -0.20 -11.75 -23.33
CA ALA H 124 -0.06 -11.24 -21.97
C ALA H 124 -1.43 -11.04 -21.34
N VAL H 125 -1.46 -10.86 -20.03
CA VAL H 125 -2.72 -10.59 -19.33
C VAL H 125 -3.33 -9.29 -19.85
N ALA H 126 -4.61 -9.34 -20.24
CA ALA H 126 -5.20 -8.21 -20.95
C ALA H 126 -6.13 -7.38 -20.06
N LEU H 127 -6.37 -7.87 -18.86
CA LEU H 127 -7.12 -7.10 -17.87
C LEU H 127 -6.78 -7.55 -16.45
N SER H 128 -6.74 -6.58 -15.54
CA SER H 128 -6.49 -6.83 -14.12
C SER H 128 -7.71 -7.49 -13.47
N MET H 129 -7.45 -8.23 -12.39
CA MET H 129 -8.52 -8.84 -11.60
C MET H 129 -9.44 -7.76 -11.03
N ASP H 130 -8.88 -6.58 -10.81
CA ASP H 130 -9.67 -5.42 -10.39
C ASP H 130 -10.89 -5.15 -11.27
N ASP H 131 -10.69 -5.22 -12.58
CA ASP H 131 -11.75 -4.89 -13.53
C ASP H 131 -12.66 -6.07 -13.79
N ALA H 132 -12.12 -7.29 -13.66
CA ALA H 132 -12.93 -8.48 -13.79
C ALA H 132 -13.95 -8.51 -12.66
N VAL H 133 -13.51 -8.12 -11.48
CA VAL H 133 -14.38 -7.98 -10.32
C VAL H 133 -15.35 -6.82 -10.53
N ARG H 134 -14.83 -5.69 -11.01
CA ARG H 134 -15.65 -4.51 -11.28
C ARG H 134 -16.79 -4.81 -12.26
N LEU H 135 -16.54 -5.72 -13.20
CA LEU H 135 -17.51 -6.06 -14.21
C LEU H 135 -18.34 -7.27 -13.79
N ASN H 136 -18.16 -7.69 -12.54
CA ASN H 136 -18.90 -8.80 -11.98
C ASN H 136 -18.71 -10.07 -12.81
N SER H 137 -17.45 -10.36 -13.13
CA SER H 137 -17.15 -11.56 -13.91
C SER H 137 -17.40 -12.79 -13.06
N CYS H 138 -17.71 -13.90 -13.73
CA CYS H 138 -17.87 -15.17 -13.05
C CYS H 138 -16.58 -15.97 -13.11
N ALA H 139 -15.72 -15.59 -14.05
CA ALA H 139 -14.42 -16.23 -14.23
C ALA H 139 -13.56 -15.39 -15.16
N VAL H 140 -12.25 -15.65 -15.15
CA VAL H 140 -11.35 -15.02 -16.09
C VAL H 140 -10.71 -16.08 -16.99
N ALA H 141 -10.44 -15.71 -18.23
CA ALA H 141 -9.91 -16.67 -19.20
C ALA H 141 -8.65 -16.20 -19.91
N ALA H 142 -7.74 -17.13 -20.17
CA ALA H 142 -6.53 -16.83 -20.92
C ALA H 142 -6.09 -18.04 -21.73
N GLN H 143 -5.37 -17.81 -22.82
CA GLN H 143 -4.84 -18.91 -23.62
C GLN H 143 -3.52 -19.39 -23.05
N VAL H 144 -3.37 -20.71 -22.95
CA VAL H 144 -2.08 -21.32 -22.65
C VAL H 144 -1.62 -22.05 -23.91
N TYR H 145 -0.36 -21.84 -24.30
CA TYR H 145 0.13 -22.37 -25.55
C TYR H 145 1.23 -23.41 -25.38
N ILE H 146 0.87 -24.59 -24.88
CA ILE H 146 1.90 -25.59 -24.64
C ILE H 146 2.50 -26.07 -25.95
N GLY H 147 3.83 -26.06 -25.98
CA GLY H 147 4.59 -26.45 -27.15
C GLY H 147 5.00 -25.31 -28.07
N SER H 148 4.55 -24.09 -27.77
CA SER H 148 4.84 -22.95 -28.65
C SER H 148 6.07 -22.15 -28.24
N GLU H 149 6.44 -21.20 -29.08
CA GLU H 149 7.62 -20.37 -28.85
C GLU H 149 7.48 -19.62 -27.52
N TYR H 150 6.30 -19.07 -27.25
CA TYR H 150 6.02 -18.28 -26.04
C TYR H 150 5.18 -18.95 -24.96
N GLU H 151 5.39 -20.24 -24.74
CA GLU H 151 4.58 -20.96 -23.76
C GLU H 151 4.82 -20.54 -22.31
N HIS H 152 6.09 -20.26 -22.00
CA HIS H 152 6.49 -19.90 -20.65
C HIS H 152 5.64 -18.75 -20.12
N GLN H 153 5.54 -17.68 -20.90
CA GLN H 153 4.74 -16.53 -20.49
C GLN H 153 3.27 -16.88 -20.30
N SER H 154 2.73 -17.70 -21.19
CA SER H 154 1.31 -18.04 -21.16
C SER H 154 0.98 -18.80 -19.87
N ILE H 155 1.92 -19.62 -19.42
CA ILE H 155 1.75 -20.32 -18.16
C ILE H 155 1.88 -19.32 -17.02
N LYS H 156 2.79 -18.36 -17.18
CA LYS H 156 2.96 -17.32 -16.18
C LYS H 156 1.71 -16.47 -16.02
N ASN H 157 1.02 -16.24 -17.12
CA ASN H 157 -0.25 -15.50 -17.10
C ASN H 157 -1.29 -16.16 -16.20
N ILE H 158 -1.43 -17.47 -16.32
CA ILE H 158 -2.35 -18.23 -15.48
C ILE H 158 -1.95 -18.14 -14.02
N ILE H 159 -0.65 -18.33 -13.76
CA ILE H 159 -0.11 -18.23 -12.42
C ILE H 159 -0.52 -16.91 -11.77
N GLN H 160 -0.37 -15.81 -12.50
CA GLN H 160 -0.73 -14.51 -11.97
C GLN H 160 -2.24 -14.38 -11.75
N LEU H 161 -3.01 -14.88 -12.72
CA LEU H 161 -4.46 -14.81 -12.64
C LEU H 161 -5.01 -15.63 -11.50
N VAL H 162 -4.40 -16.79 -11.25
CA VAL H 162 -4.82 -17.63 -10.15
C VAL H 162 -4.45 -17.00 -8.80
N ASP H 163 -3.24 -16.46 -8.70
CA ASP H 163 -2.83 -15.76 -7.49
C ASP H 163 -3.73 -14.58 -7.17
N ALA H 164 -4.07 -13.81 -8.21
CA ALA H 164 -4.97 -12.68 -8.05
C ALA H 164 -6.40 -13.17 -7.82
N GLY H 165 -6.77 -14.23 -8.52
CA GLY H 165 -8.10 -14.79 -8.44
C GLY H 165 -8.48 -15.38 -7.09
N MET H 166 -7.52 -15.96 -6.40
CA MET H 166 -7.77 -16.59 -5.11
C MET H 166 -8.11 -15.58 -4.03
N LYS H 167 -7.59 -14.36 -4.19
CA LYS H 167 -7.82 -13.29 -3.22
C LYS H 167 -9.27 -12.83 -3.19
N VAL H 168 -10.01 -13.13 -4.25
CA VAL H 168 -11.31 -12.52 -4.49
C VAL H 168 -12.38 -13.54 -4.82
N GLY H 169 -11.98 -14.81 -4.96
CA GLY H 169 -12.94 -15.87 -5.23
C GLY H 169 -13.32 -15.98 -6.69
N MET H 170 -12.39 -15.59 -7.56
CA MET H 170 -12.63 -15.60 -9.00
C MET H 170 -11.97 -16.80 -9.66
N PRO H 171 -12.78 -17.72 -10.21
CA PRO H 171 -12.25 -18.87 -10.95
C PRO H 171 -11.44 -18.45 -12.16
N THR H 172 -10.41 -19.22 -12.51
CA THR H 172 -9.62 -18.94 -13.70
C THR H 172 -9.80 -20.04 -14.74
N MET H 173 -10.11 -19.65 -15.97
CA MET H 173 -10.21 -20.61 -17.05
C MET H 173 -8.99 -20.58 -17.95
N ALA H 174 -8.40 -21.76 -18.15
CA ALA H 174 -7.28 -21.91 -19.06
C ALA H 174 -7.73 -22.53 -20.37
N VAL H 175 -7.39 -21.90 -21.47
CA VAL H 175 -7.73 -22.45 -22.78
C VAL H 175 -6.48 -22.96 -23.47
N THR H 176 -6.49 -24.24 -23.82
CA THR H 176 -5.34 -24.86 -24.47
C THR H 176 -5.24 -24.42 -25.92
N GLY H 177 -4.42 -23.42 -26.17
CA GLY H 177 -4.24 -22.87 -27.49
C GLY H 177 -3.07 -23.62 -28.11
N VAL H 178 -3.33 -24.40 -29.14
CA VAL H 178 -2.25 -25.17 -29.78
C VAL H 178 -1.51 -24.28 -30.77
N GLY H 179 -0.22 -24.56 -30.95
CA GLY H 179 0.60 -23.81 -31.88
C GLY H 179 0.90 -24.60 -33.14
N LYS H 180 1.47 -23.91 -34.13
CA LYS H 180 2.29 -24.46 -35.22
C LYS H 180 2.23 -25.99 -35.46
N ASP H 181 1.05 -26.40 -35.93
CA ASP H 181 0.71 -27.78 -36.26
C ASP H 181 1.56 -28.90 -35.63
N MET H 182 1.52 -28.98 -34.30
CA MET H 182 2.34 -29.95 -33.57
C MET H 182 1.53 -31.15 -33.05
N VAL H 183 0.30 -31.34 -33.55
CA VAL H 183 -0.65 -32.40 -33.14
C VAL H 183 -0.78 -32.46 -31.60
N ARG H 184 -1.93 -32.16 -30.98
CA ARG H 184 -3.35 -32.28 -31.41
C ARG H 184 -3.76 -33.74 -31.39
N ASP H 185 -3.14 -34.46 -30.46
CA ASP H 185 -3.50 -35.84 -30.17
C ASP H 185 -3.69 -35.83 -28.65
N GLN H 186 -4.02 -36.97 -28.07
CA GLN H 186 -4.37 -37.02 -26.66
C GLN H 186 -3.23 -36.78 -25.71
N ARG H 187 -2.07 -37.31 -26.04
CA ARG H 187 -0.96 -37.19 -25.13
C ARG H 187 -0.52 -35.76 -25.02
N TYR H 188 -0.78 -34.98 -26.05
CA TYR H 188 -0.46 -33.58 -26.02
C TYR H 188 -1.46 -32.82 -25.14
N PHE H 189 -2.75 -33.06 -25.34
CA PHE H 189 -3.76 -32.34 -24.57
C PHE H 189 -3.76 -32.78 -23.09
N SER H 190 -3.34 -34.01 -22.81
CA SER H 190 -3.16 -34.44 -21.42
C SER H 190 -2.06 -33.62 -20.76
N LEU H 191 -1.03 -33.35 -21.53
CA LEU H 191 0.09 -32.56 -21.05
C LEU H 191 -0.36 -31.12 -20.84
N ALA H 192 -1.08 -30.59 -21.81
CA ALA H 192 -1.52 -29.21 -21.77
C ALA H 192 -2.51 -28.95 -20.64
N THR H 193 -3.56 -29.77 -20.57
CA THR H 193 -4.59 -29.61 -19.54
C THR H 193 -4.10 -29.79 -18.10
N ARG H 194 -3.36 -30.86 -17.85
CA ARG H 194 -2.90 -31.18 -16.51
C ARG H 194 -1.98 -30.12 -15.92
N ILE H 195 -0.99 -29.68 -16.69
CA ILE H 195 -0.09 -28.63 -16.22
C ILE H 195 -0.90 -27.40 -15.84
N ALA H 196 -1.86 -27.05 -16.69
CA ALA H 196 -2.73 -25.91 -16.46
C ALA H 196 -3.54 -26.09 -15.18
N ALA H 197 -4.15 -27.27 -15.03
CA ALA H 197 -4.91 -27.60 -13.83
C ALA H 197 -3.99 -27.65 -12.62
N GLU H 198 -2.79 -28.18 -12.83
CA GLU H 198 -1.76 -28.28 -11.80
C GLU H 198 -1.35 -26.90 -11.31
N MET H 199 -1.25 -25.96 -12.24
CA MET H 199 -0.86 -24.60 -11.90
C MET H 199 -1.95 -23.86 -11.14
N GLY H 200 -3.19 -24.33 -11.25
CA GLY H 200 -4.27 -23.81 -10.43
C GLY H 200 -5.59 -23.42 -11.07
N ALA H 201 -5.67 -23.47 -12.40
CA ALA H 201 -6.91 -23.16 -13.11
C ALA H 201 -8.02 -24.18 -12.80
N GLN H 202 -9.24 -23.70 -12.55
CA GLN H 202 -10.35 -24.59 -12.22
C GLN H 202 -11.25 -24.96 -13.40
N ILE H 203 -11.10 -24.25 -14.52
CA ILE H 203 -11.79 -24.68 -15.72
C ILE H 203 -10.79 -24.77 -16.86
N ILE H 204 -10.85 -25.88 -17.60
CA ILE H 204 -9.95 -26.10 -18.72
C ILE H 204 -10.73 -26.27 -20.01
N ALA H 205 -10.34 -25.50 -21.02
CA ALA H 205 -10.92 -25.61 -22.35
C ALA H 205 -9.93 -26.26 -23.30
N THR H 206 -10.37 -27.31 -23.97
CA THR H 206 -9.51 -28.03 -24.88
C THR H 206 -10.27 -28.38 -26.16
N TYR H 207 -9.60 -29.02 -27.11
CA TYR H 207 -10.26 -29.40 -28.34
C TYR H 207 -10.51 -30.91 -28.34
N TYR H 208 -11.60 -31.32 -28.97
CA TYR H 208 -11.95 -32.73 -29.01
C TYR H 208 -11.10 -33.52 -30.02
N VAL H 209 -10.73 -34.73 -29.63
CA VAL H 209 -9.98 -35.66 -30.48
C VAL H 209 -10.78 -36.97 -30.62
N GLU H 210 -10.70 -37.62 -31.78
CA GLU H 210 -11.59 -38.74 -32.11
C GLU H 210 -11.28 -40.04 -31.40
N LYS H 211 -10.10 -40.13 -30.82
CA LYS H 211 -9.73 -41.32 -30.06
C LYS H 211 -9.24 -40.99 -28.68
N GLY H 212 -9.93 -41.45 -27.64
CA GLY H 212 -9.30 -41.34 -26.34
C GLY H 212 -9.49 -40.03 -25.60
N PHE H 213 -10.54 -39.30 -25.94
CA PHE H 213 -10.89 -38.09 -25.21
C PHE H 213 -11.18 -38.41 -23.73
N GLU H 214 -11.64 -39.62 -23.48
CA GLU H 214 -11.89 -40.07 -22.11
C GLU H 214 -10.62 -40.07 -21.24
N ARG H 215 -9.46 -40.19 -21.87
CA ARG H 215 -8.22 -40.24 -21.07
C ARG H 215 -7.74 -38.83 -20.72
N ILE H 216 -8.23 -37.83 -21.46
CA ILE H 216 -7.88 -36.45 -21.17
C ILE H 216 -8.70 -35.90 -20.01
N VAL H 217 -9.97 -36.27 -20.01
CA VAL H 217 -10.92 -35.83 -18.99
C VAL H 217 -10.57 -36.46 -17.64
N ALA H 218 -10.28 -37.75 -17.67
CA ALA H 218 -9.98 -38.50 -16.46
C ALA H 218 -8.71 -37.97 -15.79
N GLY H 219 -7.72 -37.61 -16.60
CA GLY H 219 -6.46 -37.13 -16.08
C GLY H 219 -6.46 -35.70 -15.58
N CYS H 220 -7.56 -34.99 -15.81
CA CYS H 220 -7.67 -33.58 -15.39
C CYS H 220 -8.54 -33.44 -14.15
N PRO H 221 -7.97 -32.89 -13.06
CA PRO H 221 -8.64 -32.83 -11.75
C PRO H 221 -9.84 -31.88 -11.69
N VAL H 222 -9.95 -31.00 -12.68
CA VAL H 222 -11.01 -29.98 -12.69
C VAL H 222 -11.81 -30.12 -14.00
N PRO H 223 -13.01 -29.52 -14.07
CA PRO H 223 -13.86 -29.70 -15.26
C PRO H 223 -13.18 -29.35 -16.59
N ILE H 224 -13.47 -30.16 -17.61
CA ILE H 224 -12.99 -29.89 -18.96
C ILE H 224 -14.17 -29.64 -19.90
N VAL H 225 -14.17 -28.48 -20.56
CA VAL H 225 -15.15 -28.21 -21.60
C VAL H 225 -14.41 -28.05 -22.92
N ILE H 226 -15.01 -28.48 -24.02
CA ILE H 226 -14.34 -28.36 -25.31
C ILE H 226 -14.80 -27.15 -26.14
N ALA H 227 -13.83 -26.51 -26.79
CA ALA H 227 -14.10 -25.45 -27.76
C ALA H 227 -14.50 -26.04 -29.11
N GLY H 228 -15.39 -25.34 -29.81
CA GLY H 228 -15.96 -25.83 -31.06
C GLY H 228 -15.02 -26.02 -32.24
N GLY H 229 -14.08 -25.10 -32.40
CA GLY H 229 -13.17 -25.16 -33.54
C GLY H 229 -13.80 -24.57 -34.79
N LYS H 230 -13.13 -24.74 -35.93
CA LYS H 230 -13.63 -24.22 -37.20
C LYS H 230 -14.96 -24.88 -37.53
N LYS H 231 -15.76 -24.20 -38.36
CA LYS H 231 -17.14 -24.57 -38.58
C LYS H 231 -17.30 -25.91 -39.33
N LEU H 232 -18.18 -26.75 -38.80
CA LEU H 232 -18.48 -28.06 -39.38
C LEU H 232 -19.93 -28.05 -39.79
N PRO H 233 -20.34 -29.02 -40.64
CA PRO H 233 -21.78 -29.20 -40.82
C PRO H 233 -22.40 -29.42 -39.47
N GLU H 234 -23.50 -28.73 -39.18
CA GLU H 234 -24.08 -28.83 -37.85
C GLU H 234 -24.29 -30.29 -37.45
N ARG H 235 -24.53 -31.19 -38.42
CA ARG H 235 -24.71 -32.61 -38.10
C ARG H 235 -23.42 -33.34 -37.78
N GLU H 236 -22.28 -32.76 -38.16
CA GLU H 236 -20.99 -33.31 -37.81
C GLU H 236 -20.55 -32.69 -36.50
N ALA H 237 -20.96 -31.44 -36.27
CA ALA H 237 -20.63 -30.74 -35.02
C ALA H 237 -21.40 -31.15 -33.74
N LEU H 238 -22.61 -31.69 -33.81
CA LEU H 238 -23.22 -32.21 -32.57
C LEU H 238 -22.81 -33.63 -32.18
N GLU H 239 -22.12 -34.34 -33.05
CA GLU H 239 -21.55 -35.64 -32.67
C GLU H 239 -20.35 -35.42 -31.77
N MET H 240 -19.63 -34.34 -32.04
CA MET H 240 -18.52 -33.86 -31.22
C MET H 240 -18.99 -33.55 -29.81
N CYS H 241 -20.08 -32.79 -29.73
CA CYS H 241 -20.70 -32.46 -28.46
C CYS H 241 -21.17 -33.72 -27.76
N TRP H 242 -21.85 -34.58 -28.51
CA TRP H 242 -22.38 -35.82 -27.95
C TRP H 242 -21.24 -36.69 -27.46
N GLN H 243 -20.19 -36.78 -28.25
CA GLN H 243 -19.06 -37.62 -27.85
C GLN H 243 -18.32 -37.06 -26.64
N ALA H 244 -18.04 -35.76 -26.68
CA ALA H 244 -17.29 -35.11 -25.60
C ALA H 244 -17.98 -35.27 -24.26
N ILE H 245 -19.24 -34.88 -24.20
CA ILE H 245 -20.01 -35.00 -22.98
C ILE H 245 -20.16 -36.47 -22.54
N ASP H 246 -20.29 -37.40 -23.48
CA ASP H 246 -20.55 -38.79 -23.10
C ASP H 246 -19.30 -39.46 -22.47
N GLN H 247 -18.10 -39.07 -22.87
CA GLN H 247 -16.91 -39.63 -22.22
C GLN H 247 -16.27 -38.62 -21.25
N GLY H 248 -17.11 -37.72 -20.71
CA GLY H 248 -16.73 -36.94 -19.55
C GLY H 248 -16.56 -35.43 -19.58
N ALA H 249 -16.74 -34.79 -20.73
CA ALA H 249 -16.60 -33.33 -20.78
C ALA H 249 -17.69 -32.69 -19.92
N SER H 250 -17.33 -31.62 -19.21
CA SER H 250 -18.27 -30.95 -18.32
C SER H 250 -18.95 -29.79 -19.02
N GLY H 251 -18.91 -29.79 -20.35
CA GLY H 251 -19.59 -28.77 -21.12
C GLY H 251 -18.87 -28.34 -22.39
N VAL H 252 -19.33 -27.24 -22.98
CA VAL H 252 -18.77 -26.73 -24.24
C VAL H 252 -18.47 -25.23 -24.20
N ASP H 253 -17.47 -24.81 -24.96
CA ASP H 253 -17.20 -23.39 -25.16
C ASP H 253 -17.22 -23.12 -26.66
N MET H 254 -18.42 -23.10 -27.24
CA MET H 254 -18.61 -23.11 -28.68
C MET H 254 -18.73 -21.74 -29.35
N GLY H 255 -17.67 -21.33 -30.03
CA GLY H 255 -17.71 -20.11 -30.81
C GLY H 255 -18.29 -20.30 -32.20
N ARG H 256 -17.44 -20.67 -33.16
CA ARG H 256 -17.82 -20.57 -34.58
C ARG H 256 -18.88 -21.56 -35.05
N ASN H 257 -19.04 -22.68 -34.34
CA ASN H 257 -20.09 -23.63 -34.71
C ASN H 257 -21.48 -23.14 -34.32
N ILE H 258 -21.56 -21.99 -33.68
CA ILE H 258 -22.85 -21.40 -33.37
C ILE H 258 -23.20 -20.23 -34.29
N PHE H 259 -22.38 -19.18 -34.27
CA PHE H 259 -22.72 -17.96 -35.01
C PHE H 259 -22.39 -17.97 -36.50
N GLN H 260 -21.69 -18.98 -36.98
CA GLN H 260 -21.44 -19.11 -38.41
C GLN H 260 -22.48 -19.99 -39.11
N SER H 261 -23.22 -20.76 -38.31
CA SER H 261 -24.33 -21.57 -38.78
C SER H 261 -25.44 -20.68 -39.36
N ASP H 262 -26.32 -21.28 -40.15
CA ASP H 262 -27.42 -20.52 -40.76
C ASP H 262 -28.56 -20.27 -39.76
N HIS H 263 -28.56 -21.02 -38.66
CA HIS H 263 -29.56 -20.89 -37.61
C HIS H 263 -28.96 -20.99 -36.22
N PRO H 264 -28.22 -19.97 -35.80
CA PRO H 264 -27.46 -20.04 -34.55
C PRO H 264 -28.37 -20.34 -33.36
N VAL H 265 -29.54 -19.71 -33.33
CA VAL H 265 -30.51 -19.94 -32.25
C VAL H 265 -30.98 -21.41 -32.25
N ALA H 266 -31.12 -22.02 -33.42
CA ALA H 266 -31.53 -23.43 -33.49
C ALA H 266 -30.36 -24.39 -33.21
N MET H 267 -29.14 -23.91 -33.47
CA MET H 267 -27.92 -24.66 -33.17
C MET H 267 -27.76 -24.68 -31.65
N MET H 268 -28.13 -23.54 -31.06
CA MET H 268 -28.11 -23.29 -29.63
C MET H 268 -28.65 -24.43 -28.77
N LYS H 269 -29.94 -24.63 -28.97
CA LYS H 269 -30.78 -25.62 -28.32
C LYS H 269 -30.32 -27.04 -28.57
N ALA H 270 -29.75 -27.24 -29.73
CA ALA H 270 -29.27 -28.53 -30.14
C ALA H 270 -28.05 -28.96 -29.32
N VAL H 271 -27.12 -28.03 -29.08
CA VAL H 271 -25.97 -28.28 -28.22
C VAL H 271 -26.45 -28.44 -26.79
N GLN H 272 -27.39 -27.58 -26.43
CA GLN H 272 -28.06 -27.62 -25.14
C GLN H 272 -28.74 -28.98 -24.93
N ALA H 273 -29.38 -29.49 -25.97
CA ALA H 273 -30.09 -30.76 -25.89
C ALA H 273 -29.09 -31.88 -25.64
N VAL H 274 -27.96 -31.82 -26.34
CA VAL H 274 -26.92 -32.82 -26.20
C VAL H 274 -26.26 -32.82 -24.81
N VAL H 275 -25.96 -31.64 -24.30
CA VAL H 275 -25.19 -31.48 -23.07
C VAL H 275 -25.96 -31.77 -21.78
N HIS H 276 -27.10 -31.13 -21.62
CA HIS H 276 -27.85 -31.24 -20.38
C HIS H 276 -28.88 -32.37 -20.47
N HIS H 277 -29.51 -32.55 -21.62
CA HIS H 277 -30.65 -33.47 -21.69
C HIS H 277 -30.21 -34.89 -22.06
N ASN H 278 -28.91 -35.16 -22.09
CA ASN H 278 -28.40 -36.47 -22.50
C ASN H 278 -29.06 -36.95 -23.78
N GLU H 279 -29.15 -36.05 -24.76
CA GLU H 279 -29.79 -36.35 -26.03
C GLU H 279 -28.82 -37.00 -26.98
N THR H 280 -29.33 -37.99 -27.71
CA THR H 280 -28.62 -38.66 -28.79
C THR H 280 -28.44 -37.62 -29.89
N ALA H 281 -27.38 -37.77 -30.68
CA ALA H 281 -26.96 -36.74 -31.62
C ALA H 281 -27.96 -36.20 -32.65
N ASP H 282 -28.71 -37.04 -33.38
CA ASP H 282 -29.50 -36.43 -34.46
C ASP H 282 -30.96 -36.12 -34.16
N ARG H 283 -31.38 -36.27 -32.92
CA ARG H 283 -32.72 -35.83 -32.59
C ARG H 283 -32.56 -34.43 -32.00
N ALA H 284 -31.30 -34.06 -31.76
CA ALA H 284 -30.98 -32.71 -31.31
C ALA H 284 -31.14 -31.77 -32.55
N TYR H 285 -30.68 -32.20 -33.74
CA TYR H 285 -30.98 -31.53 -35.05
C TYR H 285 -32.36 -31.90 -35.58
N GLU H 286 -33.00 -32.95 -35.05
CA GLU H 286 -34.36 -33.31 -35.52
C GLU H 286 -35.28 -32.25 -35.00
N LEU H 287 -34.73 -31.44 -34.10
CA LEU H 287 -35.29 -30.17 -33.61
C LEU H 287 -34.34 -28.99 -33.82
N TYR H 288 -33.24 -29.18 -34.56
CA TYR H 288 -32.49 -28.04 -35.13
C TYR H 288 -33.23 -27.46 -36.33
N LEU H 289 -33.81 -28.36 -37.14
CA LEU H 289 -34.57 -27.95 -38.29
C LEU H 289 -36.06 -27.81 -37.94
N SER H 290 -36.41 -28.08 -36.68
CA SER H 290 -37.81 -27.88 -36.27
C SER H 290 -38.04 -26.40 -36.03
N GLU H 291 -36.96 -25.63 -36.03
CA GLU H 291 -37.05 -24.17 -35.91
C GLU H 291 -36.10 -23.49 -36.88
N ASP I 11 -49.39 18.20 1.83
CA ASP I 11 -49.64 19.46 2.50
C ASP I 11 -49.74 20.62 1.52
N GLY I 12 -49.04 20.45 0.41
CA GLY I 12 -48.89 21.53 -0.54
C GLY I 12 -47.54 21.31 -1.20
N LYS I 13 -46.98 20.12 -0.96
CA LYS I 13 -45.75 19.66 -1.60
C LYS I 13 -46.20 19.02 -2.91
N ASP I 14 -45.37 19.07 -3.94
CA ASP I 14 -45.75 18.48 -5.21
C ASP I 14 -44.71 17.48 -5.69
N PHE I 15 -44.96 16.19 -5.43
CA PHE I 15 -44.04 15.12 -5.81
C PHE I 15 -44.40 14.66 -7.19
N ARG I 16 -45.55 15.17 -7.62
CA ARG I 16 -46.17 14.87 -8.89
C ARG I 16 -46.08 13.37 -9.16
N THR I 17 -46.62 12.59 -8.22
CA THR I 17 -46.62 11.14 -8.23
C THR I 17 -47.31 10.51 -9.45
N ASP I 18 -48.18 11.29 -10.11
CA ASP I 18 -48.82 10.85 -11.35
C ASP I 18 -47.74 10.64 -12.45
N GLN I 19 -46.56 11.21 -12.24
CA GLN I 19 -45.46 11.14 -13.20
C GLN I 19 -44.30 10.25 -12.71
N PRO I 20 -44.21 9.02 -13.26
CA PRO I 20 -43.11 8.10 -12.99
C PRO I 20 -41.77 8.67 -13.42
N GLN I 21 -40.72 8.34 -12.68
CA GLN I 21 -39.36 8.75 -13.02
C GLN I 21 -38.96 7.96 -14.27
N LYS I 22 -38.29 8.53 -15.27
CA LYS I 22 -37.87 7.66 -16.39
C LYS I 22 -36.44 8.03 -16.77
N ASN I 23 -35.58 7.05 -16.97
CA ASN I 23 -34.17 7.31 -17.26
C ASN I 23 -33.93 7.94 -18.63
N ILE I 24 -33.08 8.96 -18.66
CA ILE I 24 -32.70 9.62 -19.92
C ILE I 24 -31.48 8.91 -20.49
N PRO I 25 -31.64 8.29 -21.66
CA PRO I 25 -30.59 7.48 -22.30
C PRO I 25 -29.32 8.23 -22.69
N PHE I 26 -28.19 7.55 -22.53
CA PHE I 26 -26.90 8.02 -23.00
C PHE I 26 -26.68 7.33 -24.34
N THR I 27 -26.76 8.09 -25.43
CA THR I 27 -26.86 7.49 -26.76
C THR I 27 -25.53 7.35 -27.50
N LEU I 28 -24.46 7.92 -26.94
CA LEU I 28 -23.13 7.81 -27.54
C LEU I 28 -22.75 6.34 -27.74
N LYS I 29 -22.40 6.01 -28.98
CA LYS I 29 -22.28 4.64 -29.45
C LYS I 29 -21.34 3.75 -28.62
N GLY I 30 -21.87 2.66 -28.10
CA GLY I 30 -21.10 1.69 -27.33
C GLY I 30 -20.64 2.20 -25.98
N CYS I 31 -21.27 3.28 -25.51
CA CYS I 31 -20.90 3.89 -24.24
C CYS I 31 -22.10 4.01 -23.32
N GLY I 32 -23.05 3.10 -23.46
CA GLY I 32 -24.28 3.14 -22.69
C GLY I 32 -24.20 2.36 -21.40
N ALA I 33 -23.06 1.73 -21.17
CA ALA I 33 -22.85 0.95 -19.95
C ALA I 33 -21.58 1.40 -19.23
N LEU I 34 -21.40 2.71 -19.13
CA LEU I 34 -20.24 3.26 -18.46
C LEU I 34 -20.68 4.05 -17.25
N ASP I 35 -19.79 4.17 -16.27
CA ASP I 35 -20.11 4.92 -15.06
C ASP I 35 -20.31 6.39 -15.42
N TRP I 36 -21.04 7.12 -14.59
CA TRP I 36 -21.38 8.51 -14.85
C TRP I 36 -20.18 9.37 -15.23
N GLY I 37 -19.11 9.28 -14.43
CA GLY I 37 -17.95 10.12 -14.62
C GLY I 37 -17.26 9.88 -15.94
N MET I 38 -17.19 8.62 -16.33
CA MET I 38 -16.62 8.25 -17.63
C MET I 38 -17.53 8.75 -18.75
N GLN I 39 -18.84 8.62 -18.53
CA GLN I 39 -19.81 9.14 -19.47
C GLN I 39 -19.74 10.67 -19.49
N SER I 40 -19.37 11.25 -18.35
CA SER I 40 -19.20 12.69 -18.23
C SER I 40 -18.01 13.20 -19.04
N ARG I 41 -16.88 12.49 -18.94
CA ARG I 41 -15.67 12.88 -19.65
C ARG I 41 -15.82 12.73 -21.16
N LEU I 42 -16.48 11.66 -21.58
CA LEU I 42 -16.75 11.43 -23.00
C LEU I 42 -17.70 12.47 -23.56
N SER I 43 -18.54 13.05 -22.69
CA SER I 43 -19.51 14.06 -23.09
C SER I 43 -18.91 15.44 -23.31
N ARG I 44 -17.77 15.71 -22.67
CA ARG I 44 -17.06 16.96 -22.90
C ARG I 44 -16.41 16.94 -24.27
N ILE I 45 -16.03 15.74 -24.69
CA ILE I 45 -15.36 15.55 -25.97
C ILE I 45 -16.40 15.50 -27.08
N PHE I 46 -17.30 14.53 -26.99
CA PHE I 46 -18.35 14.39 -27.99
C PHE I 46 -19.60 15.18 -27.61
N ASN I 47 -19.87 16.22 -28.38
CA ASN I 47 -21.03 17.08 -28.14
C ASN I 47 -22.30 16.23 -28.21
N PRO I 48 -23.07 16.21 -27.12
CA PRO I 48 -24.24 15.32 -27.04
C PRO I 48 -25.34 15.68 -28.04
N LYS I 49 -25.28 16.87 -28.64
CA LYS I 49 -26.27 17.28 -29.64
C LYS I 49 -25.92 16.75 -31.02
N THR I 50 -24.64 16.65 -31.33
CA THR I 50 -24.22 16.11 -32.60
C THR I 50 -23.66 14.69 -32.44
N GLY I 51 -23.14 14.41 -31.25
CA GLY I 51 -22.50 13.14 -30.95
C GLY I 51 -21.14 13.04 -31.61
N LYS I 52 -20.66 14.17 -32.12
CA LYS I 52 -19.38 14.21 -32.82
C LYS I 52 -18.46 15.27 -32.23
N THR I 53 -17.22 15.28 -32.69
CA THR I 53 -16.21 16.19 -32.17
C THR I 53 -15.24 16.68 -33.23
N VAL I 54 -14.67 17.87 -33.00
CA VAL I 54 -13.55 18.33 -33.80
C VAL I 54 -12.35 18.49 -32.86
N MET I 55 -11.42 17.54 -32.95
CA MET I 55 -10.27 17.47 -32.05
C MET I 55 -9.03 18.06 -32.69
N LEU I 56 -8.41 19.01 -32.01
CA LEU I 56 -7.21 19.64 -32.52
C LEU I 56 -5.97 18.97 -31.92
N ALA I 57 -5.32 18.13 -32.71
CA ALA I 57 -4.16 17.39 -32.25
C ALA I 57 -2.87 18.14 -32.54
N PHE I 58 -2.06 18.35 -31.50
CA PHE I 58 -0.75 18.96 -31.65
C PHE I 58 0.23 18.31 -30.68
N ASP I 59 0.16 16.99 -30.61
CA ASP I 59 1.06 16.22 -29.76
C ASP I 59 2.26 15.71 -30.55
N HIS I 60 2.32 16.08 -31.82
CA HIS I 60 3.30 15.53 -32.77
C HIS I 60 4.75 15.60 -32.27
N GLY I 61 5.03 16.56 -31.40
CA GLY I 61 6.39 16.76 -30.92
C GLY I 61 6.92 15.68 -30.00
N TYR I 62 6.06 14.74 -29.62
CA TYR I 62 6.46 13.71 -28.65
C TYR I 62 7.42 12.69 -29.27
N PHE I 63 7.55 12.73 -30.59
CA PHE I 63 8.55 11.89 -31.28
C PHE I 63 9.11 12.56 -32.53
N GLN I 64 8.57 13.73 -32.89
CA GLN I 64 9.00 14.42 -34.10
C GLN I 64 9.81 15.69 -33.81
N GLY I 65 9.73 16.19 -32.58
CA GLY I 65 10.35 17.44 -32.23
C GLY I 65 9.53 18.61 -32.76
N PRO I 66 10.15 19.78 -32.93
CA PRO I 66 9.42 20.97 -33.39
C PRO I 66 8.99 20.82 -34.84
N THR I 67 7.96 20.01 -35.09
CA THR I 67 7.45 19.82 -36.45
C THR I 67 6.88 21.13 -37.02
N THR I 68 6.76 21.18 -38.35
CA THR I 68 6.33 22.39 -39.05
C THR I 68 4.91 22.83 -38.70
N GLY I 69 4.79 24.08 -38.27
CA GLY I 69 3.51 24.63 -37.86
C GLY I 69 3.37 24.52 -36.35
N LEU I 70 4.21 23.68 -35.76
CA LEU I 70 4.16 23.42 -34.34
C LEU I 70 5.46 23.84 -33.64
N GLU I 71 6.25 24.69 -34.28
CA GLU I 71 7.47 25.17 -33.65
C GLU I 71 7.12 26.10 -32.50
N ARG I 72 6.03 26.86 -32.66
CA ARG I 72 5.57 27.77 -31.62
C ARG I 72 4.09 27.54 -31.29
N ILE I 73 3.83 26.64 -30.36
CA ILE I 73 2.46 26.34 -29.94
C ILE I 73 1.80 27.57 -29.31
N ASP I 74 2.59 28.31 -28.53
CA ASP I 74 2.11 29.50 -27.84
C ASP I 74 1.74 30.62 -28.80
N ILE I 75 2.30 30.55 -30.01
CA ILE I 75 2.07 31.61 -30.98
C ILE I 75 1.22 31.14 -32.17
N ASN I 76 1.46 29.98 -32.78
CA ASN I 76 0.63 29.76 -33.95
C ASN I 76 -0.49 28.74 -33.64
N ILE I 77 -0.50 28.11 -32.46
CA ILE I 77 -1.61 27.19 -32.16
C ILE I 77 -2.56 27.70 -31.06
N ALA I 78 -2.05 28.58 -30.20
CA ALA I 78 -2.83 29.15 -29.10
C ALA I 78 -4.14 29.85 -29.52
N PRO I 79 -4.13 30.65 -30.60
CA PRO I 79 -5.42 31.25 -30.97
C PRO I 79 -6.43 30.27 -31.57
N LEU I 80 -6.09 28.99 -31.66
CA LEU I 80 -6.97 28.00 -32.30
C LEU I 80 -7.75 27.17 -31.30
N PHE I 81 -7.35 27.22 -30.04
CA PHE I 81 -7.97 26.40 -28.99
C PHE I 81 -9.44 26.66 -28.87
N GLU I 82 -9.79 27.95 -28.82
CA GLU I 82 -11.18 28.32 -28.73
C GLU I 82 -12.00 27.80 -29.92
N HIS I 83 -11.44 27.56 -31.11
CA HIS I 83 -12.40 27.12 -32.11
C HIS I 83 -12.35 25.60 -32.22
N ALA I 84 -11.70 24.95 -31.25
CA ALA I 84 -11.66 23.49 -31.23
C ALA I 84 -12.56 22.96 -30.11
N ASP I 85 -13.18 21.79 -30.33
CA ASP I 85 -14.00 21.17 -29.29
C ASP I 85 -13.13 20.58 -28.18
N VAL I 86 -12.09 19.85 -28.56
CA VAL I 86 -11.21 19.24 -27.57
C VAL I 86 -9.76 19.34 -28.07
N LEU I 87 -8.84 19.63 -27.17
CA LEU I 87 -7.43 19.69 -27.52
C LEU I 87 -6.73 18.37 -27.25
N MET I 88 -5.81 17.99 -28.12
CA MET I 88 -4.98 16.83 -27.86
C MET I 88 -3.50 17.17 -27.88
N CYS I 89 -2.86 16.96 -26.74
CA CYS I 89 -1.46 17.27 -26.59
C CYS I 89 -0.82 16.38 -25.54
N THR I 90 0.41 16.73 -25.19
CA THR I 90 1.13 16.05 -24.13
C THR I 90 1.03 16.90 -22.87
N ARG I 91 1.38 16.31 -21.74
CA ARG I 91 1.35 17.03 -20.47
C ARG I 91 2.42 18.12 -20.42
N GLY I 92 3.48 17.93 -21.20
CA GLY I 92 4.55 18.90 -21.25
C GLY I 92 4.12 20.20 -21.92
N ILE I 93 3.39 20.08 -23.02
CA ILE I 93 2.86 21.24 -23.73
C ILE I 93 1.70 21.85 -22.94
N LEU I 94 0.88 20.98 -22.34
CA LEU I 94 -0.27 21.42 -21.57
C LEU I 94 0.12 22.33 -20.41
N ARG I 95 1.04 21.86 -19.56
CA ARG I 95 1.47 22.65 -18.42
C ARG I 95 2.28 23.89 -18.80
N SER I 96 3.03 23.78 -19.89
CA SER I 96 3.95 24.86 -20.27
C SER I 96 3.29 25.99 -21.05
N VAL I 97 2.58 25.66 -22.13
CA VAL I 97 2.12 26.71 -23.04
C VAL I 97 0.60 26.73 -23.26
N VAL I 98 -0.11 25.75 -22.71
CA VAL I 98 -1.57 25.78 -22.77
C VAL I 98 -2.15 26.34 -21.47
N PRO I 99 -2.66 27.58 -21.51
CA PRO I 99 -3.23 28.25 -20.34
C PRO I 99 -4.51 27.55 -19.86
N PRO I 100 -4.62 27.32 -18.54
CA PRO I 100 -5.77 26.68 -17.89
C PRO I 100 -7.11 27.36 -18.21
N ALA I 101 -7.09 28.68 -18.37
CA ALA I 101 -8.28 29.47 -18.62
C ALA I 101 -8.91 29.19 -19.99
N THR I 102 -8.23 28.39 -20.79
CA THR I 102 -8.72 28.01 -22.11
C THR I 102 -10.09 27.36 -22.03
N ASN I 103 -10.33 26.62 -20.95
CA ASN I 103 -11.63 26.01 -20.67
C ASN I 103 -12.14 25.19 -21.86
N ARG I 104 -11.27 24.30 -22.32
CA ARG I 104 -11.61 23.34 -23.36
C ARG I 104 -11.16 21.96 -22.93
N PRO I 105 -11.90 20.92 -23.32
CA PRO I 105 -11.49 19.55 -23.01
C PRO I 105 -10.12 19.21 -23.57
N VAL I 106 -9.31 18.52 -22.78
CA VAL I 106 -7.99 18.12 -23.19
C VAL I 106 -7.84 16.59 -23.13
N VAL I 107 -7.25 16.02 -24.17
CA VAL I 107 -6.92 14.60 -24.20
C VAL I 107 -5.40 14.41 -24.18
N LEU I 108 -4.88 13.81 -23.11
CA LEU I 108 -3.43 13.71 -22.94
C LEU I 108 -2.82 12.56 -23.72
N ARG I 109 -1.70 12.85 -24.38
CA ARG I 109 -0.84 11.82 -24.94
C ARG I 109 -0.17 11.04 -23.81
N ALA I 110 -0.49 9.74 -23.73
CA ALA I 110 0.01 8.92 -22.63
C ALA I 110 0.98 7.86 -23.14
N SER I 111 1.53 8.08 -24.32
CA SER I 111 2.54 7.19 -24.87
C SER I 111 3.66 8.02 -25.50
N GLY I 112 4.85 7.44 -25.57
CA GLY I 112 6.02 8.12 -26.09
C GLY I 112 7.24 7.23 -25.97
N ALA I 113 8.40 7.85 -25.73
CA ALA I 113 9.69 7.19 -25.64
C ALA I 113 10.13 6.59 -26.98
N ASN I 114 9.59 7.15 -28.06
CA ASN I 114 10.08 6.85 -29.39
C ASN I 114 10.47 8.13 -30.10
N SER I 115 11.11 8.01 -31.25
CA SER I 115 11.48 9.18 -32.04
C SER I 115 11.69 8.81 -33.50
N ILE I 116 11.77 9.83 -34.35
CA ILE I 116 11.95 9.64 -35.78
C ILE I 116 13.33 9.11 -36.15
N LEU I 117 14.23 9.00 -35.17
CA LEU I 117 15.58 8.49 -35.41
C LEU I 117 15.69 6.99 -35.17
N ALA I 118 14.68 6.41 -34.53
CA ALA I 118 14.70 4.98 -34.21
C ALA I 118 13.43 4.27 -34.69
N GLU I 119 13.17 3.10 -34.10
CA GLU I 119 11.95 2.35 -34.38
C GLU I 119 10.76 3.15 -33.89
N LEU I 120 9.74 3.26 -34.71
CA LEU I 120 8.67 4.21 -34.42
C LEU I 120 7.54 3.55 -33.63
N SER I 121 7.51 2.23 -33.64
CA SER I 121 6.51 1.48 -32.88
C SER I 121 7.00 1.22 -31.46
N ASN I 122 8.25 1.58 -31.19
CA ASN I 122 8.82 1.29 -29.88
C ASN I 122 8.31 2.30 -28.86
N GLU I 123 7.03 2.17 -28.52
CA GLU I 123 6.44 3.09 -27.56
C GLU I 123 6.13 2.45 -26.21
N ALA I 124 6.25 3.25 -25.16
CA ALA I 124 5.85 2.86 -23.81
C ALA I 124 4.95 3.95 -23.23
N VAL I 125 4.24 3.63 -22.15
CA VAL I 125 3.36 4.60 -21.50
C VAL I 125 4.15 5.82 -21.01
N ALA I 126 3.66 7.02 -21.36
CA ALA I 126 4.42 8.25 -21.13
C ALA I 126 3.90 9.10 -19.97
N LEU I 127 2.77 8.71 -19.39
CA LEU I 127 2.29 9.39 -18.18
C LEU I 127 1.39 8.47 -17.37
N SER I 128 1.53 8.57 -16.05
CA SER I 128 0.69 7.81 -15.13
C SER I 128 -0.73 8.36 -15.10
N MET I 129 -1.69 7.49 -14.82
CA MET I 129 -3.08 7.88 -14.66
C MET I 129 -3.26 8.86 -13.50
N ASP I 130 -2.37 8.76 -12.52
CA ASP I 130 -2.31 9.71 -11.41
C ASP I 130 -2.24 11.15 -11.93
N ASP I 131 -1.41 11.35 -12.95
CA ASP I 131 -1.15 12.68 -13.49
C ASP I 131 -2.20 13.16 -14.50
N ALA I 132 -2.83 12.22 -15.19
CA ALA I 132 -3.90 12.58 -16.10
C ALA I 132 -5.06 13.17 -15.31
N VAL I 133 -5.32 12.56 -14.16
CA VAL I 133 -6.32 13.05 -13.23
C VAL I 133 -5.91 14.38 -12.62
N ARG I 134 -4.66 14.45 -12.19
CA ARG I 134 -4.10 15.67 -11.64
C ARG I 134 -4.24 16.83 -12.63
N LEU I 135 -4.22 16.50 -13.92
CA LEU I 135 -4.34 17.49 -14.98
C LEU I 135 -5.77 17.67 -15.51
N ASN I 136 -6.75 17.05 -14.86
CA ASN I 136 -8.13 17.16 -15.30
C ASN I 136 -8.29 16.72 -16.75
N SER I 137 -7.69 15.58 -17.09
CA SER I 137 -7.81 15.07 -18.44
C SER I 137 -9.23 14.55 -18.65
N CYS I 138 -9.69 14.56 -19.89
CA CYS I 138 -10.98 13.96 -20.22
C CYS I 138 -10.78 12.56 -20.75
N ALA I 139 -9.56 12.28 -21.22
CA ALA I 139 -9.18 10.97 -21.70
C ALA I 139 -7.67 10.91 -21.90
N VAL I 140 -7.12 9.69 -21.97
CA VAL I 140 -5.71 9.51 -22.30
C VAL I 140 -5.59 8.75 -23.60
N ALA I 141 -4.54 9.01 -24.35
CA ALA I 141 -4.36 8.42 -25.67
C ALA I 141 -3.01 7.74 -25.84
N ALA I 142 -3.01 6.65 -26.59
CA ALA I 142 -1.78 5.92 -26.90
C ALA I 142 -1.88 5.32 -28.30
N GLN I 143 -0.73 5.08 -28.90
CA GLN I 143 -0.68 4.45 -30.22
C GLN I 143 -0.74 2.94 -30.11
N VAL I 144 -1.51 2.31 -30.99
CA VAL I 144 -1.43 0.86 -31.14
C VAL I 144 -0.80 0.58 -32.51
N TYR I 145 0.20 -0.29 -32.53
CA TYR I 145 1.00 -0.53 -33.73
C TYR I 145 0.86 -1.95 -34.25
N ILE I 146 -0.31 -2.26 -34.81
CA ILE I 146 -0.59 -3.60 -35.31
C ILE I 146 0.26 -3.96 -36.53
N GLY I 147 0.89 -5.13 -36.47
CA GLY I 147 1.71 -5.60 -37.58
C GLY I 147 3.15 -5.17 -37.45
N SER I 148 3.44 -4.34 -36.46
CA SER I 148 4.78 -3.80 -36.28
C SER I 148 5.60 -4.63 -35.29
N GLU I 149 6.89 -4.29 -35.17
CA GLU I 149 7.79 -5.01 -34.27
C GLU I 149 7.27 -4.97 -32.86
N TYR I 150 6.85 -3.79 -32.44
CA TYR I 150 6.40 -3.58 -31.09
C TYR I 150 4.89 -3.52 -31.01
N GLU I 151 4.27 -4.39 -31.80
CA GLU I 151 2.83 -4.58 -31.74
C GLU I 151 2.45 -5.09 -30.37
N HIS I 152 3.24 -6.05 -29.89
CA HIS I 152 2.99 -6.66 -28.59
C HIS I 152 2.98 -5.57 -27.54
N GLN I 153 4.05 -4.79 -27.52
CA GLN I 153 4.19 -3.70 -26.55
C GLN I 153 3.12 -2.62 -26.68
N SER I 154 2.77 -2.26 -27.91
CA SER I 154 1.81 -1.18 -28.15
C SER I 154 0.41 -1.52 -27.63
N ILE I 155 0.01 -2.78 -27.78
CA ILE I 155 -1.27 -3.24 -27.25
C ILE I 155 -1.21 -3.31 -25.73
N LYS I 156 -0.06 -3.73 -25.21
CA LYS I 156 0.14 -3.82 -23.78
C LYS I 156 0.06 -2.44 -23.13
N ASN I 157 0.56 -1.43 -23.83
CA ASN I 157 0.45 -0.05 -23.39
C ASN I 157 -1.01 0.34 -23.20
N ILE I 158 -1.85 -0.09 -24.16
CA ILE I 158 -3.29 0.15 -24.10
C ILE I 158 -3.92 -0.58 -22.91
N ILE I 159 -3.58 -1.86 -22.76
CA ILE I 159 -4.06 -2.67 -21.64
C ILE I 159 -3.81 -2.01 -20.29
N GLN I 160 -2.60 -1.51 -20.12
CA GLN I 160 -2.21 -0.88 -18.85
C GLN I 160 -3.02 0.40 -18.61
N LEU I 161 -3.21 1.18 -19.66
CA LEU I 161 -4.01 2.41 -19.56
C LEU I 161 -5.51 2.16 -19.32
N VAL I 162 -6.06 1.14 -19.97
CA VAL I 162 -7.48 0.83 -19.79
C VAL I 162 -7.76 0.31 -18.39
N ASP I 163 -6.89 -0.56 -17.89
CA ASP I 163 -6.97 -1.06 -16.52
C ASP I 163 -6.90 0.07 -15.51
N ALA I 164 -6.00 1.02 -15.74
CA ALA I 164 -5.84 2.16 -14.86
C ALA I 164 -7.01 3.14 -15.01
N GLY I 165 -7.47 3.34 -16.25
CA GLY I 165 -8.55 4.27 -16.53
C GLY I 165 -9.88 3.88 -15.91
N MET I 166 -10.13 2.58 -15.83
CA MET I 166 -11.38 2.06 -15.28
C MET I 166 -11.50 2.31 -13.77
N LYS I 167 -10.36 2.40 -13.10
CA LYS I 167 -10.32 2.68 -11.68
C LYS I 167 -10.78 4.10 -11.37
N VAL I 168 -10.78 4.94 -12.40
CA VAL I 168 -10.85 6.38 -12.22
C VAL I 168 -11.92 7.03 -13.11
N GLY I 169 -12.45 6.25 -14.06
CA GLY I 169 -13.50 6.76 -14.94
C GLY I 169 -12.90 7.56 -16.07
N MET I 170 -11.67 7.19 -16.43
CA MET I 170 -10.92 7.86 -17.48
C MET I 170 -10.94 7.07 -18.78
N PRO I 171 -11.54 7.65 -19.84
CA PRO I 171 -11.55 7.02 -21.16
C PRO I 171 -10.14 6.89 -21.75
N THR I 172 -9.93 5.83 -22.52
CA THR I 172 -8.65 5.64 -23.21
C THR I 172 -8.89 5.68 -24.71
N MET I 173 -8.11 6.49 -25.41
CA MET I 173 -8.19 6.52 -26.87
C MET I 173 -7.04 5.74 -27.47
N ALA I 174 -7.38 4.83 -28.38
CA ALA I 174 -6.38 4.06 -29.11
C ALA I 174 -6.19 4.62 -30.51
N VAL I 175 -4.94 4.92 -30.84
CA VAL I 175 -4.65 5.44 -32.16
C VAL I 175 -3.92 4.38 -32.97
N THR I 176 -4.53 3.93 -34.06
CA THR I 176 -3.92 2.89 -34.87
C THR I 176 -2.62 3.39 -35.47
N GLY I 177 -1.54 3.27 -34.70
CA GLY I 177 -0.21 3.51 -35.18
C GLY I 177 0.11 2.42 -36.20
N VAL I 178 0.38 2.87 -37.42
CA VAL I 178 0.59 1.95 -38.53
C VAL I 178 1.97 2.33 -39.13
N GLY I 179 2.69 1.38 -39.72
CA GLY I 179 4.16 1.36 -39.77
C GLY I 179 5.07 2.44 -40.38
N LYS I 180 5.54 2.21 -41.61
CA LYS I 180 5.16 1.03 -42.42
C LYS I 180 6.02 0.67 -43.67
N ASP I 181 6.26 -0.61 -43.91
CA ASP I 181 5.90 -1.13 -45.24
C ASP I 181 4.66 -2.00 -44.93
N MET I 182 3.49 -1.45 -45.27
CA MET I 182 2.21 -2.10 -44.96
C MET I 182 0.96 -1.37 -45.47
N VAL I 183 0.05 -2.16 -46.02
CA VAL I 183 -1.02 -1.60 -46.85
C VAL I 183 -2.16 -1.04 -46.02
N ARG I 184 -2.46 0.23 -46.29
CA ARG I 184 -3.53 0.95 -45.62
C ARG I 184 -4.87 0.61 -46.24
N ASP I 185 -5.28 -0.64 -46.13
CA ASP I 185 -6.59 -1.00 -46.65
C ASP I 185 -7.54 -1.22 -45.48
N GLN I 186 -8.79 -1.46 -45.81
CA GLN I 186 -9.80 -1.57 -44.77
C GLN I 186 -9.58 -2.85 -43.93
N ARG I 187 -9.17 -3.94 -44.57
CA ARG I 187 -8.90 -5.19 -43.85
C ARG I 187 -7.93 -4.97 -42.70
N TYR I 188 -6.85 -3.84 -42.92
CA TYR I 188 -5.85 -3.57 -41.89
C TYR I 188 -6.47 -2.74 -40.76
N PHE I 189 -7.16 -1.67 -41.13
CA PHE I 189 -7.73 -0.79 -40.13
C PHE I 189 -8.88 -1.48 -39.41
N SER I 190 -9.58 -2.39 -40.07
CA SER I 190 -10.59 -3.18 -39.39
C SER I 190 -9.97 -4.08 -38.34
N LEU I 191 -8.81 -4.64 -38.65
CA LEU I 191 -8.10 -5.48 -37.68
C LEU I 191 -7.54 -4.64 -36.56
N ALA I 192 -6.90 -3.53 -36.91
CA ALA I 192 -6.24 -2.68 -35.92
C ALA I 192 -7.26 -2.07 -34.96
N THR I 193 -8.30 -1.47 -35.52
CA THR I 193 -9.34 -0.83 -34.71
C THR I 193 -10.07 -1.84 -33.82
N ARG I 194 -10.45 -2.98 -34.39
CA ARG I 194 -11.19 -4.00 -33.63
C ARG I 194 -10.39 -4.54 -32.46
N ILE I 195 -9.12 -4.85 -32.69
CA ILE I 195 -8.25 -5.34 -31.62
C ILE I 195 -8.20 -4.34 -30.47
N ALA I 196 -8.03 -3.06 -30.82
CA ALA I 196 -7.96 -1.99 -29.83
C ALA I 196 -9.26 -1.81 -29.05
N ALA I 197 -10.38 -1.76 -29.76
CA ALA I 197 -11.69 -1.61 -29.13
C ALA I 197 -12.04 -2.83 -28.29
N GLU I 198 -11.67 -4.00 -28.79
CA GLU I 198 -11.91 -5.25 -28.07
C GLU I 198 -11.15 -5.24 -26.75
N MET I 199 -9.95 -4.66 -26.76
CA MET I 199 -9.13 -4.60 -25.55
C MET I 199 -9.68 -3.63 -24.51
N GLY I 200 -10.54 -2.70 -24.93
CA GLY I 200 -11.21 -1.84 -23.98
C GLY I 200 -11.20 -0.35 -24.24
N ALA I 201 -10.50 0.09 -25.28
CA ALA I 201 -10.46 1.51 -25.62
C ALA I 201 -11.84 2.00 -26.01
N GLN I 202 -12.23 3.17 -25.50
CA GLN I 202 -13.57 3.70 -25.76
C GLN I 202 -13.59 4.67 -26.93
N ILE I 203 -12.41 5.13 -27.32
CA ILE I 203 -12.29 5.92 -28.55
C ILE I 203 -11.18 5.35 -29.42
N ILE I 204 -11.47 5.22 -30.71
CA ILE I 204 -10.48 4.71 -31.64
C ILE I 204 -10.20 5.74 -32.72
N ALA I 205 -8.93 6.08 -32.91
CA ALA I 205 -8.56 6.99 -33.99
C ALA I 205 -7.86 6.21 -35.09
N THR I 206 -8.39 6.33 -36.30
CA THR I 206 -7.86 5.58 -37.43
C THR I 206 -7.91 6.44 -38.69
N TYR I 207 -7.50 5.85 -39.81
CA TYR I 207 -7.47 6.57 -41.09
C TYR I 207 -8.63 6.22 -42.00
N TYR I 208 -9.05 7.21 -42.79
CA TYR I 208 -10.12 7.00 -43.75
C TYR I 208 -9.59 6.25 -44.96
N VAL I 209 -10.39 5.32 -45.45
CA VAL I 209 -10.08 4.57 -46.67
C VAL I 209 -11.23 4.77 -47.65
N GLU I 210 -10.93 4.81 -48.95
CA GLU I 210 -11.93 5.18 -49.93
C GLU I 210 -12.93 4.07 -50.21
N LYS I 211 -12.59 2.85 -49.81
CA LYS I 211 -13.54 1.74 -49.90
C LYS I 211 -13.60 0.87 -48.63
N GLY I 212 -14.77 0.86 -48.01
CA GLY I 212 -15.04 -0.02 -46.88
C GLY I 212 -14.72 0.61 -45.53
N PHE I 213 -14.63 1.93 -45.51
CA PHE I 213 -14.44 2.65 -44.26
C PHE I 213 -15.67 2.58 -43.37
N GLU I 214 -16.85 2.54 -43.99
CA GLU I 214 -18.12 2.41 -43.28
C GLU I 214 -18.12 1.08 -42.53
N ARG I 215 -17.34 0.16 -43.08
CA ARG I 215 -17.19 -1.18 -42.58
C ARG I 215 -16.17 -1.22 -41.46
N ILE I 216 -15.31 -0.20 -41.38
CA ILE I 216 -14.41 -0.04 -40.25
C ILE I 216 -15.21 0.56 -39.11
N VAL I 217 -16.12 1.45 -39.49
CA VAL I 217 -17.01 2.11 -38.55
C VAL I 217 -18.03 1.12 -37.96
N ALA I 218 -18.64 0.32 -38.82
CA ALA I 218 -19.67 -0.63 -38.40
C ALA I 218 -19.11 -1.70 -37.46
N GLY I 219 -17.89 -2.16 -37.74
CA GLY I 219 -17.27 -3.21 -36.96
C GLY I 219 -16.69 -2.76 -35.63
N CYS I 220 -16.66 -1.46 -35.39
CA CYS I 220 -16.15 -0.93 -34.14
C CYS I 220 -17.32 -0.46 -33.27
N PRO I 221 -17.48 -1.09 -32.10
CA PRO I 221 -18.64 -0.88 -31.21
C PRO I 221 -18.66 0.47 -30.51
N VAL I 222 -17.53 1.19 -30.55
CA VAL I 222 -17.37 2.44 -29.83
C VAL I 222 -17.02 3.52 -30.85
N PRO I 223 -17.13 4.81 -30.46
CA PRO I 223 -16.91 5.88 -31.45
C PRO I 223 -15.58 5.80 -32.19
N ILE I 224 -15.61 6.11 -33.49
CA ILE I 224 -14.41 6.20 -34.30
C ILE I 224 -14.21 7.62 -34.77
N VAL I 225 -13.01 8.13 -34.50
CA VAL I 225 -12.60 9.43 -34.96
C VAL I 225 -11.46 9.26 -35.97
N ILE I 226 -11.40 10.09 -37.01
CA ILE I 226 -10.37 9.94 -38.04
C ILE I 226 -9.15 10.83 -37.82
N ALA I 227 -7.96 10.29 -38.07
CA ALA I 227 -6.75 11.09 -38.05
C ALA I 227 -6.63 11.86 -39.37
N GLY I 228 -6.15 13.10 -39.27
CA GLY I 228 -6.12 14.00 -40.41
C GLY I 228 -5.17 13.55 -41.50
N GLY I 229 -4.02 13.04 -41.07
CA GLY I 229 -2.96 12.61 -41.97
C GLY I 229 -2.17 13.82 -42.44
N LYS I 230 -1.23 13.60 -43.34
CA LYS I 230 -0.40 14.69 -43.86
C LYS I 230 -1.24 15.69 -44.65
N LYS I 231 -0.70 16.90 -44.82
CA LYS I 231 -1.46 18.04 -45.33
C LYS I 231 -1.92 17.82 -46.75
N LEU I 232 -3.20 18.07 -46.96
CA LEU I 232 -3.81 17.93 -48.27
C LEU I 232 -4.25 19.33 -48.62
N PRO I 233 -4.52 19.59 -49.92
CA PRO I 233 -5.17 20.86 -50.20
C PRO I 233 -6.46 20.92 -49.38
N GLU I 234 -6.68 22.03 -48.68
CA GLU I 234 -7.79 22.15 -47.73
C GLU I 234 -9.14 21.81 -48.35
N ARG I 235 -9.26 21.93 -49.68
CA ARG I 235 -10.49 21.58 -50.37
C ARG I 235 -10.63 20.09 -50.51
N GLU I 236 -9.49 19.40 -50.35
CA GLU I 236 -9.42 17.97 -50.42
C GLU I 236 -9.70 17.38 -49.06
N ALA I 237 -9.22 18.05 -48.03
CA ALA I 237 -9.40 17.57 -46.65
C ALA I 237 -10.84 17.71 -46.17
N LEU I 238 -11.61 18.60 -46.77
CA LEU I 238 -13.03 18.72 -46.43
C LEU I 238 -13.88 17.64 -47.07
N GLU I 239 -13.36 17.01 -48.13
CA GLU I 239 -14.01 15.85 -48.72
C GLU I 239 -13.70 14.60 -47.94
N MET I 240 -12.48 14.51 -47.40
CA MET I 240 -12.11 13.43 -46.50
C MET I 240 -13.02 13.48 -45.29
N CYS I 241 -13.17 14.68 -44.74
CA CYS I 241 -14.06 14.90 -43.62
C CYS I 241 -15.50 14.56 -43.99
N TRP I 242 -15.94 15.03 -45.16
CA TRP I 242 -17.32 14.79 -45.57
C TRP I 242 -17.56 13.30 -45.77
N GLN I 243 -16.62 12.63 -46.42
CA GLN I 243 -16.77 11.21 -46.73
C GLN I 243 -16.79 10.38 -45.46
N ALA I 244 -15.88 10.71 -44.54
CA ALA I 244 -15.76 10.02 -43.26
C ALA I 244 -17.02 10.11 -42.39
N ILE I 245 -17.51 11.33 -42.16
CA ILE I 245 -18.70 11.54 -41.35
C ILE I 245 -19.92 10.86 -41.98
N ASP I 246 -19.97 10.87 -43.31
CA ASP I 246 -21.07 10.28 -44.09
C ASP I 246 -21.11 8.78 -43.95
N GLN I 247 -19.96 8.21 -43.62
CA GLN I 247 -19.79 6.78 -43.42
C GLN I 247 -19.71 6.33 -41.99
N GLY I 248 -20.18 7.16 -41.08
CA GLY I 248 -20.48 6.75 -39.72
C GLY I 248 -19.54 7.23 -38.64
N ALA I 249 -18.49 7.94 -39.05
CA ALA I 249 -17.47 8.43 -38.13
C ALA I 249 -18.01 9.47 -37.16
N SER I 250 -17.52 9.41 -35.92
CA SER I 250 -17.98 10.28 -34.86
C SER I 250 -17.12 11.52 -34.70
N GLY I 251 -16.35 11.89 -35.71
CA GLY I 251 -15.55 13.09 -35.58
C GLY I 251 -14.19 13.10 -36.24
N VAL I 252 -13.38 14.08 -35.81
CA VAL I 252 -12.09 14.35 -36.40
C VAL I 252 -10.96 14.40 -35.36
N ASP I 253 -9.78 13.96 -35.76
CA ASP I 253 -8.58 14.10 -34.94
C ASP I 253 -7.54 14.81 -35.80
N MET I 254 -7.77 16.09 -36.03
CA MET I 254 -7.03 16.85 -37.04
C MET I 254 -5.83 17.64 -36.54
N GLY I 255 -4.66 17.08 -36.82
CA GLY I 255 -3.42 17.80 -36.58
C GLY I 255 -3.09 18.65 -37.78
N ARG I 256 -2.39 18.06 -38.76
CA ARG I 256 -1.71 18.83 -39.80
C ARG I 256 -2.57 19.52 -40.86
N ASN I 257 -3.78 19.03 -41.11
CA ASN I 257 -4.63 19.72 -42.08
C ASN I 257 -5.27 20.99 -41.52
N ILE I 258 -5.03 21.26 -40.24
CA ILE I 258 -5.45 22.52 -39.65
C ILE I 258 -4.31 23.52 -39.45
N PHE I 259 -3.29 23.16 -38.68
CA PHE I 259 -2.27 24.15 -38.33
C PHE I 259 -1.24 24.41 -39.43
N GLN I 260 -1.26 23.61 -40.49
CA GLN I 260 -0.37 23.88 -41.62
C GLN I 260 -1.02 24.73 -42.70
N SER I 261 -2.35 24.82 -42.67
CA SER I 261 -3.07 25.70 -43.58
C SER I 261 -2.63 27.14 -43.28
N ASP I 262 -2.82 28.04 -44.24
CA ASP I 262 -2.44 29.43 -44.04
C ASP I 262 -3.64 30.20 -43.52
N HIS I 263 -4.73 29.49 -43.30
CA HIS I 263 -5.92 30.09 -42.72
C HIS I 263 -6.56 29.06 -41.80
N PRO I 264 -5.86 28.69 -40.71
CA PRO I 264 -6.26 27.57 -39.85
C PRO I 264 -7.62 27.76 -39.19
N VAL I 265 -7.88 28.97 -38.69
CA VAL I 265 -9.12 29.26 -37.99
C VAL I 265 -10.29 29.04 -38.93
N ALA I 266 -10.12 29.43 -40.19
CA ALA I 266 -11.16 29.29 -41.19
C ALA I 266 -11.29 27.85 -41.64
N MET I 267 -10.20 27.10 -41.49
CA MET I 267 -10.24 25.68 -41.78
C MET I 267 -11.03 24.90 -40.74
N MET I 268 -10.89 25.27 -39.48
CA MET I 268 -11.59 24.52 -38.44
C MET I 268 -13.08 24.79 -38.52
N LYS I 269 -13.43 26.01 -38.90
CA LYS I 269 -14.82 26.36 -39.16
C LYS I 269 -15.34 25.57 -40.35
N ALA I 270 -14.45 25.33 -41.31
CA ALA I 270 -14.80 24.53 -42.47
C ALA I 270 -14.93 23.06 -42.03
N VAL I 271 -14.04 22.63 -41.15
CA VAL I 271 -14.13 21.29 -40.59
C VAL I 271 -15.34 21.15 -39.66
N GLN I 272 -15.60 22.19 -38.85
CA GLN I 272 -16.79 22.26 -38.00
C GLN I 272 -18.07 22.07 -38.79
N ALA I 273 -18.15 22.71 -39.95
CA ALA I 273 -19.36 22.67 -40.76
C ALA I 273 -19.63 21.26 -41.26
N VAL I 274 -18.57 20.57 -41.67
CA VAL I 274 -18.69 19.19 -42.12
C VAL I 274 -19.08 18.23 -41.00
N VAL I 275 -18.41 18.37 -39.85
CA VAL I 275 -18.57 17.41 -38.75
C VAL I 275 -19.88 17.54 -37.97
N HIS I 276 -20.21 18.76 -37.52
CA HIS I 276 -21.37 18.97 -36.67
C HIS I 276 -22.65 19.34 -37.41
N HIS I 277 -22.51 20.26 -38.36
CA HIS I 277 -23.68 20.86 -38.99
C HIS I 277 -24.06 20.15 -40.28
N ASN I 278 -23.40 19.03 -40.53
CA ASN I 278 -23.59 18.20 -41.72
C ASN I 278 -23.58 18.89 -43.08
N GLU I 279 -22.66 19.83 -43.28
CA GLU I 279 -22.60 20.55 -44.55
C GLU I 279 -21.71 19.85 -45.58
N THR I 280 -22.05 20.00 -46.87
CA THR I 280 -21.25 19.45 -47.96
C THR I 280 -19.86 20.06 -48.00
N ALA I 281 -18.91 19.27 -48.52
CA ALA I 281 -17.51 19.66 -48.65
C ALA I 281 -17.28 20.93 -49.45
N ASP I 282 -18.14 21.16 -50.43
CA ASP I 282 -17.96 22.26 -51.36
C ASP I 282 -18.79 23.42 -50.83
N ARG I 283 -19.49 23.20 -49.72
CA ARG I 283 -20.20 24.33 -49.13
C ARG I 283 -19.50 24.74 -47.84
N ALA I 284 -18.76 23.78 -47.29
CA ALA I 284 -17.92 23.98 -46.12
C ALA I 284 -16.70 24.67 -46.68
N TYR I 285 -16.44 24.43 -47.95
CA TYR I 285 -15.28 25.06 -48.55
C TYR I 285 -15.43 26.57 -48.76
N GLU I 286 -16.63 27.07 -49.01
CA GLU I 286 -16.70 28.52 -49.18
C GLU I 286 -16.86 29.20 -47.82
N LEU I 287 -16.98 28.41 -46.77
CA LEU I 287 -16.85 29.02 -45.45
C LEU I 287 -15.47 28.74 -44.92
N TYR I 288 -14.68 28.06 -45.73
CA TYR I 288 -13.26 28.00 -45.51
C TYR I 288 -12.68 29.32 -45.98
N LEU I 289 -13.31 29.86 -47.02
CA LEU I 289 -12.93 31.16 -47.52
C LEU I 289 -13.60 32.14 -46.58
N SER I 290 -14.16 33.24 -47.08
CA SER I 290 -14.85 34.21 -46.23
C SER I 290 -14.04 34.73 -45.03
N GLU I 291 -12.86 34.16 -44.79
CA GLU I 291 -12.09 34.45 -43.59
C GLU I 291 -10.60 34.67 -43.89
N ASP J 11 13.95 24.22 40.52
CA ASP J 11 14.59 25.37 41.15
C ASP J 11 15.78 24.98 42.04
N GLY J 12 15.81 23.73 42.47
CA GLY J 12 16.97 23.19 43.19
C GLY J 12 17.80 22.46 42.17
N LYS J 13 17.44 22.71 40.92
CA LYS J 13 18.01 22.10 39.73
C LYS J 13 19.26 22.84 39.24
N ASP J 14 20.17 22.15 38.56
CA ASP J 14 21.39 22.82 38.07
C ASP J 14 21.60 22.73 36.55
N PHE J 15 21.31 23.83 35.86
CA PHE J 15 21.40 23.84 34.40
C PHE J 15 22.79 24.23 33.89
N ARG J 16 23.68 24.61 34.80
CA ARG J 16 25.04 25.00 34.44
C ARG J 16 25.08 25.92 33.21
N THR J 17 24.40 27.06 33.33
CA THR J 17 24.25 28.01 32.24
C THR J 17 25.57 28.55 31.65
N ASP J 18 26.64 28.54 32.42
CA ASP J 18 27.95 28.96 31.92
C ASP J 18 28.48 28.03 30.82
N GLN J 19 27.93 26.81 30.76
CA GLN J 19 28.42 25.77 29.85
C GLN J 19 27.41 25.47 28.75
N PRO J 20 27.57 26.11 27.58
CA PRO J 20 26.72 25.92 26.41
C PRO J 20 26.79 24.50 25.87
N GLN J 21 25.72 24.02 25.26
CA GLN J 21 25.73 22.72 24.62
C GLN J 21 26.60 22.73 23.37
N LYS J 22 27.35 21.65 23.18
CA LYS J 22 28.22 21.55 22.02
C LYS J 22 28.06 20.20 21.34
N ASN J 23 27.91 20.23 20.02
CA ASN J 23 27.75 19.02 19.24
C ASN J 23 29.03 18.22 19.18
N ILE J 24 28.91 16.91 19.36
CA ILE J 24 30.06 16.01 19.27
C ILE J 24 30.21 15.58 17.81
N PRO J 25 31.30 16.00 17.15
CA PRO J 25 31.51 15.70 15.73
C PRO J 25 31.67 14.20 15.45
N PHE J 26 31.09 13.76 14.33
CA PHE J 26 31.27 12.39 13.85
C PHE J 26 32.33 12.35 12.75
N THR J 27 33.46 11.72 13.02
CA THR J 27 34.65 11.87 12.18
C THR J 27 34.85 10.79 11.11
N LEU J 28 34.05 9.73 11.13
CA LEU J 28 34.15 8.68 10.11
C LEU J 28 34.04 9.31 8.73
N LYS J 29 35.04 9.08 7.90
CA LYS J 29 35.24 9.81 6.65
C LYS J 29 34.01 9.76 5.73
N GLY J 30 33.50 10.93 5.37
CA GLY J 30 32.37 11.04 4.47
C GLY J 30 31.03 10.58 5.05
N CYS J 31 30.97 10.46 6.37
CA CYS J 31 29.76 10.01 7.05
C CYS J 31 29.35 11.01 8.13
N GLY J 32 29.70 12.27 7.94
CA GLY J 32 29.44 13.29 8.93
C GLY J 32 28.10 13.99 8.73
N ALA J 33 27.39 13.61 7.68
CA ALA J 33 26.08 14.17 7.41
C ALA J 33 25.03 13.08 7.24
N LEU J 34 25.07 12.08 8.10
CA LEU J 34 24.13 10.96 8.05
C LEU J 34 23.28 10.97 9.31
N ASP J 35 22.08 10.38 9.21
CA ASP J 35 21.16 10.31 10.33
C ASP J 35 21.73 9.48 11.48
N TRP J 36 21.22 9.73 12.70
CA TRP J 36 21.71 9.05 13.90
C TRP J 36 21.75 7.54 13.72
N GLY J 37 20.64 6.98 13.24
CA GLY J 37 20.51 5.54 13.12
C GLY J 37 21.51 4.93 12.17
N MET J 38 21.75 5.60 11.05
CA MET J 38 22.77 5.14 10.11
C MET J 38 24.17 5.29 10.69
N GLN J 39 24.41 6.40 11.38
CA GLN J 39 25.69 6.63 12.05
C GLN J 39 25.95 5.65 13.20
N SER J 40 24.88 5.16 13.81
CA SER J 40 24.99 4.18 14.89
C SER J 40 25.55 2.85 14.39
N ARG J 41 25.01 2.39 13.27
CA ARG J 41 25.39 1.12 12.67
C ARG J 41 26.83 1.13 12.17
N LEU J 42 27.25 2.26 11.62
CA LEU J 42 28.60 2.43 11.10
C LEU J 42 29.66 2.40 12.21
N SER J 43 29.27 2.76 13.43
CA SER J 43 30.20 2.76 14.56
C SER J 43 30.39 1.34 15.07
N ARG J 44 29.42 0.47 14.80
CA ARG J 44 29.56 -0.94 15.13
C ARG J 44 30.55 -1.57 14.17
N ILE J 45 30.60 -1.03 12.96
CA ILE J 45 31.50 -1.54 11.94
C ILE J 45 32.88 -0.94 12.11
N PHE J 46 32.96 0.38 11.98
CA PHE J 46 34.21 1.09 12.16
C PHE J 46 34.33 1.55 13.60
N ASN J 47 35.28 0.94 14.29
CA ASN J 47 35.54 1.20 15.69
C ASN J 47 35.86 2.66 15.97
N PRO J 48 35.12 3.28 16.91
CA PRO J 48 35.19 4.73 17.21
C PRO J 48 36.53 5.17 17.80
N LYS J 49 37.38 4.23 18.19
CA LYS J 49 38.69 4.54 18.76
C LYS J 49 39.68 4.88 17.68
N THR J 50 39.71 3.99 16.69
CA THR J 50 40.65 4.04 15.58
C THR J 50 40.02 4.48 14.27
N GLY J 51 38.70 4.32 14.16
CA GLY J 51 38.01 4.63 12.92
C GLY J 51 38.24 3.54 11.89
N LYS J 52 38.68 2.38 12.37
CA LYS J 52 39.02 1.27 11.50
C LYS J 52 38.22 0.01 11.84
N THR J 53 38.32 -1.00 10.98
CA THR J 53 37.58 -2.24 11.18
C THR J 53 38.38 -3.46 10.74
N VAL J 54 38.10 -4.60 11.35
CA VAL J 54 38.61 -5.88 10.89
C VAL J 54 37.43 -6.80 10.56
N MET J 55 37.13 -6.96 9.27
CA MET J 55 35.94 -7.68 8.86
C MET J 55 36.27 -9.11 8.43
N LEU J 56 35.58 -10.07 9.01
CA LEU J 56 35.81 -11.48 8.69
C LEU J 56 34.80 -11.99 7.66
N ALA J 57 35.27 -12.16 6.43
CA ALA J 57 34.42 -12.60 5.34
C ALA J 57 34.39 -14.11 5.19
N PHE J 58 33.20 -14.68 5.25
CA PHE J 58 32.99 -16.10 4.99
C PHE J 58 31.65 -16.29 4.27
N ASP J 59 31.40 -15.41 3.31
CA ASP J 59 30.20 -15.47 2.49
C ASP J 59 30.48 -16.14 1.16
N HIS J 60 31.73 -16.58 0.96
CA HIS J 60 32.22 -17.08 -0.33
C HIS J 60 31.31 -18.15 -0.93
N GLY J 61 30.59 -18.85 -0.08
CA GLY J 61 29.74 -19.95 -0.49
C GLY J 61 28.51 -19.55 -1.28
N TYR J 62 28.27 -18.24 -1.43
CA TYR J 62 27.07 -17.78 -2.11
C TYR J 62 27.18 -17.97 -3.62
N PHE J 63 28.38 -18.28 -4.12
CA PHE J 63 28.55 -18.64 -5.53
C PHE J 63 29.64 -19.70 -5.71
N GLN J 64 30.35 -20.01 -4.65
CA GLN J 64 31.43 -21.01 -4.72
C GLN J 64 31.09 -22.28 -3.97
N GLY J 65 30.12 -22.21 -3.06
CA GLY J 65 29.81 -23.32 -2.21
C GLY J 65 30.86 -23.51 -1.12
N PRO J 66 30.95 -24.74 -0.58
CA PRO J 66 31.88 -25.04 0.51
C PRO J 66 33.34 -25.01 0.09
N THR J 67 33.88 -23.80 -0.10
CA THR J 67 35.28 -23.64 -0.44
C THR J 67 36.16 -24.14 0.69
N THR J 68 37.42 -24.40 0.39
CA THR J 68 38.36 -24.93 1.38
C THR J 68 38.54 -23.93 2.52
N GLY J 69 38.30 -24.40 3.73
CA GLY J 69 38.34 -23.59 4.94
C GLY J 69 36.94 -23.21 5.41
N LEU J 70 35.97 -23.31 4.50
CA LEU J 70 34.58 -22.97 4.79
C LEU J 70 33.59 -24.12 4.62
N GLU J 71 34.10 -25.35 4.62
CA GLU J 71 33.20 -26.49 4.57
C GLU J 71 32.46 -26.59 5.90
N ARG J 72 33.14 -26.22 6.98
CA ARG J 72 32.53 -26.22 8.30
C ARG J 72 32.67 -24.93 9.10
N ILE J 73 31.70 -24.05 8.88
CA ILE J 73 31.61 -22.78 9.60
C ILE J 73 31.37 -22.93 11.09
N ASP J 74 30.55 -23.90 11.44
CA ASP J 74 30.22 -24.22 12.82
C ASP J 74 31.41 -24.75 13.62
N ILE J 75 32.40 -25.29 12.91
CA ILE J 75 33.54 -25.93 13.54
C ILE J 75 34.84 -25.17 13.31
N ASN J 76 35.10 -24.69 12.10
CA ASN J 76 36.39 -24.04 11.87
C ASN J 76 36.41 -22.52 11.91
N ILE J 77 35.25 -21.88 11.87
CA ILE J 77 35.22 -20.42 11.98
C ILE J 77 34.31 -19.94 13.13
N ALA J 78 33.36 -20.76 13.57
CA ALA J 78 32.52 -20.37 14.71
C ALA J 78 33.37 -19.93 15.92
N PRO J 79 34.45 -20.67 16.25
CA PRO J 79 35.29 -20.14 17.35
C PRO J 79 36.09 -18.88 16.97
N LEU J 80 35.97 -18.43 15.71
CA LEU J 80 36.74 -17.29 15.22
C LEU J 80 35.89 -16.01 15.22
N PHE J 81 34.58 -16.17 15.42
CA PHE J 81 33.67 -15.03 15.44
C PHE J 81 34.07 -14.00 16.49
N GLU J 82 34.45 -14.49 17.66
CA GLU J 82 34.85 -13.67 18.80
C GLU J 82 35.96 -12.66 18.47
N HIS J 83 36.78 -13.00 17.48
CA HIS J 83 37.96 -12.20 17.17
C HIS J 83 37.79 -11.22 16.01
N ALA J 84 36.57 -11.07 15.51
CA ALA J 84 36.30 -10.16 14.40
C ALA J 84 35.59 -8.91 14.89
N ASP J 85 35.81 -7.79 14.21
CA ASP J 85 35.06 -6.58 14.52
C ASP J 85 33.65 -6.74 13.97
N VAL J 86 33.60 -7.29 12.75
CA VAL J 86 32.37 -7.47 12.02
C VAL J 86 32.36 -8.83 11.32
N LEU J 87 31.22 -9.49 11.35
CA LEU J 87 31.07 -10.74 10.63
C LEU J 87 30.44 -10.40 9.28
N MET J 88 30.92 -11.03 8.21
CA MET J 88 30.29 -10.86 6.91
C MET J 88 29.89 -12.18 6.28
N CYS J 89 28.59 -12.39 6.11
CA CYS J 89 28.10 -13.63 5.56
C CYS J 89 26.75 -13.45 4.89
N THR J 90 26.10 -14.55 4.56
CA THR J 90 24.76 -14.52 4.01
C THR J 90 23.78 -14.77 5.14
N ARG J 91 22.52 -14.46 4.90
CA ARG J 91 21.47 -14.68 5.92
C ARG J 91 21.22 -16.17 6.12
N GLY J 92 21.51 -16.96 5.10
CA GLY J 92 21.33 -18.40 5.18
C GLY J 92 22.33 -19.01 6.16
N ILE J 93 23.57 -18.53 6.09
CA ILE J 93 24.61 -18.97 7.01
C ILE J 93 24.40 -18.36 8.39
N LEU J 94 23.97 -17.09 8.39
CA LEU J 94 23.75 -16.33 9.62
C LEU J 94 22.77 -17.02 10.55
N ARG J 95 21.59 -17.36 10.02
CA ARG J 95 20.55 -18.01 10.79
C ARG J 95 20.91 -19.44 11.20
N SER J 96 21.70 -20.12 10.37
CA SER J 96 21.98 -21.54 10.59
C SER J 96 23.07 -21.84 11.61
N VAL J 97 24.25 -21.26 11.43
CA VAL J 97 25.42 -21.66 12.21
C VAL J 97 26.06 -20.51 12.97
N VAL J 98 25.56 -19.30 12.75
CA VAL J 98 26.03 -18.16 13.51
C VAL J 98 25.04 -17.92 14.65
N PRO J 99 25.46 -18.25 15.89
CA PRO J 99 24.61 -18.11 17.08
C PRO J 99 24.25 -16.67 17.36
N PRO J 100 22.97 -16.39 17.65
CA PRO J 100 22.53 -15.04 17.98
C PRO J 100 23.36 -14.44 19.12
N ALA J 101 23.75 -15.28 20.07
CA ALA J 101 24.53 -14.87 21.24
C ALA J 101 25.97 -14.48 20.90
N THR J 102 26.37 -14.68 19.64
CA THR J 102 27.71 -14.30 19.18
C THR J 102 27.92 -12.80 19.40
N ASN J 103 26.85 -12.03 19.27
CA ASN J 103 26.84 -10.60 19.57
C ASN J 103 27.92 -9.79 18.85
N ARG J 104 27.95 -9.88 17.53
CA ARG J 104 28.85 -9.05 16.74
C ARG J 104 28.15 -8.42 15.54
N PRO J 105 28.61 -7.24 15.11
CA PRO J 105 28.04 -6.60 13.91
C PRO J 105 28.12 -7.49 12.67
N VAL J 106 27.05 -7.48 11.89
CA VAL J 106 26.98 -8.30 10.69
C VAL J 106 26.76 -7.48 9.43
N VAL J 107 27.54 -7.82 8.39
CA VAL J 107 27.31 -7.24 7.07
C VAL J 107 26.82 -8.35 6.16
N LEU J 108 25.56 -8.26 5.76
CA LEU J 108 24.92 -9.33 4.99
C LEU J 108 25.18 -9.26 3.51
N ARG J 109 25.44 -10.43 2.92
CA ARG J 109 25.46 -10.58 1.48
C ARG J 109 24.05 -10.41 0.90
N ALA J 110 23.88 -9.34 0.12
CA ALA J 110 22.58 -9.01 -0.44
C ALA J 110 22.57 -9.09 -1.96
N SER J 111 23.55 -9.80 -2.52
CA SER J 111 23.57 -10.03 -3.96
C SER J 111 23.96 -11.48 -4.23
N GLY J 112 23.55 -12.01 -5.37
CA GLY J 112 23.82 -13.40 -5.68
C GLY J 112 23.19 -13.82 -6.99
N ALA J 113 22.77 -15.09 -7.04
CA ALA J 113 22.20 -15.69 -8.24
C ALA J 113 23.28 -15.79 -9.32
N ASN J 114 24.53 -15.87 -8.88
CA ASN J 114 25.64 -16.17 -9.76
C ASN J 114 26.32 -17.45 -9.29
N SER J 115 27.23 -17.98 -10.10
CA SER J 115 27.94 -19.18 -9.72
C SER J 115 29.26 -19.33 -10.47
N ILE J 116 30.12 -20.21 -9.97
CA ILE J 116 31.42 -20.46 -10.59
C ILE J 116 31.29 -21.22 -11.90
N LEU J 117 30.08 -21.65 -12.20
CA LEU J 117 29.82 -22.41 -13.42
C LEU J 117 29.37 -21.51 -14.58
N ALA J 118 29.00 -20.27 -14.26
CA ALA J 118 28.53 -19.34 -15.29
C ALA J 118 29.25 -18.01 -15.25
N GLU J 119 28.67 -17.03 -15.93
CA GLU J 119 29.13 -15.66 -15.84
C GLU J 119 28.74 -15.26 -14.42
N LEU J 120 29.67 -14.73 -13.62
CA LEU J 120 29.35 -14.47 -12.22
C LEU J 120 29.22 -12.96 -11.99
N SER J 121 29.20 -12.20 -13.08
CA SER J 121 28.89 -10.79 -12.99
C SER J 121 27.38 -10.72 -13.05
N ASN J 122 26.80 -11.88 -13.35
CA ASN J 122 25.36 -12.04 -13.45
C ASN J 122 24.75 -12.17 -12.08
N GLU J 123 24.76 -11.07 -11.34
CA GLU J 123 24.22 -11.05 -9.99
C GLU J 123 22.91 -10.26 -9.92
N ALA J 124 22.05 -10.67 -9.00
CA ALA J 124 20.85 -9.90 -8.69
C ALA J 124 20.80 -9.68 -7.17
N VAL J 125 19.98 -8.74 -6.73
CA VAL J 125 19.81 -8.49 -5.30
C VAL J 125 19.26 -9.73 -4.60
N ALA J 126 19.91 -10.15 -3.53
CA ALA J 126 19.62 -11.45 -2.93
C ALA J 126 18.81 -11.40 -1.63
N LEU J 127 18.53 -10.21 -1.11
CA LEU J 127 17.66 -10.12 0.06
C LEU J 127 16.95 -8.78 0.15
N SER J 128 15.70 -8.82 0.59
CA SER J 128 14.94 -7.59 0.81
C SER J 128 15.49 -6.88 2.03
N MET J 129 15.35 -5.55 2.06
CA MET J 129 15.74 -4.74 3.20
C MET J 129 14.91 -5.15 4.41
N ASP J 130 13.71 -5.63 4.12
CA ASP J 130 12.80 -6.17 5.11
C ASP J 130 13.48 -7.21 6.02
N ASP J 131 14.25 -8.12 5.42
CA ASP J 131 14.90 -9.18 6.18
C ASP J 131 16.25 -8.76 6.77
N ALA J 132 16.91 -7.80 6.14
CA ALA J 132 18.16 -7.26 6.66
C ALA J 132 17.86 -6.56 7.98
N VAL J 133 16.74 -5.84 8.01
CA VAL J 133 16.26 -5.21 9.22
C VAL J 133 15.81 -6.27 10.21
N ARG J 134 15.07 -7.26 9.70
CA ARG J 134 14.60 -8.36 10.53
C ARG J 134 15.76 -9.06 11.22
N LEU J 135 16.91 -9.12 10.55
CA LEU J 135 18.09 -9.78 11.10
C LEU J 135 19.08 -8.84 11.77
N ASN J 136 18.72 -7.57 11.90
CA ASN J 136 19.55 -6.58 12.60
C ASN J 136 20.97 -6.41 12.04
N SER J 137 21.09 -6.25 10.73
CA SER J 137 22.38 -5.99 10.12
C SER J 137 22.88 -4.60 10.48
N CYS J 138 24.19 -4.40 10.42
CA CYS J 138 24.76 -3.07 10.59
C CYS J 138 24.93 -2.44 9.22
N ALA J 139 24.94 -3.28 8.20
CA ALA J 139 25.03 -2.84 6.81
C ALA J 139 24.71 -3.98 5.85
N VAL J 140 24.42 -3.64 4.61
CA VAL J 140 24.23 -4.63 3.57
C VAL J 140 25.30 -4.46 2.49
N ALA J 141 25.70 -5.56 1.87
CA ALA J 141 26.78 -5.53 0.90
C ALA J 141 26.39 -6.20 -0.42
N ALA J 142 26.90 -5.64 -1.52
CA ALA J 142 26.65 -6.19 -2.84
C ALA J 142 27.85 -5.97 -3.75
N GLN J 143 27.98 -6.82 -4.76
CA GLN J 143 29.07 -6.68 -5.73
C GLN J 143 28.73 -5.72 -6.85
N VAL J 144 29.70 -4.88 -7.21
CA VAL J 144 29.63 -4.08 -8.43
C VAL J 144 30.67 -4.57 -9.45
N TYR J 145 30.25 -4.77 -10.69
CA TYR J 145 31.13 -5.38 -11.69
C TYR J 145 31.48 -4.48 -12.87
N ILE J 146 32.27 -3.43 -12.63
CA ILE J 146 32.62 -2.51 -13.70
C ILE J 146 33.49 -3.21 -14.74
N GLY J 147 33.09 -3.07 -16.01
CA GLY J 147 33.82 -3.66 -17.12
C GLY J 147 33.35 -5.05 -17.50
N SER J 148 32.45 -5.62 -16.69
CA SER J 148 31.97 -6.98 -16.94
C SER J 148 30.67 -6.99 -17.74
N GLU J 149 30.23 -8.20 -18.09
CA GLU J 149 29.06 -8.42 -18.93
C GLU J 149 27.80 -7.77 -18.34
N TYR J 150 27.58 -7.98 -17.05
CA TYR J 150 26.41 -7.45 -16.38
C TYR J 150 26.76 -6.28 -15.46
N GLU J 151 27.62 -5.39 -15.94
CA GLU J 151 28.00 -4.21 -15.17
C GLU J 151 26.82 -3.30 -14.83
N HIS J 152 25.94 -3.10 -15.81
CA HIS J 152 24.78 -2.24 -15.65
C HIS J 152 23.91 -2.70 -14.48
N GLN J 153 23.55 -3.99 -14.51
CA GLN J 153 22.71 -4.58 -13.47
C GLN J 153 23.35 -4.47 -12.10
N SER J 154 24.67 -4.65 -12.04
CA SER J 154 25.41 -4.65 -10.79
C SER J 154 25.38 -3.29 -10.09
N ILE J 155 25.45 -2.22 -10.86
CA ILE J 155 25.35 -0.87 -10.30
C ILE J 155 23.91 -0.62 -9.88
N LYS J 156 22.98 -1.14 -10.66
CA LYS J 156 21.56 -1.02 -10.36
C LYS J 156 21.24 -1.70 -9.03
N ASN J 157 21.94 -2.80 -8.75
CA ASN J 157 21.80 -3.48 -7.46
C ASN J 157 22.12 -2.56 -6.29
N ILE J 158 23.22 -1.82 -6.41
CA ILE J 158 23.62 -0.88 -5.38
C ILE J 158 22.59 0.23 -5.26
N ILE J 159 22.21 0.78 -6.40
CA ILE J 159 21.21 1.83 -6.47
C ILE J 159 19.92 1.44 -5.76
N GLN J 160 19.46 0.21 -6.01
CA GLN J 160 18.23 -0.29 -5.40
C GLN J 160 18.35 -0.45 -3.89
N LEU J 161 19.48 -1.00 -3.45
CA LEU J 161 19.73 -1.23 -2.03
C LEU J 161 19.85 0.06 -1.23
N VAL J 162 20.46 1.07 -1.84
CA VAL J 162 20.59 2.38 -1.20
C VAL J 162 19.22 3.02 -1.06
N ASP J 163 18.39 2.87 -2.09
CA ASP J 163 17.01 3.39 -2.04
C ASP J 163 16.26 2.81 -0.84
N ALA J 164 16.39 1.51 -0.64
CA ALA J 164 15.75 0.83 0.48
C ALA J 164 16.43 1.12 1.82
N GLY J 165 17.76 1.17 1.80
CA GLY J 165 18.52 1.39 3.02
C GLY J 165 18.26 2.75 3.63
N MET J 166 18.04 3.74 2.78
CA MET J 166 17.82 5.10 3.25
C MET J 166 16.49 5.26 3.97
N LYS J 167 15.51 4.43 3.60
CA LYS J 167 14.21 4.47 4.27
C LYS J 167 14.29 3.99 5.71
N VAL J 168 15.35 3.25 6.02
CA VAL J 168 15.41 2.47 7.25
C VAL J 168 16.71 2.72 8.00
N GLY J 169 17.62 3.47 7.38
CA GLY J 169 18.88 3.81 8.03
C GLY J 169 19.92 2.71 7.91
N MET J 170 19.84 1.94 6.83
CA MET J 170 20.75 0.82 6.62
C MET J 170 21.87 1.16 5.64
N PRO J 171 23.12 1.14 6.12
CA PRO J 171 24.29 1.38 5.28
C PRO J 171 24.44 0.33 4.17
N THR J 172 24.97 0.74 3.03
CA THR J 172 25.22 -0.17 1.92
C THR J 172 26.69 -0.28 1.60
N MET J 173 27.18 -1.51 1.52
CA MET J 173 28.57 -1.77 1.15
C MET J 173 28.67 -2.23 -0.30
N ALA J 174 29.49 -1.55 -1.09
CA ALA J 174 29.74 -1.97 -2.46
C ALA J 174 31.11 -2.64 -2.57
N VAL J 175 31.13 -3.85 -3.14
CA VAL J 175 32.39 -4.55 -3.34
C VAL J 175 32.72 -4.60 -4.83
N THR J 176 33.92 -4.13 -5.16
CA THR J 176 34.36 -4.01 -6.55
C THR J 176 34.58 -5.36 -7.21
N GLY J 177 33.66 -5.74 -8.10
CA GLY J 177 33.69 -7.05 -8.70
C GLY J 177 34.66 -7.09 -9.86
N VAL J 178 35.74 -7.75 -9.51
CA VAL J 178 36.93 -7.95 -10.30
C VAL J 178 36.65 -8.82 -11.52
N GLY J 179 37.52 -8.76 -12.54
CA GLY J 179 37.46 -9.70 -13.65
C GLY J 179 38.63 -10.69 -13.50
N LYS J 180 38.69 -11.82 -14.20
CA LYS J 180 37.90 -12.25 -15.37
C LYS J 180 38.39 -11.43 -16.57
N ASP J 181 39.64 -11.71 -16.93
CA ASP J 181 40.39 -11.17 -18.07
C ASP J 181 40.87 -9.73 -17.82
N MET J 182 40.24 -8.99 -16.91
CA MET J 182 40.64 -7.58 -16.79
C MET J 182 41.68 -7.42 -15.67
N VAL J 183 42.55 -6.45 -15.90
CA VAL J 183 43.67 -6.11 -15.04
C VAL J 183 43.23 -5.34 -13.79
N ARG J 184 44.09 -5.33 -12.77
CA ARG J 184 43.85 -4.59 -11.55
C ARG J 184 44.93 -3.54 -11.36
N ASP J 185 44.65 -2.30 -11.75
CA ASP J 185 45.59 -1.20 -11.55
C ASP J 185 44.84 -0.04 -10.93
N GLN J 186 45.52 1.08 -10.74
CA GLN J 186 44.94 2.20 -10.00
C GLN J 186 43.77 2.86 -10.70
N ARG J 187 43.85 2.92 -12.02
CA ARG J 187 42.82 3.59 -12.80
C ARG J 187 41.49 2.86 -12.81
N TYR J 188 41.54 1.53 -12.71
CA TYR J 188 40.33 0.74 -12.72
C TYR J 188 39.65 0.82 -11.37
N PHE J 189 40.43 0.62 -10.31
CA PHE J 189 39.88 0.63 -8.96
C PHE J 189 39.42 2.01 -8.52
N SER J 190 40.04 3.06 -9.05
CA SER J 190 39.57 4.42 -8.80
C SER J 190 38.18 4.64 -9.41
N LEU J 191 37.98 4.06 -10.59
CA LEU J 191 36.71 4.17 -11.31
C LEU J 191 35.55 3.43 -10.65
N ALA J 192 35.76 2.18 -10.27
CA ALA J 192 34.69 1.35 -9.70
C ALA J 192 34.25 1.89 -8.36
N THR J 193 35.22 2.16 -7.50
CA THR J 193 34.96 2.67 -6.16
C THR J 193 34.25 4.01 -6.22
N ARG J 194 34.73 4.91 -7.08
CA ARG J 194 34.11 6.23 -7.21
C ARG J 194 32.67 6.09 -7.72
N ILE J 195 32.47 5.28 -8.76
CA ILE J 195 31.13 5.05 -9.30
C ILE J 195 30.20 4.53 -8.21
N ALA J 196 30.71 3.57 -7.44
CA ALA J 196 29.95 2.99 -6.33
C ALA J 196 29.67 4.04 -5.26
N ALA J 197 30.70 4.79 -4.89
CA ALA J 197 30.56 5.85 -3.90
C ALA J 197 29.66 6.96 -4.41
N GLU J 198 29.79 7.28 -5.69
CA GLU J 198 28.99 8.32 -6.31
C GLU J 198 27.50 7.96 -6.28
N MET J 199 27.21 6.68 -6.50
CA MET J 199 25.83 6.18 -6.50
C MET J 199 25.23 6.16 -5.10
N GLY J 200 26.08 6.17 -4.08
CA GLY J 200 25.58 6.32 -2.72
C GLY J 200 26.06 5.37 -1.64
N ALA J 201 26.87 4.37 -2.01
CA ALA J 201 27.39 3.41 -1.03
C ALA J 201 28.29 4.09 0.01
N GLN J 202 28.11 3.75 1.28
CA GLN J 202 28.89 4.39 2.35
C GLN J 202 30.10 3.56 2.78
N ILE J 203 30.16 2.31 2.36
CA ILE J 203 31.36 1.50 2.57
C ILE J 203 31.81 0.88 1.26
N ILE J 204 33.11 0.95 1.01
CA ILE J 204 33.66 0.42 -0.23
C ILE J 204 34.70 -0.66 0.01
N ALA J 205 34.52 -1.81 -0.63
CA ALA J 205 35.51 -2.89 -0.58
C ALA J 205 36.22 -3.05 -1.92
N THR J 206 37.54 -2.97 -1.88
CA THR J 206 38.36 -3.10 -3.08
C THR J 206 39.61 -3.89 -2.73
N TYR J 207 40.50 -4.05 -3.70
CA TYR J 207 41.74 -4.77 -3.49
C TYR J 207 42.90 -3.81 -3.34
N TYR J 208 43.88 -4.20 -2.53
CA TYR J 208 45.06 -3.38 -2.36
C TYR J 208 45.99 -3.48 -3.55
N VAL J 209 46.52 -2.35 -3.98
CA VAL J 209 47.50 -2.35 -5.05
C VAL J 209 48.75 -1.62 -4.57
N GLU J 210 49.93 -2.09 -4.96
CA GLU J 210 51.14 -1.41 -4.54
C GLU J 210 51.37 -0.17 -5.42
N LYS J 211 50.56 0.01 -6.45
CA LYS J 211 50.69 1.22 -7.24
C LYS J 211 49.40 2.02 -7.17
N GLY J 212 49.44 3.08 -6.37
CA GLY J 212 48.36 4.05 -6.32
C GLY J 212 47.25 3.75 -5.32
N PHE J 213 47.49 2.95 -4.29
CA PHE J 213 46.39 2.73 -3.35
C PHE J 213 46.10 4.05 -2.61
N GLU J 214 47.09 4.92 -2.47
CA GLU J 214 46.79 6.24 -1.90
C GLU J 214 45.81 7.06 -2.74
N ARG J 215 45.76 6.85 -4.05
CA ARG J 215 44.85 7.64 -4.89
C ARG J 215 43.43 7.04 -4.96
N ILE J 216 43.28 5.76 -4.62
CA ILE J 216 41.93 5.18 -4.55
C ILE J 216 41.26 5.64 -3.25
N VAL J 217 42.06 5.75 -2.19
CA VAL J 217 41.56 6.24 -0.91
C VAL J 217 41.15 7.70 -1.09
N ALA J 218 42.01 8.46 -1.75
CA ALA J 218 41.76 9.87 -2.01
C ALA J 218 40.57 10.08 -2.94
N GLY J 219 40.44 9.22 -3.94
CA GLY J 219 39.36 9.35 -4.90
C GLY J 219 38.03 8.86 -4.39
N CYS J 220 38.05 8.21 -3.23
CA CYS J 220 36.82 7.71 -2.61
C CYS J 220 36.43 8.52 -1.38
N PRO J 221 35.24 9.15 -1.41
CA PRO J 221 34.74 10.06 -0.37
C PRO J 221 34.34 9.33 0.92
N VAL J 222 34.22 8.01 0.87
CA VAL J 222 33.75 7.22 2.00
C VAL J 222 34.79 6.14 2.33
N PRO J 223 34.73 5.54 3.54
CA PRO J 223 35.75 4.57 3.94
C PRO J 223 35.96 3.43 2.96
N ILE J 224 37.22 3.03 2.80
CA ILE J 224 37.59 1.90 1.95
C ILE J 224 38.20 0.78 2.81
N VAL J 225 37.64 -0.42 2.68
CA VAL J 225 38.21 -1.59 3.34
C VAL J 225 38.79 -2.54 2.29
N ILE J 226 39.81 -3.30 2.68
CA ILE J 226 40.50 -4.17 1.74
C ILE J 226 39.96 -5.58 1.66
N ALA J 227 39.75 -6.05 0.43
CA ALA J 227 39.44 -7.45 0.21
C ALA J 227 40.75 -8.23 0.18
N GLY J 228 40.74 -9.44 0.72
CA GLY J 228 41.98 -10.18 0.88
C GLY J 228 42.72 -10.61 -0.36
N GLY J 229 42.02 -11.07 -1.40
CA GLY J 229 42.62 -11.60 -2.62
C GLY J 229 43.05 -13.06 -2.45
N LYS J 230 43.70 -13.67 -3.44
CA LYS J 230 44.08 -15.08 -3.25
C LYS J 230 45.07 -15.26 -2.13
N LYS J 231 45.20 -16.49 -1.66
CA LYS J 231 45.93 -16.75 -0.42
C LYS J 231 47.43 -16.45 -0.43
N LEU J 232 47.87 -15.72 0.59
CA LEU J 232 49.29 -15.37 0.75
C LEU J 232 49.90 -15.97 1.98
N PRO J 233 51.24 -16.03 2.00
CA PRO J 233 51.90 -16.28 3.27
C PRO J 233 51.57 -15.20 4.28
N GLU J 234 51.29 -15.59 5.53
CA GLU J 234 51.01 -14.62 6.55
C GLU J 234 52.08 -13.49 6.59
N ARG J 235 53.31 -13.69 6.09
CA ARG J 235 54.27 -12.58 6.16
C ARG J 235 53.97 -11.47 5.15
N GLU J 236 53.52 -11.81 3.94
CA GLU J 236 53.17 -10.74 3.00
C GLU J 236 51.69 -10.34 3.06
N ALA J 237 50.85 -11.12 3.73
CA ALA J 237 49.45 -10.73 3.86
C ALA J 237 49.29 -9.56 4.86
N LEU J 238 50.19 -9.51 5.85
CA LEU J 238 50.27 -8.38 6.76
C LEU J 238 51.11 -7.22 6.22
N GLU J 239 51.91 -7.46 5.18
CA GLU J 239 52.56 -6.35 4.50
C GLU J 239 51.50 -5.70 3.63
N MET J 240 50.60 -6.52 3.11
CA MET J 240 49.43 -6.04 2.40
C MET J 240 48.58 -5.18 3.32
N CYS J 241 48.30 -5.69 4.51
CA CYS J 241 47.54 -4.94 5.51
C CYS J 241 48.24 -3.67 5.96
N TRP J 242 49.53 -3.79 6.26
CA TRP J 242 50.28 -2.65 6.77
C TRP J 242 50.32 -1.54 5.74
N GLN J 243 50.54 -1.92 4.49
CA GLN J 243 50.64 -0.94 3.43
C GLN J 243 49.31 -0.24 3.19
N ALA J 244 48.23 -1.01 3.14
CA ALA J 244 46.89 -0.45 2.92
C ALA J 244 46.45 0.50 4.03
N ILE J 245 46.51 0.04 5.28
CA ILE J 245 46.09 0.84 6.43
C ILE J 245 46.93 2.10 6.61
N ASP J 246 48.24 1.99 6.34
CA ASP J 246 49.16 3.11 6.50
C ASP J 246 48.96 4.19 5.46
N GLN J 247 48.50 3.81 4.27
CA GLN J 247 48.28 4.83 3.26
C GLN J 247 46.78 5.07 3.06
N GLY J 248 46.00 4.78 4.11
CA GLY J 248 44.64 5.24 4.20
C GLY J 248 43.45 4.29 4.20
N ALA J 249 43.67 2.99 4.07
CA ALA J 249 42.56 2.05 4.10
C ALA J 249 41.90 2.06 5.49
N SER J 250 40.58 1.96 5.52
CA SER J 250 39.85 2.03 6.80
C SER J 250 39.62 0.64 7.38
N GLY J 251 40.35 -0.34 6.87
CA GLY J 251 40.25 -1.69 7.40
C GLY J 251 40.35 -2.76 6.33
N VAL J 252 40.00 -3.98 6.71
CA VAL J 252 40.12 -5.12 5.83
C VAL J 252 38.80 -5.91 5.85
N ASP J 253 38.48 -6.52 4.72
CA ASP J 253 37.37 -7.47 4.66
C ASP J 253 38.01 -8.74 4.15
N MET J 254 38.82 -9.34 5.02
CA MET J 254 39.72 -10.39 4.59
C MET J 254 39.06 -11.74 4.85
N GLY J 255 38.89 -12.50 3.78
CA GLY J 255 38.43 -13.87 3.90
C GLY J 255 39.53 -14.90 4.03
N ARG J 256 39.99 -15.40 2.89
CA ARG J 256 40.79 -16.62 2.85
C ARG J 256 42.23 -16.53 3.40
N ASN J 257 42.81 -15.35 3.55
CA ASN J 257 44.12 -15.29 4.21
C ASN J 257 44.05 -15.46 5.73
N ILE J 258 42.85 -15.53 6.32
CA ILE J 258 42.75 -15.87 7.74
C ILE J 258 42.24 -17.29 7.98
N PHE J 259 41.08 -17.62 7.44
CA PHE J 259 40.50 -18.91 7.79
C PHE J 259 41.13 -20.12 7.05
N GLN J 260 41.95 -19.88 6.03
CA GLN J 260 42.68 -20.98 5.37
C GLN J 260 44.04 -21.15 5.96
N SER J 261 44.43 -20.10 6.64
CA SER J 261 45.62 -20.09 7.44
C SER J 261 45.41 -21.20 8.44
N ASP J 262 46.48 -21.75 8.99
CA ASP J 262 46.22 -22.81 9.97
C ASP J 262 46.59 -22.51 11.42
N HIS J 263 46.85 -21.22 11.68
CA HIS J 263 46.63 -20.62 13.01
C HIS J 263 45.83 -19.31 12.84
N PRO J 264 44.54 -19.43 12.42
CA PRO J 264 43.68 -18.32 12.03
C PRO J 264 43.44 -17.29 13.11
N VAL J 265 43.20 -17.79 14.32
CA VAL J 265 42.85 -16.95 15.45
C VAL J 265 43.93 -15.96 15.83
N ALA J 266 45.18 -16.41 15.82
CA ALA J 266 46.30 -15.57 16.22
C ALA J 266 46.72 -14.57 15.15
N MET J 267 46.38 -14.89 13.90
CA MET J 267 46.66 -13.97 12.79
C MET J 267 45.74 -12.76 12.84
N MET J 268 44.51 -12.94 13.29
CA MET J 268 43.63 -11.78 13.37
C MET J 268 44.17 -10.91 14.47
N LYS J 269 44.75 -11.55 15.48
CA LYS J 269 45.39 -10.81 16.54
C LYS J 269 46.53 -10.02 15.91
N ALA J 270 47.16 -10.60 14.90
CA ALA J 270 48.21 -9.92 14.14
C ALA J 270 47.56 -8.84 13.25
N VAL J 271 46.42 -9.18 12.65
CA VAL J 271 45.67 -8.23 11.84
C VAL J 271 45.06 -7.12 12.70
N GLN J 272 44.56 -7.49 13.88
CA GLN J 272 44.02 -6.51 14.83
C GLN J 272 45.09 -5.46 15.10
N ALA J 273 46.32 -5.92 15.30
CA ALA J 273 47.45 -5.08 15.68
C ALA J 273 47.80 -4.06 14.61
N VAL J 274 47.83 -4.49 13.35
CA VAL J 274 48.13 -3.60 12.24
C VAL J 274 47.03 -2.56 12.05
N VAL J 275 45.79 -3.00 12.16
CA VAL J 275 44.63 -2.16 11.87
C VAL J 275 44.36 -1.13 12.96
N HIS J 276 44.27 -1.59 14.21
CA HIS J 276 43.90 -0.69 15.30
C HIS J 276 45.09 -0.12 16.03
N HIS J 277 46.05 -1.00 16.33
CA HIS J 277 47.14 -0.61 17.19
C HIS J 277 48.34 -0.14 16.42
N ASN J 278 48.20 0.00 15.09
CA ASN J 278 49.28 0.51 14.28
C ASN J 278 50.64 -0.16 14.49
N GLU J 279 50.59 -1.49 14.47
CA GLU J 279 51.73 -2.37 14.67
C GLU J 279 52.46 -2.55 13.35
N THR J 280 53.78 -2.59 13.44
CA THR J 280 54.62 -2.82 12.29
C THR J 280 54.42 -4.22 11.71
N ALA J 281 54.61 -4.31 10.41
CA ALA J 281 54.47 -5.55 9.65
C ALA J 281 55.38 -6.68 10.11
N ASP J 282 56.58 -6.36 10.59
CA ASP J 282 57.51 -7.42 10.96
C ASP J 282 57.40 -7.71 12.44
N ARG J 283 56.51 -6.99 13.10
CA ARG J 283 56.20 -7.27 14.49
C ARG J 283 54.77 -7.79 14.66
N ALA J 284 53.95 -7.62 13.63
CA ALA J 284 52.59 -8.18 13.63
C ALA J 284 52.77 -9.66 13.35
N TYR J 285 53.80 -9.93 12.57
CA TYR J 285 54.21 -11.28 12.18
C TYR J 285 54.85 -12.06 13.32
N GLU J 286 55.33 -11.35 14.34
CA GLU J 286 55.98 -11.99 15.47
C GLU J 286 55.03 -12.48 16.55
N LEU J 287 54.21 -11.58 17.08
CA LEU J 287 53.17 -11.99 18.02
C LEU J 287 52.04 -12.81 17.39
N TYR J 288 52.13 -13.12 16.09
CA TYR J 288 51.17 -14.06 15.52
C TYR J 288 51.41 -15.53 15.89
N LEU J 289 52.68 -15.98 15.84
CA LEU J 289 52.99 -17.33 16.27
C LEU J 289 53.59 -17.39 17.68
N SER J 290 53.41 -16.31 18.41
CA SER J 290 53.41 -16.41 19.86
C SER J 290 52.03 -17.00 20.14
N GLU J 291 51.89 -18.30 19.84
CA GLU J 291 50.63 -19.04 19.93
C GLU J 291 49.47 -18.25 19.33
C01 26T K . 8.31 6.44 34.34
C02 26T K . 9.65 6.23 35.04
C03 26T K . 10.89 5.75 34.29
C04 26T K . 11.76 4.74 35.12
C05 26T K . 13.34 4.78 35.09
O06 26T K . 13.80 4.22 36.19
P07 26T K . 13.93 5.20 37.79
O08 26T K . 15.10 4.50 38.43
O09 26T K . 14.16 6.61 37.32
O10 26T K . 12.58 4.91 38.40
O11 26T K . 11.15 3.92 35.77
O12 26T K . 11.64 6.87 34.02
O13 26T K . 9.67 6.48 36.23
C01 26T L . -27.39 26.02 3.94
C02 26T L . -28.05 25.17 2.85
C03 26T L . -27.24 24.50 1.74
C04 26T L . -26.87 25.47 0.55
C05 26T L . -27.85 25.76 -0.63
O06 26T L . -27.80 27.06 -0.89
P07 26T L . -29.31 28.13 -0.58
O08 26T L . -29.21 29.06 -1.76
O09 26T L . -28.95 28.75 0.76
O10 26T L . -30.44 27.13 -0.59
O11 26T L . -25.77 25.96 0.60
O12 26T L . -28.03 23.46 1.26
O13 26T L . -29.27 25.05 2.95
C01 26T M . -33.63 -5.23 9.91
C02 26T M . -34.77 -6.22 9.69
C03 26T M . -35.08 -6.79 8.30
C04 26T M . -36.61 -6.69 7.89
C05 26T M . -37.21 -7.47 6.67
O06 26T M . -37.75 -8.61 7.10
P07 26T M . -39.34 -8.57 8.06
O08 26T M . -39.73 -7.12 7.87
O09 26T M . -38.82 -8.95 9.42
O10 26T M . -40.21 -9.58 7.35
O11 26T M . -37.28 -5.95 8.58
O12 26T M . -34.71 -8.13 8.35
O13 26T M . -35.41 -6.53 10.68
C01 26T N . -11.26 -15.40 29.27
C02 26T N . -11.85 -16.77 29.51
C03 26T N . -10.99 -17.94 30.00
C04 26T N . -11.33 -19.33 29.31
C05 26T N . -10.62 -20.65 29.69
O06 26T N . -11.51 -21.60 29.85
P07 26T N . -12.39 -21.78 31.48
O08 26T N . -12.81 -20.34 31.73
O09 26T N . -11.32 -22.34 32.38
O10 26T N . -13.51 -22.72 31.07
O11 26T N . -12.17 -19.30 28.43
O12 26T N . -11.24 -18.06 31.36
O13 26T N . -13.05 -16.87 29.30
C01 26T O . 1.43 30.49 18.99
C02 26T O . 0.67 31.57 18.24
C03 26T O . 1.24 32.26 17.02
C04 26T O . 2.08 33.51 17.40
C05 26T O . 3.16 34.16 16.46
O06 26T O . 4.01 34.84 17.22
P07 26T O . 3.44 36.44 18.02
O08 26T O . 4.60 37.33 17.67
O09 26T O . 3.36 36.04 19.48
O10 26T O . 2.14 36.69 17.30
O11 26T O . 1.84 33.95 18.52
O12 26T O . 0.15 32.66 16.27
O13 26T O . -0.43 31.88 18.70
C01 26T P . 26.89 13.68 -18.36
C02 26T P . 27.57 15.05 -18.33
C03 26T P . 27.08 16.19 -17.43
C04 26T P . 27.51 17.64 -17.90
C05 26T P . 29.00 18.05 -18.00
O06 26T P . 29.06 19.34 -17.69
P07 26T P . 30.44 20.34 -18.40
O08 26T P . 29.95 21.73 -18.01
O09 26T P . 31.64 19.82 -17.66
O10 26T P . 30.31 19.98 -19.86
O11 26T P . 26.60 18.40 -18.15
O12 26T P . 27.60 15.95 -16.16
O13 26T P . 28.54 15.17 -19.07
C01 26T Q . 12.64 -33.58 -10.79
C02 26T Q . 11.61 -34.44 -10.06
C03 26T Q . 11.13 -34.11 -8.65
C04 26T Q . 11.53 -35.19 -7.55
C05 26T Q . 10.47 -35.91 -6.64
O06 26T Q . 10.98 -37.04 -6.14
P07 26T Q . 11.57 -38.45 -7.26
O08 26T Q . 13.05 -38.10 -7.35
O09 26T Q . 10.77 -38.31 -8.53
O10 26T Q . 11.26 -39.64 -6.39
O11 26T Q . 12.73 -35.42 -7.46
O12 26T Q . 9.75 -34.01 -8.70
O13 26T Q . 11.20 -35.41 -10.68
C01 26T R . -8.37 -20.12 -30.10
C02 26T R . -9.85 -19.75 -30.21
C03 26T R . -10.68 -19.34 -28.98
C04 26T R . -11.82 -20.36 -28.61
C05 26T R . -13.29 -20.21 -29.15
O06 26T R . -13.76 -21.41 -29.46
P07 26T R . -14.26 -21.79 -31.24
O08 26T R . -13.00 -22.44 -31.75
O09 26T R . -14.60 -20.43 -31.82
O10 26T R . -15.42 -22.71 -30.97
O11 26T R . -11.50 -21.26 -27.87
O12 26T R . -11.25 -18.12 -29.29
O13 26T R . -10.34 -19.81 -31.33
C01 26T S . 0.73 11.86 -32.98
C02 26T S . -0.31 11.84 -34.09
C03 26T S . -1.77 12.17 -33.82
C04 26T S . -2.57 12.64 -35.10
C05 26T S . -2.67 14.14 -35.52
O06 26T S . -3.37 14.23 -36.63
P07 26T S . -2.50 14.53 -38.25
O08 26T S . -3.56 15.35 -38.96
O09 26T S . -1.24 15.26 -37.85
O10 26T S . -2.34 13.11 -38.74
O11 26T S . -3.10 11.74 -35.73
O12 26T S . -1.78 13.19 -32.89
O13 26T S . 0.11 11.56 -35.20
C01 26T T . 35.04 -13.19 -3.26
C02 26T T . 34.44 -12.68 -1.95
C03 26T T . 34.87 -11.36 -1.32
C04 26T T . 35.13 -11.46 0.22
C05 26T T . 36.53 -11.17 0.84
O06 26T T . 37.08 -12.32 1.18
P07 26T T . 38.81 -12.72 0.60
O08 26T T . 39.59 -11.98 1.67
O09 26T T . 38.80 -12.07 -0.76
O10 26T T . 38.85 -14.23 0.65
O11 26T T . 34.16 -11.78 0.89
O12 26T T . 33.83 -10.47 -1.53
O13 26T T . 33.59 -13.40 -1.43
#